data_1IZL
#
_entry.id   1IZL
#
_cell.length_a   129.377
_cell.length_b   225.192
_cell.length_c   308.672
_cell.angle_alpha   90.00
_cell.angle_beta   90.00
_cell.angle_gamma   90.00
#
_symmetry.space_group_name_H-M   'P 21 21 21'
#
loop_
_entity.id
_entity.type
_entity.pdbx_description
1 polymer 'Photosystem II: Subunit PsbA'
2 polymer 'Photosystem II: Subunit PsbB'
3 polymer 'Photosystem II: Subunit PsbC'
4 polymer 'Photosystem II: Subunit PsbD'
5 polymer 'Photosystem II: Subunit PsbE'
6 polymer 'Photosystem II: Subunit PsbF'
7 polymer 'Photosystem II: Subunit PsbG'
8 polymer 'Photosystem II: Subunit PsbH'
9 polymer 'Photosystem II: Subunit PsbI'
10 polymer 'Photosystem II: Subunit PsbK'
11 polymer 'Photosystem II: Subunit PsbO'
12 polymer 'Photosystem II: Subunit PsbU'
13 polymer 'Photosystem II: Subunit PsbV'
14 polymer 'Photosystem II: Subunit PsbX'
15 non-polymer 'MANGANESE (II) ION'
16 non-polymer 'CHLOROPHYLL A'
17 non-polymer 'PHEOPHYTIN A'
18 non-polymer 'FE (III) ION'
19 non-polymer '2-[(3-HYDROXY-2-METHYL-5-PHOSPHONOOXYMETHYL-PYRIDIN-4-YLMETHYL)-AMINO]-2-METHYL-SUCCINIC ACID'
20 non-polymer BETA-CAROTENE
21 non-polymer 'PROTOPORPHYRIN IX CONTAINING FE'
#
loop_
_entity_poly.entity_id
_entity_poly.type
_entity_poly.pdbx_seq_one_letter_code
_entity_poly.pdbx_strand_id
1 'polypeptide(L)'
;MTTTLQRRESANLWERFCNWVTSTDNRLYVGWFGVIMIPTLLAATICFVIAFIAAPPVDIDGIREPVSGSLLYGNNIITG
AVVPSSNAIGLHFYPIWEAASLDEWLYNGGPYQLIIFHFLLGASCYMGRQWELSYRLGMRPWICVAYSAPLASAFAVFLI
YPIGQGSFSDGMPLGISGTFNFMIVFQAEHNILMHPFHQLGVAGVFGGALFCAMHGSLVTSSLIRETTETESANYGYKFG
QEEETYNIVAAHGYFGRLIFQYASFNNSRSLHFFLAAWRVVGVWFAALGISTMAFNLNGFNFNHSVIDAKGNVINTWADI
INRANLGMEVMHERNAHNFPLDLASAESAPVAMIAPSING
;
A,J
2 'polypeptide(L)'
;MGLPWYRVHTVLINDPGRLIAAHLMHTALVAGWAGSMALYELATFDPSDPVLNPMWRQGMFVLPFMARLGVTGSWSGWSI
TGETGIDPGFWSFEGVALAHIVLSGLLFLAACWHWVYWDLELFRDPRTGEPALDLPKMFGIHLFLAGLLCFGFGAFHLTG
LFGPGMWVSDPYGLTGSVQPVAPEWGPDGFNPYNPGGVVAHHIAAGIVGIIAGLFHILVRPPQRLYKALRMGNIETVLSS
SIAAVFFAAFVVAGTMWY(UNK)(UNK)(UNK)(UNK)(UNK)(UNK)(UNK)(UNK)(UNK)(UNK)(UNK)(UNK)
(UNK)(UNK)(UNK)(UNK)(UNK)(UNK)(UNK)(UNK)(UNK)(UNK)(UNK)(UNK)(UNK)(UNK)(UNK)(UNK)
(UNK)(UNK)(UNK)(UNK)(UNK)(UNK)(UNK)(UNK)(UNK)(UNK)(UNK)(UNK)(UNK)(UNK)(UNK)(UNK)
(UNK)(UNK)(UNK)(UNK)(UNK)(UNK)(UNK)(UNK)(UNK)(UNK)(UNK)(UNK)(UNK)(UNK)(UNK)(UNK)
(UNK)(UNK)(UNK)(UNK)(UNK)(UNK)(UNK)(UNK)(UNK)(UNK)(UNK)(UNK)(UNK)(UNK)(UNK)(UNK)
(UNK)(UNK)(UNK)(UNK)(UNK)(UNK)(UNK)(UNK)(UNK)(UNK)(UNK)(UNK)(UNK)(UNK)(UNK)(UNK)
(UNK)(UNK)(UNK)(UNK)(UNK)(UNK)(UNK)(UNK)(UNK)(UNK)(UNK)(UNK)(UNK)(UNK)GGELNGQTFT
DPPTVKSYARKAIFGEIFEFDTETLNSDGIFRTSPRGWFTFAHAVFALLFFFGHIWHGARTLFRDVFSGIDPELSPEQVE
WGFYQKVGDVTTRRKEAV
;
B,L
3 'polypeptide(L)'
;MKTLSSQKRYSPVVTLSSNSIFATNRDQESSGFAWWAGNARLINLSGKLLGAHVAHAGLIVFWAGAMTLFELAHFIPEKP
MYEQGLILIPHIATLGWGVGPGGEVVDTFPFFVVGVVHLISSAVLGFGGVYHAIRGPETLEEYSSFFGYDWKDKNKMTTI
LGFHLIVLGIGALLLVAKAMFFGGLYDTWAPGGGDVRVITNPTLDPRVIFGYLLKSPFGGEGWIVSVNNLEDVVGGHIWI
GLICIAGGIWHILTTPFGWARRAFIWSGEAYLSYSLGALSMMGFIATCFVWFNNTVYP(UNK)(UNK)(UNK)(UNK)
(UNK)(UNK)(UNK)(UNK)(UNK)(UNK)(UNK)(UNK)(UNK)(UNK)(UNK)(UNK)(UNK)(UNK)(UNK)(UNK)
(UNK)(UNK)(UNK)(UNK)(UNK)(UNK)(UNK)(UNK)(UNK)(UNK)(UNK)(UNK)(UNK)(UNK)(UNK)(UNK)
(UNK)(UNK)(UNK)(UNK)(UNK)(UNK)(UNK)(UNK)(UNK)(UNK)(UNK)(UNK)(UNK)(UNK)(UNK)(UNK)
(UNK)(UNK)(UNK)(UNK)(UNK)(UNK)(UNK)(UNK)(UNK)(UNK)(UNK)(UNK)(UNK)(UNK)(UNK)(UNK)
(UNK)(UNK)(UNK)(UNK)(UNK)(UNK)(UNK)(UNK)(UNK)DLNKIKNDIQPWQERRAAEYMTHAPLGSLNSVGGV
ATEINSVNFVSPRSWLATSHFVLAFFFLVGHLWHAGRARAAAAGFEKGIDRESEPVLSMPSLD
;
C,M
4 'polypeptide(L)'
;MTIAIGRAPAERGWFDILDDWLKRDRFVFVGWSGILLFPCAYLALGGWLTGTTFVTSWYTHGLASSYLEGCNFLTVAVST
PANSMGHSLLLLWGPEAQGDFTRWCQLGGLWTFIALHGAFGLIGFMLRQFEIARLVGVRPYNAIAFSAPIAVFVSVFLIY
PLGQSSWFFAPSFGVAAIFRFLLFFQGFHNWTLNPFHMMGVAGVLGGALLCAIHGATVENTLFQDGEGASTFRAFNPTQA
EETYSMVTANRFWSQIFGIAFSNKRWLHFFMLFVPVTGLWMSAIGVVGLALNLRSYDFISQEIRAAEDPEFETFYTKNLL
LNEGIRAWMAPQDQPHENFVFPEEVLPRGNAL
;
D,N
5 'polypeptide(L)'
;AGTTGERPFSDIITSVRYWVIHSITIPALFIAGWLFVSTGLAYDVFGTPRPDSYYAQEQRSIPLVTDRFEAKQQVETFLE
QLK
;
E,P
6 'polypeptide(L)' TSNTPNQEPVSYPIFTVRWVAVHTLAVPTIFFLGAIAAMQFIQR F,Q
7 'polypeptide(L)'
;(UNK)(UNK)(UNK)(UNK)(UNK)(UNK)(UNK)(UNK)(UNK)(UNK)(UNK)(UNK)(UNK)(UNK)(UNK)(UNK)
(UNK)(UNK)(UNK)(UNK)(UNK)(UNK)(UNK)(UNK)(UNK)(UNK)(UNK)(UNK)(UNK)(UNK)(UNK)(UNK)
(UNK)(UNK)(UNK)(UNK)(UNK)(UNK)(UNK)(UNK)(UNK)(UNK)(UNK)(UNK)(UNK)(UNK)(UNK)(UNK)
(UNK)(UNK)(UNK)(UNK)(UNK)(UNK)(UNK)(UNK)(UNK)(UNK)(UNK)(UNK)(UNK)(UNK)(UNK)(UNK)
(UNK)(UNK)(UNK)(UNK)(UNK)(UNK)(UNK)(UNK)(UNK)(UNK)(UNK)(UNK)(UNK)(UNK)(UNK)(UNK)
(UNK)(UNK)(UNK)(UNK)(UNK)(UNK)(UNK)(UNK)(UNK)(UNK)(UNK)(UNK)(UNK)(UNK)(UNK)(UNK)
(UNK)(UNK)(UNK)(UNK)(UNK)(UNK)(UNK)(UNK)(UNK)(UNK)(UNK)(UNK)(UNK)(UNK)(UNK)(UNK)
(UNK)(UNK)(UNK)(UNK)(UNK)(UNK)(UNK)(UNK)(UNK)(UNK)(UNK)(UNK)(UNK)(UNK)(UNK)(UNK)
(UNK)(UNK)(UNK)(UNK)(UNK)(UNK)(UNK)(UNK)(UNK)(UNK)(UNK)(UNK)(UNK)(UNK)(UNK)(UNK)
(UNK)(UNK)(UNK)(UNK)(UNK)(UNK)(UNK)(UNK)(UNK)(UNK)(UNK)(UNK)(UNK)(UNK)(UNK)(UNK)
(UNK)(UNK)(UNK)(UNK)(UNK)(UNK)(UNK)(UNK)(UNK)(UNK)(UNK)(UNK)(UNK)(UNK)(UNK)(UNK)
(UNK)(UNK)(UNK)(UNK)(UNK)(UNK)(UNK)(UNK)(UNK)(UNK)(UNK)(UNK)(UNK)(UNK)(UNK)(UNK)
(UNK)(UNK)(UNK)(UNK)(UNK)(UNK)(UNK)(UNK)(UNK)(UNK)(UNK)(UNK)(UNK)(UNK)(UNK)(UNK)
(UNK)(UNK)(UNK)(UNK)(UNK)(UNK)(UNK)(UNK)(UNK)(UNK)(UNK)(UNK)
;
G,R
8 'polypeptide(L)'
;(UNK)(UNK)(UNK)(UNK)(UNK)(UNK)(UNK)(UNK)(UNK)(UNK)(UNK)(UNK)(UNK)(UNK)(UNK)(UNK)
(UNK)(UNK)(UNK)(UNK)(UNK)(UNK)(UNK)(UNK)(UNK)(UNK)(UNK)(UNK)(UNK)(UNK)(UNK)(UNK)
(UNK)
;
H,S
9 'polypeptide(L)'
;(UNK)(UNK)(UNK)(UNK)(UNK)(UNK)(UNK)(UNK)(UNK)(UNK)(UNK)(UNK)(UNK)(UNK)(UNK)(UNK)
(UNK)(UNK)(UNK)(UNK)(UNK)(UNK)(UNK)(UNK)(UNK)(UNK)
;
I,T
10 'polypeptide(L)' KLPEAYAIFDPLVDVLPVIPVLFLALAFVWQAAVGFR K,W
11 'polypeptide(L)'
;(UNK)(UNK)(UNK)(UNK)(UNK)(UNK)(UNK)(UNK)(UNK)(UNK)(UNK)(UNK)(UNK)(UNK)(UNK)(UNK)
(UNK)(UNK)(UNK)(UNK)(UNK)(UNK)(UNK)(UNK)(UNK)(UNK)(UNK)(UNK)(UNK)(UNK)(UNK)(UNK)
(UNK)(UNK)(UNK)(UNK)(UNK)(UNK)(UNK)(UNK)(UNK)(UNK)(UNK)(UNK)(UNK)(UNK)(UNK)(UNK)
(UNK)(UNK)(UNK)(UNK)(UNK)(UNK)(UNK)(UNK)(UNK)(UNK)(UNK)(UNK)(UNK)(UNK)(UNK)(UNK)
(UNK)(UNK)(UNK)(UNK)(UNK)(UNK)(UNK)(UNK)(UNK)(UNK)(UNK)(UNK)(UNK)(UNK)(UNK)(UNK)
(UNK)(UNK)(UNK)(UNK)(UNK)(UNK)(UNK)(UNK)(UNK)(UNK)(UNK)(UNK)(UNK)(UNK)(UNK)(UNK)
(UNK)(UNK)(UNK)(UNK)(UNK)(UNK)(UNK)(UNK)(UNK)(UNK)(UNK)(UNK)(UNK)(UNK)(UNK)(UNK)
(UNK)(UNK)(UNK)(UNK)(UNK)(UNK)(UNK)(UNK)(UNK)(UNK)(UNK)(UNK)(UNK)(UNK)(UNK)(UNK)
(UNK)(UNK)(UNK)(UNK)(UNK)(UNK)(UNK)(UNK)(UNK)(UNK)(UNK)(UNK)(UNK)(UNK)(UNK)(UNK)
(UNK)(UNK)(UNK)(UNK)(UNK)(UNK)(UNK)(UNK)(UNK)(UNK)(UNK)(UNK)(UNK)(UNK)(UNK)(UNK)
(UNK)(UNK)(UNK)(UNK)(UNK)(UNK)(UNK)(UNK)(UNK)(UNK)(UNK)(UNK)(UNK)(UNK)(UNK)(UNK)
(UNK)(UNK)(UNK)(UNK)(UNK)(UNK)(UNK)(UNK)(UNK)(UNK)(UNK)(UNK)(UNK)(UNK)(UNK)(UNK)
(UNK)(UNK)(UNK)(UNK)(UNK)(UNK)(UNK)(UNK)(UNK)(UNK)(UNK)(UNK)(UNK)
;
O,Y
12 'polypeptide(L)'
;(UNK)(UNK)(UNK)(UNK)(UNK)(UNK)(UNK)(UNK)(UNK)(UNK)(UNK)(UNK)(UNK)(UNK)(UNK)(UNK)
(UNK)(UNK)(UNK)(UNK)(UNK)(UNK)(UNK)(UNK)(UNK)(UNK)(UNK)(UNK)(UNK)(UNK)(UNK)(UNK)
(UNK)(UNK)(UNK)(UNK)(UNK)(UNK)(UNK)(UNK)(UNK)(UNK)(UNK)(UNK)(UNK)(UNK)(UNK)(UNK)
(UNK)(UNK)(UNK)(UNK)(UNK)(UNK)(UNK)(UNK)(UNK)(UNK)(UNK)(UNK)(UNK)(UNK)(UNK)(UNK)
(UNK)(UNK)(UNK)(UNK)(UNK)(UNK)(UNK)(UNK)(UNK)(UNK)(UNK)(UNK)(UNK)(UNK)(UNK)(UNK)
(UNK)(UNK)(UNK)(UNK)(UNK)(UNK)(UNK)(UNK)(UNK)(UNK)(UNK)(UNK)(UNK)(UNK)(UNK)(UNK)
(UNK)
;
U,Z
13 'polypeptide(L)'
;AELTPEVLTVPLNSEGKTITLTEKQYLEGKRLFQYACASCHVGGITKTNPSLDLRTETLALATPPRDNIEGLVDYMKNPT
TYDGEQEIAEVHPSLRSADIFPKMRNLTEKDLVAIAGHILVEPKILGDKWGGGKVYY
;
V,0
14 'polypeptide(L)'
;(UNK)(UNK)(UNK)(UNK)(UNK)(UNK)(UNK)(UNK)(UNK)(UNK)(UNK)(UNK)(UNK)(UNK)(UNK)(UNK)
(UNK)(UNK)(UNK)(UNK)(UNK)(UNK)(UNK)(UNK)(UNK)
;
X,1
#
# COMPACT_ATOMS: atom_id res chain seq x y z
N TRP A 32 42.80 -13.90 -12.32
CA TRP A 32 43.98 -13.00 -12.13
C TRP A 32 45.04 -13.23 -13.21
N PHE A 33 45.10 -14.44 -13.74
CA PHE A 33 46.07 -14.79 -14.78
C PHE A 33 45.75 -14.08 -16.09
N GLY A 34 44.51 -14.22 -16.55
CA GLY A 34 44.09 -13.58 -17.78
C GLY A 34 43.48 -12.22 -17.52
N VAL A 35 44.13 -11.18 -18.06
CA VAL A 35 43.65 -9.81 -17.89
C VAL A 35 42.55 -9.49 -18.91
N ILE A 36 41.33 -9.92 -18.60
CA ILE A 36 40.18 -9.70 -19.46
C ILE A 36 38.88 -9.91 -18.70
N MET A 37 38.88 -10.85 -17.76
CA MET A 37 37.71 -11.16 -16.94
C MET A 37 37.30 -9.99 -16.05
N ILE A 38 38.27 -9.16 -15.68
CA ILE A 38 38.00 -8.00 -14.83
C ILE A 38 37.44 -6.84 -15.63
N PRO A 39 37.57 -6.90 -16.97
CA PRO A 39 37.09 -5.87 -17.90
C PRO A 39 35.89 -6.32 -18.72
N THR A 40 35.44 -7.55 -18.50
CA THR A 40 34.30 -8.11 -19.21
C THR A 40 33.11 -8.31 -18.27
N LEU A 41 33.35 -8.97 -17.14
CA LEU A 41 32.31 -9.23 -16.15
C LEU A 41 31.87 -7.95 -15.44
N LEU A 42 32.74 -6.96 -15.42
CA LEU A 42 32.45 -5.69 -14.78
C LEU A 42 31.63 -4.77 -15.70
N ALA A 43 31.88 -4.90 -17.00
CA ALA A 43 31.19 -4.10 -18.00
C ALA A 43 29.85 -4.72 -18.37
N ALA A 44 29.71 -6.01 -18.13
CA ALA A 44 28.48 -6.75 -18.43
C ALA A 44 27.57 -6.84 -17.22
N THR A 45 27.99 -6.24 -16.11
CA THR A 45 27.22 -6.26 -14.87
C THR A 45 26.77 -4.84 -14.52
N ILE A 46 27.56 -3.85 -14.94
CA ILE A 46 27.26 -2.45 -14.69
C ILE A 46 26.32 -1.91 -15.76
N CYS A 47 26.47 -2.43 -16.97
CA CYS A 47 25.63 -2.02 -18.10
C CYS A 47 24.31 -2.79 -18.07
N PHE A 48 24.30 -3.92 -17.38
CA PHE A 48 23.12 -4.77 -17.24
C PHE A 48 22.20 -4.18 -16.18
N VAL A 49 22.80 -3.62 -15.13
CA VAL A 49 22.05 -3.02 -14.02
C VAL A 49 21.59 -1.61 -14.39
N ILE A 50 22.21 -1.03 -15.40
CA ILE A 50 21.87 0.32 -15.86
C ILE A 50 20.73 0.30 -16.88
N ALA A 51 20.67 -0.76 -17.67
CA ALA A 51 19.63 -0.91 -18.69
C ALA A 51 18.30 -1.33 -18.06
N PHE A 52 18.36 -2.21 -17.07
CA PHE A 52 17.17 -2.71 -16.39
C PHE A 52 16.49 -1.63 -15.54
N ILE A 53 17.23 -0.57 -15.22
CA ILE A 53 16.69 0.53 -14.42
C ILE A 53 15.92 1.52 -15.29
N ALA A 54 16.26 1.54 -16.58
CA ALA A 54 15.63 2.43 -17.54
C ALA A 54 14.29 1.93 -18.06
N ALA A 55 13.84 0.79 -17.57
CA ALA A 55 12.57 0.21 -18.01
C ALA A 55 11.58 0.00 -16.88
N PRO A 56 11.71 0.77 -15.79
CA PRO A 56 10.83 0.70 -14.62
C PRO A 56 9.43 1.22 -14.89
N PRO A 57 9.10 1.47 -16.17
CA PRO A 57 7.80 1.98 -16.59
C PRO A 57 6.78 0.85 -16.52
N VAL A 58 7.23 -0.37 -16.78
CA VAL A 58 6.37 -1.55 -16.74
C VAL A 58 7.16 -2.85 -16.65
N ASP A 59 7.89 -3.00 -15.55
CA ASP A 59 8.71 -4.20 -15.32
C ASP A 59 7.98 -5.24 -14.48
N ILE A 60 7.74 -4.93 -13.21
CA ILE A 60 7.08 -5.81 -12.26
C ILE A 60 7.89 -7.08 -12.01
N ASP A 61 9.21 -6.97 -12.25
CA ASP A 61 10.16 -8.08 -12.08
C ASP A 61 9.70 -9.31 -12.86
N GLY A 62 9.76 -9.21 -14.18
CA GLY A 62 9.35 -10.31 -15.02
C GLY A 62 9.59 -10.09 -16.51
N ILE A 63 8.87 -9.15 -17.10
CA ILE A 63 9.00 -8.86 -18.52
C ILE A 63 10.00 -7.74 -18.83
N ARG A 64 9.58 -6.51 -18.59
CA ARG A 64 10.41 -5.32 -18.85
C ARG A 64 10.78 -5.18 -20.32
N GLU A 65 11.85 -4.44 -20.61
CA GLU A 65 12.34 -4.20 -21.98
C GLU A 65 11.22 -3.82 -22.96
N PRO A 66 10.45 -2.77 -22.64
CA PRO A 66 9.35 -2.29 -23.47
C PRO A 66 9.76 -1.45 -24.68
N VAL A 67 11.05 -1.41 -24.98
CA VAL A 67 11.52 -0.64 -26.14
C VAL A 67 11.76 -1.55 -27.34
N SER A 68 10.69 -1.84 -28.07
CA SER A 68 10.77 -2.70 -29.26
C SER A 68 9.48 -2.68 -30.07
N GLY A 69 8.76 -1.57 -29.99
CA GLY A 69 7.52 -1.43 -30.73
C GLY A 69 7.63 -0.32 -31.77
N SER A 70 8.61 -0.43 -32.66
CA SER A 70 8.83 0.56 -33.70
C SER A 70 9.59 -0.05 -34.87
N LEU A 71 8.91 -0.17 -36.01
CA LEU A 71 9.48 -0.73 -37.24
C LEU A 71 9.69 -2.25 -37.18
N LEU A 72 10.50 -2.72 -36.24
CA LEU A 72 10.80 -4.14 -36.09
C LEU A 72 11.40 -4.46 -34.72
N TYR A 73 11.68 -5.75 -34.52
CA TYR A 73 12.26 -6.23 -33.27
C TYR A 73 13.71 -5.78 -33.05
N GLY A 74 14.52 -5.83 -34.11
CA GLY A 74 15.91 -5.41 -33.98
C GLY A 74 16.75 -5.63 -35.23
N ASN A 75 16.13 -5.51 -36.40
CA ASN A 75 16.83 -5.70 -37.67
C ASN A 75 17.80 -4.56 -37.97
N ASN A 76 19.10 -4.87 -37.93
CA ASN A 76 20.14 -3.89 -38.18
C ASN A 76 21.20 -4.41 -39.15
N ILE A 77 21.29 -5.74 -39.25
CA ILE A 77 22.25 -6.41 -40.13
C ILE A 77 23.70 -6.06 -39.78
N ILE A 78 24.07 -6.33 -38.53
CA ILE A 78 25.42 -6.04 -38.04
C ILE A 78 26.42 -7.08 -38.55
N THR A 79 27.36 -6.62 -39.37
CA THR A 79 28.40 -7.48 -39.95
C THR A 79 27.85 -8.43 -41.02
N GLY A 80 28.75 -9.05 -41.79
CA GLY A 80 28.32 -9.96 -42.83
C GLY A 80 29.26 -11.13 -43.09
N ALA A 81 28.75 -12.33 -42.83
CA ALA A 81 29.50 -13.58 -43.02
C ALA A 81 30.67 -13.76 -42.07
N VAL A 82 30.50 -14.62 -41.09
CA VAL A 82 31.52 -14.92 -40.08
C VAL A 82 31.92 -13.68 -39.28
N VAL A 83 30.96 -12.78 -39.09
CA VAL A 83 31.15 -11.54 -38.35
C VAL A 83 32.20 -10.62 -38.98
N PRO A 84 32.39 -9.44 -38.39
CA PRO A 84 33.38 -8.47 -38.90
C PRO A 84 34.80 -8.96 -38.63
N SER A 85 35.68 -8.76 -39.61
CA SER A 85 37.07 -9.18 -39.48
C SER A 85 37.99 -8.36 -40.37
N SER A 86 37.49 -7.98 -41.54
CA SER A 86 38.28 -7.18 -42.48
C SER A 86 38.15 -5.71 -42.12
N ASN A 87 39.28 -5.06 -41.85
CA ASN A 87 39.31 -3.65 -41.48
C ASN A 87 40.65 -3.00 -41.80
N HIS A 92 28.66 -1.80 -37.32
CA HIS A 92 28.78 -2.86 -36.28
C HIS A 92 28.09 -2.46 -34.99
N PHE A 93 28.21 -1.18 -34.62
CA PHE A 93 27.61 -0.62 -33.41
C PHE A 93 28.00 -1.37 -32.14
N TYR A 94 29.07 -0.91 -31.49
CA TYR A 94 29.55 -1.52 -30.25
C TYR A 94 30.21 -0.46 -29.37
N PRO A 95 31.55 -0.35 -29.42
CA PRO A 95 32.26 0.63 -28.60
C PRO A 95 32.07 2.05 -29.14
N ILE A 96 31.79 2.15 -30.44
CA ILE A 96 31.57 3.43 -31.10
C ILE A 96 30.14 3.53 -31.61
N TRP A 97 29.27 4.13 -30.79
CA TRP A 97 27.86 4.29 -31.13
C TRP A 97 27.67 5.13 -32.39
N GLU A 98 28.31 6.30 -32.43
CA GLU A 98 28.20 7.22 -33.56
C GLU A 98 26.77 7.74 -33.71
N ALA A 99 26.24 7.74 -34.94
CA ALA A 99 24.89 8.20 -35.23
C ALA A 99 24.57 9.56 -34.61
N ALA A 100 23.92 9.55 -33.44
CA ALA A 100 23.56 10.77 -32.73
C ALA A 100 24.21 10.76 -31.35
N SER A 101 23.58 10.06 -30.40
CA SER A 101 24.08 9.96 -29.03
C SER A 101 23.16 9.11 -28.16
N LEU A 102 22.06 9.70 -27.71
CA LEU A 102 21.10 9.01 -26.87
C LEU A 102 20.01 8.30 -27.68
N ASP A 103 19.83 8.73 -28.93
CA ASP A 103 18.83 8.12 -29.80
C ASP A 103 19.35 6.86 -30.48
N GLU A 104 20.64 6.57 -30.30
CA GLU A 104 21.27 5.40 -30.88
C GLU A 104 21.20 4.20 -29.94
N TRP A 105 21.48 4.44 -28.66
CA TRP A 105 21.47 3.39 -27.65
C TRP A 105 20.06 2.96 -27.25
N LEU A 106 19.05 3.68 -27.75
CA LEU A 106 17.66 3.37 -27.44
C LEU A 106 16.93 2.78 -28.64
N TYR A 107 17.68 2.11 -29.52
CA TYR A 107 17.12 1.49 -30.72
C TYR A 107 17.66 0.09 -30.93
N ASN A 108 16.75 -0.85 -31.18
CA ASN A 108 17.11 -2.26 -31.41
C ASN A 108 17.89 -2.85 -30.22
N GLY A 109 18.96 -3.58 -30.52
CA GLY A 109 19.76 -4.19 -29.48
C GLY A 109 20.34 -3.18 -28.51
N GLY A 110 20.91 -2.10 -29.05
CA GLY A 110 21.48 -1.06 -28.22
C GLY A 110 22.68 -1.53 -27.40
N PRO A 111 22.55 -1.55 -26.07
CA PRO A 111 23.60 -1.96 -25.12
C PRO A 111 23.90 -3.47 -25.14
N TYR A 112 23.00 -4.25 -25.73
CA TYR A 112 23.19 -5.70 -25.81
C TYR A 112 24.32 -6.08 -26.76
N GLN A 113 24.61 -5.19 -27.72
CA GLN A 113 25.68 -5.42 -28.69
C GLN A 113 27.05 -5.40 -28.03
N LEU A 114 27.15 -4.69 -26.91
CA LEU A 114 28.40 -4.59 -26.16
C LEU A 114 28.45 -5.67 -25.08
N ILE A 115 27.29 -6.02 -24.53
CA ILE A 115 27.18 -7.04 -23.49
C ILE A 115 27.41 -8.45 -24.03
N ILE A 116 26.97 -8.69 -25.25
CA ILE A 116 27.13 -9.99 -25.89
C ILE A 116 28.61 -10.25 -26.18
N PHE A 117 29.34 -9.18 -26.46
CA PHE A 117 30.78 -9.28 -26.73
C PHE A 117 31.54 -9.62 -25.46
N HIS A 118 30.93 -9.36 -24.31
CA HIS A 118 31.53 -9.64 -23.02
C HIS A 118 31.31 -11.08 -22.59
N PHE A 119 30.29 -11.73 -23.15
CA PHE A 119 30.00 -13.11 -22.81
C PHE A 119 31.04 -14.06 -23.39
N LEU A 120 31.61 -13.68 -24.53
CA LEU A 120 32.64 -14.50 -25.18
C LEU A 120 33.99 -14.27 -24.51
N LEU A 121 34.13 -13.11 -23.87
CA LEU A 121 35.36 -12.76 -23.16
C LEU A 121 35.30 -13.18 -21.70
N GLY A 122 34.09 -13.20 -21.15
CA GLY A 122 33.90 -13.58 -19.76
C GLY A 122 33.86 -15.08 -19.55
N ALA A 123 33.22 -15.79 -20.48
CA ALA A 123 33.12 -17.24 -20.41
C ALA A 123 34.45 -17.88 -20.77
N SER A 124 35.17 -17.25 -21.69
CA SER A 124 36.47 -17.74 -22.13
C SER A 124 37.51 -17.53 -21.03
N CYS A 125 37.31 -16.50 -20.22
CA CYS A 125 38.19 -16.17 -19.12
C CYS A 125 37.80 -16.97 -17.88
N TYR A 126 36.53 -17.40 -17.83
CA TYR A 126 36.02 -18.19 -16.72
C TYR A 126 36.48 -19.64 -16.83
N MET A 127 36.98 -19.99 -18.01
CA MET A 127 37.48 -21.33 -18.29
C MET A 127 39.00 -21.32 -18.42
N GLY A 128 39.54 -20.17 -18.82
CA GLY A 128 40.97 -20.03 -18.99
C GLY A 128 41.68 -19.82 -17.67
N ARG A 129 41.05 -19.07 -16.77
CA ARG A 129 41.61 -18.80 -15.45
C ARG A 129 41.31 -19.93 -14.48
N GLN A 130 40.29 -20.72 -14.81
CA GLN A 130 39.90 -21.86 -13.98
C GLN A 130 40.89 -23.01 -14.18
N TRP A 131 41.42 -23.11 -15.40
CA TRP A 131 42.39 -24.15 -15.75
C TRP A 131 43.82 -23.68 -15.50
N GLU A 132 43.96 -22.46 -15.00
CA GLU A 132 45.27 -21.88 -14.70
C GLU A 132 45.48 -21.78 -13.19
N LEU A 133 44.37 -21.65 -12.46
CA LEU A 133 44.41 -21.56 -11.01
C LEU A 133 44.06 -22.91 -10.40
N SER A 134 44.47 -23.97 -11.09
CA SER A 134 44.21 -25.34 -10.65
C SER A 134 45.45 -26.21 -10.90
N TYR A 135 46.06 -26.03 -12.07
CA TYR A 135 47.25 -26.79 -12.44
C TYR A 135 48.51 -26.08 -11.93
N ARG A 136 48.47 -24.75 -11.92
CA ARG A 136 49.60 -23.96 -11.45
C ARG A 136 49.53 -23.73 -9.95
N LEU A 137 48.33 -23.87 -9.39
CA LEU A 137 48.12 -23.69 -7.96
C LEU A 137 48.43 -24.97 -7.18
N GLY A 138 48.27 -26.12 -7.84
CA GLY A 138 48.54 -27.38 -7.19
C GLY A 138 48.54 -28.55 -8.17
N MET A 139 47.42 -29.25 -8.24
CA MET A 139 47.28 -30.39 -9.15
C MET A 139 45.81 -30.70 -9.37
N ARG A 140 45.26 -30.18 -10.48
CA ARG A 140 43.86 -30.39 -10.82
C ARG A 140 43.63 -30.20 -12.32
N PRO A 141 44.07 -31.18 -13.13
CA PRO A 141 43.92 -31.15 -14.59
C PRO A 141 42.47 -31.32 -15.04
N TRP A 142 42.15 -30.74 -16.20
CA TRP A 142 40.81 -30.77 -16.77
C TRP A 142 39.79 -30.15 -15.80
N ILE A 143 38.55 -30.64 -15.84
CA ILE A 143 37.48 -30.14 -14.98
C ILE A 143 37.14 -28.67 -15.25
N CYS A 144 37.81 -28.10 -16.24
CA CYS A 144 37.59 -26.70 -16.62
C CYS A 144 37.09 -26.65 -18.06
N VAL A 145 37.63 -27.54 -18.90
CA VAL A 145 37.22 -27.61 -20.30
C VAL A 145 35.89 -28.34 -20.42
N ALA A 146 35.62 -29.21 -19.45
CA ALA A 146 34.37 -29.98 -19.43
C ALA A 146 33.26 -29.20 -18.74
N TYR A 147 33.59 -28.52 -17.65
CA TYR A 147 32.61 -27.74 -16.90
C TYR A 147 32.20 -26.49 -17.69
N SER A 148 33.11 -26.00 -18.52
CA SER A 148 32.84 -24.83 -19.35
C SER A 148 32.02 -25.21 -20.58
N ALA A 149 31.96 -26.51 -20.87
CA ALA A 149 31.20 -27.01 -22.01
C ALA A 149 29.71 -26.72 -21.83
N PRO A 150 29.26 -26.63 -20.57
CA PRO A 150 27.88 -26.36 -20.15
C PRO A 150 27.58 -24.86 -20.08
N LEU A 151 28.60 -24.08 -19.71
CA LEU A 151 28.47 -22.63 -19.61
C LEU A 151 28.49 -21.99 -21.00
N ALA A 152 29.45 -22.43 -21.82
CA ALA A 152 29.60 -21.92 -23.17
C ALA A 152 28.68 -22.65 -24.15
N SER A 153 27.74 -23.42 -23.61
CA SER A 153 26.79 -24.16 -24.42
C SER A 153 25.62 -23.26 -24.81
N ALA A 154 25.25 -22.37 -23.90
CA ALA A 154 24.16 -21.44 -24.12
C ALA A 154 24.70 -20.07 -24.51
N PHE A 155 25.92 -19.78 -24.08
CA PHE A 155 26.58 -18.50 -24.37
C PHE A 155 27.02 -18.42 -25.83
N ALA A 156 27.61 -19.51 -26.32
CA ALA A 156 28.07 -19.57 -27.70
C ALA A 156 26.93 -19.89 -28.65
N VAL A 157 25.80 -20.31 -28.09
CA VAL A 157 24.62 -20.64 -28.88
C VAL A 157 23.88 -19.39 -29.33
N PHE A 158 24.05 -18.30 -28.58
CA PHE A 158 23.41 -17.04 -28.90
C PHE A 158 24.17 -16.30 -30.00
N LEU A 159 25.45 -16.63 -30.15
CA LEU A 159 26.30 -16.01 -31.16
C LEU A 159 26.41 -16.85 -32.43
N ILE A 160 26.35 -18.17 -32.27
CA ILE A 160 26.44 -19.10 -33.39
C ILE A 160 25.19 -19.06 -34.27
N TYR A 161 24.04 -18.80 -33.65
CA TYR A 161 22.76 -18.74 -34.36
C TYR A 161 22.74 -17.60 -35.37
N PRO A 162 23.19 -16.40 -34.97
CA PRO A 162 23.23 -15.21 -35.82
C PRO A 162 24.24 -15.35 -36.96
N ILE A 163 25.18 -16.28 -36.81
CA ILE A 163 26.20 -16.52 -37.83
C ILE A 163 25.69 -17.37 -38.99
N GLY A 164 24.45 -17.82 -38.90
CA GLY A 164 23.87 -18.64 -39.95
C GLY A 164 22.60 -18.06 -40.55
N GLN A 165 21.64 -17.74 -39.68
CA GLN A 165 20.36 -17.19 -40.10
C GLN A 165 20.40 -15.69 -40.39
N GLY A 166 20.51 -14.90 -39.33
CA GLY A 166 20.57 -13.45 -39.49
C GLY A 166 21.58 -12.81 -38.56
N SER A 167 22.55 -12.11 -39.15
CA SER A 167 23.60 -11.44 -38.38
C SER A 167 23.13 -10.17 -37.69
N PHE A 168 21.82 -9.94 -37.67
CA PHE A 168 21.25 -8.76 -37.02
C PHE A 168 21.49 -8.76 -35.51
N SER A 169 20.48 -9.14 -34.74
CA SER A 169 20.58 -9.18 -33.28
C SER A 169 19.31 -9.73 -32.65
N ASP A 170 18.44 -10.29 -33.47
CA ASP A 170 17.18 -10.85 -33.00
C ASP A 170 17.39 -12.23 -32.37
N GLY A 171 16.54 -12.57 -31.40
CA GLY A 171 16.65 -13.85 -30.72
C GLY A 171 16.55 -13.64 -29.22
N MET A 172 17.65 -13.21 -28.61
CA MET A 172 17.69 -12.94 -27.19
C MET A 172 17.21 -11.51 -26.96
N PRO A 173 16.05 -11.35 -26.28
CA PRO A 173 15.46 -10.05 -25.99
C PRO A 173 16.44 -9.12 -25.27
N LEU A 174 16.43 -7.85 -25.66
CA LEU A 174 17.31 -6.85 -25.08
C LEU A 174 17.03 -6.72 -23.58
N GLY A 175 18.09 -6.63 -22.78
CA GLY A 175 17.94 -6.52 -21.35
C GLY A 175 17.92 -7.87 -20.67
N ILE A 176 17.36 -8.87 -21.34
CA ILE A 176 17.26 -10.24 -20.84
C ILE A 176 16.46 -10.36 -19.55
N SER A 177 15.22 -10.82 -19.66
CA SER A 177 14.34 -10.99 -18.51
C SER A 177 13.39 -12.17 -18.69
N GLY A 178 13.56 -13.19 -17.86
CA GLY A 178 12.71 -14.37 -17.94
C GLY A 178 13.07 -15.27 -19.10
N THR A 179 13.14 -14.69 -20.29
CA THR A 179 13.48 -15.42 -21.52
C THR A 179 12.42 -16.46 -21.89
N PHE A 180 11.23 -15.98 -22.24
CA PHE A 180 10.13 -16.85 -22.63
C PHE A 180 9.95 -16.88 -24.14
N ASN A 181 10.71 -16.03 -24.83
CA ASN A 181 10.66 -15.96 -26.28
C ASN A 181 11.49 -17.08 -26.90
N PHE A 182 12.55 -17.49 -26.20
CA PHE A 182 13.42 -18.56 -26.65
C PHE A 182 12.84 -19.93 -26.29
N MET A 183 11.58 -19.93 -25.88
CA MET A 183 10.88 -21.16 -25.50
C MET A 183 9.63 -21.31 -26.35
N ILE A 184 9.35 -20.30 -27.16
CA ILE A 184 8.19 -20.28 -28.05
C ILE A 184 8.63 -20.20 -29.51
N VAL A 185 9.59 -19.33 -29.79
CA VAL A 185 10.11 -19.15 -31.14
C VAL A 185 10.96 -20.36 -31.53
N PHE A 186 11.79 -20.82 -30.59
CA PHE A 186 12.66 -21.97 -30.83
C PHE A 186 11.86 -23.26 -30.89
N GLN A 187 10.54 -23.15 -30.87
CA GLN A 187 9.65 -24.29 -30.93
C GLN A 187 9.10 -24.44 -32.35
N ALA A 188 8.77 -23.32 -32.98
CA ALA A 188 8.23 -23.32 -34.34
C ALA A 188 9.31 -23.60 -35.37
N GLU A 189 10.23 -22.65 -35.54
CA GLU A 189 11.33 -22.81 -36.48
C GLU A 189 12.66 -22.33 -35.89
N HIS A 190 13.70 -22.29 -36.73
CA HIS A 190 15.04 -21.89 -36.29
C HIS A 190 15.57 -22.89 -35.26
N ASN A 191 14.96 -24.07 -35.27
CA ASN A 191 15.29 -25.18 -34.38
C ASN A 191 14.17 -26.19 -34.59
N ILE A 192 12.98 -25.65 -34.87
CA ILE A 192 11.78 -26.42 -35.12
C ILE A 192 11.39 -27.31 -33.95
N LEU A 193 10.49 -28.26 -34.22
CA LEU A 193 10.03 -29.19 -33.21
C LEU A 193 11.16 -30.07 -32.69
N MET A 194 11.44 -29.92 -31.40
CA MET A 194 12.49 -30.69 -30.74
C MET A 194 12.03 -32.15 -30.66
N HIS A 195 12.80 -33.05 -31.25
CA HIS A 195 12.45 -34.48 -31.25
C HIS A 195 13.55 -35.35 -31.85
N PRO A 196 14.80 -34.86 -31.81
CA PRO A 196 15.97 -35.58 -32.34
C PRO A 196 17.16 -35.51 -31.39
N PHE A 197 17.93 -34.43 -31.47
CA PHE A 197 19.10 -34.23 -30.62
C PHE A 197 18.75 -33.46 -29.35
N HIS A 198 17.75 -32.59 -29.43
CA HIS A 198 17.32 -31.81 -28.28
C HIS A 198 16.45 -32.64 -27.33
N GLN A 199 16.14 -33.87 -27.74
CA GLN A 199 15.34 -34.78 -26.93
C GLN A 199 16.25 -35.65 -26.06
N LEU A 200 17.55 -35.62 -26.35
CA LEU A 200 18.55 -36.38 -25.61
C LEU A 200 19.13 -35.56 -24.47
N GLY A 201 19.48 -34.32 -24.77
CA GLY A 201 20.05 -33.44 -23.76
C GLY A 201 19.08 -32.93 -22.72
N VAL A 202 17.81 -32.78 -23.09
CA VAL A 202 16.79 -32.31 -22.15
C VAL A 202 16.39 -33.38 -21.15
N ALA A 203 16.73 -34.63 -21.45
CA ALA A 203 16.40 -35.75 -20.57
C ALA A 203 17.56 -36.08 -19.63
N GLY A 204 18.74 -35.54 -19.94
CA GLY A 204 19.91 -35.77 -19.13
C GLY A 204 20.10 -34.72 -18.04
N VAL A 205 19.82 -33.47 -18.38
CA VAL A 205 19.95 -32.37 -17.44
C VAL A 205 18.82 -32.36 -16.41
N PHE A 206 17.65 -32.83 -16.83
CA PHE A 206 16.48 -32.89 -15.95
C PHE A 206 16.45 -34.22 -15.18
N GLY A 207 16.85 -35.29 -15.87
CA GLY A 207 16.87 -36.61 -15.25
C GLY A 207 18.09 -36.81 -14.37
N GLY A 208 19.13 -36.02 -14.62
CA GLY A 208 20.34 -36.11 -13.84
C GLY A 208 20.25 -35.32 -12.54
N ALA A 209 19.25 -34.44 -12.46
CA ALA A 209 19.03 -33.64 -11.28
C ALA A 209 18.30 -34.46 -10.22
N LEU A 210 17.60 -35.50 -10.67
CA LEU A 210 16.86 -36.39 -9.80
C LEU A 210 17.71 -37.58 -9.38
N PHE A 211 18.65 -37.96 -10.24
CA PHE A 211 19.55 -39.09 -9.96
C PHE A 211 20.69 -38.66 -9.04
N CYS A 212 21.13 -37.42 -9.20
CA CYS A 212 22.21 -36.86 -8.39
C CYS A 212 21.68 -36.43 -7.02
N ALA A 213 20.37 -36.18 -6.95
CA ALA A 213 19.73 -35.76 -5.71
C ALA A 213 19.66 -36.94 -4.75
N MET A 214 19.58 -38.14 -5.32
CA MET A 214 19.51 -39.38 -4.54
C MET A 214 20.91 -39.84 -4.16
N HIS A 215 21.86 -39.64 -5.07
CA HIS A 215 23.25 -40.03 -4.86
C HIS A 215 23.92 -39.15 -3.80
N GLY A 216 23.56 -37.88 -3.79
CA GLY A 216 24.12 -36.95 -2.82
C GLY A 216 23.38 -36.99 -1.50
N SER A 217 22.28 -37.73 -1.46
CA SER A 217 21.47 -37.86 -0.27
C SER A 217 21.78 -39.15 0.48
N LEU A 218 22.17 -40.19 -0.26
CA LEU A 218 22.52 -41.48 0.32
C LEU A 218 23.88 -41.41 1.01
N VAL A 219 24.87 -40.88 0.30
CA VAL A 219 26.22 -40.74 0.83
C VAL A 219 26.26 -39.76 2.00
N THR A 220 25.45 -38.71 1.91
CA THR A 220 25.39 -37.71 2.97
C THR A 220 24.57 -38.22 4.16
N SER A 221 23.97 -39.39 4.00
CA SER A 221 23.16 -40.00 5.05
C SER A 221 24.03 -40.87 5.96
N SER A 222 24.99 -41.57 5.37
CA SER A 222 25.89 -42.45 6.13
C SER A 222 27.05 -42.92 5.26
N LEU A 223 28.19 -42.24 5.40
CA LEU A 223 29.39 -42.58 4.64
C LEU A 223 30.65 -42.02 5.31
N ILE A 224 31.56 -41.48 4.51
CA ILE A 224 32.80 -40.92 5.03
C ILE A 224 32.68 -39.40 5.22
N ARG A 225 31.61 -38.99 5.90
CA ARG A 225 31.36 -37.58 6.17
C ARG A 225 30.73 -37.40 7.55
N GLU A 226 30.19 -38.50 8.09
CA GLU A 226 29.55 -38.53 9.39
C GLU A 226 29.26 -39.99 9.74
N THR A 227 27.98 -40.32 9.90
CA THR A 227 27.54 -41.68 10.22
C THR A 227 28.11 -42.24 11.53
N THR A 228 28.92 -41.45 12.21
CA THR A 228 29.53 -41.87 13.47
C THR A 228 30.07 -40.67 14.24
N GLU A 229 29.30 -39.60 14.27
CA GLU A 229 29.69 -38.38 14.98
C GLU A 229 28.52 -37.83 15.80
N THR A 230 27.91 -36.75 15.33
CA THR A 230 26.78 -36.13 16.01
C THR A 230 25.49 -36.91 15.77
N GLU A 231 24.98 -37.53 16.82
CA GLU A 231 23.75 -38.31 16.74
C GLU A 231 23.11 -38.42 18.13
N SER A 232 23.25 -37.36 18.91
CA SER A 232 22.71 -37.31 20.27
C SER A 232 21.31 -36.69 20.28
N ALA A 233 20.54 -36.96 19.23
CA ALA A 233 19.19 -36.43 19.08
C ALA A 233 19.16 -34.90 19.04
N ASN A 234 20.30 -34.31 18.66
CA ASN A 234 20.43 -32.86 18.56
C ASN A 234 21.68 -32.50 17.75
N TYR A 235 22.72 -32.02 18.42
CA TYR A 235 23.96 -31.66 17.76
C TYR A 235 25.18 -31.90 18.64
N GLY A 236 25.64 -33.16 18.66
CA GLY A 236 26.79 -33.53 19.46
C GLY A 236 28.13 -33.11 18.86
N TYR A 237 29.15 -33.09 19.70
CA TYR A 237 30.51 -32.71 19.28
C TYR A 237 31.08 -33.74 18.29
N LYS A 238 31.48 -33.25 17.12
CA LYS A 238 32.05 -34.11 16.08
C LYS A 238 33.58 -34.12 16.05
N PHE A 239 34.15 -35.28 15.75
CA PHE A 239 35.60 -35.44 15.68
C PHE A 239 36.02 -36.51 14.67
N GLY A 240 36.92 -36.13 13.76
CA GLY A 240 37.40 -37.05 12.75
C GLY A 240 38.73 -37.69 13.13
N ALA A 251 32.05 -46.37 6.29
CA ALA A 251 30.68 -46.70 5.81
C ALA A 251 30.49 -46.41 4.33
N HIS A 252 31.42 -45.67 3.75
CA HIS A 252 31.37 -45.30 2.33
C HIS A 252 31.63 -46.49 1.40
N GLY A 253 32.30 -47.51 1.94
CA GLY A 253 32.61 -48.69 1.16
C GLY A 253 31.55 -49.78 1.25
N TYR A 254 30.60 -49.63 2.16
CA TYR A 254 29.54 -50.60 2.35
C TYR A 254 28.19 -50.09 1.88
N PHE A 255 28.04 -48.77 1.87
CA PHE A 255 26.79 -48.13 1.44
C PHE A 255 26.79 -47.85 -0.06
N GLY A 256 27.89 -48.18 -0.73
CA GLY A 256 27.99 -47.95 -2.16
C GLY A 256 27.59 -49.15 -3.00
N ARG A 257 27.21 -50.24 -2.35
CA ARG A 257 26.80 -51.46 -3.06
C ARG A 257 25.59 -52.12 -2.42
N LEU A 258 25.16 -51.60 -1.28
CA LEU A 258 24.01 -52.15 -0.57
C LEU A 258 22.74 -51.32 -0.83
N ILE A 259 22.92 -50.03 -1.04
CA ILE A 259 21.81 -49.12 -1.29
C ILE A 259 21.49 -48.98 -2.79
N PHE A 260 22.53 -48.97 -3.61
CA PHE A 260 22.36 -48.84 -5.06
C PHE A 260 22.34 -50.21 -5.74
N GLN A 261 21.78 -51.20 -5.04
CA GLN A 261 21.69 -52.56 -5.55
C GLN A 261 20.57 -52.74 -6.57
N TYR A 262 19.72 -53.74 -6.34
CA TYR A 262 18.59 -54.06 -7.22
C TYR A 262 19.00 -54.63 -8.58
N ALA A 263 20.29 -54.55 -8.90
CA ALA A 263 20.78 -55.05 -10.18
C ALA A 263 22.30 -55.11 -10.21
N SER A 264 22.96 -54.15 -9.56
CA SER A 264 24.41 -54.10 -9.51
C SER A 264 24.90 -53.08 -8.49
N PHE A 265 25.76 -52.16 -8.93
CA PHE A 265 26.32 -51.11 -8.10
C PHE A 265 27.26 -50.22 -8.90
N ASN A 266 27.96 -49.31 -8.22
CA ASN A 266 28.91 -48.41 -8.85
C ASN A 266 30.13 -49.16 -9.37
N ASN A 267 30.58 -50.14 -8.59
CA ASN A 267 31.74 -50.96 -8.92
C ASN A 267 33.02 -50.16 -9.20
N SER A 268 33.04 -48.92 -8.71
CA SER A 268 34.19 -48.05 -8.90
C SER A 268 34.14 -46.81 -8.01
N ARG A 269 35.30 -46.40 -7.52
CA ARG A 269 35.41 -45.22 -6.66
C ARG A 269 35.24 -43.94 -7.48
N SER A 270 35.46 -44.05 -8.79
CA SER A 270 35.32 -42.91 -9.68
C SER A 270 34.15 -43.09 -10.63
N LEU A 271 33.25 -44.02 -10.29
CA LEU A 271 32.06 -44.27 -11.10
C LEU A 271 31.03 -43.17 -10.86
N HIS A 272 31.07 -42.59 -9.67
CA HIS A 272 30.14 -41.52 -9.29
C HIS A 272 30.56 -40.22 -9.97
N PHE A 273 31.85 -40.10 -10.27
CA PHE A 273 32.39 -38.93 -10.94
C PHE A 273 32.17 -39.03 -12.44
N PHE A 274 31.95 -40.25 -12.91
CA PHE A 274 31.72 -40.51 -14.32
C PHE A 274 30.24 -40.28 -14.66
N LEU A 275 29.41 -40.28 -13.62
CA LEU A 275 27.97 -40.06 -13.79
C LEU A 275 27.67 -38.57 -13.72
N ALA A 276 28.44 -37.86 -12.89
CA ALA A 276 28.26 -36.42 -12.71
C ALA A 276 28.86 -35.66 -13.90
N ALA A 277 29.85 -36.26 -14.56
CA ALA A 277 30.50 -35.67 -15.71
C ALA A 277 29.71 -35.92 -16.98
N TRP A 278 28.82 -36.93 -16.94
CA TRP A 278 28.00 -37.29 -18.08
C TRP A 278 26.80 -36.36 -18.20
N ARG A 279 26.38 -35.77 -17.08
CA ARG A 279 25.25 -34.84 -17.06
C ARG A 279 25.72 -33.44 -17.43
N VAL A 280 27.03 -33.29 -17.60
CA VAL A 280 27.63 -32.01 -17.95
C VAL A 280 28.34 -32.08 -19.31
N VAL A 281 28.28 -33.25 -19.94
CA VAL A 281 28.91 -33.45 -21.25
C VAL A 281 27.96 -34.11 -22.23
N GLY A 282 27.20 -35.10 -21.75
CA GLY A 282 26.24 -35.78 -22.60
C GLY A 282 25.02 -34.93 -22.89
N VAL A 283 24.71 -34.02 -21.96
CA VAL A 283 23.57 -33.12 -22.10
C VAL A 283 24.00 -31.72 -22.52
N TRP A 284 25.28 -31.42 -22.35
CA TRP A 284 25.83 -30.11 -22.71
C TRP A 284 26.11 -30.04 -24.21
N PHE A 285 26.84 -31.02 -24.73
CA PHE A 285 27.18 -31.08 -26.14
C PHE A 285 25.97 -31.37 -27.02
N ALA A 286 24.90 -31.86 -26.42
CA ALA A 286 23.67 -32.17 -27.14
C ALA A 286 22.83 -30.90 -27.31
N ALA A 287 22.80 -30.09 -26.27
CA ALA A 287 22.05 -28.83 -26.28
C ALA A 287 22.74 -27.82 -27.19
N LEU A 288 24.07 -27.81 -27.16
CA LEU A 288 24.87 -26.91 -27.98
C LEU A 288 24.96 -27.44 -29.40
N GLY A 289 24.92 -28.77 -29.54
CA GLY A 289 25.00 -29.39 -30.84
C GLY A 289 23.74 -29.22 -31.66
N ILE A 290 22.59 -29.27 -30.99
CA ILE A 290 21.29 -29.12 -31.65
C ILE A 290 21.03 -27.66 -31.99
N SER A 291 21.57 -26.76 -31.18
CA SER A 291 21.40 -25.33 -31.38
C SER A 291 22.34 -24.81 -32.47
N THR A 292 23.55 -25.37 -32.52
CA THR A 292 24.56 -24.99 -33.50
C THR A 292 24.19 -25.44 -34.91
N MET A 293 23.33 -26.46 -35.00
CA MET A 293 22.89 -26.99 -36.27
C MET A 293 21.59 -26.31 -36.71
N ALA A 294 20.88 -25.73 -35.75
CA ALA A 294 19.62 -25.06 -36.01
C ALA A 294 19.80 -23.63 -36.55
N PHE A 295 20.43 -23.52 -37.72
CA PHE A 295 20.66 -22.23 -38.35
C PHE A 295 19.67 -22.01 -39.49
N ASN A 296 19.53 -23.02 -40.33
CA ASN A 296 18.63 -22.96 -41.48
C ASN A 296 18.21 -24.37 -41.87
N LEU A 297 19.09 -25.33 -41.60
CA LEU A 297 18.85 -26.74 -41.92
C LEU A 297 17.89 -27.41 -40.93
N ASN A 298 18.22 -27.33 -39.64
CA ASN A 298 17.42 -27.91 -38.57
C ASN A 298 17.20 -29.42 -38.78
N GLY A 299 16.05 -29.91 -38.33
CA GLY A 299 15.73 -31.33 -38.47
C GLY A 299 14.25 -31.57 -38.33
N PHE A 300 13.81 -31.72 -37.08
CA PHE A 300 12.40 -31.94 -36.74
C PHE A 300 11.87 -33.32 -37.10
N ASN A 301 12.02 -33.72 -38.36
CA ASN A 301 11.54 -35.01 -38.85
C ASN A 301 10.02 -35.12 -38.67
N PHE A 302 9.53 -36.32 -38.34
CA PHE A 302 8.12 -36.59 -38.13
C PHE A 302 7.26 -36.39 -39.39
N ASN A 303 7.12 -35.13 -39.82
CA ASN A 303 6.34 -34.77 -41.00
C ASN A 303 4.84 -35.03 -40.83
N HIS A 304 4.43 -36.27 -41.09
CA HIS A 304 3.02 -36.65 -40.96
C HIS A 304 2.85 -38.14 -41.24
N SER A 305 2.26 -38.84 -40.28
CA SER A 305 2.01 -40.27 -40.43
C SER A 305 0.95 -40.47 -41.50
N VAL A 306 -0.26 -39.98 -41.21
CA VAL A 306 -1.41 -40.05 -42.11
C VAL A 306 -1.42 -41.19 -43.13
N ILE A 307 -1.83 -42.38 -42.69
CA ILE A 307 -1.89 -43.55 -43.55
C ILE A 307 -3.19 -44.32 -43.34
N ASP A 308 -4.15 -44.10 -44.23
CA ASP A 308 -5.45 -44.78 -44.16
C ASP A 308 -5.51 -46.02 -45.03
N ALA A 309 -6.71 -46.56 -45.22
CA ALA A 309 -6.92 -47.74 -46.05
C ALA A 309 -6.91 -47.35 -47.52
N LYS A 310 -7.58 -46.25 -47.85
CA LYS A 310 -7.66 -45.77 -49.22
C LYS A 310 -6.71 -44.60 -49.48
N GLY A 311 -6.39 -43.87 -48.41
CA GLY A 311 -5.50 -42.73 -48.53
C GLY A 311 -6.19 -41.40 -48.26
N ASN A 312 -6.15 -40.97 -47.00
CA ASN A 312 -6.78 -39.72 -46.60
C ASN A 312 -5.91 -38.96 -45.59
N VAL A 313 -6.24 -39.11 -44.32
CA VAL A 313 -5.51 -38.45 -43.23
C VAL A 313 -6.08 -38.89 -41.88
N ILE A 314 -5.47 -39.92 -41.31
CA ILE A 314 -5.91 -40.47 -40.03
C ILE A 314 -5.46 -39.59 -38.86
N ASN A 315 -4.24 -39.06 -38.96
CA ASN A 315 -3.64 -38.19 -37.94
C ASN A 315 -3.37 -38.92 -36.62
N THR A 316 -2.49 -38.33 -35.81
CA THR A 316 -2.13 -38.91 -34.51
C THR A 316 -1.18 -37.99 -33.75
N TRP A 317 -0.91 -38.35 -32.50
CA TRP A 317 -0.01 -37.57 -31.65
C TRP A 317 1.44 -37.80 -32.03
N ALA A 318 1.99 -36.88 -32.83
CA ALA A 318 3.37 -36.96 -33.30
C ALA A 318 3.74 -35.69 -34.04
N ASP A 319 2.92 -35.33 -35.02
CA ASP A 319 3.14 -34.13 -35.83
C ASP A 319 1.81 -33.49 -36.25
N ILE A 320 0.73 -34.25 -36.14
CA ILE A 320 -0.60 -33.76 -36.49
C ILE A 320 -1.20 -32.91 -35.38
N ILE A 321 -1.03 -33.36 -34.14
CA ILE A 321 -1.55 -32.65 -32.98
C ILE A 321 -0.48 -31.79 -32.33
N ASN A 322 0.78 -32.07 -32.66
CA ASN A 322 1.91 -31.31 -32.12
C ASN A 322 2.08 -29.98 -32.85
N ARG A 323 1.94 -30.02 -34.17
CA ARG A 323 2.08 -28.84 -35.01
C ARG A 323 0.76 -28.08 -35.17
N ALA A 324 -0.29 -28.60 -34.54
CA ALA A 324 -1.60 -27.97 -34.62
C ALA A 324 -1.68 -26.78 -33.66
N ASN A 325 -1.02 -26.92 -32.52
CA ASN A 325 -0.99 -25.86 -31.51
C ASN A 325 0.27 -25.00 -31.61
N LEU A 326 1.14 -25.35 -32.55
CA LEU A 326 2.38 -24.61 -32.77
C LEU A 326 2.39 -23.92 -34.13
N GLY A 327 1.85 -24.61 -35.13
CA GLY A 327 1.78 -24.05 -36.47
C GLY A 327 0.58 -23.16 -36.72
N MET A 328 0.07 -22.55 -35.65
CA MET A 328 -1.09 -21.68 -35.75
C MET A 328 -1.07 -20.62 -34.65
N GLU A 329 -0.50 -20.97 -33.50
CA GLU A 329 -0.39 -20.06 -32.38
C GLU A 329 0.97 -19.36 -32.38
N VAL A 330 2.01 -20.15 -32.63
CA VAL A 330 3.38 -19.63 -32.69
C VAL A 330 3.62 -18.93 -34.01
N MET A 331 2.95 -19.40 -35.06
CA MET A 331 3.08 -18.80 -36.40
C MET A 331 2.32 -17.48 -36.49
N HIS A 332 1.96 -16.95 -35.32
CA HIS A 332 1.24 -15.67 -35.23
C HIS A 332 2.16 -14.62 -34.61
N GLU A 333 3.33 -14.44 -35.22
CA GLU A 333 4.31 -13.47 -34.73
C GLU A 333 3.85 -12.03 -34.98
N ARG A 334 3.39 -11.38 -33.90
CA ARG A 334 2.92 -10.00 -33.92
C ARG A 334 2.42 -9.46 -35.26
N ASN A 335 3.29 -8.73 -35.97
CA ASN A 335 2.97 -8.16 -37.28
C ASN A 335 4.23 -7.59 -37.94
N ALA A 336 5.06 -8.47 -38.49
CA ALA A 336 6.30 -8.08 -39.16
C ALA A 336 6.26 -8.42 -40.64
N HIS A 337 5.94 -9.67 -40.95
CA HIS A 337 5.87 -10.16 -42.32
C HIS A 337 4.60 -9.67 -43.02
N ASN A 338 4.63 -9.67 -44.35
CA ASN A 338 3.50 -9.23 -45.16
C ASN A 338 3.68 -9.65 -46.61
N PHE A 339 4.90 -9.54 -47.12
CA PHE A 339 5.22 -9.90 -48.49
C PHE A 339 5.49 -11.39 -48.63
N PRO A 340 6.50 -11.91 -47.91
CA PRO A 340 6.89 -13.32 -47.93
C PRO A 340 5.85 -14.23 -47.26
N LEU A 341 5.80 -15.48 -47.71
CA LEU A 341 4.86 -16.46 -47.17
C LEU A 341 5.57 -17.80 -46.96
N ASP A 342 6.71 -17.97 -47.62
CA ASP A 342 7.49 -19.19 -47.52
C ASP A 342 8.23 -19.28 -46.18
N LEU A 343 8.95 -18.22 -45.84
CA LEU A 343 9.69 -18.17 -44.58
C LEU A 343 9.43 -16.88 -43.82
N ALA A 344 9.10 -17.01 -42.54
CA ALA A 344 8.81 -15.87 -41.68
C ALA A 344 10.08 -15.09 -41.34
N MET B 1 23.82 -18.20 11.63
CA MET B 1 24.28 -19.50 11.06
C MET B 1 24.47 -20.57 12.13
N GLY B 2 24.67 -20.13 13.38
CA GLY B 2 24.84 -21.07 14.47
C GLY B 2 23.53 -21.38 15.15
N LEU B 3 23.12 -20.51 16.07
CA LEU B 3 21.87 -20.65 16.82
C LEU B 3 21.85 -21.86 17.76
N PRO B 4 21.00 -21.81 18.80
CA PRO B 4 20.87 -22.91 19.77
C PRO B 4 20.21 -24.13 19.13
N TRP B 5 20.78 -25.31 19.43
CA TRP B 5 20.28 -26.58 18.90
C TRP B 5 20.53 -26.74 17.40
N TYR B 6 19.68 -26.11 16.59
CA TYR B 6 19.81 -26.17 15.13
C TYR B 6 18.92 -25.12 14.46
N ARG B 7 18.19 -25.53 13.42
CA ARG B 7 17.30 -24.62 12.70
C ARG B 7 15.84 -25.04 12.84
N VAL B 8 15.55 -25.84 13.87
CA VAL B 8 14.20 -26.32 14.12
C VAL B 8 13.99 -26.62 15.60
N HIS B 9 12.76 -26.41 16.08
CA HIS B 9 12.42 -26.66 17.47
C HIS B 9 12.56 -28.13 17.82
N THR B 10 13.74 -28.50 18.33
CA THR B 10 14.03 -29.88 18.69
C THR B 10 13.83 -30.09 20.20
N VAL B 11 12.90 -29.34 20.78
CA VAL B 11 12.61 -29.44 22.21
C VAL B 11 11.61 -30.57 22.49
N LEU B 12 10.87 -30.44 23.60
CA LEU B 12 9.88 -31.43 24.01
C LEU B 12 10.51 -32.80 24.29
N ILE B 13 10.13 -33.80 23.49
CA ILE B 13 10.62 -35.17 23.63
C ILE B 13 10.13 -35.80 24.93
N ASN B 14 10.86 -35.59 26.03
CA ASN B 14 10.48 -36.14 27.32
C ASN B 14 9.80 -35.08 28.18
N ASP B 15 8.79 -34.43 27.62
CA ASP B 15 8.06 -33.39 28.34
C ASP B 15 6.56 -33.48 28.04
N PRO B 16 5.82 -34.23 28.87
CA PRO B 16 4.37 -34.39 28.69
C PRO B 16 3.57 -33.14 29.06
N GLY B 17 4.19 -32.26 29.85
CA GLY B 17 3.53 -31.03 30.26
C GLY B 17 3.56 -29.97 29.18
N ARG B 18 4.74 -29.79 28.58
CA ARG B 18 4.93 -28.81 27.52
C ARG B 18 4.26 -29.26 26.22
N LEU B 19 3.99 -30.56 26.12
CA LEU B 19 3.35 -31.13 24.93
C LEU B 19 1.85 -30.84 24.94
N ILE B 20 1.27 -30.82 26.13
CA ILE B 20 -0.16 -30.55 26.29
C ILE B 20 -0.43 -29.05 26.28
N ALA B 21 0.57 -28.27 26.66
CA ALA B 21 0.47 -26.81 26.69
C ALA B 21 0.59 -26.23 25.29
N ALA B 22 1.50 -26.79 24.50
CA ALA B 22 1.73 -26.33 23.13
C ALA B 22 0.61 -26.83 22.21
N HIS B 23 -0.18 -27.77 22.70
CA HIS B 23 -1.29 -28.33 21.94
C HIS B 23 -2.57 -27.56 22.22
N LEU B 24 -2.59 -26.85 23.35
CA LEU B 24 -3.74 -26.06 23.76
C LEU B 24 -3.61 -24.60 23.29
N MET B 25 -2.42 -24.04 23.47
CA MET B 25 -2.14 -22.66 23.08
C MET B 25 -2.12 -22.52 21.56
N HIS B 26 -1.86 -23.61 20.86
CA HIS B 26 -1.83 -23.62 19.40
C HIS B 26 -3.19 -23.99 18.83
N THR B 27 -4.05 -24.54 19.70
CA THR B 27 -5.40 -24.95 19.32
C THR B 27 -6.33 -23.74 19.41
N ALA B 28 -6.02 -22.86 20.36
CA ALA B 28 -6.81 -21.65 20.58
C ALA B 28 -6.30 -20.52 19.70
N LEU B 29 -5.11 -20.70 19.13
CA LEU B 29 -4.51 -19.71 18.25
C LEU B 29 -4.94 -19.93 16.81
N VAL B 30 -5.26 -21.19 16.49
CA VAL B 30 -5.72 -21.55 15.15
C VAL B 30 -7.20 -21.26 15.03
N ALA B 31 -7.86 -21.09 16.19
CA ALA B 31 -9.28 -20.80 16.24
C ALA B 31 -9.49 -19.37 16.74
N GLY B 32 -8.46 -18.77 17.31
CA GLY B 32 -8.53 -17.42 17.82
C GLY B 32 -8.15 -16.39 16.77
N TRP B 33 -7.14 -16.71 15.97
CA TRP B 33 -6.68 -15.83 14.91
C TRP B 33 -7.59 -15.92 13.69
N ALA B 34 -8.15 -17.11 13.48
CA ALA B 34 -9.05 -17.36 12.36
C ALA B 34 -10.49 -17.00 12.76
N GLY B 35 -10.76 -17.01 14.05
CA GLY B 35 -12.08 -16.69 14.55
C GLY B 35 -12.28 -15.19 14.70
N SER B 36 -11.21 -14.50 15.06
CA SER B 36 -11.26 -13.05 15.25
C SER B 36 -11.27 -12.33 13.90
N MET B 37 -10.65 -12.94 12.90
CA MET B 37 -10.60 -12.36 11.56
C MET B 37 -11.85 -12.71 10.76
N ALA B 38 -12.74 -13.47 11.37
CA ALA B 38 -14.00 -13.87 10.74
C ALA B 38 -15.10 -12.84 10.95
N LEU B 39 -14.89 -11.93 11.90
CA LEU B 39 -15.86 -10.88 12.19
C LEU B 39 -15.25 -9.49 12.01
N TYR B 40 -14.06 -9.44 11.42
CA TYR B 40 -13.36 -8.18 11.18
C TYR B 40 -13.16 -7.91 9.70
N GLU B 41 -13.08 -8.97 8.91
CA GLU B 41 -12.89 -8.86 7.47
C GLU B 41 -13.88 -9.72 6.68
N LEU B 42 -14.89 -10.25 7.38
CA LEU B 42 -15.91 -11.08 6.76
C LEU B 42 -17.29 -10.65 7.25
N ALA B 43 -17.39 -10.43 8.57
CA ALA B 43 -18.65 -10.01 9.18
C ALA B 43 -18.57 -8.55 9.61
N THR B 44 -17.96 -7.71 8.77
CA THR B 44 -17.84 -6.29 9.07
C THR B 44 -17.58 -5.43 7.83
N PHE B 45 -16.58 -5.81 7.03
CA PHE B 45 -16.26 -5.06 5.82
C PHE B 45 -16.71 -5.73 4.53
N ASP B 46 -17.21 -6.95 4.64
CA ASP B 46 -17.68 -7.70 3.48
C ASP B 46 -19.15 -7.41 3.18
N PRO B 47 -19.74 -8.19 2.26
CA PRO B 47 -21.14 -8.05 1.85
C PRO B 47 -22.13 -8.58 2.89
N SER B 48 -23.20 -7.82 3.11
CA SER B 48 -24.22 -8.21 4.08
C SER B 48 -25.52 -7.44 3.86
N ASP B 49 -25.72 -6.96 2.64
CA ASP B 49 -26.93 -6.22 2.30
C ASP B 49 -28.04 -7.20 1.92
N PRO B 50 -28.99 -6.77 1.08
CA PRO B 50 -30.10 -7.62 0.64
C PRO B 50 -29.63 -8.58 -0.45
N VAL B 51 -29.81 -8.19 -1.71
CA VAL B 51 -29.41 -8.99 -2.87
C VAL B 51 -30.11 -10.35 -2.95
N LEU B 52 -29.68 -11.28 -2.10
CA LEU B 52 -30.23 -12.64 -2.04
C LEU B 52 -29.85 -13.47 -3.26
N ASN B 53 -30.51 -13.23 -4.39
CA ASN B 53 -30.24 -13.96 -5.62
C ASN B 53 -29.11 -13.36 -6.45
N PRO B 54 -29.00 -12.02 -6.46
CA PRO B 54 -27.96 -11.32 -7.22
C PRO B 54 -26.69 -11.03 -6.41
N MET B 55 -25.75 -11.96 -6.48
CA MET B 55 -24.46 -11.85 -5.78
C MET B 55 -24.56 -11.86 -4.25
N TRP B 56 -23.51 -12.39 -3.62
CA TRP B 56 -23.43 -12.46 -2.17
C TRP B 56 -21.98 -12.72 -1.78
N ARG B 57 -21.42 -13.81 -2.30
CA ARG B 57 -20.03 -14.21 -2.05
C ARG B 57 -19.58 -14.04 -0.60
N GLN B 58 -19.96 -15.01 0.25
CA GLN B 58 -19.59 -14.97 1.65
C GLN B 58 -18.10 -15.22 1.83
N GLY B 59 -17.56 -14.73 2.95
CA GLY B 59 -16.14 -14.91 3.23
C GLY B 59 -15.76 -16.36 3.43
N MET B 60 -14.51 -16.69 3.18
CA MET B 60 -14.02 -18.05 3.33
C MET B 60 -14.17 -18.54 4.78
N PHE B 61 -14.17 -17.60 5.72
CA PHE B 61 -14.32 -17.92 7.14
C PHE B 61 -15.80 -18.01 7.55
N VAL B 62 -16.60 -17.08 7.03
CA VAL B 62 -18.03 -17.03 7.33
C VAL B 62 -18.79 -18.18 6.68
N LEU B 63 -18.15 -18.84 5.72
CA LEU B 63 -18.76 -19.96 5.00
C LEU B 63 -18.92 -21.18 5.92
N PRO B 64 -18.03 -21.33 6.90
CA PRO B 64 -18.02 -22.43 7.87
C PRO B 64 -19.04 -22.23 8.99
N PHE B 65 -19.52 -21.01 9.13
CA PHE B 65 -20.49 -20.67 10.15
C PHE B 65 -21.92 -20.72 9.62
N MET B 66 -22.05 -20.68 8.30
CA MET B 66 -23.36 -20.72 7.64
C MET B 66 -23.77 -22.17 7.32
N ALA B 67 -22.79 -23.07 7.34
CA ALA B 67 -23.03 -24.47 7.06
C ALA B 67 -23.33 -25.26 8.32
N ARG B 68 -22.77 -24.82 9.45
CA ARG B 68 -22.98 -25.50 10.73
C ARG B 68 -23.97 -24.78 11.64
N LEU B 69 -23.73 -23.49 11.86
CA LEU B 69 -24.60 -22.68 12.71
C LEU B 69 -25.76 -22.10 11.89
N GLY B 70 -26.36 -21.02 12.40
CA GLY B 70 -27.47 -20.39 11.71
C GLY B 70 -27.22 -18.92 11.48
N VAL B 71 -26.91 -18.56 10.24
CA VAL B 71 -26.63 -17.17 9.88
C VAL B 71 -27.39 -16.77 8.61
N THR B 72 -26.79 -15.88 7.82
CA THR B 72 -27.39 -15.40 6.59
C THR B 72 -28.72 -14.70 6.84
N GLY B 73 -29.80 -15.23 6.29
CA GLY B 73 -31.11 -14.64 6.47
C GLY B 73 -32.23 -15.53 5.97
N SER B 74 -33.46 -15.21 6.37
CA SER B 74 -34.62 -15.98 5.95
C SER B 74 -35.21 -15.46 4.64
N TRP B 75 -34.42 -15.55 3.58
CA TRP B 75 -34.83 -15.09 2.25
C TRP B 75 -35.36 -13.65 2.27
N SER B 76 -35.85 -13.20 1.12
CA SER B 76 -36.42 -11.86 0.97
C SER B 76 -35.39 -10.73 0.99
N GLY B 77 -35.84 -9.54 1.37
CA GLY B 77 -35.00 -8.35 1.43
C GLY B 77 -35.61 -7.31 2.37
N THR B 84 -35.93 -9.69 7.43
CA THR B 84 -34.95 -10.56 8.13
C THR B 84 -33.55 -10.43 7.52
N GLY B 85 -32.60 -9.98 8.33
CA GLY B 85 -31.23 -9.81 7.87
C GLY B 85 -30.21 -10.14 8.93
N ILE B 86 -28.96 -9.77 8.68
CA ILE B 86 -27.87 -10.03 9.62
C ILE B 86 -27.35 -8.75 10.29
N ASP B 87 -28.25 -8.01 10.93
CA ASP B 87 -27.88 -6.77 11.61
C ASP B 87 -27.76 -6.99 13.13
N PRO B 88 -28.79 -7.59 13.76
CA PRO B 88 -28.71 -7.81 15.21
C PRO B 88 -27.83 -9.02 15.52
N GLY B 89 -28.00 -9.56 16.73
CA GLY B 89 -27.23 -10.73 17.13
C GLY B 89 -26.35 -10.54 18.35
N PHE B 90 -26.31 -11.58 19.18
CA PHE B 90 -25.50 -11.58 20.39
C PHE B 90 -25.07 -13.02 20.65
N TRP B 91 -25.79 -13.96 20.05
CA TRP B 91 -25.50 -15.39 20.19
C TRP B 91 -25.74 -16.11 18.88
N SER B 92 -25.50 -15.42 17.76
CA SER B 92 -25.69 -16.00 16.44
C SER B 92 -24.39 -15.88 15.64
N PHE B 93 -24.30 -14.84 14.81
CA PHE B 93 -23.11 -14.61 14.02
C PHE B 93 -22.09 -13.84 14.85
N GLU B 94 -22.58 -12.99 15.74
CA GLU B 94 -21.72 -12.19 16.61
C GLU B 94 -21.22 -13.05 17.78
N GLY B 95 -21.89 -14.17 18.01
CA GLY B 95 -21.50 -15.07 19.08
C GLY B 95 -20.28 -15.91 18.76
N VAL B 96 -19.80 -15.81 17.53
CA VAL B 96 -18.64 -16.58 17.09
C VAL B 96 -17.34 -15.95 17.61
N ALA B 97 -17.26 -14.63 17.56
CA ALA B 97 -16.09 -13.90 18.03
C ALA B 97 -16.08 -13.79 19.56
N LEU B 98 -17.26 -13.96 20.16
CA LEU B 98 -17.40 -13.88 21.61
C LEU B 98 -16.89 -15.16 22.27
N ALA B 99 -17.04 -16.28 21.57
CA ALA B 99 -16.58 -17.57 22.07
C ALA B 99 -15.12 -17.81 21.74
N HIS B 100 -14.63 -17.13 20.70
CA HIS B 100 -13.24 -17.25 20.26
C HIS B 100 -12.33 -16.46 21.20
N ILE B 101 -12.81 -15.32 21.67
CA ILE B 101 -12.05 -14.46 22.56
C ILE B 101 -11.98 -15.08 23.96
N VAL B 102 -12.98 -15.89 24.29
CA VAL B 102 -13.05 -16.56 25.59
C VAL B 102 -12.23 -17.87 25.58
N LEU B 103 -11.91 -18.34 24.39
CA LEU B 103 -11.13 -19.57 24.23
C LEU B 103 -9.64 -19.26 24.08
N SER B 104 -9.34 -18.22 23.29
CA SER B 104 -7.96 -17.81 23.07
C SER B 104 -7.46 -16.92 24.21
N GLY B 105 -8.32 -16.70 25.19
CA GLY B 105 -7.96 -15.89 26.34
C GLY B 105 -7.92 -16.75 27.60
N LEU B 106 -8.37 -17.99 27.47
CA LEU B 106 -8.38 -18.94 28.58
C LEU B 106 -7.25 -19.95 28.46
N LEU B 107 -6.97 -20.37 27.23
CA LEU B 107 -5.90 -21.33 26.96
C LEU B 107 -4.54 -20.64 26.96
N PHE B 108 -4.53 -19.34 26.65
CA PHE B 108 -3.29 -18.57 26.63
C PHE B 108 -2.71 -18.46 28.05
N LEU B 109 -3.57 -18.59 29.05
CA LEU B 109 -3.15 -18.51 30.44
C LEU B 109 -3.04 -19.91 31.06
N ALA B 110 -3.82 -20.85 30.51
CA ALA B 110 -3.82 -22.23 30.99
C ALA B 110 -2.54 -22.95 30.60
N ALA B 111 -2.05 -22.66 29.40
CA ALA B 111 -0.83 -23.26 28.89
C ALA B 111 0.38 -22.72 29.65
N CYS B 112 0.23 -21.52 30.19
CA CYS B 112 1.29 -20.88 30.95
C CYS B 112 1.37 -21.48 32.35
N TRP B 113 0.27 -22.10 32.77
CA TRP B 113 0.18 -22.75 34.08
C TRP B 113 0.85 -24.12 34.07
N HIS B 114 0.97 -24.70 32.88
CA HIS B 114 1.59 -26.01 32.72
C HIS B 114 3.05 -25.87 32.29
N TRP B 115 3.38 -24.72 31.71
CA TRP B 115 4.73 -24.44 31.25
C TRP B 115 5.67 -24.14 32.42
N VAL B 116 5.20 -23.30 33.34
CA VAL B 116 5.99 -22.91 34.51
C VAL B 116 5.89 -23.90 35.67
N TYR B 117 4.69 -24.42 35.92
CA TYR B 117 4.47 -25.37 37.01
C TYR B 117 4.66 -26.82 36.56
N TRP B 118 5.66 -27.05 35.71
CA TRP B 118 5.95 -28.39 35.21
C TRP B 118 6.74 -29.20 36.23
N ASP B 119 6.02 -29.92 37.09
CA ASP B 119 6.64 -30.74 38.12
C ASP B 119 6.23 -32.21 38.08
N LEU B 120 5.02 -32.46 37.56
CA LEU B 120 4.46 -33.80 37.46
C LEU B 120 4.07 -34.38 38.82
N GLU B 121 3.17 -35.36 38.79
CA GLU B 121 2.69 -36.01 40.01
C GLU B 121 1.94 -37.29 39.67
N LEU B 122 1.08 -37.21 38.67
CA LEU B 122 0.29 -38.37 38.22
C LEU B 122 1.15 -39.24 37.31
N PHE B 123 1.84 -38.59 36.36
CA PHE B 123 2.71 -39.29 35.42
C PHE B 123 4.16 -39.17 35.88
N ARG B 124 4.69 -40.26 36.41
CA ARG B 124 6.07 -40.28 36.90
C ARG B 124 6.69 -41.68 36.76
N ASP B 125 6.03 -42.53 35.99
CA ASP B 125 6.48 -43.91 35.74
C ASP B 125 6.73 -44.69 37.04
N PRO B 126 5.64 -45.23 37.62
CA PRO B 126 5.66 -46.02 38.87
C PRO B 126 6.60 -47.22 38.81
N ARG B 127 6.97 -47.70 40.00
CA ARG B 127 7.87 -48.84 40.17
C ARG B 127 9.32 -48.51 39.83
N THR B 128 9.56 -47.94 38.65
CA THR B 128 10.90 -47.58 38.23
C THR B 128 10.89 -46.65 37.01
N GLY B 129 11.05 -45.35 37.26
CA GLY B 129 11.05 -44.39 36.18
C GLY B 129 11.02 -42.95 36.66
N GLU B 130 10.87 -42.02 35.71
CA GLU B 130 10.83 -40.59 36.02
C GLU B 130 10.55 -39.75 34.78
N PRO B 131 11.35 -39.95 33.72
CA PRO B 131 11.23 -39.23 32.45
C PRO B 131 10.14 -39.77 31.51
N ALA B 132 9.76 -38.94 30.54
CA ALA B 132 8.74 -39.29 29.55
C ALA B 132 7.38 -39.64 30.15
N LEU B 133 7.17 -40.91 30.44
CA LEU B 133 5.92 -41.41 31.02
C LEU B 133 4.72 -41.25 30.08
N ASP B 134 5.01 -40.93 28.82
CA ASP B 134 3.98 -40.74 27.80
C ASP B 134 3.50 -42.08 27.24
N LEU B 135 2.44 -42.62 27.84
CA LEU B 135 1.88 -43.90 27.41
C LEU B 135 0.97 -43.73 26.18
N PRO B 136 1.15 -44.59 25.16
CA PRO B 136 0.33 -44.52 23.94
C PRO B 136 -1.11 -44.97 24.19
N LYS B 137 -1.39 -45.42 25.41
CA LYS B 137 -2.72 -45.87 25.79
C LYS B 137 -3.64 -44.68 26.07
N MET B 138 -3.13 -43.48 25.87
CA MET B 138 -3.90 -42.25 26.08
C MET B 138 -4.79 -41.94 24.87
N PHE B 139 -4.61 -42.72 23.81
CA PHE B 139 -5.38 -42.54 22.58
C PHE B 139 -6.81 -43.08 22.74
N GLY B 140 -6.96 -44.07 23.62
CA GLY B 140 -8.27 -44.66 23.86
C GLY B 140 -9.21 -43.73 24.60
N ILE B 141 -8.66 -43.01 25.58
CA ILE B 141 -9.44 -42.06 26.37
C ILE B 141 -9.78 -40.83 25.53
N HIS B 142 -9.07 -40.68 24.41
CA HIS B 142 -9.29 -39.57 23.50
C HIS B 142 -10.26 -39.95 22.40
N LEU B 143 -10.38 -41.25 22.15
CA LEU B 143 -11.28 -41.77 21.13
C LEU B 143 -12.71 -41.89 21.66
N PHE B 144 -12.83 -42.37 22.89
CA PHE B 144 -14.13 -42.54 23.54
C PHE B 144 -14.73 -41.18 23.89
N LEU B 145 -13.87 -40.16 23.94
CA LEU B 145 -14.31 -38.80 24.23
C LEU B 145 -14.82 -38.15 22.94
N ALA B 146 -14.23 -38.57 21.83
CA ALA B 146 -14.61 -38.05 20.51
C ALA B 146 -15.90 -38.73 20.03
N GLY B 147 -16.17 -39.92 20.56
CA GLY B 147 -17.36 -40.66 20.20
C GLY B 147 -18.58 -40.05 20.87
N LEU B 148 -18.39 -39.51 22.07
CA LEU B 148 -19.45 -38.88 22.83
C LEU B 148 -19.87 -37.57 22.14
N LEU B 149 -18.93 -36.98 21.42
CA LEU B 149 -19.17 -35.74 20.69
C LEU B 149 -19.69 -36.04 19.29
N CYS B 150 -19.43 -37.26 18.81
CA CYS B 150 -19.86 -37.69 17.50
C CYS B 150 -21.35 -37.99 17.47
N PHE B 151 -21.83 -38.66 18.50
CA PHE B 151 -23.25 -39.02 18.62
C PHE B 151 -24.09 -37.82 19.08
N GLY B 152 -23.53 -36.62 18.95
CA GLY B 152 -24.23 -35.41 19.35
C GLY B 152 -25.40 -35.08 18.44
N PHE B 153 -25.49 -35.77 17.31
CA PHE B 153 -26.59 -35.55 16.36
C PHE B 153 -27.90 -36.09 16.91
N GLY B 154 -27.81 -37.00 17.87
CA GLY B 154 -28.99 -37.58 18.47
C GLY B 154 -29.68 -36.62 19.43
N ALA B 155 -29.10 -35.43 19.60
CA ALA B 155 -29.65 -34.42 20.51
C ALA B 155 -29.85 -33.07 19.84
N PHE B 156 -31.10 -32.75 19.53
CA PHE B 156 -31.50 -31.48 18.91
C PHE B 156 -31.04 -31.29 17.46
N HIS B 157 -29.83 -31.75 17.15
CA HIS B 157 -29.27 -31.64 15.80
C HIS B 157 -29.82 -32.72 14.87
N LEU B 158 -31.10 -32.64 14.55
CA LEU B 158 -31.75 -33.61 13.66
C LEU B 158 -31.29 -33.41 12.22
N THR B 159 -31.89 -32.45 11.53
CA THR B 159 -31.55 -32.19 10.13
C THR B 159 -32.27 -30.95 9.59
N GLY B 160 -33.60 -31.00 9.65
CA GLY B 160 -34.39 -29.87 9.17
C GLY B 160 -34.23 -28.65 10.06
N LEU B 161 -33.31 -27.77 9.67
CA LEU B 161 -33.06 -26.56 10.43
C LEU B 161 -33.09 -25.36 9.49
N PHE B 162 -31.96 -24.66 9.32
CA PHE B 162 -31.87 -23.49 8.43
C PHE B 162 -31.96 -23.87 6.97
N GLY B 163 -31.15 -24.84 6.56
CA GLY B 163 -31.15 -25.29 5.18
C GLY B 163 -29.91 -26.10 4.85
N PRO B 164 -29.70 -27.26 5.49
CA PRO B 164 -28.53 -28.10 5.22
C PRO B 164 -28.46 -28.57 3.77
N GLY B 165 -29.65 -28.72 3.16
CA GLY B 165 -29.73 -29.15 1.77
C GLY B 165 -30.98 -28.59 1.12
N MET B 166 -31.38 -27.41 1.57
CA MET B 166 -32.56 -26.72 1.05
C MET B 166 -32.62 -25.31 1.61
N TRP B 167 -31.60 -24.51 1.27
CA TRP B 167 -31.51 -23.13 1.74
C TRP B 167 -32.62 -22.26 1.13
N VAL B 168 -32.96 -22.55 -0.12
CA VAL B 168 -34.01 -21.82 -0.82
C VAL B 168 -34.77 -22.72 -1.80
N SER B 169 -34.03 -23.54 -2.54
CA SER B 169 -34.61 -24.46 -3.52
C SER B 169 -33.57 -25.45 -4.01
N ASP B 170 -33.35 -26.52 -3.24
CA ASP B 170 -32.37 -27.53 -3.61
C ASP B 170 -32.94 -28.95 -3.58
N PRO B 171 -32.08 -29.93 -3.26
CA PRO B 171 -32.37 -31.37 -3.16
C PRO B 171 -33.20 -31.69 -1.92
N GLN B 179 -37.68 -26.58 -13.65
CA GLN B 179 -36.36 -26.01 -13.24
C GLN B 179 -35.20 -26.90 -13.65
N PRO B 180 -34.02 -26.68 -13.06
CA PRO B 180 -32.79 -27.44 -13.32
C PRO B 180 -32.48 -28.42 -12.19
N VAL B 181 -31.21 -28.60 -11.87
CA VAL B 181 -30.79 -29.50 -10.81
C VAL B 181 -31.10 -28.88 -9.44
N ALA B 182 -30.65 -27.64 -9.25
CA ALA B 182 -30.86 -26.92 -7.99
C ALA B 182 -30.48 -25.45 -8.13
N PRO B 183 -31.17 -24.57 -7.40
CA PRO B 183 -30.92 -23.12 -7.40
C PRO B 183 -30.31 -22.65 -6.07
N GLU B 184 -31.06 -21.83 -5.33
CA GLU B 184 -30.62 -21.31 -4.04
C GLU B 184 -29.31 -20.52 -4.13
N TRP B 185 -28.53 -20.55 -3.05
CA TRP B 185 -27.26 -19.84 -3.00
C TRP B 185 -26.26 -20.63 -2.15
N GLY B 186 -26.77 -21.34 -1.15
CA GLY B 186 -25.93 -22.14 -0.27
C GLY B 186 -25.04 -21.32 0.65
N PRO B 187 -23.91 -21.88 1.09
CA PRO B 187 -22.96 -21.21 1.99
C PRO B 187 -21.82 -20.53 1.21
N ASP B 188 -21.15 -21.32 0.38
CA ASP B 188 -20.03 -20.82 -0.43
C ASP B 188 -19.86 -21.73 -1.66
N GLY B 189 -20.04 -21.16 -2.84
CA GLY B 189 -19.91 -21.92 -4.07
C GLY B 189 -20.92 -23.05 -4.15
N PHE B 190 -22.20 -22.67 -4.26
CA PHE B 190 -23.32 -23.63 -4.32
C PHE B 190 -23.41 -24.39 -3.00
N ASN B 191 -23.32 -25.71 -3.06
CA ASN B 191 -23.39 -26.53 -1.86
C ASN B 191 -22.82 -27.94 -2.08
N PRO B 192 -21.91 -28.36 -1.18
CA PRO B 192 -21.28 -29.67 -1.25
C PRO B 192 -22.27 -30.78 -0.91
N TYR B 193 -21.75 -31.93 -0.46
CA TYR B 193 -22.56 -33.09 -0.07
C TYR B 193 -23.48 -33.56 -1.19
N ASN B 194 -23.01 -34.54 -1.96
CA ASN B 194 -23.78 -35.08 -3.06
C ASN B 194 -25.08 -35.79 -2.63
N PRO B 195 -25.01 -36.66 -1.60
CA PRO B 195 -26.22 -37.36 -1.13
C PRO B 195 -27.15 -36.47 -0.33
N GLY B 196 -28.45 -36.71 -0.45
CA GLY B 196 -29.42 -35.94 0.29
C GLY B 196 -29.41 -36.31 1.76
N GLY B 197 -29.62 -37.60 2.05
CA GLY B 197 -29.61 -38.07 3.41
C GLY B 197 -28.20 -38.26 3.92
N VAL B 198 -27.70 -37.26 4.65
CA VAL B 198 -26.34 -37.30 5.19
C VAL B 198 -26.22 -38.17 6.45
N VAL B 199 -26.30 -37.54 7.62
CA VAL B 199 -26.19 -38.22 8.90
C VAL B 199 -24.89 -39.01 8.99
N ALA B 200 -25.00 -40.32 9.20
CA ALA B 200 -23.84 -41.21 9.30
C ALA B 200 -22.93 -40.94 10.50
N HIS B 201 -23.16 -39.84 11.20
CA HIS B 201 -22.36 -39.48 12.36
C HIS B 201 -22.94 -40.10 13.63
N HIS B 202 -24.26 -40.30 13.65
CA HIS B 202 -24.93 -40.89 14.80
C HIS B 202 -25.37 -42.33 14.50
N ILE B 203 -25.26 -42.73 13.24
CA ILE B 203 -25.64 -44.08 12.85
C ILE B 203 -24.43 -44.99 12.61
N ALA B 204 -23.44 -44.47 11.88
CA ALA B 204 -22.23 -45.23 11.58
C ALA B 204 -21.08 -44.91 12.52
N ALA B 205 -20.89 -43.63 12.82
CA ALA B 205 -19.81 -43.19 13.70
C ALA B 205 -20.19 -43.25 15.18
N GLY B 206 -21.50 -43.30 15.44
CA GLY B 206 -21.97 -43.38 16.82
C GLY B 206 -21.94 -44.79 17.34
N ILE B 207 -21.91 -45.76 16.43
CA ILE B 207 -21.88 -47.17 16.79
C ILE B 207 -20.46 -47.72 16.72
N VAL B 208 -19.63 -47.12 15.88
CA VAL B 208 -18.23 -47.53 15.73
C VAL B 208 -17.32 -46.81 16.71
N GLY B 209 -17.80 -45.70 17.25
CA GLY B 209 -17.01 -44.93 18.21
C GLY B 209 -17.03 -45.53 19.60
N ILE B 210 -18.18 -46.12 19.96
CA ILE B 210 -18.34 -46.73 21.28
C ILE B 210 -18.05 -48.23 21.25
N ILE B 211 -17.46 -48.70 20.15
CA ILE B 211 -17.13 -50.11 20.00
C ILE B 211 -15.64 -50.30 19.71
N ALA B 212 -15.08 -49.35 18.95
CA ALA B 212 -13.66 -49.38 18.59
C ALA B 212 -12.87 -48.48 19.53
N GLY B 213 -13.58 -47.61 20.26
CA GLY B 213 -12.93 -46.70 21.19
C GLY B 213 -13.05 -47.17 22.63
N LEU B 214 -14.21 -47.71 22.99
CA LEU B 214 -14.45 -48.19 24.34
C LEU B 214 -13.62 -49.45 24.62
N PHE B 215 -13.31 -50.18 23.56
CA PHE B 215 -12.52 -51.41 23.65
C PHE B 215 -11.03 -51.07 23.60
N HIS B 216 -10.72 -49.87 23.10
CA HIS B 216 -9.35 -49.40 23.00
C HIS B 216 -8.82 -48.90 24.35
N ILE B 217 -9.74 -48.42 25.19
CA ILE B 217 -9.38 -47.91 26.51
C ILE B 217 -8.92 -49.04 27.43
N LEU B 218 -9.30 -50.26 27.08
CA LEU B 218 -8.93 -51.44 27.86
C LEU B 218 -7.98 -52.35 27.08
N VAL B 219 -7.74 -53.54 27.63
CA VAL B 219 -6.86 -54.54 27.02
C VAL B 219 -5.39 -54.12 26.98
N ARG B 220 -5.08 -53.12 26.15
CA ARG B 220 -3.71 -52.61 26.01
C ARG B 220 -2.74 -53.75 25.70
N PRO B 221 -2.90 -54.39 24.52
CA PRO B 221 -2.04 -55.50 24.09
C PRO B 221 -0.58 -55.08 23.99
N PRO B 222 0.31 -55.78 24.71
CA PRO B 222 1.75 -55.53 24.75
C PRO B 222 2.51 -56.34 23.70
N GLN B 223 1.88 -56.53 22.54
CA GLN B 223 2.50 -57.28 21.45
C GLN B 223 3.67 -56.51 20.84
N ARG B 224 4.53 -57.22 20.12
CA ARG B 224 5.70 -56.61 19.49
C ARG B 224 5.33 -55.78 18.26
N LEU B 225 4.52 -56.37 17.38
CA LEU B 225 4.08 -55.71 16.15
C LEU B 225 5.24 -55.18 15.30
N TYR B 226 5.76 -56.04 14.44
CA TYR B 226 6.88 -55.71 13.55
C TYR B 226 8.19 -55.58 14.33
N LYS B 227 9.14 -54.84 13.76
CA LYS B 227 10.44 -54.62 14.40
C LYS B 227 10.38 -53.57 15.50
N ALA B 228 9.53 -52.58 15.32
CA ALA B 228 9.38 -51.50 16.30
C ALA B 228 8.00 -50.86 16.19
N LEU B 229 7.30 -50.78 17.31
CA LEU B 229 5.96 -50.20 17.38
C LEU B 229 5.99 -48.82 18.05
N ARG B 230 4.99 -48.56 18.90
CA ARG B 230 4.91 -47.29 19.61
C ARG B 230 4.95 -47.51 21.12
N MET B 231 5.84 -48.40 21.55
CA MET B 231 6.01 -48.73 22.95
C MET B 231 7.32 -48.18 23.52
N GLY B 232 8.07 -47.47 22.68
CA GLY B 232 9.33 -46.89 23.12
C GLY B 232 9.44 -45.41 22.83
N ASN B 233 9.06 -45.01 21.63
CA ASN B 233 9.12 -43.61 21.23
C ASN B 233 7.73 -43.03 20.94
N ILE B 234 7.65 -41.71 20.91
CA ILE B 234 6.39 -41.02 20.65
C ILE B 234 6.26 -40.58 19.18
N GLU B 235 7.32 -40.80 18.41
CA GLU B 235 7.33 -40.43 16.99
C GLU B 235 6.46 -41.35 16.15
N THR B 236 6.38 -42.62 16.55
CA THR B 236 5.58 -43.61 15.85
C THR B 236 4.09 -43.29 15.95
N VAL B 237 3.69 -42.77 17.10
CA VAL B 237 2.29 -42.41 17.35
C VAL B 237 1.94 -41.13 16.61
N LEU B 238 2.91 -40.23 16.51
CA LEU B 238 2.73 -38.95 15.83
C LEU B 238 2.57 -39.13 14.33
N SER B 239 3.27 -40.13 13.78
CA SER B 239 3.21 -40.43 12.35
C SER B 239 1.87 -41.06 11.98
N SER B 240 1.11 -41.48 12.98
CA SER B 240 -0.20 -42.08 12.77
C SER B 240 -1.24 -40.99 12.55
N SER B 241 -0.89 -39.77 12.92
CA SER B 241 -1.78 -38.62 12.77
C SER B 241 -1.55 -37.92 11.43
N ILE B 242 -0.37 -38.13 10.85
CA ILE B 242 -0.01 -37.53 9.57
C ILE B 242 -0.67 -38.30 8.42
N ALA B 243 -0.78 -39.62 8.59
CA ALA B 243 -1.41 -40.47 7.58
C ALA B 243 -2.93 -40.28 7.57
N ALA B 244 -3.45 -39.75 8.68
CA ALA B 244 -4.87 -39.50 8.83
C ALA B 244 -5.25 -38.14 8.23
N VAL B 245 -4.24 -37.30 8.01
CA VAL B 245 -4.46 -35.98 7.44
C VAL B 245 -4.51 -36.03 5.92
N PHE B 246 -3.91 -37.07 5.35
CA PHE B 246 -3.89 -37.26 3.90
C PHE B 246 -5.18 -37.89 3.39
N PHE B 247 -5.94 -38.49 4.30
CA PHE B 247 -7.19 -39.13 3.95
C PHE B 247 -8.40 -38.27 4.33
N ALA B 248 -8.15 -37.27 5.18
CA ALA B 248 -9.20 -36.37 5.62
C ALA B 248 -9.25 -35.10 4.77
N ALA B 249 -8.11 -34.73 4.21
CA ALA B 249 -7.99 -33.54 3.37
C ALA B 249 -8.38 -33.85 1.92
N PHE B 250 -8.03 -35.05 1.46
CA PHE B 250 -8.33 -35.47 0.10
C PHE B 250 -9.83 -35.73 -0.08
N VAL B 251 -10.51 -36.05 1.02
CA VAL B 251 -11.94 -36.31 1.01
C VAL B 251 -12.72 -35.01 1.15
N VAL B 252 -12.13 -34.04 1.86
CA VAL B 252 -12.76 -32.75 2.08
C VAL B 252 -12.74 -31.91 0.80
N ALA B 253 -11.60 -31.91 0.13
CA ALA B 253 -11.43 -31.15 -1.11
C ALA B 253 -12.19 -31.81 -2.26
N GLY B 254 -12.31 -33.14 -2.20
CA GLY B 254 -13.02 -33.87 -3.22
C GLY B 254 -14.53 -33.73 -3.11
N THR B 255 -14.97 -33.10 -2.02
CA THR B 255 -16.39 -32.88 -1.78
C THR B 255 -16.94 -31.77 -2.68
N MET B 256 -16.11 -30.77 -2.94
CA MET B 256 -16.50 -29.64 -3.78
C MET B 256 -16.75 -30.09 -5.22
N TRP B 257 -16.05 -31.14 -5.64
CA TRP B 257 -16.17 -31.72 -6.98
C TRP B 257 -15.69 -30.78 -8.09
N TYR B 258 -14.88 -29.79 -7.71
CA TYR B 258 -14.33 -28.81 -8.64
C TYR B 258 -13.25 -27.99 -7.95
CA UNK B 259 -20.86 -24.52 -7.10
CA UNK B 260 -19.70 -26.67 -10.00
CA UNK B 261 -17.01 -25.61 -12.43
CA UNK B 262 -17.42 -28.63 -14.67
CA UNK B 263 -21.00 -29.48 -13.79
CA UNK B 264 -22.02 -25.86 -14.36
CA UNK B 265 -20.11 -25.67 -17.64
CA UNK B 266 -21.88 -28.79 -18.87
CA UNK B 267 -25.65 -28.25 -18.77
CA UNK B 268 -27.03 -27.82 -15.25
CA UNK B 269 -28.13 -24.23 -15.96
CA UNK B 270 -28.94 -24.50 -19.64
CA UNK B 271 -31.08 -27.65 -19.37
CA UNK B 272 -33.06 -26.23 -16.49
CA UNK B 273 -33.52 -22.77 -17.92
CA UNK B 274 -34.46 -23.82 -21.38
CA UNK B 275 -36.66 -26.73 -20.17
CA UNK B 276 -38.46 -24.33 -17.86
CA UNK B 277 -39.30 -21.95 -20.73
CA UNK B 278 -40.36 -25.00 -22.75
CA UNK B 279 -42.96 -26.24 -20.22
CA UNK B 280 -44.16 -22.66 -19.74
CA UNK B 281 -45.49 -22.16 -23.28
CA UNK B 282 -47.94 -19.53 -22.12
CA UNK B 283 -47.28 -15.84 -23.57
CA UNK B 284 -43.73 -16.02 -24.86
CA UNK B 285 -41.53 -13.16 -23.74
CA UNK B 286 -42.49 -13.01 -20.08
CA UNK B 287 -42.51 -16.65 -19.01
CA UNK B 288 -38.74 -16.19 -19.33
CA UNK B 289 -38.99 -13.35 -16.80
CA UNK B 290 -40.61 -15.43 -14.08
CA UNK B 291 -38.22 -18.34 -14.65
CA UNK B 292 -35.12 -16.15 -14.23
CA UNK B 293 -36.38 -15.85 -10.65
CA UNK B 294 -34.28 -18.94 -10.02
CA UNK B 295 -32.42 -19.67 -13.27
CA UNK B 296 -31.07 -16.16 -13.04
CA UNK B 297 -29.85 -16.46 -9.50
CA UNK B 298 -27.18 -19.00 -10.15
CA UNK B 299 -25.73 -16.80 -12.93
CA UNK B 300 -23.48 -18.73 -15.25
CA UNK B 301 -21.20 -15.68 -15.44
CA UNK B 302 -19.76 -16.91 -12.16
CA UNK B 303 -18.85 -20.62 -12.24
CA UNK B 304 -15.77 -22.25 -10.77
CA UNK B 305 -12.32 -21.27 -11.99
CA UNK B 306 -11.74 -19.06 -15.01
N UNK B 307 -14.80 -11.08 -0.15
CA UNK B 307 -15.71 -11.50 -1.25
C UNK B 307 -14.94 -12.28 -2.32
N UNK B 308 -13.84 -11.70 -2.78
CA UNK B 308 -12.98 -12.30 -3.80
C UNK B 308 -13.66 -12.52 -5.16
N UNK B 309 -14.55 -13.50 -5.23
CA UNK B 309 -15.26 -13.83 -6.46
C UNK B 309 -16.26 -12.76 -6.88
N UNK B 310 -16.63 -11.89 -5.94
CA UNK B 310 -17.59 -10.81 -6.21
C UNK B 310 -16.88 -9.59 -6.80
N UNK B 311 -15.79 -9.18 -6.15
CA UNK B 311 -15.01 -8.03 -6.61
C UNK B 311 -14.37 -8.29 -7.97
N UNK B 312 -14.07 -9.55 -8.25
CA UNK B 312 -13.47 -9.96 -9.51
C UNK B 312 -14.51 -9.98 -10.64
N UNK B 313 -15.78 -9.96 -10.27
CA UNK B 313 -16.88 -9.97 -11.23
C UNK B 313 -17.74 -8.72 -11.09
N UNK B 314 -17.09 -7.59 -10.78
CA UNK B 314 -17.75 -6.31 -10.61
C UNK B 314 -18.73 -6.31 -9.42
N UNK B 315 -20.01 -6.53 -9.70
CA UNK B 315 -21.03 -6.55 -8.65
C UNK B 315 -22.30 -7.28 -9.11
N UNK B 316 -23.43 -6.57 -9.12
CA UNK B 316 -24.69 -7.16 -9.54
C UNK B 316 -25.70 -6.07 -9.90
N UNK B 317 -26.75 -6.46 -10.63
CA UNK B 317 -27.80 -5.55 -11.06
C UNK B 317 -29.10 -6.28 -11.33
N UNK B 318 -29.23 -6.83 -12.53
CA UNK B 318 -30.43 -7.56 -12.92
C UNK B 318 -30.22 -8.36 -14.21
N UNK B 319 -31.24 -8.37 -15.06
CA UNK B 319 -31.22 -9.08 -16.35
C UNK B 319 -31.26 -10.61 -16.22
N UNK B 320 -31.47 -11.29 -17.35
CA UNK B 320 -31.54 -12.74 -17.37
C UNK B 320 -31.68 -13.26 -18.81
N UNK B 321 -32.63 -14.16 -19.01
CA UNK B 321 -32.91 -14.76 -20.32
C UNK B 321 -31.77 -15.63 -20.86
N UNK B 322 -31.77 -15.82 -22.17
CA UNK B 322 -30.75 -16.62 -22.84
C UNK B 322 -30.43 -16.02 -24.21
N UNK B 323 -30.02 -14.75 -24.20
CA UNK B 323 -29.67 -14.01 -25.41
C UNK B 323 -30.81 -13.96 -26.42
N UNK B 324 -30.47 -13.62 -27.67
CA UNK B 324 -31.45 -13.52 -28.75
C UNK B 324 -30.78 -13.73 -30.09
N UNK B 325 -31.58 -13.69 -31.16
CA UNK B 325 -31.06 -13.88 -32.52
C UNK B 325 -31.78 -12.98 -33.52
N UNK B 326 -31.17 -12.83 -34.70
CA UNK B 326 -31.73 -12.00 -35.76
C UNK B 326 -32.60 -12.80 -36.72
N UNK B 327 -31.97 -13.46 -37.69
CA UNK B 327 -32.68 -14.27 -38.66
C UNK B 327 -32.78 -15.71 -38.20
N UNK B 328 -34.00 -16.16 -37.92
CA UNK B 328 -34.26 -17.52 -37.46
C UNK B 328 -33.63 -17.80 -36.09
N UNK B 329 -33.79 -19.04 -35.63
CA UNK B 329 -33.24 -19.45 -34.33
C UNK B 329 -31.75 -19.78 -34.41
N UNK B 330 -31.00 -19.31 -33.42
CA UNK B 330 -29.56 -19.56 -33.37
C UNK B 330 -29.16 -20.25 -32.08
N UNK B 331 -28.02 -20.93 -32.11
CA UNK B 331 -27.51 -21.64 -30.94
C UNK B 331 -26.60 -20.75 -30.08
N UNK B 332 -26.35 -19.54 -30.56
CA UNK B 332 -25.49 -18.57 -29.88
C UNK B 332 -24.05 -19.06 -29.71
N UNK B 333 -23.36 -18.54 -28.70
CA UNK B 333 -21.98 -18.92 -28.43
C UNK B 333 -21.89 -20.26 -27.70
N UNK B 334 -20.67 -20.79 -27.60
CA UNK B 334 -20.43 -22.06 -26.94
C UNK B 334 -19.00 -22.12 -26.43
N UNK B 335 -18.69 -21.27 -25.45
CA UNK B 335 -17.35 -21.20 -24.87
C UNK B 335 -17.05 -22.34 -23.90
N UNK B 336 -15.80 -22.40 -23.47
CA UNK B 336 -15.35 -23.43 -22.53
C UNK B 336 -14.43 -22.84 -21.47
N UNK B 337 -13.94 -23.70 -20.57
CA UNK B 337 -13.04 -23.27 -19.51
C UNK B 337 -11.64 -22.98 -20.05
N UNK B 338 -11.33 -21.70 -20.22
CA UNK B 338 -10.04 -21.28 -20.73
C UNK B 338 -9.77 -19.81 -20.39
N UNK B 339 -10.27 -18.90 -21.22
CA UNK B 339 -10.11 -17.47 -21.02
C UNK B 339 -11.04 -16.70 -21.94
N UNK B 340 -11.03 -17.07 -23.23
CA UNK B 340 -11.86 -16.42 -24.23
C UNK B 340 -11.94 -17.28 -25.49
N UNK B 341 -13.12 -17.32 -26.09
CA UNK B 341 -13.34 -18.10 -27.31
C UNK B 341 -12.93 -17.30 -28.54
N UNK B 342 -13.90 -16.97 -29.40
CA UNK B 342 -13.63 -16.21 -30.61
C UNK B 342 -14.90 -15.59 -31.17
N UNK B 343 -15.71 -16.42 -31.85
CA UNK B 343 -16.95 -15.96 -32.44
C UNK B 343 -18.09 -16.94 -32.18
N UNK B 344 -19.31 -16.40 -32.16
CA UNK B 344 -20.51 -17.20 -31.93
C UNK B 344 -20.94 -17.86 -33.24
N UNK B 345 -21.92 -17.25 -33.91
CA UNK B 345 -22.42 -17.75 -35.18
C UNK B 345 -21.46 -17.38 -36.29
N UNK B 346 -21.03 -16.12 -36.30
CA UNK B 346 -20.11 -15.60 -37.29
C UNK B 346 -19.62 -14.20 -36.93
N UNK B 347 -18.30 -14.02 -36.86
CA UNK B 347 -17.70 -12.73 -36.53
C UNK B 347 -16.23 -12.67 -36.88
N UNK B 348 -15.79 -11.52 -37.39
CA UNK B 348 -14.40 -11.31 -37.79
C UNK B 348 -13.60 -10.70 -36.64
N UNK B 349 -12.32 -11.04 -36.55
CA UNK B 349 -11.45 -10.51 -35.50
C UNK B 349 -10.41 -9.54 -36.04
N UNK B 350 -9.28 -10.08 -36.51
CA UNK B 350 -8.21 -9.25 -37.06
C UNK B 350 -8.12 -9.39 -38.57
N UNK B 351 -8.63 -10.50 -39.08
CA UNK B 351 -8.63 -10.76 -40.52
C UNK B 351 -9.62 -9.86 -41.23
N UNK B 352 -9.41 -9.66 -42.53
CA UNK B 352 -10.29 -8.81 -43.33
C UNK B 352 -10.46 -9.40 -44.74
N UNK B 353 -10.66 -8.51 -45.71
CA UNK B 353 -10.84 -8.89 -47.11
C UNK B 353 -12.03 -9.82 -47.37
N UNK B 354 -11.76 -11.11 -47.50
CA UNK B 354 -12.79 -12.12 -47.76
C UNK B 354 -13.69 -12.37 -46.56
N UNK B 355 -14.80 -11.64 -46.50
CA UNK B 355 -15.76 -11.75 -45.41
C UNK B 355 -16.92 -12.72 -45.68
N UNK B 356 -17.54 -13.17 -44.60
CA UNK B 356 -18.68 -14.08 -44.67
C UNK B 356 -19.43 -13.96 -43.33
N UNK B 357 -19.10 -12.92 -42.58
CA UNK B 357 -19.70 -12.66 -41.28
C UNK B 357 -20.20 -11.22 -41.17
N UNK B 358 -21.03 -10.98 -40.15
CA UNK B 358 -21.60 -9.68 -39.87
C UNK B 358 -22.43 -9.09 -41.01
N UNK B 359 -22.94 -9.96 -41.89
CA UNK B 359 -23.75 -9.52 -43.02
C UNK B 359 -25.19 -9.27 -42.57
N UNK B 360 -25.61 -9.98 -41.53
CA UNK B 360 -26.96 -9.86 -40.99
C UNK B 360 -27.00 -10.39 -39.56
N UNK B 361 -26.89 -9.49 -38.59
CA UNK B 361 -26.91 -9.86 -37.18
C UNK B 361 -27.58 -8.78 -36.34
N UNK B 362 -28.38 -9.20 -35.38
CA UNK B 362 -29.09 -8.28 -34.48
C UNK B 362 -29.47 -8.98 -33.17
N UNK B 363 -30.47 -8.44 -32.49
CA UNK B 363 -30.94 -9.00 -31.21
C UNK B 363 -32.30 -8.43 -30.81
N UNK B 364 -33.01 -9.18 -29.98
CA UNK B 364 -34.33 -8.79 -29.49
C UNK B 364 -34.74 -9.67 -28.31
N GLY B 365 -33.98 -9.58 -27.23
CA GLY B 365 -34.25 -10.38 -26.04
C GLY B 365 -35.54 -10.04 -25.32
N GLY B 366 -35.62 -10.44 -24.05
CA GLY B 366 -36.80 -10.18 -23.25
C GLY B 366 -36.52 -10.23 -21.76
N GLU B 367 -35.68 -9.32 -21.29
CA GLU B 367 -35.32 -9.24 -19.88
C GLU B 367 -35.58 -7.83 -19.33
N LEU B 368 -34.51 -7.07 -19.15
CA LEU B 368 -34.62 -5.70 -18.62
C LEU B 368 -34.96 -4.67 -19.69
N ASN B 369 -34.64 -4.96 -20.94
CA ASN B 369 -34.92 -4.06 -22.05
C ASN B 369 -35.38 -4.84 -23.28
N GLY B 370 -36.61 -5.33 -23.21
CA GLY B 370 -37.17 -6.09 -24.31
C GLY B 370 -37.49 -5.24 -25.51
N GLN B 371 -36.48 -4.96 -26.31
CA GLN B 371 -36.62 -4.13 -27.51
C GLN B 371 -35.78 -4.74 -28.65
N THR B 372 -35.49 -3.93 -29.66
CA THR B 372 -34.70 -4.39 -30.79
C THR B 372 -33.61 -3.38 -31.12
N PHE B 373 -32.47 -3.89 -31.59
CA PHE B 373 -31.34 -3.04 -31.95
C PHE B 373 -31.25 -2.83 -33.46
N THR B 374 -30.09 -2.35 -33.92
CA THR B 374 -29.88 -2.09 -35.34
C THR B 374 -28.40 -1.91 -35.67
N ASP B 375 -27.67 -1.25 -34.77
CA ASP B 375 -26.25 -1.01 -34.97
C ASP B 375 -25.46 -2.30 -34.78
N PRO B 376 -24.41 -2.50 -35.60
CA PRO B 376 -23.56 -3.70 -35.54
C PRO B 376 -22.96 -3.91 -34.15
N PRO B 377 -22.54 -2.81 -33.50
CA PRO B 377 -21.94 -2.84 -32.16
C PRO B 377 -22.85 -3.50 -31.13
N THR B 378 -24.14 -3.54 -31.44
CA THR B 378 -25.12 -4.17 -30.55
C THR B 378 -25.01 -5.67 -30.64
N VAL B 379 -24.84 -6.18 -31.85
CA VAL B 379 -24.71 -7.62 -32.07
C VAL B 379 -23.34 -8.10 -31.60
N LYS B 380 -22.38 -7.18 -31.58
CA LYS B 380 -21.03 -7.49 -31.13
C LYS B 380 -20.91 -7.27 -29.63
N SER B 381 -22.05 -7.06 -28.98
CA SER B 381 -22.10 -6.84 -27.54
C SER B 381 -23.09 -7.80 -26.89
N TYR B 382 -23.94 -8.40 -27.70
CA TYR B 382 -24.94 -9.36 -27.22
C TYR B 382 -24.37 -10.77 -27.32
N ALA B 383 -23.59 -11.00 -28.37
CA ALA B 383 -22.96 -12.30 -28.59
C ALA B 383 -21.71 -12.43 -27.73
N ARG B 384 -21.07 -11.30 -27.44
CA ARG B 384 -19.86 -11.27 -26.62
C ARG B 384 -20.20 -11.46 -25.15
N LYS B 385 -21.44 -11.13 -24.77
CA LYS B 385 -21.91 -11.27 -23.40
C LYS B 385 -22.30 -12.71 -23.08
N ALA B 386 -22.93 -13.38 -24.04
CA ALA B 386 -23.35 -14.77 -23.87
C ALA B 386 -22.18 -15.74 -23.80
N ILE B 387 -21.01 -15.30 -24.28
CA ILE B 387 -19.82 -16.13 -24.27
C ILE B 387 -19.26 -16.31 -22.86
N PHE B 388 -19.23 -15.22 -22.09
CA PHE B 388 -18.73 -15.26 -20.72
C PHE B 388 -19.67 -16.06 -19.82
N GLY B 389 -20.97 -16.01 -20.14
CA GLY B 389 -21.96 -16.73 -19.37
C GLY B 389 -23.35 -16.19 -19.60
N GLU B 390 -23.96 -15.63 -18.55
CA GLU B 390 -25.30 -15.07 -18.65
C GLU B 390 -25.25 -13.55 -18.78
N ILE B 391 -26.06 -13.01 -19.70
CA ILE B 391 -26.13 -11.57 -19.94
C ILE B 391 -26.67 -10.83 -18.72
N PHE B 392 -25.86 -9.92 -18.18
CA PHE B 392 -26.25 -9.14 -17.01
C PHE B 392 -25.31 -7.95 -16.77
N GLU B 393 -25.88 -6.87 -16.25
CA GLU B 393 -25.13 -5.65 -15.95
C GLU B 393 -24.53 -5.71 -14.54
N PHE B 394 -23.69 -4.74 -14.22
CA PHE B 394 -23.05 -4.68 -12.90
C PHE B 394 -22.39 -3.33 -12.67
N ASP B 395 -22.30 -2.92 -11.41
CA ASP B 395 -21.68 -1.64 -11.06
C ASP B 395 -20.21 -1.84 -10.66
N THR B 396 -19.35 -1.91 -11.67
CA THR B 396 -17.91 -2.09 -11.44
C THR B 396 -17.26 -0.80 -10.97
N GLU B 397 -18.08 0.23 -10.75
CA GLU B 397 -17.59 1.52 -10.29
C GLU B 397 -17.66 1.60 -8.76
N THR B 398 -17.51 0.46 -8.11
CA THR B 398 -17.55 0.38 -6.65
C THR B 398 -16.13 0.47 -6.08
N LEU B 399 -15.58 -0.67 -5.68
CA LEU B 399 -14.23 -0.74 -5.14
C LEU B 399 -13.23 -1.17 -6.20
N ASN B 400 -12.36 -0.24 -6.61
CA ASN B 400 -11.35 -0.49 -7.64
C ASN B 400 -11.96 -0.92 -8.98
N SER B 401 -11.68 -2.15 -9.40
CA SER B 401 -12.20 -2.67 -10.66
C SER B 401 -11.86 -4.14 -10.88
N ASP B 402 -12.74 -4.82 -11.61
CA ASP B 402 -12.58 -6.24 -11.92
C ASP B 402 -11.56 -6.44 -13.05
N GLY B 403 -11.06 -7.66 -13.16
CA GLY B 403 -10.09 -7.97 -14.20
C GLY B 403 -9.30 -9.24 -13.97
N ILE B 404 -9.96 -10.26 -13.41
CA ILE B 404 -9.30 -11.54 -13.13
C ILE B 404 -10.27 -12.71 -13.12
N PHE B 405 -11.24 -12.66 -12.22
CA PHE B 405 -12.26 -13.71 -12.06
C PHE B 405 -11.70 -14.99 -11.48
N ARG B 406 -12.17 -15.37 -10.30
CA ARG B 406 -11.72 -16.58 -9.63
C ARG B 406 -12.80 -17.18 -8.74
N THR B 407 -12.44 -18.25 -8.04
CA THR B 407 -13.36 -18.93 -7.13
C THR B 407 -12.99 -18.56 -5.69
N SER B 408 -13.95 -17.99 -4.97
CA SER B 408 -13.73 -17.59 -3.58
C SER B 408 -13.89 -18.76 -2.62
N PRO B 409 -14.71 -19.75 -3.00
CA PRO B 409 -15.00 -20.96 -2.23
C PRO B 409 -14.17 -22.16 -2.66
N ARG B 410 -14.45 -22.66 -3.87
CA ARG B 410 -13.73 -23.81 -4.42
C ARG B 410 -12.30 -23.48 -4.84
N GLY B 411 -11.97 -22.19 -4.90
CA GLY B 411 -10.63 -21.79 -5.28
C GLY B 411 -9.66 -21.88 -4.13
N TRP B 412 -10.07 -21.38 -2.97
CA TRP B 412 -9.26 -21.40 -1.77
C TRP B 412 -9.33 -22.74 -1.04
N PHE B 413 -10.36 -23.51 -1.35
CA PHE B 413 -10.56 -24.83 -0.75
C PHE B 413 -9.66 -25.86 -1.44
N THR B 414 -9.56 -25.72 -2.76
CA THR B 414 -8.73 -26.63 -3.56
C THR B 414 -7.25 -26.29 -3.42
N PHE B 415 -6.97 -25.10 -2.88
CA PHE B 415 -5.60 -24.64 -2.67
C PHE B 415 -4.99 -25.40 -1.50
N ALA B 416 -5.84 -25.78 -0.54
CA ALA B 416 -5.40 -26.52 0.63
C ALA B 416 -5.08 -27.97 0.26
N HIS B 417 -5.63 -28.43 -0.86
CA HIS B 417 -5.41 -29.78 -1.34
C HIS B 417 -4.00 -29.94 -1.90
N ALA B 418 -3.44 -28.84 -2.40
CA ALA B 418 -2.09 -28.84 -2.95
C ALA B 418 -1.06 -28.63 -1.84
N VAL B 419 -1.49 -28.01 -0.76
CA VAL B 419 -0.63 -27.74 0.39
C VAL B 419 -0.63 -28.90 1.38
N PHE B 420 -1.63 -29.78 1.25
CA PHE B 420 -1.76 -30.95 2.12
C PHE B 420 -0.84 -32.08 1.66
N ALA B 421 -0.70 -32.22 0.34
CA ALA B 421 0.14 -33.25 -0.24
C ALA B 421 1.63 -32.91 -0.10
N LEU B 422 1.91 -31.70 0.37
CA LEU B 422 3.27 -31.23 0.57
C LEU B 422 3.73 -31.46 2.01
N LEU B 423 2.78 -31.79 2.88
CA LEU B 423 3.07 -32.04 4.28
C LEU B 423 2.65 -33.44 4.72
N PHE B 424 2.12 -34.23 3.78
CA PHE B 424 1.69 -35.59 4.06
C PHE B 424 2.57 -36.59 3.33
N PHE B 425 3.14 -36.16 2.21
CA PHE B 425 4.03 -37.00 1.41
C PHE B 425 5.47 -36.79 1.85
N PHE B 426 5.78 -35.57 2.27
CA PHE B 426 7.12 -35.22 2.73
C PHE B 426 7.16 -35.11 4.26
N GLY B 427 5.98 -34.98 4.86
CA GLY B 427 5.89 -34.88 6.31
C GLY B 427 5.83 -36.24 6.99
N HIS B 428 5.18 -37.19 6.33
CA HIS B 428 5.03 -38.54 6.86
C HIS B 428 6.27 -39.39 6.56
N ILE B 429 7.01 -39.01 5.52
CA ILE B 429 8.22 -39.71 5.12
C ILE B 429 9.40 -39.34 6.03
N TRP B 430 9.42 -38.08 6.45
CA TRP B 430 10.46 -37.57 7.32
C TRP B 430 10.24 -38.05 8.76
N HIS B 431 8.99 -38.25 9.11
CA HIS B 431 8.61 -38.71 10.46
C HIS B 431 8.60 -40.24 10.52
N GLY B 432 8.46 -40.88 9.36
CA GLY B 432 8.43 -42.32 9.31
C GLY B 432 9.79 -42.96 9.52
N ALA B 433 10.85 -42.19 9.21
CA ALA B 433 12.21 -42.67 9.36
C ALA B 433 12.67 -42.65 10.82
N ARG B 434 12.38 -41.55 11.51
CA ARG B 434 12.76 -41.39 12.91
C ARG B 434 11.73 -42.02 13.85
N THR B 435 10.77 -42.73 13.27
CA THR B 435 9.73 -43.39 14.04
C THR B 435 10.16 -44.76 14.53
N LEU B 436 10.94 -45.46 13.72
CA LEU B 436 11.41 -46.80 14.07
C LEU B 436 12.89 -46.99 13.75
N PHE B 437 13.73 -46.11 14.28
CA PHE B 437 15.17 -46.17 14.06
C PHE B 437 15.94 -45.41 15.13
N ARG B 438 17.10 -45.93 15.51
CA ARG B 438 17.94 -45.30 16.52
C ARG B 438 19.40 -45.26 16.06
N ASP B 439 19.61 -44.69 14.87
CA ASP B 439 20.95 -44.57 14.29
C ASP B 439 21.08 -43.26 13.51
N VAL B 440 22.18 -42.55 13.74
CA VAL B 440 22.43 -41.29 13.07
C VAL B 440 23.90 -41.15 12.68
N LYS C 48 53.98 -46.74 -33.71
CA LYS C 48 52.73 -46.82 -34.53
C LYS C 48 52.06 -45.46 -34.64
N LEU C 49 52.88 -44.41 -34.70
CA LEU C 49 52.38 -43.05 -34.81
C LEU C 49 52.14 -42.66 -36.27
N LEU C 50 53.01 -43.17 -37.15
CA LEU C 50 52.91 -42.90 -38.57
C LEU C 50 51.89 -43.82 -39.25
N GLY C 51 51.74 -45.02 -38.71
CA GLY C 51 50.80 -45.99 -39.25
C GLY C 51 49.36 -45.65 -38.89
N ALA C 52 49.18 -44.91 -37.80
CA ALA C 52 47.85 -44.51 -37.36
C ALA C 52 47.32 -43.37 -38.23
N HIS C 53 48.24 -42.71 -38.95
CA HIS C 53 47.88 -41.61 -39.82
C HIS C 53 47.65 -42.11 -41.26
N VAL C 54 48.30 -43.22 -41.59
CA VAL C 54 48.17 -43.81 -42.92
C VAL C 54 46.89 -44.63 -43.04
N ALA C 55 46.63 -45.46 -42.03
CA ALA C 55 45.44 -46.30 -42.01
C ALA C 55 44.18 -45.46 -41.79
N HIS C 56 44.38 -44.18 -41.49
CA HIS C 56 43.28 -43.25 -41.27
C HIS C 56 42.98 -42.46 -42.54
N ALA C 57 44.03 -42.17 -43.31
CA ALA C 57 43.90 -41.44 -44.55
C ALA C 57 43.39 -42.33 -45.68
N GLY C 58 43.65 -43.63 -45.55
CA GLY C 58 43.21 -44.59 -46.55
C GLY C 58 41.80 -45.09 -46.26
N LEU C 59 41.35 -44.90 -45.03
CA LEU C 59 40.02 -45.33 -44.61
C LEU C 59 39.02 -44.18 -44.66
N ILE C 60 39.53 -42.95 -44.77
CA ILE C 60 38.71 -41.76 -44.83
C ILE C 60 38.52 -41.28 -46.26
N VAL C 61 39.47 -41.64 -47.13
CA VAL C 61 39.42 -41.26 -48.53
C VAL C 61 38.65 -42.29 -49.33
N PHE C 62 38.72 -43.55 -48.90
CA PHE C 62 38.02 -44.65 -49.56
C PHE C 62 36.57 -44.72 -49.10
N TRP C 63 36.26 -44.01 -48.01
CA TRP C 63 34.92 -43.98 -47.46
C TRP C 63 34.17 -42.75 -47.97
N ALA C 64 34.91 -41.70 -48.32
CA ALA C 64 34.33 -40.48 -48.83
C ALA C 64 34.25 -40.53 -50.35
N GLY C 65 35.15 -41.30 -50.96
CA GLY C 65 35.17 -41.45 -52.41
C GLY C 65 34.15 -42.45 -52.88
N ALA C 66 34.02 -43.56 -52.17
CA ALA C 66 33.07 -44.61 -52.51
C ALA C 66 31.63 -44.15 -52.25
N MET C 67 31.49 -43.20 -51.33
CA MET C 67 30.18 -42.65 -50.98
C MET C 67 29.75 -41.63 -52.03
N THR C 68 30.72 -41.16 -52.80
CA THR C 68 30.48 -40.19 -53.87
C THR C 68 30.22 -40.88 -55.20
N LEU C 69 30.85 -42.03 -55.39
CA LEU C 69 30.70 -42.80 -56.62
C LEU C 69 29.41 -43.61 -56.61
N PHE C 70 28.93 -43.94 -55.41
CA PHE C 70 27.69 -44.69 -55.25
C PHE C 70 26.48 -43.76 -55.24
N GLU C 71 26.74 -42.47 -55.06
CA GLU C 71 25.69 -41.46 -55.03
C GLU C 71 25.54 -40.79 -56.40
N LEU C 72 26.63 -40.72 -57.14
CA LEU C 72 26.64 -40.11 -58.46
C LEU C 72 25.88 -40.97 -59.47
N ALA C 73 25.88 -42.28 -59.23
CA ALA C 73 25.19 -43.23 -60.10
C ALA C 73 23.76 -43.47 -59.62
N HIS C 74 23.49 -43.09 -58.37
CA HIS C 74 22.16 -43.26 -57.80
C HIS C 74 21.25 -42.10 -58.20
N PHE C 75 21.80 -40.89 -58.20
CA PHE C 75 21.06 -39.70 -58.56
C PHE C 75 21.22 -39.39 -60.05
N ILE C 76 21.77 -38.21 -60.35
CA ILE C 76 21.99 -37.76 -61.73
C ILE C 76 20.74 -37.91 -62.60
N PRO C 77 19.58 -37.45 -62.07
CA PRO C 77 18.24 -37.46 -62.67
C PRO C 77 18.23 -37.05 -64.14
N GLU C 78 18.36 -35.75 -64.40
CA GLU C 78 18.35 -35.22 -65.76
C GLU C 78 18.61 -33.72 -65.75
N LYS C 79 17.80 -32.99 -65.01
CA LYS C 79 17.93 -31.54 -64.90
C LYS C 79 17.71 -31.06 -63.47
N PRO C 80 17.00 -31.87 -62.66
CA PRO C 80 16.69 -31.56 -61.26
C PRO C 80 17.87 -31.86 -60.35
N MET C 81 18.79 -30.91 -60.26
CA MET C 81 19.98 -31.06 -59.42
C MET C 81 19.69 -30.61 -57.98
N TYR C 82 20.76 -30.38 -57.22
CA TYR C 82 20.66 -29.93 -55.83
C TYR C 82 19.95 -30.94 -54.93
N GLU C 83 19.77 -32.16 -55.41
CA GLU C 83 19.11 -33.22 -54.65
C GLU C 83 20.10 -34.28 -54.24
N GLN C 84 20.68 -34.13 -53.05
CA GLN C 84 21.65 -35.06 -52.50
C GLN C 84 22.97 -35.08 -53.27
N GLY C 85 23.93 -34.28 -52.83
CA GLY C 85 25.22 -34.22 -53.47
C GLY C 85 26.19 -33.31 -52.74
N LEU C 86 26.51 -33.68 -51.50
CA LEU C 86 27.43 -32.91 -50.67
C LEU C 86 28.89 -33.13 -51.09
N ILE C 87 29.16 -34.29 -51.67
CA ILE C 87 30.51 -34.63 -52.12
C ILE C 87 30.70 -34.34 -53.60
N LEU C 88 29.63 -34.47 -54.37
CA LEU C 88 29.68 -34.24 -55.81
C LEU C 88 29.61 -32.75 -56.18
N ILE C 89 29.25 -31.92 -55.20
CA ILE C 89 29.15 -30.47 -55.39
C ILE C 89 30.52 -29.77 -55.46
N PRO C 90 31.42 -30.05 -54.52
CA PRO C 90 32.75 -29.44 -54.49
C PRO C 90 33.63 -29.84 -55.67
N HIS C 91 33.19 -30.84 -56.42
CA HIS C 91 33.94 -31.33 -57.57
C HIS C 91 33.88 -30.36 -58.74
N ILE C 92 32.68 -29.85 -59.03
CA ILE C 92 32.47 -28.91 -60.11
C ILE C 92 33.28 -27.61 -59.95
N ALA C 93 33.61 -27.28 -58.70
CA ALA C 93 34.37 -26.06 -58.42
C ALA C 93 35.85 -26.26 -58.69
N THR C 94 36.16 -27.10 -59.69
CA THR C 94 37.54 -27.40 -60.06
C THR C 94 37.59 -28.17 -61.37
N LEU C 95 36.66 -29.10 -61.54
CA LEU C 95 36.58 -29.92 -62.75
C LEU C 95 35.28 -30.70 -62.77
N GLY C 96 34.29 -30.18 -63.48
CA GLY C 96 33.00 -30.85 -63.57
C GLY C 96 32.03 -30.17 -64.51
N TRP C 97 32.42 -30.05 -65.77
CA TRP C 97 31.59 -29.42 -66.80
C TRP C 97 31.30 -27.95 -66.49
N GLY C 98 30.17 -27.46 -66.95
CA GLY C 98 29.80 -26.07 -66.70
C GLY C 98 28.30 -25.86 -66.76
N VAL C 99 27.77 -25.20 -65.71
CA VAL C 99 26.34 -24.90 -65.59
C VAL C 99 25.52 -26.18 -65.38
N GLY C 100 24.98 -26.71 -66.48
CA GLY C 100 24.17 -27.92 -66.39
C GLY C 100 25.00 -29.16 -66.67
N PRO C 101 24.39 -30.35 -66.67
CA PRO C 101 25.09 -31.61 -66.93
C PRO C 101 25.58 -31.67 -68.37
N GLY C 102 26.83 -32.11 -68.56
CA GLY C 102 27.40 -32.20 -69.89
C GLY C 102 26.78 -33.27 -70.78
N GLY C 103 26.66 -34.48 -70.22
CA GLY C 103 26.08 -35.59 -70.97
C GLY C 103 26.01 -36.87 -70.18
N GLU C 104 26.89 -37.82 -70.52
CA GLU C 104 26.93 -39.10 -69.82
C GLU C 104 28.20 -39.89 -70.12
N VAL C 105 28.65 -39.83 -71.38
CA VAL C 105 29.86 -40.55 -71.79
C VAL C 105 31.13 -39.74 -71.54
N VAL C 106 31.20 -38.55 -72.15
CA VAL C 106 32.35 -37.67 -72.01
C VAL C 106 32.28 -36.82 -70.74
N ASP C 107 31.06 -36.66 -70.22
CA ASP C 107 30.83 -35.87 -69.01
C ASP C 107 31.20 -36.63 -67.73
N THR C 108 30.91 -37.93 -67.72
CA THR C 108 31.20 -38.76 -66.57
C THR C 108 32.66 -39.22 -66.55
N PHE C 109 33.51 -38.55 -67.34
CA PHE C 109 34.92 -38.91 -67.40
C PHE C 109 35.77 -38.20 -66.33
N PRO C 110 35.62 -36.87 -66.19
CA PRO C 110 36.40 -36.15 -65.17
C PRO C 110 35.75 -36.17 -63.79
N PHE C 111 34.58 -36.79 -63.68
CA PHE C 111 33.88 -36.86 -62.41
C PHE C 111 33.88 -38.27 -61.81
N PHE C 112 33.47 -39.25 -62.62
CA PHE C 112 33.41 -40.64 -62.17
C PHE C 112 34.75 -41.37 -62.21
N VAL C 113 35.58 -41.04 -63.20
CA VAL C 113 36.89 -41.66 -63.34
C VAL C 113 37.93 -41.00 -62.45
N VAL C 114 37.68 -39.74 -62.10
CA VAL C 114 38.58 -38.99 -61.25
C VAL C 114 38.42 -39.43 -59.79
N GLY C 115 37.19 -39.77 -59.43
CA GLY C 115 36.90 -40.24 -58.09
C GLY C 115 37.31 -41.68 -57.92
N VAL C 116 37.13 -42.47 -58.98
CA VAL C 116 37.48 -43.88 -58.97
C VAL C 116 39.00 -44.07 -58.95
N VAL C 117 39.71 -43.10 -59.52
CA VAL C 117 41.17 -43.15 -59.54
C VAL C 117 41.76 -42.60 -58.24
N HIS C 118 40.93 -41.88 -57.49
CA HIS C 118 41.35 -41.32 -56.22
C HIS C 118 41.14 -42.31 -55.09
N LEU C 119 40.11 -43.14 -55.22
CA LEU C 119 39.79 -44.15 -54.21
C LEU C 119 40.58 -45.44 -54.46
N ILE C 120 40.89 -45.72 -55.71
CA ILE C 120 41.65 -46.90 -56.08
C ILE C 120 43.14 -46.68 -55.86
N SER C 121 43.52 -45.43 -55.65
CA SER C 121 44.91 -45.06 -55.42
C SER C 121 45.14 -44.76 -53.94
N SER C 122 44.04 -44.54 -53.22
CA SER C 122 44.09 -44.27 -51.79
C SER C 122 44.02 -45.58 -51.01
N ALA C 123 43.08 -46.44 -51.41
CA ALA C 123 42.89 -47.73 -50.77
C ALA C 123 44.01 -48.70 -51.15
N VAL C 124 44.77 -48.34 -52.18
CA VAL C 124 45.90 -49.14 -52.64
C VAL C 124 47.12 -48.82 -51.79
N LEU C 125 47.19 -47.57 -51.34
CA LEU C 125 48.28 -47.10 -50.50
C LEU C 125 47.96 -47.36 -49.03
N GLY C 126 46.68 -47.47 -48.72
CA GLY C 126 46.24 -47.73 -47.36
C GLY C 126 46.23 -49.20 -47.02
N PHE C 127 46.06 -50.05 -48.03
CA PHE C 127 46.04 -51.50 -47.85
C PHE C 127 47.44 -52.03 -47.55
N GLY C 128 48.44 -51.43 -48.20
CA GLY C 128 49.82 -51.84 -48.00
C GLY C 128 50.52 -50.97 -46.97
N GLY C 129 49.89 -49.86 -46.60
CA GLY C 129 50.47 -48.95 -45.63
C GLY C 129 50.14 -49.32 -44.20
N VAL C 130 49.06 -50.09 -44.01
CA VAL C 130 48.61 -50.52 -42.69
C VAL C 130 49.47 -51.67 -42.13
N TYR C 131 50.64 -51.85 -42.71
CA TYR C 131 51.57 -52.89 -42.30
C TYR C 131 52.43 -52.41 -41.14
N HIS C 132 52.43 -51.09 -40.93
CA HIS C 132 53.19 -50.47 -39.86
C HIS C 132 52.46 -50.51 -38.52
N ALA C 133 51.21 -50.98 -38.55
CA ALA C 133 50.39 -51.08 -37.35
C ALA C 133 50.11 -52.54 -36.99
N ILE C 134 50.79 -53.45 -37.67
CA ILE C 134 50.60 -54.89 -37.43
C ILE C 134 51.91 -55.63 -37.19
N ARG C 135 52.97 -55.19 -37.86
CA ARG C 135 54.28 -55.82 -37.72
C ARG C 135 55.42 -54.81 -37.78
N GLY C 136 56.64 -55.29 -38.03
CA GLY C 136 57.80 -54.42 -38.09
C GLY C 136 58.30 -53.98 -36.73
N PRO C 137 59.17 -52.97 -36.70
CA PRO C 137 59.75 -52.40 -35.47
C PRO C 137 58.90 -51.28 -34.90
N GLU C 138 58.57 -51.38 -33.61
CA GLU C 138 57.75 -50.38 -32.95
C GLU C 138 58.49 -49.05 -32.81
N THR C 139 58.00 -48.04 -33.53
CA THR C 139 58.57 -46.69 -33.52
C THR C 139 59.94 -46.62 -34.22
N LEU C 140 60.20 -45.47 -34.83
CA LEU C 140 61.46 -45.24 -35.53
C LEU C 140 61.86 -43.77 -35.42
N GLU C 141 63.03 -43.44 -35.97
CA GLU C 141 63.54 -42.08 -35.93
C GLU C 141 64.27 -41.76 -37.23
N GLU C 142 65.26 -42.59 -37.56
CA GLU C 142 66.06 -42.42 -38.78
C GLU C 142 66.78 -41.07 -38.84
N TYR C 143 67.10 -40.63 -40.06
CA TYR C 143 67.79 -39.36 -40.27
C TYR C 143 67.60 -38.86 -41.71
N TRP C 151 62.00 -39.40 -33.90
CA TRP C 151 60.73 -39.19 -33.13
C TRP C 151 60.90 -39.64 -31.68
N LYS C 152 61.54 -38.79 -30.88
CA LYS C 152 61.76 -39.08 -29.47
C LYS C 152 61.38 -37.89 -28.59
N ASP C 153 60.32 -37.19 -28.99
CA ASP C 153 59.81 -36.02 -28.26
C ASP C 153 60.88 -34.94 -28.05
N LYS C 154 61.84 -34.86 -28.97
CA LYS C 154 62.90 -33.88 -28.88
C LYS C 154 62.48 -32.58 -29.58
N ASN C 155 62.85 -31.45 -28.99
CA ASN C 155 62.50 -30.14 -29.55
C ASN C 155 63.36 -29.83 -30.77
N LYS C 156 64.62 -30.25 -30.72
CA LYS C 156 65.56 -30.01 -31.81
C LYS C 156 65.22 -30.84 -33.04
N MET C 157 64.73 -32.06 -32.82
CA MET C 157 64.36 -32.96 -33.89
C MET C 157 62.94 -32.71 -34.41
N THR C 158 62.11 -32.12 -33.55
CA THR C 158 60.71 -31.82 -33.91
C THR C 158 60.60 -30.65 -34.86
N THR C 159 61.62 -29.81 -34.90
CA THR C 159 61.65 -28.64 -35.77
C THR C 159 61.89 -29.04 -37.22
N ILE C 160 62.84 -29.94 -37.43
CA ILE C 160 63.17 -30.42 -38.77
C ILE C 160 62.16 -31.46 -39.25
N LEU C 161 61.45 -32.07 -38.31
CA LEU C 161 60.45 -33.08 -38.63
C LEU C 161 59.10 -32.44 -38.96
N GLY C 162 58.18 -33.27 -39.46
CA GLY C 162 56.86 -32.77 -39.82
C GLY C 162 56.91 -31.81 -40.99
N PHE C 163 57.82 -32.08 -41.92
CA PHE C 163 58.00 -31.25 -43.11
C PHE C 163 56.84 -31.50 -44.09
N HIS C 164 55.65 -31.09 -43.68
CA HIS C 164 54.45 -31.25 -44.49
C HIS C 164 53.93 -29.88 -44.95
N LEU C 165 54.76 -28.86 -44.77
CA LEU C 165 54.41 -27.51 -45.17
C LEU C 165 54.73 -27.35 -46.66
N ILE C 166 55.83 -27.97 -47.07
CA ILE C 166 56.27 -27.93 -48.47
C ILE C 166 55.54 -28.99 -49.28
N VAL C 167 54.77 -29.83 -48.60
CA VAL C 167 54.00 -30.88 -49.25
C VAL C 167 52.55 -30.46 -49.39
N LEU C 168 52.08 -29.67 -48.43
CA LEU C 168 50.71 -29.17 -48.43
C LEU C 168 50.63 -27.82 -49.14
N GLY C 169 51.77 -27.13 -49.20
CA GLY C 169 51.83 -25.85 -49.88
C GLY C 169 51.91 -26.06 -51.37
N ILE C 170 52.72 -27.02 -51.79
CA ILE C 170 52.88 -27.36 -53.19
C ILE C 170 51.77 -28.31 -53.65
N GLY C 171 50.85 -28.59 -52.73
CA GLY C 171 49.73 -29.48 -53.03
C GLY C 171 48.40 -28.73 -53.04
N ALA C 172 48.42 -27.51 -52.51
CA ALA C 172 47.22 -26.67 -52.44
C ALA C 172 47.32 -25.55 -53.47
N LEU C 173 48.55 -25.19 -53.82
CA LEU C 173 48.80 -24.14 -54.81
C LEU C 173 48.90 -24.75 -56.21
N LEU C 174 49.22 -26.04 -56.27
CA LEU C 174 49.33 -26.76 -57.52
C LEU C 174 47.97 -27.30 -57.95
N LEU C 175 47.07 -27.47 -56.98
CA LEU C 175 45.73 -27.98 -57.24
C LEU C 175 44.77 -26.84 -57.58
N VAL C 176 45.10 -25.63 -57.12
CA VAL C 176 44.27 -24.47 -57.36
C VAL C 176 44.67 -23.77 -58.67
N ALA C 177 45.97 -23.71 -58.92
CA ALA C 177 46.49 -23.08 -60.13
C ALA C 177 46.36 -24.01 -61.33
N LYS C 178 45.86 -25.22 -61.09
CA LYS C 178 45.66 -26.20 -62.15
C LYS C 178 44.47 -25.82 -63.02
N ALA C 179 43.66 -24.88 -62.51
CA ALA C 179 42.48 -24.41 -63.22
C ALA C 179 42.88 -23.56 -64.44
N MET C 180 43.88 -22.71 -64.26
CA MET C 180 44.36 -21.85 -65.35
C MET C 180 45.12 -22.64 -66.41
N PHE C 181 45.18 -23.95 -66.22
CA PHE C 181 45.88 -24.84 -67.16
C PHE C 181 44.95 -25.94 -67.66
N PHE C 182 43.73 -25.98 -67.14
CA PHE C 182 42.75 -26.99 -67.53
C PHE C 182 41.34 -26.41 -67.70
N GLY C 183 40.67 -26.15 -66.59
CA GLY C 183 39.32 -25.62 -66.65
C GLY C 183 39.20 -24.16 -66.26
N GLY C 184 38.92 -23.91 -64.98
CA GLY C 184 38.78 -22.56 -64.50
C GLY C 184 37.55 -22.38 -63.62
N LEU C 185 37.12 -23.47 -63.00
CA LEU C 185 35.95 -23.48 -62.13
C LEU C 185 34.68 -23.07 -62.87
N TYR C 186 33.71 -22.51 -62.15
CA TYR C 186 32.45 -22.08 -62.75
C TYR C 186 31.72 -21.08 -61.85
N ASP C 187 31.92 -19.80 -62.12
CA ASP C 187 31.29 -18.73 -61.34
C ASP C 187 31.44 -17.39 -62.07
N THR C 188 30.95 -16.32 -61.44
CA THR C 188 31.02 -14.98 -62.00
C THR C 188 30.20 -14.78 -63.28
N TRP C 189 30.68 -15.38 -64.38
CA TRP C 189 29.99 -15.28 -65.67
C TRP C 189 28.72 -16.12 -65.69
N ALA C 190 28.79 -17.30 -66.31
CA ALA C 190 27.65 -18.20 -66.41
C ALA C 190 28.10 -19.62 -66.73
N PRO C 191 29.23 -19.76 -67.44
CA PRO C 191 29.82 -21.03 -67.83
C PRO C 191 31.14 -21.28 -67.10
N GLY C 192 32.24 -21.34 -67.86
CA GLY C 192 33.54 -21.57 -67.28
C GLY C 192 34.65 -21.04 -68.17
N GLY C 193 35.72 -20.54 -67.55
CA GLY C 193 36.83 -20.01 -68.32
C GLY C 193 37.77 -19.16 -67.49
N GLY C 194 38.68 -19.81 -66.78
CA GLY C 194 39.64 -19.10 -65.94
C GLY C 194 40.67 -18.34 -66.74
N ASP C 195 41.09 -17.18 -66.23
CA ASP C 195 42.08 -16.34 -66.88
C ASP C 195 42.50 -15.18 -65.98
N VAL C 196 43.56 -14.49 -66.39
CA VAL C 196 44.11 -13.35 -65.64
C VAL C 196 44.69 -13.74 -64.29
N ARG C 197 44.88 -12.74 -63.43
CA ARG C 197 45.45 -12.95 -62.09
C ARG C 197 45.28 -11.68 -61.25
N VAL C 198 44.42 -11.75 -60.25
CA VAL C 198 44.16 -10.63 -59.36
C VAL C 198 45.00 -10.69 -58.08
N ILE C 199 46.23 -10.20 -58.18
CA ILE C 199 47.15 -10.20 -57.04
C ILE C 199 47.63 -8.81 -56.68
N LYS C 215 49.67 -8.88 -48.05
CA LYS C 215 48.39 -9.52 -48.48
C LYS C 215 47.51 -8.55 -49.26
N SER C 216 46.78 -9.08 -50.23
CA SER C 216 45.88 -8.26 -51.06
C SER C 216 44.55 -7.95 -50.37
N PRO C 217 43.88 -8.97 -49.81
CA PRO C 217 42.59 -8.74 -49.14
C PRO C 217 42.79 -8.22 -47.72
N PHE C 218 41.74 -8.34 -46.90
CA PHE C 218 41.78 -7.89 -45.52
C PHE C 218 42.70 -8.75 -44.65
N GLY C 219 43.26 -8.14 -43.61
CA GLY C 219 44.15 -8.86 -42.73
C GLY C 219 43.43 -9.68 -41.67
N GLY C 220 42.19 -9.31 -41.40
CA GLY C 220 41.40 -10.03 -40.40
C GLY C 220 40.74 -11.28 -40.95
N GLU C 221 39.86 -11.88 -40.15
CA GLU C 221 39.14 -13.08 -40.55
C GLU C 221 38.08 -12.75 -41.60
N GLY C 222 38.38 -13.06 -42.86
CA GLY C 222 37.46 -12.79 -43.94
C GLY C 222 37.17 -14.03 -44.75
N TRP C 223 36.18 -14.79 -44.32
CA TRP C 223 35.78 -16.02 -45.00
C TRP C 223 35.07 -15.73 -46.32
N ILE C 224 34.27 -14.66 -46.33
CA ILE C 224 33.52 -14.27 -47.51
C ILE C 224 34.37 -13.42 -48.46
N VAL C 225 35.52 -13.96 -48.85
CA VAL C 225 36.43 -13.26 -49.76
C VAL C 225 36.09 -13.54 -51.22
N SER C 226 35.16 -14.46 -51.45
CA SER C 226 34.73 -14.82 -52.79
C SER C 226 33.66 -13.84 -53.28
N VAL C 227 34.01 -12.56 -53.27
CA VAL C 227 33.10 -11.50 -53.70
C VAL C 227 33.00 -11.33 -55.21
N ASN C 228 32.90 -10.07 -55.66
CA ASN C 228 32.79 -9.74 -57.08
C ASN C 228 33.78 -10.49 -57.96
N ASN C 229 35.07 -10.32 -57.69
CA ASN C 229 36.10 -11.00 -58.45
C ASN C 229 36.44 -12.32 -57.78
N LEU C 230 35.95 -13.42 -58.37
CA LEU C 230 36.19 -14.75 -57.83
C LEU C 230 37.58 -15.29 -58.16
N GLU C 231 38.32 -14.54 -58.98
CA GLU C 231 39.68 -14.94 -59.36
C GLU C 231 40.67 -14.70 -58.24
N ASP C 232 40.30 -13.86 -57.28
CA ASP C 232 41.17 -13.55 -56.14
C ASP C 232 41.35 -14.72 -55.19
N VAL C 233 40.52 -15.75 -55.35
CA VAL C 233 40.59 -16.94 -54.50
C VAL C 233 41.77 -17.83 -54.89
N VAL C 234 41.98 -17.99 -56.19
CA VAL C 234 43.07 -18.81 -56.71
C VAL C 234 44.43 -18.13 -56.55
N GLY C 235 44.44 -16.81 -56.70
CA GLY C 235 45.67 -16.05 -56.55
C GLY C 235 46.12 -15.92 -55.11
N GLY C 236 45.19 -16.17 -54.19
CA GLY C 236 45.51 -16.08 -52.77
C GLY C 236 46.18 -17.34 -52.26
N HIS C 237 46.28 -18.35 -53.11
CA HIS C 237 46.89 -19.62 -52.76
C HIS C 237 48.32 -19.71 -53.31
N ILE C 238 48.57 -19.02 -54.41
CA ILE C 238 49.88 -19.01 -55.05
C ILE C 238 50.89 -18.11 -54.34
N TRP C 239 50.40 -17.12 -53.61
CA TRP C 239 51.25 -16.18 -52.90
C TRP C 239 51.48 -16.66 -51.46
N ILE C 240 50.37 -16.96 -50.77
CA ILE C 240 50.44 -17.42 -49.39
C ILE C 240 50.87 -18.88 -49.27
N GLY C 241 50.94 -19.56 -50.42
CA GLY C 241 51.34 -20.96 -50.44
C GLY C 241 52.83 -21.12 -50.67
N LEU C 242 53.35 -20.44 -51.68
CA LEU C 242 54.77 -20.50 -52.02
C LEU C 242 55.63 -19.78 -50.99
N ILE C 243 55.00 -18.95 -50.16
CA ILE C 243 55.70 -18.22 -49.12
C ILE C 243 55.67 -19.00 -47.80
N CYS C 244 54.75 -19.98 -47.74
CA CYS C 244 54.59 -20.81 -46.56
C CYS C 244 55.40 -22.11 -46.69
N ILE C 245 55.56 -22.56 -47.93
CA ILE C 245 56.29 -23.79 -48.21
C ILE C 245 57.80 -23.53 -48.22
N ALA C 246 58.20 -22.38 -48.76
CA ALA C 246 59.60 -21.99 -48.81
C ALA C 246 60.05 -21.44 -47.46
N GLY C 247 59.12 -20.86 -46.73
CA GLY C 247 59.43 -20.30 -45.42
C GLY C 247 59.35 -21.34 -44.31
N GLY C 248 58.65 -22.44 -44.60
CA GLY C 248 58.51 -23.51 -43.62
C GLY C 248 59.70 -24.44 -43.61
N ILE C 249 60.19 -24.80 -44.79
CA ILE C 249 61.33 -25.69 -44.94
C ILE C 249 62.63 -25.00 -44.55
N TRP C 250 62.59 -23.67 -44.48
CA TRP C 250 63.75 -22.87 -44.11
C TRP C 250 63.79 -22.61 -42.60
N HIS C 251 62.63 -22.72 -41.96
CA HIS C 251 62.52 -22.50 -40.52
C HIS C 251 63.04 -23.68 -39.71
N ILE C 252 63.27 -24.80 -40.38
CA ILE C 252 63.78 -26.02 -39.73
C ILE C 252 65.29 -25.94 -39.53
N ALA C 260 64.58 -16.75 -28.24
CA ALA C 260 64.50 -17.64 -27.05
C ALA C 260 63.76 -18.94 -27.35
N ARG C 261 64.16 -20.00 -26.66
CA ARG C 261 63.55 -21.31 -26.85
C ARG C 261 62.39 -21.54 -25.86
N ARG C 262 61.96 -20.48 -25.20
CA ARG C 262 60.87 -20.57 -24.24
C ARG C 262 59.54 -20.11 -24.84
N ALA C 263 58.94 -20.97 -25.64
CA ALA C 263 57.66 -20.68 -26.29
C ALA C 263 56.70 -21.85 -26.07
N PHE C 264 56.17 -21.94 -24.85
CA PHE C 264 55.24 -22.99 -24.46
C PHE C 264 55.94 -24.34 -24.36
N ILE C 265 55.19 -25.36 -23.93
CA ILE C 265 55.74 -26.70 -23.78
C ILE C 265 55.66 -27.50 -25.07
N TRP C 266 56.78 -27.55 -25.81
CA TRP C 266 56.84 -28.29 -27.06
C TRP C 266 56.67 -29.78 -26.77
N SER C 267 55.71 -30.42 -27.43
CA SER C 267 55.45 -31.83 -27.23
C SER C 267 54.63 -32.43 -28.37
N GLY C 268 54.27 -33.70 -28.23
CA GLY C 268 53.48 -34.38 -29.24
C GLY C 268 52.00 -34.10 -29.10
N GLU C 269 51.57 -33.79 -27.88
CA GLU C 269 50.16 -33.50 -27.61
C GLU C 269 49.85 -32.02 -27.82
N ALA C 270 50.83 -31.17 -27.51
CA ALA C 270 50.66 -29.73 -27.66
C ALA C 270 50.60 -29.34 -29.14
N TYR C 271 51.29 -30.09 -29.97
CA TYR C 271 51.31 -29.85 -31.41
C TYR C 271 50.07 -30.43 -32.07
N LEU C 272 49.45 -31.41 -31.42
CA LEU C 272 48.25 -32.06 -31.94
C LEU C 272 47.01 -31.25 -31.61
N SER C 273 47.01 -30.57 -30.47
CA SER C 273 45.89 -29.75 -30.03
C SER C 273 45.84 -28.44 -30.79
N TYR C 274 47.01 -27.89 -31.11
CA TYR C 274 47.10 -26.63 -31.85
C TYR C 274 46.78 -26.88 -33.32
N SER C 275 47.05 -28.10 -33.78
CA SER C 275 46.79 -28.48 -35.17
C SER C 275 45.30 -28.73 -35.39
N LEU C 276 44.61 -29.17 -34.34
CA LEU C 276 43.18 -29.44 -34.40
C LEU C 276 42.38 -28.18 -34.12
N GLY C 277 42.93 -27.31 -33.28
CA GLY C 277 42.27 -26.07 -32.93
C GLY C 277 42.28 -25.08 -34.08
N ALA C 278 43.29 -25.19 -34.94
CA ALA C 278 43.42 -24.33 -36.10
C ALA C 278 42.62 -24.88 -37.28
N LEU C 279 42.51 -26.21 -37.33
CA LEU C 279 41.77 -26.88 -38.39
C LEU C 279 40.27 -26.77 -38.15
N SER C 280 39.87 -26.74 -36.88
CA SER C 280 38.46 -26.62 -36.50
C SER C 280 37.99 -25.19 -36.65
N MET C 281 38.93 -24.24 -36.57
CA MET C 281 38.61 -22.83 -36.71
C MET C 281 38.28 -22.54 -38.17
N MET C 282 38.80 -23.37 -39.06
CA MET C 282 38.57 -23.23 -40.50
C MET C 282 37.37 -24.08 -40.92
N GLY C 283 36.93 -24.96 -40.03
CA GLY C 283 35.78 -25.81 -40.31
C GLY C 283 34.49 -25.12 -39.95
N PHE C 284 34.48 -24.44 -38.81
CA PHE C 284 33.29 -23.71 -38.35
C PHE C 284 33.08 -22.47 -39.19
N ILE C 285 34.17 -21.99 -39.80
CA ILE C 285 34.12 -20.80 -40.66
C ILE C 285 33.64 -21.19 -42.06
N ALA C 286 34.16 -22.30 -42.57
CA ALA C 286 33.80 -22.80 -43.89
C ALA C 286 32.39 -23.38 -43.90
N THR C 287 31.83 -23.61 -42.72
CA THR C 287 30.49 -24.14 -42.58
C THR C 287 29.48 -23.01 -42.77
N CYS C 288 29.99 -21.83 -43.11
CA CYS C 288 29.17 -20.65 -43.34
C CYS C 288 29.63 -19.94 -44.60
N PHE C 289 30.92 -20.07 -44.90
CA PHE C 289 31.50 -19.45 -46.09
C PHE C 289 31.10 -20.23 -47.33
N VAL C 290 30.81 -21.51 -47.14
CA VAL C 290 30.40 -22.38 -48.24
C VAL C 290 28.88 -22.45 -48.31
N TRP C 291 28.22 -21.42 -47.82
CA TRP C 291 26.77 -21.34 -47.82
C TRP C 291 26.29 -19.88 -47.79
N PHE C 292 27.16 -18.97 -48.23
CA PHE C 292 26.84 -17.55 -48.27
C PHE C 292 27.32 -16.88 -49.55
N ASN C 293 28.61 -16.56 -49.62
CA ASN C 293 29.19 -15.92 -50.78
C ASN C 293 29.76 -16.92 -51.77
N ASN C 294 29.09 -17.06 -52.92
CA ASN C 294 29.50 -17.98 -53.97
C ASN C 294 29.66 -19.41 -53.45
N THR C 295 30.87 -19.95 -53.54
CA THR C 295 31.18 -21.31 -53.09
C THR C 295 30.53 -22.38 -53.96
N VAL C 296 29.21 -22.39 -53.99
CA VAL C 296 28.45 -23.36 -54.78
C VAL C 296 27.13 -22.75 -55.27
N TYR C 297 27.03 -22.61 -56.59
CA TYR C 297 25.83 -22.04 -57.22
C TYR C 297 24.58 -22.91 -57.11
N PRO C 298 24.71 -24.25 -57.22
CA PRO C 298 23.50 -25.07 -57.12
C PRO C 298 22.86 -25.06 -55.73
N UNK C 299 23.65 -24.75 -54.72
CA UNK C 299 23.17 -24.69 -53.34
C UNK C 299 22.43 -23.38 -53.01
N UNK C 300 21.56 -23.43 -52.01
CA UNK C 300 20.80 -22.25 -51.60
C UNK C 300 21.46 -21.58 -50.38
N UNK C 301 20.89 -20.47 -49.93
CA UNK C 301 21.42 -19.74 -48.79
C UNK C 301 20.34 -19.01 -47.99
N UNK C 302 20.75 -18.44 -46.86
CA UNK C 302 19.85 -17.70 -45.99
C UNK C 302 19.53 -16.33 -46.59
N UNK C 303 20.32 -15.93 -47.59
CA UNK C 303 20.12 -14.67 -48.29
C UNK C 303 19.49 -14.95 -49.65
N UNK C 304 19.28 -16.23 -49.95
CA UNK C 304 18.68 -16.66 -51.20
C UNK C 304 17.22 -17.00 -50.95
N UNK C 305 16.90 -17.45 -49.74
CA UNK C 305 15.54 -17.81 -49.35
C UNK C 305 14.88 -16.66 -48.59
N UNK C 306 15.33 -15.45 -48.88
CA UNK C 306 14.80 -14.25 -48.24
C UNK C 306 14.81 -13.07 -49.20
N UNK C 307 15.88 -12.98 -50.01
CA UNK C 307 16.00 -11.91 -51.00
C UNK C 307 15.28 -12.29 -52.28
N UNK C 308 15.39 -13.56 -52.67
CA UNK C 308 14.74 -14.06 -53.87
C UNK C 308 13.25 -14.28 -53.60
N UNK C 309 12.92 -14.56 -52.34
CA UNK C 309 11.54 -14.79 -51.93
C UNK C 309 10.80 -13.45 -51.95
N UNK C 310 11.54 -12.38 -51.75
CA UNK C 310 10.98 -11.02 -51.76
C UNK C 310 10.87 -10.55 -53.19
N UNK C 311 11.74 -11.08 -54.05
CA UNK C 311 11.76 -10.73 -55.46
C UNK C 311 10.67 -11.50 -56.22
N UNK C 312 10.19 -12.58 -55.61
CA UNK C 312 9.15 -13.41 -56.21
C UNK C 312 7.77 -12.92 -55.78
N UNK C 313 7.73 -12.21 -54.66
CA UNK C 313 6.48 -11.67 -54.12
C UNK C 313 6.22 -10.27 -54.67
N UNK C 314 7.28 -9.60 -55.09
CA UNK C 314 7.19 -8.25 -55.64
C UNK C 314 6.97 -8.28 -57.15
N UNK C 315 7.54 -9.30 -57.80
CA UNK C 315 7.42 -9.46 -59.25
C UNK C 315 6.04 -10.01 -59.62
N UNK C 316 5.43 -10.73 -58.69
CA UNK C 316 4.10 -11.30 -58.90
C UNK C 316 3.02 -10.29 -58.57
N UNK C 317 3.37 -9.31 -57.74
CA UNK C 317 2.45 -8.26 -57.33
C UNK C 317 2.45 -7.09 -58.32
N UNK C 318 3.64 -6.77 -58.84
CA UNK C 318 3.79 -5.68 -59.80
C UNK C 318 3.18 -6.02 -61.16
N UNK C 319 3.08 -7.32 -61.44
CA UNK C 319 2.49 -7.79 -62.70
C UNK C 319 1.00 -7.51 -62.72
N UNK C 320 0.42 -7.31 -61.54
CA UNK C 320 -1.01 -7.04 -61.42
C UNK C 320 -1.33 -5.56 -61.23
N UNK C 321 -0.38 -4.79 -60.68
CA UNK C 321 -0.60 -3.36 -60.44
C UNK C 321 0.62 -2.48 -60.67
N UNK C 322 1.69 -2.77 -59.93
CA UNK C 322 2.97 -2.03 -59.99
C UNK C 322 3.01 -0.80 -59.08
N UNK C 323 4.14 -0.08 -59.13
CA UNK C 323 4.39 1.11 -58.33
C UNK C 323 4.63 0.78 -56.85
N UNK C 324 5.86 0.38 -56.55
CA UNK C 324 6.25 0.03 -55.18
C UNK C 324 6.57 1.26 -54.33
N UNK C 325 5.61 1.66 -53.50
CA UNK C 325 5.75 2.80 -52.61
C UNK C 325 4.46 3.01 -51.82
N UNK C 326 4.32 2.28 -50.72
CA UNK C 326 3.14 2.38 -49.88
C UNK C 326 3.46 2.21 -48.39
N UNK C 327 2.52 1.63 -47.65
CA UNK C 327 2.69 1.40 -46.21
C UNK C 327 1.68 0.36 -45.74
N UNK C 328 2.17 -0.74 -45.18
CA UNK C 328 1.30 -1.80 -44.68
C UNK C 328 1.39 -2.00 -43.17
N UNK C 329 2.53 -1.64 -42.60
CA UNK C 329 2.74 -1.78 -41.16
C UNK C 329 3.74 -0.74 -40.66
N UNK C 330 4.95 -0.80 -41.18
CA UNK C 330 6.02 0.12 -40.80
C UNK C 330 7.03 0.21 -41.93
N UNK C 331 6.63 0.93 -42.99
CA UNK C 331 7.46 1.12 -44.18
C UNK C 331 7.65 -0.18 -44.96
N UNK C 332 8.43 -0.12 -46.03
CA UNK C 332 8.72 -1.26 -46.89
C UNK C 332 7.48 -1.76 -47.64
N UNK C 333 6.60 -2.47 -46.94
CA UNK C 333 5.37 -3.01 -47.51
C UNK C 333 5.64 -3.95 -48.68
N UNK C 334 5.80 -3.38 -49.87
CA UNK C 334 6.09 -4.17 -51.06
C UNK C 334 7.56 -4.56 -51.07
N UNK C 335 8.43 -3.57 -51.25
CA UNK C 335 9.88 -3.81 -51.27
C UNK C 335 10.69 -2.52 -51.09
N UNK C 336 11.88 -2.68 -50.53
CA UNK C 336 12.82 -1.58 -50.27
C UNK C 336 12.39 -0.66 -49.13
N UNK C 337 13.05 -0.80 -47.98
CA UNK C 337 12.76 0.01 -46.81
C UNK C 337 13.81 1.09 -46.58
N UNK C 338 15.03 0.85 -47.07
CA UNK C 338 16.15 1.79 -46.94
C UNK C 338 16.55 2.02 -45.49
N UNK C 339 17.50 1.22 -45.01
CA UNK C 339 17.97 1.32 -43.63
C UNK C 339 19.50 1.24 -43.54
N UNK C 340 20.01 1.54 -42.34
CA UNK C 340 21.44 1.51 -42.05
C UNK C 340 22.25 2.56 -42.81
N UNK C 341 22.65 2.25 -44.04
CA UNK C 341 23.43 3.17 -44.85
C UNK C 341 23.16 3.07 -46.36
N UNK C 342 22.37 2.08 -46.75
CA UNK C 342 22.04 1.87 -48.16
C UNK C 342 20.58 2.16 -48.50
N UNK C 343 20.31 2.25 -49.80
CA UNK C 343 18.96 2.50 -50.30
C UNK C 343 18.16 1.20 -50.40
N UNK C 344 18.88 0.10 -50.63
CA UNK C 344 18.28 -1.23 -50.75
C UNK C 344 17.30 -1.37 -51.91
N UNK C 345 17.14 -0.30 -52.68
CA UNK C 345 16.23 -0.29 -53.81
C UNK C 345 16.79 -1.05 -55.02
N UNK C 346 18.12 -1.06 -55.14
CA UNK C 346 18.81 -1.73 -56.24
C UNK C 346 18.39 -1.14 -57.58
N UNK C 347 18.45 0.19 -57.66
CA UNK C 347 18.09 0.92 -58.87
C UNK C 347 16.61 0.80 -59.24
N UNK C 348 15.86 1.88 -59.06
CA UNK C 348 14.43 1.92 -59.37
C UNK C 348 14.16 1.86 -60.87
N UNK C 349 15.24 1.95 -61.67
CA UNK C 349 15.11 1.89 -63.12
C UNK C 349 14.98 0.44 -63.59
N UNK C 350 15.60 -0.47 -62.86
CA UNK C 350 15.55 -1.90 -63.21
C UNK C 350 14.34 -2.62 -62.60
N UNK C 351 13.50 -1.87 -61.88
CA UNK C 351 12.31 -2.44 -61.26
C UNK C 351 11.09 -2.18 -62.13
N UNK C 352 10.96 -0.95 -62.60
CA UNK C 352 9.83 -0.55 -63.44
C UNK C 352 9.85 -1.17 -64.84
N UNK C 353 10.92 -0.92 -65.58
CA UNK C 353 11.06 -1.46 -66.93
C UNK C 353 11.54 -2.90 -66.88
N UNK C 354 12.51 -3.15 -66.00
CA UNK C 354 13.11 -4.47 -65.80
C UNK C 354 13.90 -4.96 -67.01
N UNK C 355 14.62 -6.07 -66.80
CA UNK C 355 15.43 -6.68 -67.84
C UNK C 355 15.62 -8.17 -67.56
N UNK C 356 14.66 -8.76 -66.85
CA UNK C 356 14.68 -10.17 -66.51
C UNK C 356 13.35 -10.84 -66.86
N UNK C 357 13.43 -12.06 -67.37
CA UNK C 357 12.24 -12.82 -67.75
C UNK C 357 12.49 -14.31 -67.53
N UNK C 358 13.67 -14.77 -67.97
CA UNK C 358 14.05 -16.17 -67.83
C UNK C 358 14.96 -16.36 -66.62
N UNK C 359 15.59 -15.29 -66.18
CA UNK C 359 16.49 -15.33 -65.04
C UNK C 359 15.76 -15.05 -63.72
N UNK C 360 14.58 -14.44 -63.83
CA UNK C 360 13.76 -14.12 -62.67
C UNK C 360 12.89 -15.30 -62.25
N UNK C 361 12.42 -16.05 -63.24
CA UNK C 361 11.57 -17.21 -62.99
C UNK C 361 12.38 -18.43 -62.53
N UNK C 362 13.69 -18.37 -62.75
CA UNK C 362 14.59 -19.45 -62.34
C UNK C 362 15.03 -19.28 -60.90
N UNK C 363 15.21 -18.02 -60.48
CA UNK C 363 15.65 -17.72 -59.12
C UNK C 363 14.54 -17.97 -58.11
N UNK C 364 13.28 -17.82 -58.54
CA UNK C 364 12.13 -18.02 -57.67
C UNK C 364 11.85 -19.51 -57.42
N UNK C 365 12.59 -20.38 -58.11
CA UNK C 365 12.42 -21.82 -57.97
C UNK C 365 13.19 -22.37 -56.77
N UNK C 366 14.28 -21.69 -56.42
CA UNK C 366 15.12 -22.09 -55.30
C UNK C 366 14.61 -21.57 -53.96
N UNK C 367 14.04 -20.37 -53.97
CA UNK C 367 13.51 -19.74 -52.77
C UNK C 367 12.26 -20.45 -52.26
N UNK C 368 11.57 -21.16 -53.15
CA UNK C 368 10.35 -21.89 -52.79
C UNK C 368 10.64 -23.21 -52.09
N UNK C 369 11.92 -23.55 -51.96
CA UNK C 369 12.34 -24.79 -51.33
C UNK C 369 13.03 -24.57 -49.98
N UNK C 370 13.37 -23.32 -49.69
CA UNK C 370 14.05 -22.95 -48.45
C UNK C 370 15.42 -23.61 -48.31
N UNK C 371 16.27 -23.06 -47.45
CA UNK C 371 17.60 -23.60 -47.24
C UNK C 371 17.79 -24.12 -45.82
N UNK C 372 17.27 -23.36 -44.84
CA UNK C 372 17.39 -23.73 -43.43
C UNK C 372 16.85 -25.13 -43.14
N UNK C 373 15.58 -25.36 -43.47
CA UNK C 373 14.95 -26.66 -43.26
C UNK C 373 13.67 -26.76 -44.07
N UNK C 374 13.74 -27.50 -45.18
CA UNK C 374 12.58 -27.69 -46.05
C UNK C 374 11.51 -28.56 -45.38
N UNK C 375 11.89 -29.77 -44.98
CA UNK C 375 10.97 -30.69 -44.33
C UNK C 375 11.69 -31.75 -43.52
N VAL C 407 -5.25 -29.81 -41.51
CA VAL C 407 -3.92 -29.81 -42.19
C VAL C 407 -3.37 -28.40 -42.38
N GLY C 408 -2.05 -28.30 -42.51
CA GLY C 408 -1.42 -27.01 -42.71
C GLY C 408 -0.78 -26.89 -44.08
N GLY C 409 0.40 -26.26 -44.13
CA GLY C 409 1.10 -26.09 -45.39
C GLY C 409 2.24 -27.08 -45.56
N VAL C 410 3.46 -26.56 -45.59
CA VAL C 410 4.66 -27.38 -45.75
C VAL C 410 5.92 -26.52 -45.61
N ALA C 411 6.50 -26.51 -44.42
CA ALA C 411 7.71 -25.73 -44.15
C ALA C 411 8.36 -26.14 -42.82
N THR C 412 8.77 -25.14 -42.04
CA THR C 412 9.43 -25.38 -40.75
C THR C 412 8.50 -26.02 -39.71
N GLU C 413 7.21 -26.11 -40.04
CA GLU C 413 6.23 -26.70 -39.13
C GLU C 413 5.11 -27.39 -39.91
N ILE C 414 5.11 -28.72 -39.86
CA ILE C 414 4.13 -29.56 -40.54
C ILE C 414 4.25 -29.53 -42.06
N ASN C 415 4.89 -30.57 -42.59
CA ASN C 415 5.11 -30.70 -44.04
C ASN C 415 4.51 -31.99 -44.58
N SER C 416 4.82 -32.32 -45.83
CA SER C 416 4.31 -33.52 -46.47
C SER C 416 5.24 -34.12 -47.52
N VAL C 417 5.31 -33.49 -48.68
CA VAL C 417 6.17 -33.99 -49.76
C VAL C 417 7.21 -32.98 -50.20
N ASN C 418 8.48 -33.34 -50.06
CA ASN C 418 9.59 -32.48 -50.44
C ASN C 418 10.78 -33.31 -50.93
N PHE C 419 11.99 -32.84 -50.64
CA PHE C 419 13.21 -33.53 -51.04
C PHE C 419 14.24 -33.51 -49.92
N VAL C 420 15.13 -32.52 -49.94
CA VAL C 420 16.17 -32.34 -48.92
C VAL C 420 16.90 -31.01 -49.07
N SER C 421 17.42 -30.50 -47.95
CA SER C 421 18.15 -29.23 -47.95
C SER C 421 19.53 -29.39 -48.59
N PRO C 422 20.14 -28.27 -49.00
CA PRO C 422 21.46 -28.20 -49.64
C PRO C 422 22.64 -28.25 -48.67
N ARG C 423 23.21 -27.08 -48.38
CA ARG C 423 24.35 -26.97 -47.47
C ARG C 423 23.98 -27.07 -45.99
N SER C 424 22.70 -27.27 -45.70
CA SER C 424 22.24 -27.38 -44.32
C SER C 424 22.73 -28.67 -43.65
N TRP C 425 23.02 -29.68 -44.45
CA TRP C 425 23.51 -30.95 -43.93
C TRP C 425 24.98 -30.88 -43.55
N LEU C 426 25.74 -30.01 -44.23
CA LEU C 426 27.16 -29.84 -43.96
C LEU C 426 27.36 -28.87 -42.79
N ALA C 427 26.43 -27.94 -42.63
CA ALA C 427 26.49 -26.95 -41.56
C ALA C 427 25.73 -27.44 -40.33
N THR C 428 25.68 -28.75 -40.15
CA THR C 428 24.97 -29.35 -39.02
C THR C 428 25.46 -30.78 -38.75
N SER C 429 26.47 -31.21 -39.50
CA SER C 429 27.05 -32.53 -39.35
C SER C 429 28.57 -32.41 -39.29
N HIS C 430 29.11 -31.51 -40.09
CA HIS C 430 30.54 -31.25 -40.13
C HIS C 430 30.88 -30.12 -39.15
N PHE C 431 29.93 -29.22 -38.95
CA PHE C 431 30.09 -28.09 -38.04
C PHE C 431 29.88 -28.55 -36.60
N VAL C 432 29.11 -29.62 -36.44
CA VAL C 432 28.84 -30.19 -35.12
C VAL C 432 29.98 -31.10 -34.72
N LEU C 433 30.69 -31.62 -35.72
CA LEU C 433 31.83 -32.50 -35.49
C LEU C 433 33.11 -31.69 -35.32
N ALA C 434 33.08 -30.44 -35.78
CA ALA C 434 34.23 -29.54 -35.68
C ALA C 434 34.23 -28.81 -34.33
N PHE C 435 33.04 -28.57 -33.80
CA PHE C 435 32.89 -27.88 -32.52
C PHE C 435 33.01 -28.86 -31.35
N PHE C 436 32.88 -30.15 -31.63
CA PHE C 436 32.99 -31.19 -30.62
C PHE C 436 34.43 -31.65 -30.50
N PHE C 437 35.15 -31.67 -31.63
CA PHE C 437 36.54 -32.08 -31.65
C PHE C 437 37.44 -30.97 -31.13
N LEU C 438 37.00 -29.73 -31.28
CA LEU C 438 37.75 -28.56 -30.82
C LEU C 438 37.62 -28.43 -29.31
N VAL C 439 36.49 -28.87 -28.77
CA VAL C 439 36.24 -28.81 -27.34
C VAL C 439 37.01 -29.92 -26.62
N GLY C 440 37.32 -30.98 -27.36
CA GLY C 440 38.07 -32.08 -26.81
C GLY C 440 39.55 -31.95 -27.04
N HIS C 441 39.93 -31.04 -27.94
CA HIS C 441 41.33 -30.80 -28.27
C HIS C 441 41.93 -29.73 -27.36
N LEU C 442 41.17 -28.66 -27.13
CA LEU C 442 41.61 -27.56 -26.27
C LEU C 442 41.66 -28.02 -24.81
N TRP C 443 40.81 -28.99 -24.47
CA TRP C 443 40.76 -29.53 -23.12
C TRP C 443 41.89 -30.54 -22.93
N HIS C 444 42.33 -31.13 -24.05
CA HIS C 444 43.40 -32.11 -24.04
C HIS C 444 44.76 -31.42 -23.94
N ALA C 445 44.78 -30.13 -24.30
CA ALA C 445 46.00 -29.34 -24.26
C ALA C 445 46.41 -29.09 -22.81
N GLY C 446 45.44 -29.11 -21.91
CA GLY C 446 45.71 -28.89 -20.51
C GLY C 446 46.28 -30.12 -19.82
N ARG C 447 46.20 -31.26 -20.51
CA ARG C 447 46.71 -32.52 -19.99
C ARG C 447 48.20 -32.67 -20.31
N ALA C 448 48.70 -31.84 -21.21
CA ALA C 448 50.10 -31.87 -21.60
C ALA C 448 50.90 -30.85 -20.81
N ARG C 449 50.25 -29.73 -20.46
CA ARG C 449 50.89 -28.67 -19.71
C ARG C 449 50.91 -28.98 -18.21
N ALA C 450 50.11 -29.95 -17.79
CA ALA C 450 50.02 -30.35 -16.40
C ALA C 450 50.42 -31.82 -16.22
N ALA C 451 51.29 -32.30 -17.10
CA ALA C 451 51.75 -33.68 -17.04
C ALA C 451 53.19 -33.73 -16.55
N ALA C 452 54.02 -32.82 -17.07
CA ALA C 452 55.42 -32.74 -16.68
C ALA C 452 55.61 -31.86 -15.45
N ALA C 453 54.57 -31.08 -15.12
CA ALA C 453 54.61 -30.19 -13.97
C ALA C 453 53.47 -30.47 -13.00
N GLY C 454 52.89 -31.67 -13.09
CA GLY C 454 51.79 -32.04 -12.22
C GLY C 454 51.58 -33.54 -12.12
N PHE C 455 51.09 -34.13 -13.21
CA PHE C 455 50.82 -35.56 -13.30
C PHE C 455 49.60 -36.00 -12.47
N GLU C 456 48.76 -36.85 -13.07
CA GLU C 456 47.57 -37.35 -12.39
C GLU C 456 47.87 -38.64 -11.62
N GLY D 34 8.33 -57.06 -0.18
CA GLY D 34 8.65 -56.36 -1.45
C GLY D 34 8.09 -57.06 -2.68
N ILE D 35 7.04 -57.84 -2.48
CA ILE D 35 6.40 -58.57 -3.58
C ILE D 35 5.51 -57.64 -4.39
N LEU D 36 5.14 -56.50 -3.81
CA LEU D 36 4.30 -55.51 -4.47
C LEU D 36 5.06 -54.78 -5.56
N LEU D 37 6.34 -54.51 -5.31
CA LEU D 37 7.19 -53.81 -6.26
C LEU D 37 7.45 -54.64 -7.51
N PHE D 38 7.40 -55.97 -7.36
CA PHE D 38 7.61 -56.88 -8.48
C PHE D 38 6.35 -57.04 -9.33
N PRO D 39 5.18 -56.83 -8.73
CA PRO D 39 3.88 -56.93 -9.38
C PRO D 39 3.47 -55.62 -10.03
N CYS D 40 4.14 -54.54 -9.64
CA CYS D 40 3.87 -53.21 -10.17
C CYS D 40 4.79 -52.91 -11.34
N ALA D 41 6.05 -53.32 -11.21
CA ALA D 41 7.04 -53.10 -12.26
C ALA D 41 6.83 -54.06 -13.43
N TYR D 42 5.95 -55.03 -13.23
CA TYR D 42 5.62 -56.01 -14.25
C TYR D 42 4.38 -55.58 -15.02
N LEU D 43 3.48 -54.88 -14.33
CA LEU D 43 2.25 -54.38 -14.92
C LEU D 43 2.47 -53.07 -15.67
N ALA D 44 3.41 -52.26 -15.17
CA ALA D 44 3.74 -50.98 -15.78
C ALA D 44 4.61 -51.19 -17.02
N LEU D 45 5.45 -52.21 -16.99
CA LEU D 45 6.33 -52.52 -18.11
C LEU D 45 5.65 -53.47 -19.08
N GLY D 46 4.56 -54.10 -18.63
CA GLY D 46 3.83 -55.02 -19.48
C GLY D 46 2.71 -54.32 -20.25
N GLY D 47 2.37 -53.12 -19.82
CA GLY D 47 1.32 -52.36 -20.47
C GLY D 47 1.88 -51.27 -21.38
N TRP D 48 3.01 -50.70 -20.98
CA TRP D 48 3.67 -49.64 -21.74
C TRP D 48 4.22 -50.20 -23.05
N LEU D 49 4.88 -51.37 -22.96
CA LEU D 49 5.46 -52.02 -24.13
C LEU D 49 4.37 -52.69 -24.97
N THR D 50 3.21 -52.90 -24.38
CA THR D 50 2.08 -53.53 -25.05
C THR D 50 1.25 -52.51 -25.82
N GLY D 51 1.02 -51.36 -25.20
CA GLY D 51 0.24 -50.30 -25.82
C GLY D 51 0.95 -49.67 -27.01
N THR D 52 2.27 -49.65 -26.96
CA THR D 52 3.08 -49.09 -28.04
C THR D 52 3.53 -50.22 -28.97
N THR D 53 2.59 -51.08 -29.34
CA THR D 53 2.87 -52.22 -30.20
C THR D 53 1.60 -52.88 -30.71
N PHE D 54 0.55 -52.89 -29.87
CA PHE D 54 -0.73 -53.49 -30.21
C PHE D 54 -1.90 -52.77 -29.55
N VAL D 55 -2.15 -51.53 -29.96
CA VAL D 55 -3.24 -50.74 -29.42
C VAL D 55 -3.85 -49.83 -30.48
N THR D 56 -4.38 -48.69 -30.05
CA THR D 56 -4.98 -47.71 -30.96
C THR D 56 -5.50 -46.49 -30.18
N SER D 57 -6.78 -46.17 -30.36
CA SER D 57 -7.42 -45.04 -29.68
C SER D 57 -8.88 -44.95 -30.11
N TRP D 58 -9.11 -44.33 -31.26
CA TRP D 58 -10.45 -44.14 -31.83
C TRP D 58 -11.39 -43.29 -30.98
N TYR D 59 -10.87 -42.77 -29.87
CA TYR D 59 -11.65 -41.94 -28.97
C TYR D 59 -11.05 -40.54 -28.92
N THR D 60 -9.75 -40.46 -29.18
CA THR D 60 -9.02 -39.20 -29.17
C THR D 60 -7.90 -39.27 -30.20
N HIS D 61 -8.20 -38.77 -31.40
CA HIS D 61 -7.24 -38.75 -32.51
C HIS D 61 -6.90 -40.16 -32.98
N GLY D 62 -5.63 -40.54 -32.90
CA GLY D 62 -5.21 -41.85 -33.33
C GLY D 62 -3.70 -41.97 -33.43
N LEU D 63 -3.17 -43.04 -32.85
CA LEU D 63 -1.73 -43.30 -32.86
C LEU D 63 -1.45 -44.80 -32.80
N ALA D 64 -0.18 -45.15 -32.65
CA ALA D 64 0.25 -46.56 -32.55
C ALA D 64 -0.39 -47.41 -33.64
N SER D 65 -0.36 -46.90 -34.88
CA SER D 65 -0.94 -47.59 -36.02
C SER D 65 -0.07 -48.74 -36.50
N SER D 66 -0.41 -49.95 -36.07
CA SER D 66 0.31 -51.16 -36.44
C SER D 66 1.81 -51.06 -36.17
N TYR D 67 2.17 -50.63 -34.96
CA TYR D 67 3.57 -50.49 -34.55
C TYR D 67 4.37 -49.58 -35.48
N LEU D 68 3.78 -48.44 -35.84
CA LEU D 68 4.42 -47.47 -36.72
C LEU D 68 3.98 -46.04 -36.38
N GLU D 69 4.64 -45.46 -35.38
CA GLU D 69 4.33 -44.10 -34.94
C GLU D 69 5.61 -43.34 -34.59
N GLY D 70 5.58 -42.04 -34.78
CA GLY D 70 6.75 -41.21 -34.49
C GLY D 70 6.98 -41.00 -33.00
N CYS D 71 5.98 -41.36 -32.19
CA CYS D 71 6.08 -41.20 -30.75
C CYS D 71 5.75 -42.48 -30.00
N ASN D 72 4.86 -43.30 -30.57
CA ASN D 72 4.44 -44.56 -29.97
C ASN D 72 3.70 -44.29 -28.65
N PHE D 73 2.83 -43.29 -28.68
CA PHE D 73 2.05 -42.89 -27.51
C PHE D 73 0.90 -43.85 -27.20
N LEU D 74 0.38 -43.76 -25.99
CA LEU D 74 -0.72 -44.59 -25.53
C LEU D 74 -1.33 -44.01 -24.26
N THR D 75 -2.49 -43.37 -24.40
CA THR D 75 -3.18 -42.79 -23.25
C THR D 75 -4.64 -42.52 -23.57
N VAL D 76 -4.88 -41.77 -24.64
CA VAL D 76 -6.23 -41.42 -25.10
C VAL D 76 -7.13 -40.81 -24.03
N ALA D 77 -7.77 -41.67 -23.24
CA ALA D 77 -8.69 -41.27 -22.17
C ALA D 77 -10.00 -40.72 -22.74
N VAL D 78 -10.96 -41.62 -22.91
CA VAL D 78 -12.27 -41.27 -23.45
C VAL D 78 -13.06 -40.33 -22.54
N SER D 79 -13.79 -39.42 -23.17
CA SER D 79 -14.61 -38.45 -22.45
C SER D 79 -15.73 -39.13 -21.68
N THR D 80 -15.79 -38.87 -20.38
CA THR D 80 -16.81 -39.45 -19.52
C THR D 80 -17.04 -38.58 -18.28
N GLU D 96 -17.44 -49.61 -13.42
CA GLU D 96 -17.67 -50.63 -14.48
C GLU D 96 -18.16 -50.01 -15.78
N ALA D 97 -17.42 -50.28 -16.85
CA ALA D 97 -17.77 -49.76 -18.17
C ALA D 97 -18.23 -50.89 -19.09
N GLN D 98 -17.35 -51.86 -19.34
CA GLN D 98 -17.66 -52.98 -20.21
C GLN D 98 -17.21 -54.30 -19.57
N GLY D 99 -16.53 -55.13 -20.37
CA GLY D 99 -16.05 -56.41 -19.86
C GLY D 99 -15.31 -57.21 -20.90
N ASP D 100 -14.26 -56.63 -21.46
CA ASP D 100 -13.46 -57.30 -22.48
C ASP D 100 -11.97 -56.93 -22.36
N PHE D 101 -11.24 -57.09 -23.46
CA PHE D 101 -9.81 -56.78 -23.49
C PHE D 101 -9.47 -56.01 -24.78
N THR D 102 -10.40 -56.01 -25.72
CA THR D 102 -10.21 -55.32 -26.99
C THR D 102 -11.14 -54.11 -27.12
N ARG D 103 -12.31 -54.20 -26.50
CA ARG D 103 -13.29 -53.12 -26.52
C ARG D 103 -13.07 -52.20 -25.32
N TRP D 104 -12.64 -52.80 -24.21
CA TRP D 104 -12.38 -52.06 -22.97
C TRP D 104 -11.03 -51.34 -23.05
N CYS D 105 -10.08 -51.94 -23.74
CA CYS D 105 -8.74 -51.36 -23.90
C CYS D 105 -8.64 -50.44 -25.11
N GLN D 106 -9.77 -50.14 -25.73
CA GLN D 106 -9.81 -49.26 -26.89
C GLN D 106 -10.08 -47.82 -26.48
N LEU D 107 -11.28 -47.59 -25.92
CA LEU D 107 -11.69 -46.26 -25.47
C LEU D 107 -10.84 -45.78 -24.30
N GLY D 108 -10.29 -46.73 -23.54
CA GLY D 108 -9.46 -46.41 -22.40
C GLY D 108 -8.80 -47.64 -21.83
N GLY D 109 -8.73 -47.73 -20.51
CA GLY D 109 -8.11 -48.88 -19.87
C GLY D 109 -6.61 -48.92 -19.95
N LEU D 110 -6.03 -48.23 -20.93
CA LEU D 110 -4.58 -48.19 -21.11
C LEU D 110 -3.93 -47.27 -20.08
N TRP D 111 -4.28 -45.99 -20.14
CA TRP D 111 -3.74 -45.01 -19.20
C TRP D 111 -4.45 -45.16 -17.85
N THR D 112 -5.66 -45.72 -17.90
CA THR D 112 -6.45 -45.93 -16.70
C THR D 112 -5.85 -47.03 -15.83
N PHE D 113 -4.97 -47.85 -16.41
CA PHE D 113 -4.31 -48.93 -15.70
C PHE D 113 -2.87 -48.56 -15.36
N ILE D 114 -2.27 -47.73 -16.20
CA ILE D 114 -0.89 -47.29 -16.01
C ILE D 114 -0.83 -46.24 -14.89
N ALA D 115 -1.96 -45.60 -14.62
CA ALA D 115 -2.05 -44.60 -13.58
C ALA D 115 -2.66 -45.18 -12.30
N LEU D 116 -3.18 -46.40 -12.40
CA LEU D 116 -3.78 -47.08 -11.26
C LEU D 116 -2.81 -48.07 -10.64
N HIS D 117 -2.01 -48.74 -11.47
CA HIS D 117 -1.04 -49.72 -11.01
C HIS D 117 0.36 -49.12 -10.89
N GLY D 118 0.61 -48.06 -11.66
CA GLY D 118 1.91 -47.40 -11.63
C GLY D 118 2.03 -46.34 -10.56
N ALA D 119 0.90 -45.72 -10.18
CA ALA D 119 0.88 -44.68 -9.16
C ALA D 119 0.67 -45.27 -7.76
N PHE D 120 -0.21 -46.26 -7.66
CA PHE D 120 -0.49 -46.91 -6.38
C PHE D 120 0.64 -47.87 -5.97
N GLY D 121 1.13 -48.62 -6.95
CA GLY D 121 2.20 -49.57 -6.70
C GLY D 121 3.45 -48.86 -6.21
N LEU D 122 3.73 -47.71 -6.81
CA LEU D 122 4.89 -46.85 -6.50
C LEU D 122 6.06 -47.50 -5.76
N ILE D 123 5.95 -47.58 -4.43
CA ILE D 123 6.97 -48.16 -3.58
C ILE D 123 8.30 -47.41 -3.70
N GLY D 124 9.33 -48.09 -4.19
CA GLY D 124 10.63 -47.47 -4.35
C GLY D 124 11.27 -47.08 -3.03
N PHE D 125 10.94 -45.87 -2.56
CA PHE D 125 11.47 -45.36 -1.31
C PHE D 125 10.74 -45.95 -0.12
N MET D 126 9.47 -46.31 -0.31
CA MET D 126 8.66 -46.89 0.75
C MET D 126 9.03 -48.35 1.02
N LEU D 127 9.65 -48.99 0.04
CA LEU D 127 10.07 -50.39 0.16
C LEU D 127 11.52 -50.49 0.58
N ARG D 128 12.29 -49.44 0.31
CA ARG D 128 13.72 -49.40 0.65
C ARG D 128 13.96 -48.87 2.06
N GLN D 129 13.05 -48.06 2.56
CA GLN D 129 13.18 -47.48 3.90
C GLN D 129 12.78 -48.47 5.00
N PHE D 130 12.35 -49.66 4.60
CA PHE D 130 11.94 -50.69 5.54
C PHE D 130 12.74 -51.97 5.34
N GLU D 131 13.86 -51.87 4.64
CA GLU D 131 14.74 -53.00 4.38
C GLU D 131 16.20 -52.58 4.52
N ILE D 132 16.48 -51.32 4.21
CA ILE D 132 17.83 -50.78 4.31
C ILE D 132 18.06 -50.18 5.69
N ALA D 133 17.09 -49.42 6.17
CA ALA D 133 17.18 -48.78 7.49
C ALA D 133 17.03 -49.82 8.61
N ARG D 134 16.74 -51.06 8.22
CA ARG D 134 16.57 -52.15 9.17
C ARG D 134 17.80 -53.05 9.17
N LEU D 135 18.56 -53.04 8.08
CA LEU D 135 19.77 -53.84 7.94
C LEU D 135 21.03 -52.99 7.97
N VAL D 136 21.14 -52.07 7.02
CA VAL D 136 22.29 -51.17 6.92
C VAL D 136 22.04 -49.87 7.68
N GLY D 137 21.35 -48.93 7.02
CA GLY D 137 21.06 -47.66 7.67
C GLY D 137 21.01 -46.48 6.72
N VAL D 138 20.71 -45.31 7.28
CA VAL D 138 20.63 -44.06 6.54
C VAL D 138 19.43 -43.98 5.58
N ARG D 139 18.26 -43.69 6.14
CA ARG D 139 17.03 -43.57 5.35
C ARG D 139 16.82 -42.11 4.90
N PRO D 140 17.82 -41.53 4.24
CA PRO D 140 17.80 -40.15 3.74
C PRO D 140 17.40 -40.06 2.26
N TYR D 141 17.74 -41.09 1.49
CA TYR D 141 17.43 -41.15 0.07
C TYR D 141 15.93 -41.36 -0.19
N ASN D 142 15.22 -41.80 0.85
CA ASN D 142 13.78 -42.04 0.77
C ASN D 142 12.99 -40.73 0.71
N ALA D 143 13.58 -39.67 1.24
CA ALA D 143 12.93 -38.36 1.25
C ALA D 143 12.99 -37.69 -0.12
N ILE D 144 14.04 -38.00 -0.87
CA ILE D 144 14.24 -37.43 -2.20
C ILE D 144 13.33 -38.09 -3.24
N ALA D 145 12.99 -39.36 -3.02
CA ALA D 145 12.13 -40.08 -3.95
C ALA D 145 10.66 -39.74 -3.72
N PHE D 146 10.33 -39.32 -2.49
CA PHE D 146 8.97 -38.96 -2.14
C PHE D 146 8.65 -37.49 -2.44
N SER D 147 9.16 -37.02 -3.56
CA SER D 147 8.96 -35.64 -3.98
C SER D 147 9.40 -35.47 -5.43
N ALA D 148 10.54 -36.06 -5.77
CA ALA D 148 11.09 -35.98 -7.13
C ALA D 148 10.53 -37.04 -8.07
N PRO D 149 9.81 -38.03 -7.52
CA PRO D 149 9.21 -39.12 -8.29
C PRO D 149 7.78 -39.47 -7.84
N ILE D 150 7.49 -39.21 -6.58
CA ILE D 150 6.18 -39.50 -6.02
C ILE D 150 5.19 -38.36 -6.25
N ALA D 151 5.70 -37.12 -6.14
CA ALA D 151 4.86 -35.93 -6.34
C ALA D 151 4.76 -35.58 -7.82
N VAL D 152 5.76 -35.97 -8.60
CA VAL D 152 5.78 -35.69 -10.02
C VAL D 152 4.73 -36.47 -10.81
N PHE D 153 4.32 -37.61 -10.29
CA PHE D 153 3.31 -38.44 -10.94
C PHE D 153 1.95 -38.30 -10.28
N VAL D 154 1.93 -38.13 -8.96
CA VAL D 154 0.69 -37.99 -8.21
C VAL D 154 -0.02 -36.65 -8.46
N SER D 155 0.65 -35.74 -9.14
CA SER D 155 0.09 -34.44 -9.47
C SER D 155 -0.61 -34.46 -10.81
N VAL D 156 -0.04 -35.22 -11.76
CA VAL D 156 -0.62 -35.32 -13.09
C VAL D 156 -1.71 -36.38 -13.19
N PHE D 157 -2.09 -36.95 -12.05
CA PHE D 157 -3.13 -37.97 -12.00
C PHE D 157 -4.10 -37.78 -10.85
N LEU D 158 -4.11 -36.58 -10.27
CA LEU D 158 -5.00 -36.27 -9.15
C LEU D 158 -5.36 -34.78 -9.13
N ILE D 159 -4.84 -34.01 -10.06
CA ILE D 159 -5.12 -32.58 -10.15
C ILE D 159 -5.81 -32.25 -11.45
N TYR D 160 -5.12 -32.52 -12.56
CA TYR D 160 -5.66 -32.25 -13.89
C TYR D 160 -6.82 -33.20 -14.17
N PRO D 161 -6.77 -34.41 -13.60
CA PRO D 161 -7.76 -35.48 -13.70
C PRO D 161 -8.92 -35.25 -12.75
N LEU D 162 -10.11 -35.07 -13.33
CA LEU D 162 -11.34 -34.84 -12.55
C LEU D 162 -11.30 -33.55 -11.72
N GLY D 163 -10.98 -32.44 -12.38
CA GLY D 163 -10.92 -31.16 -11.72
C GLY D 163 -11.22 -30.00 -12.65
N PHE D 169 -11.22 -32.86 -18.47
CA PHE D 169 -11.61 -33.72 -17.32
C PHE D 169 -11.47 -35.20 -17.67
N ALA D 170 -11.39 -35.47 -18.96
CA ALA D 170 -11.23 -36.84 -19.46
C ALA D 170 -9.76 -37.11 -19.72
N PRO D 171 -9.22 -36.53 -20.81
CA PRO D 171 -7.81 -36.70 -21.19
C PRO D 171 -6.90 -35.92 -20.26
N SER D 172 -6.07 -36.66 -19.51
CA SER D 172 -5.16 -36.04 -18.55
C SER D 172 -3.80 -35.64 -19.12
N PHE D 173 -2.94 -36.62 -19.37
CA PHE D 173 -1.59 -36.33 -19.89
C PHE D 173 -1.08 -37.43 -20.82
N GLY D 174 0.09 -37.21 -21.40
CA GLY D 174 0.69 -38.18 -22.29
C GLY D 174 1.65 -39.11 -21.57
N VAL D 175 1.94 -40.24 -22.20
CA VAL D 175 2.86 -41.21 -21.60
C VAL D 175 3.81 -41.78 -22.65
N ALA D 176 4.65 -40.92 -23.22
CA ALA D 176 5.60 -41.33 -24.24
C ALA D 176 6.73 -40.30 -24.39
N ALA D 177 7.14 -40.05 -25.62
CA ALA D 177 8.19 -39.09 -25.91
C ALA D 177 7.62 -37.78 -26.45
N ILE D 178 6.93 -37.87 -27.58
CA ILE D 178 6.32 -36.69 -28.20
C ILE D 178 4.93 -36.44 -27.64
N PHE D 179 4.39 -37.42 -26.91
CA PHE D 179 3.07 -37.30 -26.30
C PHE D 179 3.17 -36.41 -25.06
N ARG D 180 4.23 -36.62 -24.27
CA ARG D 180 4.45 -35.84 -23.06
C ARG D 180 5.11 -34.51 -23.41
N PHE D 181 5.56 -34.38 -24.66
CA PHE D 181 6.21 -33.17 -25.14
C PHE D 181 5.20 -32.21 -25.77
N LEU D 182 4.05 -32.75 -26.19
CA LEU D 182 2.99 -31.95 -26.80
C LEU D 182 1.97 -31.50 -25.76
N LEU D 183 1.87 -32.26 -24.68
CA LEU D 183 0.95 -31.95 -23.59
C LEU D 183 1.59 -30.94 -22.64
N PHE D 184 2.91 -30.89 -22.64
CA PHE D 184 3.64 -29.96 -21.79
C PHE D 184 3.92 -28.66 -22.56
N PHE D 185 3.55 -28.68 -23.84
CA PHE D 185 3.73 -27.53 -24.72
C PHE D 185 2.40 -26.78 -24.87
N GLN D 186 1.32 -27.53 -25.03
CA GLN D 186 -0.02 -26.97 -25.17
C GLN D 186 -0.61 -26.66 -23.80
N GLY D 187 -0.23 -27.46 -22.80
CA GLY D 187 -0.72 -27.26 -21.45
C GLY D 187 -0.06 -26.05 -20.82
N PHE D 188 1.18 -25.79 -21.20
CA PHE D 188 1.93 -24.65 -20.68
C PHE D 188 1.60 -23.39 -21.48
N HIS D 189 0.89 -23.56 -22.59
CA HIS D 189 0.50 -22.45 -23.44
C HIS D 189 -0.70 -21.72 -22.86
N ASN D 190 -1.60 -22.48 -22.23
CA ASN D 190 -2.80 -21.93 -21.63
C ASN D 190 -2.51 -21.20 -20.32
N TRP D 191 -1.30 -21.38 -19.79
CA TRP D 191 -0.90 -20.73 -18.54
C TRP D 191 0.50 -20.12 -18.65
N THR D 192 1.50 -20.83 -18.14
CA THR D 192 2.90 -20.38 -18.17
C THR D 192 3.15 -19.17 -17.27
N LEU D 193 4.42 -18.75 -17.20
CA LEU D 193 4.83 -17.61 -16.39
C LEU D 193 4.45 -17.72 -14.91
N ASN D 194 4.43 -18.95 -14.39
CA ASN D 194 4.09 -19.20 -13.00
C ASN D 194 5.25 -18.88 -12.05
N PRO D 195 4.93 -18.54 -10.80
CA PRO D 195 5.91 -18.21 -9.75
C PRO D 195 6.46 -19.48 -9.09
N PHE D 196 5.60 -20.46 -8.91
CA PHE D 196 5.97 -21.73 -8.30
C PHE D 196 6.73 -22.59 -9.31
N HIS D 197 6.29 -22.57 -10.56
CA HIS D 197 6.92 -23.35 -11.62
C HIS D 197 8.30 -22.80 -11.99
N MET D 198 8.61 -21.61 -11.47
CA MET D 198 9.91 -20.99 -11.72
C MET D 198 10.99 -21.63 -10.84
N MET D 199 10.55 -22.23 -9.74
CA MET D 199 11.44 -22.89 -8.79
C MET D 199 11.77 -24.31 -9.27
N GLY D 200 10.81 -24.93 -9.94
CA GLY D 200 11.01 -26.28 -10.46
C GLY D 200 11.97 -26.31 -11.62
N VAL D 201 12.13 -25.16 -12.28
CA VAL D 201 13.04 -25.02 -13.41
C VAL D 201 14.41 -24.56 -12.92
N ALA D 202 14.44 -23.96 -11.75
CA ALA D 202 15.68 -23.47 -11.14
C ALA D 202 16.39 -24.59 -10.38
N GLY D 203 15.64 -25.61 -9.99
CA GLY D 203 16.20 -26.73 -9.27
C GLY D 203 16.87 -27.72 -10.20
N VAL D 204 16.31 -27.85 -11.41
CA VAL D 204 16.85 -28.76 -12.41
C VAL D 204 18.13 -28.19 -13.02
N LEU D 205 18.36 -26.89 -12.80
CA LEU D 205 19.55 -26.20 -13.29
C LEU D 205 20.49 -25.88 -12.13
N GLY D 206 20.02 -26.13 -10.91
CA GLY D 206 20.82 -25.88 -9.73
C GLY D 206 21.47 -27.15 -9.20
N GLY D 207 20.76 -28.26 -9.31
CA GLY D 207 21.27 -29.54 -8.84
C GLY D 207 22.17 -30.18 -9.88
N ALA D 208 21.94 -29.85 -11.15
CA ALA D 208 22.73 -30.38 -12.25
C ALA D 208 24.06 -29.65 -12.34
N LEU D 209 24.05 -28.37 -11.99
CA LEU D 209 25.25 -27.54 -12.01
C LEU D 209 26.10 -27.80 -10.78
N LEU D 210 25.47 -28.23 -9.69
CA LEU D 210 26.17 -28.54 -8.46
C LEU D 210 26.92 -29.86 -8.59
N CYS D 211 26.43 -30.70 -9.49
CA CYS D 211 27.05 -32.01 -9.74
C CYS D 211 28.10 -31.90 -10.84
N ALA D 212 28.01 -30.86 -11.66
CA ALA D 212 28.95 -30.63 -12.75
C ALA D 212 30.16 -29.85 -12.26
N ILE D 213 29.94 -28.93 -11.33
CA ILE D 213 31.01 -28.12 -10.78
C ILE D 213 31.75 -28.88 -9.68
N HIS D 214 31.10 -29.92 -9.15
CA HIS D 214 31.69 -30.75 -8.11
C HIS D 214 32.39 -31.96 -8.71
N GLY D 215 31.86 -32.44 -9.83
CA GLY D 215 32.45 -33.60 -10.49
C GLY D 215 33.67 -33.23 -11.30
N ALA D 216 33.77 -31.95 -11.67
CA ALA D 216 34.90 -31.46 -12.45
C ALA D 216 35.94 -30.76 -11.57
N THR D 217 35.62 -30.60 -10.29
CA THR D 217 36.53 -29.96 -9.35
C THR D 217 37.18 -30.97 -8.42
N VAL D 218 36.54 -32.13 -8.27
CA VAL D 218 37.04 -33.20 -7.42
C VAL D 218 37.94 -34.15 -8.20
N GLU D 219 37.69 -34.26 -9.50
CA GLU D 219 38.47 -35.13 -10.37
C GLU D 219 39.79 -34.48 -10.77
N ASN D 220 39.81 -33.15 -10.80
CA ASN D 220 41.01 -32.40 -11.18
C ASN D 220 41.77 -31.88 -9.96
N THR D 221 41.20 -32.08 -8.77
CA THR D 221 41.82 -31.63 -7.53
C THR D 221 43.13 -32.34 -7.25
N TYR D 244 48.51 -43.67 -7.67
CA TYR D 244 48.05 -42.35 -7.13
C TYR D 244 48.96 -41.22 -7.60
N SER D 245 48.68 -40.02 -7.09
CA SER D 245 49.46 -38.84 -7.45
C SER D 245 49.34 -37.79 -6.34
N MET D 246 49.60 -36.53 -6.69
CA MET D 246 49.51 -35.43 -5.73
C MET D 246 48.06 -35.10 -5.43
N VAL D 247 47.16 -35.52 -6.31
CA VAL D 247 45.73 -35.27 -6.15
C VAL D 247 45.07 -36.24 -5.16
N THR D 248 44.94 -37.49 -5.57
CA THR D 248 44.31 -38.53 -4.74
C THR D 248 42.83 -38.22 -4.51
N ALA D 249 42.46 -37.88 -3.28
CA ALA D 249 41.09 -37.55 -2.91
C ALA D 249 40.99 -37.26 -1.42
N ASN D 250 41.26 -36.02 -1.04
CA ASN D 250 41.21 -35.59 0.36
C ASN D 250 40.81 -34.12 0.47
N ARG D 251 40.08 -33.64 -0.53
CA ARG D 251 39.63 -32.26 -0.60
C ARG D 251 40.79 -31.27 -0.79
N PHE D 252 40.88 -30.28 0.09
CA PHE D 252 41.93 -29.26 0.03
C PHE D 252 41.81 -28.33 -1.17
N TRP D 253 40.73 -28.47 -1.93
CA TRP D 253 40.49 -27.65 -3.10
C TRP D 253 39.57 -26.47 -2.77
N SER D 254 39.53 -26.10 -1.49
CA SER D 254 38.69 -25.00 -1.02
C SER D 254 39.38 -23.65 -1.18
N GLN D 255 40.61 -23.66 -1.69
CA GLN D 255 41.36 -22.44 -1.90
C GLN D 255 41.49 -22.13 -3.39
N ILE D 256 41.35 -23.17 -4.21
CA ILE D 256 41.44 -23.03 -5.66
C ILE D 256 40.09 -22.60 -6.25
N PHE D 257 39.01 -23.03 -5.60
CA PHE D 257 37.67 -22.69 -6.03
C PHE D 257 37.11 -21.51 -5.24
N GLY D 258 37.60 -21.34 -4.02
CA GLY D 258 37.15 -20.25 -3.17
C GLY D 258 37.52 -18.88 -3.69
N ILE D 259 38.67 -18.79 -4.34
CA ILE D 259 39.16 -17.53 -4.91
C ILE D 259 38.44 -17.23 -6.23
N ALA D 260 37.56 -18.13 -6.63
CA ALA D 260 36.82 -17.97 -7.88
C ALA D 260 35.34 -17.69 -7.67
N PHE D 261 34.70 -18.44 -6.78
CA PHE D 261 33.27 -18.26 -6.51
C PHE D 261 32.83 -18.91 -5.19
N SER D 262 32.59 -18.06 -4.18
CA SER D 262 32.14 -18.53 -2.87
C SER D 262 33.10 -19.55 -2.25
N ASN D 263 32.56 -20.50 -1.49
CA ASN D 263 33.36 -21.53 -0.84
C ASN D 263 32.46 -22.51 -0.11
N LYS D 264 32.81 -23.80 -0.20
CA LYS D 264 32.04 -24.85 0.46
C LYS D 264 32.46 -24.98 1.92
N ARG D 265 31.47 -25.01 2.81
CA ARG D 265 31.73 -25.16 4.24
C ARG D 265 32.11 -26.59 4.57
N TRP D 266 32.06 -27.46 3.56
CA TRP D 266 32.35 -28.88 3.68
C TRP D 266 31.27 -29.58 4.50
N LEU D 267 31.68 -30.49 5.38
CA LEU D 267 30.76 -31.26 6.24
C LEU D 267 29.83 -32.16 5.44
N HIS D 268 30.28 -32.57 4.25
CA HIS D 268 29.50 -33.43 3.38
C HIS D 268 28.18 -32.80 2.95
N PHE D 269 28.12 -31.48 3.00
CA PHE D 269 26.91 -30.76 2.61
C PHE D 269 26.73 -30.72 1.10
N PHE D 270 27.66 -31.35 0.37
CA PHE D 270 27.60 -31.39 -1.09
C PHE D 270 26.50 -32.34 -1.56
N MET D 271 26.18 -33.32 -0.73
CA MET D 271 25.14 -34.28 -1.05
C MET D 271 23.79 -33.89 -0.44
N LEU D 272 23.85 -33.08 0.63
CA LEU D 272 22.64 -32.62 1.31
C LEU D 272 22.00 -31.44 0.61
N PHE D 273 22.83 -30.60 -0.03
CA PHE D 273 22.34 -29.43 -0.74
C PHE D 273 21.70 -29.83 -2.07
N VAL D 274 22.26 -30.86 -2.70
CA VAL D 274 21.75 -31.35 -3.98
C VAL D 274 20.42 -32.08 -3.79
N PRO D 275 20.22 -32.68 -2.61
CA PRO D 275 19.00 -33.42 -2.26
C PRO D 275 17.88 -32.48 -1.85
N VAL D 276 18.26 -31.32 -1.31
CA VAL D 276 17.29 -30.31 -0.88
C VAL D 276 17.01 -29.34 -2.02
N THR D 277 17.50 -29.66 -3.21
CA THR D 277 17.32 -28.83 -4.39
C THR D 277 16.44 -29.52 -5.43
N GLY D 278 16.70 -30.80 -5.66
CA GLY D 278 15.93 -31.55 -6.63
C GLY D 278 14.62 -32.08 -6.08
N LEU D 279 14.53 -32.21 -4.76
CA LEU D 279 13.33 -32.70 -4.10
C LEU D 279 12.39 -31.55 -3.75
N TRP D 280 12.97 -30.38 -3.46
CA TRP D 280 12.20 -29.20 -3.11
C TRP D 280 11.69 -28.49 -4.36
N MET D 281 12.33 -28.76 -5.48
CA MET D 281 11.94 -28.16 -6.76
C MET D 281 10.82 -28.96 -7.40
N SER D 282 10.90 -30.28 -7.28
CA SER D 282 9.88 -31.16 -7.83
C SER D 282 8.58 -31.04 -7.03
N ALA D 283 8.73 -30.70 -5.74
CA ALA D 283 7.58 -30.55 -4.86
C ALA D 283 6.93 -29.17 -5.07
N ILE D 284 7.71 -28.23 -5.59
CA ILE D 284 7.23 -26.88 -5.85
C ILE D 284 6.58 -26.80 -7.23
N GLY D 285 7.17 -27.50 -8.20
CA GLY D 285 6.64 -27.51 -9.55
C GLY D 285 5.39 -28.35 -9.64
N VAL D 286 5.28 -29.34 -8.76
CA VAL D 286 4.11 -30.21 -8.71
C VAL D 286 2.96 -29.50 -8.01
N VAL D 287 3.31 -28.64 -7.05
CA VAL D 287 2.31 -27.87 -6.31
C VAL D 287 1.83 -26.69 -7.15
N GLY D 288 2.64 -26.29 -8.12
CA GLY D 288 2.28 -25.19 -9.00
C GLY D 288 1.40 -25.69 -10.14
N LEU D 289 1.59 -26.94 -10.52
CA LEU D 289 0.81 -27.58 -11.58
C LEU D 289 -0.50 -28.14 -11.02
N ALA D 290 -0.50 -28.42 -9.73
CA ALA D 290 -1.67 -28.95 -9.05
C ALA D 290 -2.62 -27.82 -8.66
N LEU D 291 -2.12 -26.58 -8.73
CA LEU D 291 -2.91 -25.41 -8.38
C LEU D 291 -3.55 -24.80 -9.62
N ASN D 292 -2.79 -24.77 -10.73
CA ASN D 292 -3.28 -24.22 -11.98
C ASN D 292 -4.50 -24.98 -12.48
N LEU D 293 -4.48 -26.29 -12.30
CA LEU D 293 -5.60 -27.16 -12.72
C LEU D 293 -6.78 -26.99 -11.77
N ARG D 294 -6.48 -26.91 -10.47
CA ARG D 294 -7.51 -26.75 -9.44
C ARG D 294 -7.93 -25.29 -9.28
N SER D 295 -7.73 -24.49 -10.32
CA SER D 295 -8.08 -23.08 -10.34
C SER D 295 -7.22 -22.19 -9.45
N TYR D 296 -6.23 -21.54 -10.06
CA TYR D 296 -5.33 -20.65 -9.35
C TYR D 296 -5.37 -19.27 -10.00
N ASP D 297 -4.26 -18.88 -10.62
CA ASP D 297 -4.15 -17.59 -11.30
C ASP D 297 -3.19 -17.71 -12.47
N PHE D 298 -1.89 -17.74 -12.16
CA PHE D 298 -0.83 -17.86 -13.15
C PHE D 298 -0.79 -16.72 -14.17
N ILE D 299 -1.46 -16.94 -15.30
CA ILE D 299 -1.53 -15.96 -16.38
C ILE D 299 -2.12 -14.63 -15.95
N SER D 300 -1.81 -13.58 -16.72
CA SER D 300 -2.28 -12.22 -16.47
C SER D 300 -1.54 -11.57 -15.31
N GLN D 301 -0.57 -10.72 -15.65
CA GLN D 301 0.23 -10.00 -14.66
C GLN D 301 -0.63 -9.12 -13.76
N GLU D 302 -1.87 -8.87 -14.18
CA GLU D 302 -2.82 -8.04 -13.43
C GLU D 302 -2.46 -6.56 -13.42
N ILE D 303 -1.16 -6.27 -13.35
CA ILE D 303 -0.68 -4.90 -13.33
C ILE D 303 -0.48 -4.39 -14.76
N ARG D 304 -0.04 -5.28 -15.64
CA ARG D 304 0.19 -4.93 -17.04
C ARG D 304 -1.04 -5.21 -17.90
N ALA D 305 -1.92 -6.07 -17.40
CA ALA D 305 -3.15 -6.43 -18.12
C ALA D 305 -4.21 -5.34 -18.04
N ALA D 306 -4.10 -4.48 -17.03
CA ALA D 306 -5.05 -3.40 -16.83
C ALA D 306 -4.49 -2.05 -17.27
N GLU D 307 -3.18 -2.00 -17.49
CA GLU D 307 -2.52 -0.76 -17.91
C GLU D 307 -2.09 -0.77 -19.38
N ASP D 308 -3.07 -0.95 -20.27
CA ASP D 308 -2.80 -0.97 -21.70
C ASP D 308 -3.85 -0.16 -22.48
N PRO D 309 -3.87 1.16 -22.28
CA PRO D 309 -4.82 2.06 -22.96
C PRO D 309 -4.53 2.19 -24.46
N GLU D 310 -3.25 2.25 -24.81
CA GLU D 310 -2.87 2.39 -26.20
C GLU D 310 -1.51 1.74 -26.50
N PHE D 311 -0.46 2.55 -26.56
CA PHE D 311 0.88 2.06 -26.85
C PHE D 311 1.61 1.53 -25.60
N GLU D 312 2.08 0.29 -25.69
CA GLU D 312 2.80 -0.34 -24.59
C GLU D 312 3.85 -1.31 -25.14
N THR D 313 3.46 -2.58 -25.25
CA THR D 313 4.34 -3.64 -25.76
C THR D 313 5.52 -3.95 -24.85
N PHE D 314 5.59 -5.21 -24.40
CA PHE D 314 6.67 -5.66 -23.53
C PHE D 314 6.89 -7.16 -23.69
N TYR D 315 7.44 -7.79 -22.67
CA TYR D 315 7.71 -9.23 -22.71
C TYR D 315 6.47 -10.03 -22.31
N THR D 316 5.45 -9.34 -21.83
CA THR D 316 4.21 -9.98 -21.43
C THR D 316 3.13 -9.82 -22.50
N LYS D 317 3.29 -8.77 -23.31
CA LYS D 317 2.34 -8.49 -24.39
C LYS D 317 2.65 -9.34 -25.63
N ASN D 318 3.89 -9.81 -25.72
CA ASN D 318 4.30 -10.65 -26.85
C ASN D 318 4.20 -12.13 -26.49
N LEU D 319 4.01 -12.41 -25.20
CA LEU D 319 3.89 -13.78 -24.72
C LEU D 319 2.43 -14.22 -24.68
N LEU D 320 1.54 -13.27 -24.36
CA LEU D 320 0.11 -13.53 -24.29
C LEU D 320 -0.52 -13.51 -25.68
N LEU D 321 0.26 -13.14 -26.68
CA LEU D 321 -0.21 -13.09 -28.06
C LEU D 321 0.30 -14.30 -28.86
N ASN D 322 1.38 -14.89 -28.37
CA ASN D 322 1.98 -16.06 -29.01
C ASN D 322 1.45 -17.35 -28.39
N GLU D 323 0.60 -17.21 -27.39
CA GLU D 323 0.00 -18.35 -26.69
C GLU D 323 -1.52 -18.24 -26.67
N GLY D 324 -2.01 -17.02 -26.83
CA GLY D 324 -3.46 -16.79 -26.84
C GLY D 324 -4.05 -16.99 -28.22
N ILE D 325 -3.23 -16.80 -29.25
CA ILE D 325 -3.66 -16.96 -30.63
C ILE D 325 -3.27 -18.34 -31.16
N ARG D 326 -2.26 -18.95 -30.53
CA ARG D 326 -1.78 -20.27 -30.94
C ARG D 326 -2.67 -21.38 -30.37
N ALA D 327 -3.29 -21.10 -29.23
CA ALA D 327 -4.16 -22.06 -28.56
C ALA D 327 -5.60 -21.96 -29.07
N TRP D 328 -5.91 -20.82 -29.70
CA TRP D 328 -7.25 -20.58 -30.24
C TRP D 328 -7.49 -21.42 -31.48
N MET D 329 -6.53 -21.37 -32.41
CA MET D 329 -6.63 -22.12 -33.66
C MET D 329 -6.06 -23.53 -33.52
N ALA D 330 -6.19 -24.31 -34.60
CA ALA D 330 -5.68 -25.68 -34.64
C ALA D 330 -6.30 -26.61 -33.58
N PRO D 331 -7.34 -26.13 -32.88
CA PRO D 331 -8.05 -26.88 -31.83
C PRO D 331 -8.56 -28.22 -32.33
N GLN D 332 -8.12 -29.30 -31.68
CA GLN D 332 -8.53 -30.65 -32.05
C GLN D 332 -8.41 -31.62 -30.87
N ASP D 333 -8.17 -31.08 -29.69
CA ASP D 333 -8.03 -31.89 -28.48
C ASP D 333 -9.39 -32.43 -28.05
N GLN D 334 -10.35 -31.53 -27.89
CA GLN D 334 -11.70 -31.90 -27.49
C GLN D 334 -12.55 -32.30 -28.69
N PRO D 335 -13.14 -33.51 -28.64
CA PRO D 335 -13.98 -34.04 -29.72
C PRO D 335 -15.46 -33.77 -29.48
N HIS D 336 -15.76 -32.76 -28.69
CA HIS D 336 -17.16 -32.42 -28.38
C HIS D 336 -17.34 -30.93 -28.10
N GLU D 337 -16.29 -30.29 -27.59
CA GLU D 337 -16.33 -28.87 -27.28
C GLU D 337 -16.00 -28.03 -28.50
N ASN D 338 -14.98 -28.45 -29.25
CA ASN D 338 -14.56 -27.75 -30.45
C ASN D 338 -15.52 -28.00 -31.62
N PHE D 339 -15.64 -27.02 -32.51
CA PHE D 339 -16.52 -27.13 -33.67
C PHE D 339 -16.03 -26.23 -34.80
N VAL D 340 -16.67 -25.09 -34.98
CA VAL D 340 -16.30 -24.15 -36.03
C VAL D 340 -15.27 -23.14 -35.51
N PHE D 341 -14.09 -23.14 -36.14
CA PHE D 341 -13.02 -22.23 -35.75
C PHE D 341 -12.28 -21.68 -36.96
N PRO D 342 -12.44 -22.32 -38.12
CA PRO D 342 -11.80 -21.91 -39.37
C PRO D 342 -12.63 -20.87 -40.13
N GLU D 343 -12.97 -21.18 -41.38
CA GLU D 343 -13.77 -20.30 -42.23
C GLU D 343 -13.03 -19.02 -42.63
N GLU D 344 -11.72 -19.01 -42.42
CA GLU D 344 -10.87 -17.87 -42.74
C GLU D 344 -11.31 -16.58 -42.04
N VAL D 345 -11.45 -16.66 -40.72
CA VAL D 345 -11.87 -15.51 -39.92
C VAL D 345 -11.45 -15.69 -38.46
N LEU D 346 -10.47 -16.57 -38.24
CA LEU D 346 -9.95 -16.85 -36.92
C LEU D 346 -8.93 -15.80 -36.48
N PRO D 347 -8.15 -16.11 -35.42
CA PRO D 347 -7.13 -15.22 -34.86
C PRO D 347 -5.77 -15.35 -35.57
N ARG D 348 -4.83 -14.51 -35.16
CA ARG D 348 -3.48 -14.47 -35.71
C ARG D 348 -3.40 -13.95 -37.14
N GLY D 349 -2.76 -12.80 -37.31
CA GLY D 349 -2.61 -12.21 -38.62
C GLY D 349 -1.39 -11.33 -38.71
N ASN D 350 -0.41 -11.75 -39.51
CA ASN D 350 0.83 -11.00 -39.68
C ASN D 350 1.38 -11.17 -41.09
N ALA D 351 1.48 -12.42 -41.54
CA ALA D 351 2.00 -12.75 -42.86
C ALA D 351 1.39 -14.03 -43.38
N LEU D 352 1.15 -14.98 -42.46
CA LEU D 352 0.57 -16.28 -42.79
C LEU D 352 1.41 -17.08 -43.78
N ARG E 7 16.23 -73.94 -11.54
CA ARG E 7 17.51 -73.30 -11.95
C ARG E 7 18.55 -73.31 -10.83
N PRO E 8 19.04 -74.51 -10.46
CA PRO E 8 20.04 -74.67 -9.41
C PRO E 8 21.45 -74.27 -9.86
N PHE E 9 22.42 -75.15 -9.61
CA PHE E 9 23.81 -74.92 -9.98
C PHE E 9 24.44 -73.77 -9.20
N SER E 10 25.42 -73.10 -9.81
CA SER E 10 26.11 -71.98 -9.20
C SER E 10 25.70 -70.64 -9.80
N ASP E 11 25.96 -69.58 -9.05
CA ASP E 11 25.64 -68.21 -9.47
C ASP E 11 26.38 -67.82 -10.74
N ILE E 12 25.73 -66.99 -11.56
CA ILE E 12 26.30 -66.52 -12.81
C ILE E 12 26.95 -65.14 -12.68
N ILE E 13 27.81 -64.81 -13.64
CA ILE E 13 28.50 -63.52 -13.65
C ILE E 13 28.89 -63.14 -15.07
N THR E 14 29.67 -64.01 -15.73
CA THR E 14 30.11 -63.78 -17.09
C THR E 14 30.72 -65.06 -17.67
N SER E 15 30.19 -66.20 -17.25
CA SER E 15 30.68 -67.50 -17.72
C SER E 15 29.69 -68.17 -18.67
N VAL E 16 28.40 -68.02 -18.37
CA VAL E 16 27.34 -68.62 -19.19
C VAL E 16 26.97 -67.72 -20.37
N ARG E 17 27.12 -68.25 -21.58
CA ARG E 17 26.79 -67.49 -22.78
C ARG E 17 25.45 -67.93 -23.39
N TYR E 18 25.52 -68.83 -24.37
CA TYR E 18 24.33 -69.34 -25.05
C TYR E 18 23.81 -70.62 -24.41
N TRP E 19 24.67 -71.30 -23.65
CA TRP E 19 24.32 -72.55 -22.98
C TRP E 19 24.04 -73.68 -23.96
N VAL E 20 24.62 -73.58 -25.17
CA VAL E 20 24.46 -74.56 -26.23
C VAL E 20 23.02 -74.65 -26.74
N ILE E 21 22.30 -75.67 -26.30
CA ILE E 21 20.91 -75.87 -26.70
C ILE E 21 19.99 -74.83 -26.06
N HIS E 22 18.77 -74.72 -26.59
CA HIS E 22 17.77 -73.76 -26.10
C HIS E 22 18.22 -72.32 -26.29
N SER E 23 19.19 -72.11 -27.17
CA SER E 23 19.70 -70.79 -27.46
C SER E 23 19.22 -70.33 -28.83
N ILE E 24 19.43 -71.19 -29.83
CA ILE E 24 19.00 -70.89 -31.19
C ILE E 24 17.52 -71.24 -31.33
N THR E 25 17.06 -72.19 -30.52
CA THR E 25 15.66 -72.61 -30.54
C THR E 25 14.80 -71.59 -29.82
N ILE E 26 15.42 -70.83 -28.92
CA ILE E 26 14.73 -69.80 -28.15
C ILE E 26 14.43 -68.61 -29.07
N PRO E 27 15.32 -68.37 -30.05
CA PRO E 27 15.21 -67.29 -31.04
C PRO E 27 14.38 -67.72 -32.24
N ALA E 28 13.95 -68.98 -32.23
CA ALA E 28 13.12 -69.54 -33.29
C ALA E 28 11.72 -69.82 -32.78
N LEU E 29 11.58 -69.83 -31.45
CA LEU E 29 10.29 -70.07 -30.81
C LEU E 29 9.58 -68.75 -30.52
N PHE E 30 10.37 -67.72 -30.25
CA PHE E 30 9.84 -66.38 -29.97
C PHE E 30 9.35 -65.73 -31.26
N ILE E 31 10.13 -65.88 -32.32
CA ILE E 31 9.79 -65.32 -33.62
C ILE E 31 8.66 -66.11 -34.29
N ALA E 32 8.37 -67.29 -33.75
CA ALA E 32 7.31 -68.15 -34.26
C ALA E 32 5.96 -67.78 -33.64
N GLY E 33 5.98 -66.81 -32.73
CA GLY E 33 4.76 -66.36 -32.08
C GLY E 33 4.61 -64.85 -32.07
N TRP E 34 5.55 -64.16 -32.70
CA TRP E 34 5.51 -62.69 -32.78
C TRP E 34 5.22 -62.23 -34.19
N LEU E 35 6.02 -62.71 -35.15
CA LEU E 35 5.85 -62.36 -36.56
C LEU E 35 4.63 -63.09 -37.14
N PHE E 36 4.16 -64.10 -36.41
CA PHE E 36 3.00 -64.88 -36.83
C PHE E 36 1.72 -64.28 -36.25
N VAL E 37 1.79 -63.87 -34.99
CA VAL E 37 0.65 -63.27 -34.30
C VAL E 37 0.52 -61.78 -34.60
N SER E 38 1.17 -61.33 -35.68
CA SER E 38 1.13 -59.93 -36.07
C SER E 38 0.80 -59.78 -37.55
N THR E 39 1.40 -60.64 -38.37
CA THR E 39 1.20 -60.60 -39.82
C THR E 39 0.08 -61.55 -40.27
N GLY E 40 -0.55 -62.24 -39.33
CA GLY E 40 -1.62 -63.15 -39.68
C GLY E 40 -2.23 -63.89 -38.50
N LEU E 41 -2.71 -63.13 -37.52
CA LEU E 41 -3.33 -63.71 -36.33
C LEU E 41 -4.82 -63.94 -36.56
N PRO F 13 18.49 -67.90 -1.35
CA PRO F 13 17.51 -66.94 -1.88
C PRO F 13 16.17 -67.62 -2.13
N ILE F 14 16.20 -68.73 -2.86
CA ILE F 14 15.00 -69.50 -3.17
C ILE F 14 15.35 -70.93 -3.56
N PHE F 15 16.45 -71.09 -4.29
CA PHE F 15 16.93 -72.40 -4.75
C PHE F 15 15.94 -73.12 -5.65
N THR F 16 14.87 -72.42 -6.04
CA THR F 16 13.85 -72.98 -6.92
C THR F 16 13.80 -72.20 -8.23
N VAL F 17 14.21 -70.94 -8.15
CA VAL F 17 14.23 -70.05 -9.31
C VAL F 17 15.19 -68.89 -9.04
N ARG F 18 14.81 -68.03 -8.10
CA ARG F 18 15.61 -66.86 -7.73
C ARG F 18 15.90 -65.91 -8.88
N TRP F 19 16.98 -66.18 -9.62
CA TRP F 19 17.38 -65.36 -10.76
C TRP F 19 16.36 -65.47 -11.89
N VAL F 20 15.89 -66.69 -12.13
CA VAL F 20 14.91 -66.96 -13.17
C VAL F 20 13.53 -66.45 -12.80
N ALA F 21 13.29 -65.17 -13.06
CA ALA F 21 12.01 -64.54 -12.76
C ALA F 21 11.82 -63.29 -13.61
N VAL F 22 12.88 -62.48 -13.70
CA VAL F 22 12.86 -61.26 -14.48
C VAL F 22 12.88 -61.56 -15.99
N HIS F 23 13.41 -62.73 -16.35
CA HIS F 23 13.50 -63.14 -17.73
C HIS F 23 12.13 -63.48 -18.31
N THR F 24 11.16 -63.74 -17.43
CA THR F 24 9.80 -64.07 -17.84
C THR F 24 9.09 -62.85 -18.43
N LEU F 25 9.36 -61.68 -17.86
CA LEU F 25 8.77 -60.43 -18.33
C LEU F 25 9.58 -59.84 -19.47
N ALA F 26 10.86 -60.16 -19.50
CA ALA F 26 11.77 -59.67 -20.55
C ALA F 26 11.53 -60.40 -21.86
N VAL F 27 10.69 -61.43 -21.82
CA VAL F 27 10.35 -62.21 -23.01
C VAL F 27 9.58 -61.35 -24.00
N PRO F 28 8.92 -60.29 -23.51
CA PRO F 28 8.13 -59.34 -24.30
C PRO F 28 9.00 -58.42 -25.14
N THR F 29 10.32 -58.54 -24.98
CA THR F 29 11.26 -57.73 -25.72
C THR F 29 11.40 -58.25 -27.16
N ILE F 30 11.24 -59.55 -27.31
CA ILE F 30 11.33 -60.20 -28.63
C ILE F 30 9.99 -60.14 -29.35
N PHE F 31 8.91 -60.06 -28.57
CA PHE F 31 7.56 -60.00 -29.12
C PHE F 31 7.34 -58.67 -29.83
N PHE F 32 7.98 -57.62 -29.31
CA PHE F 32 7.88 -56.28 -29.88
C PHE F 32 8.91 -56.06 -30.98
N LEU F 33 9.87 -56.99 -31.10
CA LEU F 33 10.90 -56.91 -32.12
C LEU F 33 10.41 -57.45 -33.45
N GLY F 34 9.54 -58.46 -33.39
CA GLY F 34 8.99 -59.06 -34.60
C GLY F 34 7.76 -58.35 -35.12
N ALA F 35 6.98 -57.78 -34.19
CA ALA F 35 5.76 -57.06 -34.55
C ALA F 35 6.07 -55.73 -35.22
N ILE F 36 7.27 -55.20 -34.95
CA ILE F 36 7.71 -53.94 -35.52
C ILE F 36 8.36 -54.14 -36.89
N ALA F 37 8.78 -55.37 -37.16
CA ALA F 37 9.41 -55.71 -38.43
C ALA F 37 8.41 -56.25 -39.44
N ALA F 38 7.21 -56.61 -38.95
CA ALA F 38 6.16 -57.15 -39.80
C ALA F 38 5.27 -56.04 -40.36
N MET F 39 5.20 -54.91 -39.65
CA MET F 39 4.39 -53.78 -40.07
C MET F 39 5.19 -52.74 -40.86
N GLN F 40 6.50 -52.92 -40.91
CA GLN F 40 7.39 -52.01 -41.63
C GLN F 40 7.78 -52.55 -43.01
N PHE F 41 7.66 -53.86 -43.18
CA PHE F 41 8.01 -54.51 -44.45
C PHE F 41 6.81 -54.64 -45.39
N ILE F 42 5.62 -54.82 -44.81
CA ILE F 42 4.39 -54.96 -45.59
C ILE F 42 3.62 -53.64 -45.64
CA UNK G 1 26.43 -16.97 18.35
CA UNK G 2 22.73 -17.53 18.93
CA UNK G 3 22.66 -13.79 18.37
CA UNK G 4 23.45 -13.72 14.67
CA UNK G 5 21.37 -16.84 14.11
CA UNK G 6 18.45 -15.25 15.98
CA UNK G 7 18.82 -11.97 14.09
CA UNK G 8 18.99 -13.55 10.65
CA UNK G 9 16.11 -15.93 11.42
CA UNK G 10 13.70 -13.20 12.56
CA UNK G 11 15.29 -10.54 10.33
CA UNK G 12 14.78 -12.83 7.37
CA UNK G 13 11.26 -13.99 8.30
CA UNK G 14 10.01 -10.70 9.65
CA UNK G 15 11.90 -8.48 7.26
CA UNK G 16 11.13 -10.39 4.14
CA UNK G 17 7.48 -11.11 5.15
CA UNK G 18 7.09 -7.65 6.62
CA UNK G 19 8.24 -5.99 3.38
CA UNK G 20 5.94 -8.35 1.50
CA UNK G 21 2.76 -7.35 3.38
CA UNK G 22 3.80 -3.70 3.12
CA UNK G 23 4.54 -3.86 -0.62
CA UNK G 24 1.42 -5.72 -1.72
CA UNK G 25 -1.03 -3.86 0.49
CA UNK G 26 -0.33 -1.58 -2.46
CA UNK G 27 0.22 -3.58 -5.63
CA UNK G 28 -1.89 -2.25 -8.49
CA UNK G 29 28.78 -17.93 9.17
CA UNK G 30 26.81 -20.61 7.33
CA UNK G 31 23.66 -19.81 9.25
CA UNK G 32 23.97 -16.30 7.83
CA UNK G 33 24.80 -17.43 4.31
CA UNK G 34 21.81 -19.81 4.36
CA UNK G 35 19.50 -17.14 5.79
CA UNK G 36 20.49 -14.44 3.30
CA UNK G 37 20.34 -16.88 0.35
CA UNK G 38 16.77 -17.96 1.16
CA UNK G 39 15.73 -14.37 1.96
CA UNK G 40 17.00 -13.33 -1.46
CA UNK G 41 15.56 -16.32 -3.36
CA UNK G 42 12.17 -15.89 -1.74
CA UNK G 43 11.98 -12.15 -2.06
CA UNK G 44 13.16 -11.91 -5.61
CA UNK G 45 11.22 -15.01 -6.80
CA UNK G 46 8.18 -14.04 -4.78
CA UNK G 47 8.44 -10.34 -5.65
CA UNK G 48 7.57 -11.62 -9.13
CA UNK G 49 4.23 -13.20 -8.13
CA UNK G 50 3.74 -10.99 -5.07
CA UNK G 51 3.48 -7.61 -6.80
CA UNK G 52 0.59 -8.82 -8.95
CA UNK G 53 38.10 -13.66 0.48
CA UNK G 54 34.82 -15.52 0.99
CA UNK G 55 33.68 -13.05 3.61
CA UNK G 56 34.01 -10.41 0.91
CA UNK G 57 32.33 -12.48 -1.79
CA UNK G 58 29.43 -13.24 0.57
CA UNK G 59 29.13 -9.60 1.64
CA UNK G 60 29.18 -8.18 -1.88
CA UNK G 61 26.74 -10.84 -3.14
CA UNK G 62 24.15 -10.06 -0.46
CA UNK G 63 24.71 -6.31 -0.83
CA UNK G 64 24.01 -6.64 -4.54
CA UNK G 65 21.04 -9.00 -4.13
CA UNK G 66 19.80 -7.18 -1.07
CA UNK G 67 20.83 -3.70 -2.06
CA UNK G 68 19.71 -3.89 -5.63
CA UNK G 69 16.49 -5.80 -4.78
CA UNK G 70 15.68 -3.15 -2.19
CA UNK G 71 15.99 -0.35 -4.75
CA UNK G 72 13.90 -2.46 -7.13
CA UNK G 73 10.92 -2.85 -4.77
CA UNK G 74 11.19 0.84 -3.87
CA UNK G 75 11.38 2.02 -7.47
CA UNK G 76 8.54 -0.07 -8.89
CA UNK G 77 6.15 0.40 -5.98
CA UNK G 78 6.82 4.11 -6.34
CA UNK G 79 55.86 -15.26 -20.74
CA UNK G 80 52.64 -15.85 -22.68
CA UNK G 81 50.53 -14.80 -19.73
CA UNK G 82 52.32 -11.46 -19.93
CA UNK G 83 52.07 -11.18 -23.72
CA UNK G 84 48.33 -11.96 -23.55
CA UNK G 85 47.78 -9.50 -20.68
CA UNK G 86 49.66 -6.63 -22.31
CA UNK G 87 48.00 -7.27 -25.71
CA UNK G 88 44.47 -7.10 -24.26
CA UNK G 89 45.40 -4.12 -22.04
CA UNK G 90 46.60 -2.30 -25.14
CA UNK G 91 43.69 -3.33 -27.38
CA UNK G 92 41.13 -2.36 -24.78
CA UNK G 93 42.74 0.88 -23.75
CA UNK G 94 43.46 2.16 -27.21
CA UNK G 95 40.09 0.94 -28.61
CA UNK G 96 38.34 2.71 -25.76
CA UNK G 97 40.01 6.03 -26.59
CA UNK G 98 39.18 5.40 -30.25
CA UNK G 99 35.40 5.02 -29.71
CA UNK G 100 35.47 8.01 -27.35
CA UNK G 101 37.43 10.22 -29.76
CA UNK G 102 35.47 9.49 -32.93
CA UNK G 103 32.03 9.57 -31.34
CA UNK G 104 33.05 12.89 -29.85
CA UNK G 105 54.23 -65.40 -51.09
CA UNK G 106 50.69 -64.13 -50.59
CA UNK G 107 51.91 -60.60 -49.96
CA UNK G 108 53.42 -60.78 -53.43
CA UNK G 109 50.39 -62.37 -55.06
CA UNK G 110 48.15 -59.71 -53.50
CA UNK G 111 50.49 -56.88 -54.51
CA UNK G 112 51.10 -57.88 -58.12
CA UNK G 113 47.42 -58.83 -58.48
CA UNK G 114 46.20 -55.42 -57.31
CA UNK G 115 48.88 -53.62 -59.33
CA UNK G 116 47.68 -55.44 -62.41
CA UNK G 117 43.95 -55.26 -61.60
CA UNK G 118 44.14 -51.49 -61.54
CA UNK G 119 46.24 -51.10 -64.65
CA UNK G 120 44.34 -53.52 -66.79
CA UNK G 121 40.91 -52.38 -65.48
CA UNK G 122 41.88 -48.81 -66.26
CA UNK G 123 42.70 -49.65 -69.88
CA UNK G 124 39.44 -51.62 -70.02
CA UNK G 125 37.19 -48.69 -69.00
CA UNK G 126 39.16 -46.41 -71.33
CA UNK G 127 38.96 -48.78 -74.30
CA UNK G 128 35.27 -49.65 -74.07
CA UNK G 129 34.02 -46.16 -73.28
CA UNK G 130 36.06 -45.02 -76.27
CA UNK G 131 49.38 -58.77 -40.46
CA UNK G 132 47.92 -62.02 -41.79
CA UNK G 133 44.40 -60.96 -40.90
CA UNK G 134 44.97 -58.01 -43.22
CA UNK G 135 46.59 -60.05 -45.98
CA UNK G 136 43.71 -62.56 -45.84
CA UNK G 137 41.09 -59.79 -45.82
CA UNK G 138 42.57 -57.86 -48.73
CA UNK G 139 43.13 -61.05 -50.76
CA UNK G 140 39.50 -62.15 -50.44
CA UNK G 141 38.06 -58.63 -50.84
CA UNK G 142 40.71 -57.81 -53.41
CA UNK G 143 40.54 -61.14 -55.27
CA UNK G 144 36.77 -61.00 -55.46
CA UNK G 145 36.49 -57.36 -56.40
CA UNK G 146 39.18 -57.36 -59.01
CA UNK G 147 38.13 -60.77 -60.44
CA UNK G 148 34.58 -59.50 -60.70
CA UNK G 149 35.65 -56.47 -62.75
CA UNK G 150 37.80 -58.81 -64.84
CA UNK G 151 34.94 -61.14 -65.86
CA UNK G 152 32.74 -58.11 -66.49
CA UNK G 153 35.32 -56.28 -68.60
CA UNK G 154 36.38 -59.18 -70.81
CA UNK G 155 32.91 -60.61 -71.38
CA UNK G 156 31.90 -57.09 -72.33
CA UNK G 157 48.38 -58.84 -29.75
CA UNK G 158 47.45 -61.75 -32.00
CA UNK G 159 47.15 -65.46 -31.23
CA UNK G 160 45.19 -68.54 -32.26
CA UNK G 161 41.48 -68.25 -33.04
CA UNK G 162 42.75 -64.69 -33.10
CA UNK G 163 42.66 -64.98 -36.87
CA UNK G 164 39.27 -66.66 -37.01
CA UNK G 165 37.83 -63.99 -34.71
CA UNK G 166 39.43 -61.17 -36.70
CA UNK G 167 38.38 -62.37 -40.14
CA UNK G 168 35.15 -64.01 -38.94
CA UNK G 169 33.94 -60.85 -37.21
CA UNK G 170 35.16 -58.56 -40.00
CA UNK G 171 33.85 -60.98 -42.59
CA UNK G 172 30.22 -61.12 -41.39
CA UNK G 173 30.27 -57.55 -42.59
CA UNK G 174 31.35 -58.27 -46.13
CA UNK G 175 29.01 -61.12 -46.75
CA UNK G 176 26.07 -59.44 -44.94
CA UNK G 177 26.64 -56.35 -47.05
CA UNK G 178 26.39 -58.33 -50.30
CA UNK G 179 23.31 -60.05 -48.86
CA UNK G 180 21.36 -56.82 -48.21
CA UNK G 181 22.46 -55.51 -51.61
CA UNK G 182 21.50 -58.67 -53.49
CA UNK G 183 18.07 -59.22 -51.94
CA UNK G 184 0.47 -56.09 21.26
CA UNK G 185 -1.40 -58.89 19.51
CA UNK G 186 -4.91 -59.06 18.10
CA UNK G 187 -3.64 -58.94 14.52
CA UNK G 188 -6.71 -60.87 13.51
CA UNK G 189 -9.14 -58.02 14.01
CA UNK G 190 -6.89 -56.08 11.67
CA UNK G 191 -7.23 -58.82 9.05
CA UNK G 192 -10.96 -58.64 9.64
CA UNK G 193 -10.65 -54.93 10.36
CA UNK G 194 -8.02 -54.33 7.66
CA UNK G 195 -10.16 -55.90 4.93
CA UNK G 196 -13.32 -54.22 6.25
CA UNK G 197 -11.55 -50.89 6.02
CA UNK G 198 -10.23 -51.71 2.54
CA UNK G 199 -13.62 -53.09 1.60
CA UNK G 200 -15.68 -50.33 3.14
CA UNK G 201 -13.65 -47.47 1.84
CA UNK G 202 -13.14 -49.07 -1.62
CA UNK G 203 -16.87 -49.62 -1.85
CA UNK G 204 -17.60 -45.92 -1.20
CA UNK G 205 -14.87 -45.09 -3.72
CA UNK G 206 -16.41 -47.06 -6.62
CA UNK G 207 -19.84 -45.70 -5.68
CA UNK G 208 -18.68 -42.07 -5.49
CA UNK G 209 -16.66 -41.96 -8.70
CA UNK G 210 -19.10 -43.92 -10.83
CA UNK G 211 -20.91 -46.44 -8.57
CA UNK G 212 -24.10 -48.05 -9.84
CA UNK G 213 -26.77 -49.81 -7.80
CA UNK G 214 -30.04 -48.10 -6.93
CA UNK G 215 -29.80 -44.41 -6.08
CA UNK G 216 -27.47 -41.63 -7.22
CA UNK G 217 -27.33 -37.98 -8.28
CA UNK G 218 -30.17 -35.98 -6.75
CA UNK G 219 -28.79 -32.49 -7.28
CA UNK G 220 -25.26 -31.12 -7.60
N UNK H 1 -30.12 -54.84 -11.11
CA UNK H 1 -29.03 -53.93 -10.66
C UNK H 1 -27.73 -54.19 -11.42
N UNK H 2 -27.31 -53.21 -12.23
CA UNK H 2 -26.08 -53.33 -13.00
C UNK H 2 -24.85 -52.92 -12.22
N UNK H 3 -25.04 -52.12 -11.17
CA UNK H 3 -23.94 -51.66 -10.34
C UNK H 3 -23.57 -52.67 -9.25
N UNK H 4 -24.49 -53.58 -8.96
CA UNK H 4 -24.26 -54.60 -7.94
C UNK H 4 -23.58 -55.85 -8.51
N UNK H 5 -23.65 -56.02 -9.82
CA UNK H 5 -23.04 -57.16 -10.49
C UNK H 5 -21.61 -56.84 -10.91
N UNK H 6 -21.34 -55.57 -11.16
CA UNK H 6 -20.02 -55.12 -11.58
C UNK H 6 -19.08 -54.91 -10.39
N UNK H 7 -19.66 -54.68 -9.22
CA UNK H 7 -18.88 -54.47 -8.00
C UNK H 7 -18.51 -55.79 -7.32
N UNK H 8 -19.27 -56.84 -7.61
CA UNK H 8 -19.02 -58.16 -7.03
C UNK H 8 -18.02 -58.97 -7.86
N UNK H 9 -17.85 -58.58 -9.12
CA UNK H 9 -16.92 -59.26 -10.02
C UNK H 9 -15.51 -58.70 -9.90
N UNK H 10 -15.41 -57.43 -9.48
CA UNK H 10 -14.13 -56.77 -9.32
C UNK H 10 -13.51 -57.08 -7.96
N UNK H 11 -14.36 -57.38 -6.98
CA UNK H 11 -13.91 -57.70 -5.63
C UNK H 11 -13.42 -59.15 -5.53
N UNK H 12 -13.95 -60.01 -6.39
CA UNK H 12 -13.57 -61.42 -6.42
C UNK H 12 -12.32 -61.66 -7.27
N UNK H 13 -12.08 -60.75 -8.21
CA UNK H 13 -10.92 -60.84 -9.09
C UNK H 13 -9.65 -60.42 -8.36
N UNK H 14 -9.82 -59.52 -7.40
CA UNK H 14 -8.70 -59.03 -6.60
C UNK H 14 -8.31 -60.04 -5.52
N UNK H 15 -9.28 -60.86 -5.12
CA UNK H 15 -9.06 -61.89 -4.10
C UNK H 15 -8.54 -63.18 -4.71
N UNK H 16 -8.26 -63.15 -6.01
CA UNK H 16 -7.75 -64.31 -6.73
C UNK H 16 -6.41 -63.99 -7.38
N UNK H 17 -5.81 -62.87 -6.98
CA UNK H 17 -4.52 -62.44 -7.52
C UNK H 17 -3.61 -61.91 -6.41
N UNK H 18 -4.20 -61.58 -5.27
CA UNK H 18 -3.45 -61.06 -4.13
C UNK H 18 -3.44 -62.06 -2.98
N UNK H 19 -4.53 -62.79 -2.82
CA UNK H 19 -4.64 -63.79 -1.76
C UNK H 19 -4.19 -65.16 -2.23
N UNK H 20 -4.33 -65.41 -3.53
CA UNK H 20 -3.92 -66.67 -4.12
C UNK H 20 -2.43 -66.69 -4.42
N UNK H 21 -1.88 -65.53 -4.76
CA UNK H 21 -0.46 -65.40 -5.07
C UNK H 21 0.38 -65.41 -3.78
N UNK H 22 -0.20 -64.92 -2.70
CA UNK H 22 0.47 -64.88 -1.40
C UNK H 22 0.54 -66.27 -0.78
N UNK H 23 -0.33 -67.17 -1.24
CA UNK H 23 -0.37 -68.53 -0.74
C UNK H 23 0.60 -69.44 -1.49
N UNK H 24 1.10 -68.96 -2.63
CA UNK H 24 2.03 -69.72 -3.45
C UNK H 24 3.48 -69.42 -3.05
N UNK H 25 3.67 -68.31 -2.35
CA UNK H 25 4.99 -67.89 -1.89
C UNK H 25 5.18 -68.15 -0.40
N UNK H 26 4.14 -68.68 0.26
CA UNK H 26 4.20 -68.97 1.69
C UNK H 26 4.44 -70.45 1.94
N UNK H 27 3.96 -71.30 1.04
CA UNK H 27 4.12 -72.74 1.16
C UNK H 27 5.41 -73.21 0.48
N UNK H 28 5.95 -72.38 -0.40
CA UNK H 28 7.19 -72.70 -1.11
C UNK H 28 8.41 -72.32 -0.28
N UNK H 29 8.29 -71.24 0.48
CA UNK H 29 9.36 -70.74 1.34
C UNK H 29 9.57 -71.63 2.56
N UNK H 30 8.49 -72.23 3.04
CA UNK H 30 8.55 -73.10 4.21
C UNK H 30 9.09 -74.49 3.87
N UNK H 31 9.02 -74.86 2.60
CA UNK H 31 9.49 -76.16 2.12
C UNK H 31 11.01 -76.21 1.99
N UNK H 32 11.60 -75.09 1.55
CA UNK H 32 13.04 -75.01 1.36
C UNK H 32 13.56 -73.59 1.59
N UNK H 33 13.71 -73.20 2.86
CA UNK H 33 14.21 -71.88 3.21
C UNK H 33 15.73 -71.91 3.37
N UNK I 1 43.25 -58.57 -22.05
CA UNK I 1 41.78 -58.44 -22.26
C UNK I 1 41.24 -59.53 -23.17
N UNK I 2 41.48 -59.38 -24.48
CA UNK I 2 41.04 -60.34 -25.49
C UNK I 2 39.53 -60.39 -25.71
N UNK I 3 38.76 -59.86 -24.76
CA UNK I 3 37.31 -59.83 -24.84
C UNK I 3 36.71 -61.21 -25.11
N UNK I 4 35.74 -61.27 -26.02
CA UNK I 4 35.08 -62.53 -26.39
C UNK I 4 34.19 -62.36 -27.62
N UNK I 5 34.69 -62.82 -28.76
CA UNK I 5 33.96 -62.73 -30.02
C UNK I 5 32.98 -63.89 -30.17
N UNK I 6 31.79 -63.75 -29.60
CA UNK I 6 30.76 -64.78 -29.68
C UNK I 6 29.45 -64.33 -29.04
N UNK I 7 29.55 -63.70 -27.87
CA UNK I 7 28.37 -63.22 -27.16
C UNK I 7 27.91 -61.85 -27.65
N UNK I 8 28.87 -61.03 -28.08
CA UNK I 8 28.56 -59.69 -28.57
C UNK I 8 28.47 -59.66 -30.09
N UNK I 9 29.02 -60.68 -30.74
CA UNK I 9 28.98 -60.78 -32.20
C UNK I 9 27.60 -61.16 -32.70
N UNK I 10 26.86 -61.90 -31.87
CA UNK I 10 25.51 -62.33 -32.22
C UNK I 10 24.48 -61.29 -31.78
N UNK I 11 24.82 -60.50 -30.76
CA UNK I 11 23.93 -59.46 -30.25
C UNK I 11 24.01 -58.20 -31.10
N UNK I 12 25.14 -58.01 -31.78
CA UNK I 12 25.33 -56.84 -32.64
C UNK I 12 24.73 -57.06 -34.02
N UNK I 13 24.58 -58.34 -34.40
CA UNK I 13 24.02 -58.69 -35.69
C UNK I 13 22.49 -58.76 -35.64
N UNK I 14 21.93 -58.77 -34.43
CA UNK I 14 20.50 -58.83 -34.23
C UNK I 14 19.90 -57.47 -33.89
N UNK I 15 20.73 -56.57 -33.37
CA UNK I 15 20.29 -55.24 -32.99
C UNK I 15 20.38 -54.25 -34.15
N UNK I 16 21.36 -54.47 -35.02
CA UNK I 16 21.56 -53.60 -36.19
C UNK I 16 20.63 -53.97 -37.34
N UNK I 17 20.19 -55.22 -37.37
CA UNK I 17 19.30 -55.70 -38.42
C UNK I 17 17.84 -55.34 -38.13
N UNK I 18 17.51 -55.20 -36.85
CA UNK I 18 16.16 -54.84 -36.44
C UNK I 18 15.90 -53.34 -36.56
N UNK I 19 16.97 -52.56 -36.51
CA UNK I 19 16.87 -51.11 -36.61
C UNK I 19 16.85 -50.65 -38.07
N UNK I 20 17.35 -51.49 -38.96
CA UNK I 20 17.39 -51.18 -40.39
C UNK I 20 16.04 -51.46 -41.05
N UNK I 21 15.32 -52.46 -40.51
CA UNK I 21 14.02 -52.81 -41.05
C UNK I 21 12.91 -51.89 -40.57
N UNK I 22 13.05 -51.39 -39.35
CA UNK I 22 12.07 -50.50 -38.76
C UNK I 22 12.17 -49.09 -39.35
N UNK I 23 13.39 -48.67 -39.64
CA UNK I 23 13.64 -47.34 -40.22
C UNK I 23 13.41 -47.32 -41.73
N UNK I 24 13.12 -48.50 -42.29
CA UNK I 24 12.88 -48.64 -43.72
C UNK I 24 11.76 -47.73 -44.23
N UNK I 25 10.71 -47.60 -43.42
CA UNK I 25 9.58 -46.76 -43.80
C UNK I 25 8.42 -47.56 -44.37
N UNK I 26 7.42 -47.80 -43.52
CA UNK I 26 6.23 -48.55 -43.93
C UNK I 26 5.16 -47.61 -44.50
N ALA J 5 25.86 -56.57 -62.59
CA ALA J 5 25.28 -55.20 -62.45
C ALA J 5 26.19 -54.28 -61.66
N TYR J 6 26.74 -54.79 -60.56
CA TYR J 6 27.64 -54.04 -59.69
C TYR J 6 27.00 -52.76 -59.16
N ALA J 7 25.75 -52.87 -58.71
CA ALA J 7 25.01 -51.73 -58.16
C ALA J 7 25.18 -51.59 -56.65
N ILE J 8 26.02 -52.45 -56.07
CA ILE J 8 26.26 -52.43 -54.63
C ILE J 8 27.48 -51.57 -54.29
N PHE J 9 27.72 -50.52 -55.08
CA PHE J 9 28.84 -49.63 -54.87
C PHE J 9 28.58 -48.64 -53.73
N ASP J 10 27.30 -48.31 -53.52
CA ASP J 10 26.91 -47.38 -52.47
C ASP J 10 26.91 -48.04 -51.09
N PRO J 11 26.84 -49.37 -51.05
CA PRO J 11 26.84 -50.14 -49.80
C PRO J 11 28.24 -50.50 -49.29
N LEU J 12 29.25 -50.20 -50.10
CA LEU J 12 30.63 -50.48 -49.74
C LEU J 12 31.42 -49.21 -49.43
N VAL J 13 30.81 -48.06 -49.71
CA VAL J 13 31.44 -46.76 -49.46
C VAL J 13 31.12 -46.23 -48.07
N ASP J 14 29.86 -46.37 -47.66
CA ASP J 14 29.42 -45.91 -46.36
C ASP J 14 29.89 -46.84 -45.23
N VAL J 15 29.81 -48.14 -45.49
CA VAL J 15 30.21 -49.16 -44.51
C VAL J 15 31.74 -49.21 -44.33
N LEU J 16 32.46 -48.52 -45.19
CA LEU J 16 33.93 -48.48 -45.13
C LEU J 16 34.43 -47.68 -43.94
N PRO J 17 33.56 -46.91 -43.29
CA PRO J 17 33.87 -46.08 -42.12
C PRO J 17 32.78 -46.14 -41.06
N VAL J 18 31.76 -46.96 -41.33
CA VAL J 18 30.65 -47.14 -40.40
C VAL J 18 30.89 -48.34 -39.50
N ILE J 19 31.38 -49.42 -40.10
CA ILE J 19 31.67 -50.66 -39.37
C ILE J 19 33.03 -50.68 -38.68
N PRO J 20 34.11 -50.27 -39.40
CA PRO J 20 35.45 -50.26 -38.81
C PRO J 20 35.58 -49.31 -37.62
N VAL J 21 36.28 -49.76 -36.58
CA VAL J 21 36.47 -48.98 -35.36
C VAL J 21 35.15 -48.71 -34.64
N LEU J 22 34.14 -49.52 -34.94
CA LEU J 22 32.83 -49.40 -34.33
C LEU J 22 32.27 -50.79 -34.01
N PHE J 23 32.95 -51.81 -34.53
CA PHE J 23 32.57 -53.20 -34.31
C PHE J 23 33.78 -54.11 -34.55
N LEU J 24 34.89 -53.49 -34.92
CA LEU J 24 36.14 -54.20 -35.17
C LEU J 24 37.23 -53.76 -34.20
N ALA J 25 36.86 -52.88 -33.26
CA ALA J 25 37.79 -52.37 -32.26
C ALA J 25 37.09 -52.06 -30.93
N LEU J 26 35.77 -51.96 -30.97
CA LEU J 26 34.99 -51.68 -29.77
C LEU J 26 34.72 -52.97 -28.99
N ALA J 27 34.44 -54.03 -29.73
CA ALA J 27 34.18 -55.34 -29.14
C ALA J 27 35.46 -56.13 -28.92
N PHE J 28 36.39 -56.00 -29.86
CA PHE J 28 37.68 -56.70 -29.78
C PHE J 28 38.60 -56.07 -28.73
N VAL J 29 38.57 -54.74 -28.64
CA VAL J 29 39.38 -53.98 -27.69
C VAL J 29 40.87 -54.29 -27.79
N TRP J 30 41.38 -54.33 -29.02
CA TRP J 30 42.80 -54.60 -29.27
C TRP J 30 43.68 -53.36 -29.09
N GLN J 31 43.57 -52.41 -30.01
CA GLN J 31 44.32 -51.16 -29.99
C GLN J 31 45.83 -51.34 -30.17
N UNK K 1 10.52 -6.51 -44.42
CA UNK K 1 11.53 -7.60 -44.49
C UNK K 1 12.92 -7.05 -44.77
N UNK K 2 13.82 -7.21 -43.80
CA UNK K 2 15.20 -6.75 -43.93
C UNK K 2 16.16 -7.92 -43.99
N UNK K 3 17.21 -7.78 -44.81
CA UNK K 3 18.21 -8.82 -44.97
C UNK K 3 19.55 -8.26 -45.43
N UNK K 4 20.58 -9.11 -45.39
CA UNK K 4 21.92 -8.71 -45.82
C UNK K 4 22.07 -8.88 -47.33
N UNK K 5 22.73 -7.91 -47.96
CA UNK K 5 22.96 -7.95 -49.41
C UNK K 5 23.85 -9.12 -49.82
N UNK K 6 23.40 -9.87 -50.81
CA UNK K 6 24.13 -11.03 -51.30
C UNK K 6 24.60 -10.80 -52.74
N UNK K 7 25.44 -9.79 -52.93
CA UNK K 7 25.99 -9.44 -54.24
C UNK K 7 24.90 -9.12 -55.26
N UNK K 8 25.21 -9.33 -56.54
CA UNK K 8 24.26 -9.07 -57.61
C UNK K 8 24.36 -10.13 -58.72
N UNK K 9 24.05 -11.38 -58.35
CA UNK K 9 24.09 -12.51 -59.28
C UNK K 9 25.45 -12.69 -59.93
N UNK K 10 22.26 -10.58 -64.57
CA UNK K 10 22.59 -9.83 -63.32
C UNK K 10 21.36 -9.13 -62.75
N UNK K 11 21.55 -8.45 -61.63
CA UNK K 11 20.46 -7.73 -60.96
C UNK K 11 20.21 -6.36 -61.59
N UNK K 12 19.23 -5.64 -61.04
CA UNK K 12 18.85 -4.32 -61.51
C UNK K 12 19.94 -3.28 -61.23
N UNK K 13 20.61 -3.43 -60.08
CA UNK K 13 21.67 -2.52 -59.65
C UNK K 13 21.13 -1.11 -59.35
N UNK K 14 20.78 -0.89 -58.09
CA UNK K 14 20.25 0.40 -57.65
C UNK K 14 21.34 1.43 -57.35
N UNK K 15 21.54 2.36 -58.30
CA UNK K 15 22.54 3.42 -58.17
C UNK K 15 23.97 2.91 -57.98
N UNK K 16 24.37 2.72 -56.73
CA UNK K 16 25.71 2.23 -56.41
C UNK K 16 25.81 0.72 -56.58
N UNK K 17 26.96 0.17 -56.20
CA UNK K 17 27.21 -1.27 -56.30
C UNK K 17 28.33 -1.71 -55.37
N UNK K 18 29.43 -0.96 -55.38
CA UNK K 18 30.59 -1.25 -54.54
C UNK K 18 31.58 -0.08 -54.52
N UNK K 19 31.18 1.04 -55.11
CA UNK K 19 32.01 2.24 -55.16
C UNK K 19 31.90 3.04 -53.86
N UNK K 20 30.70 3.08 -53.29
CA UNK K 20 30.45 3.80 -52.06
C UNK K 20 29.17 3.29 -51.39
N UNK K 21 29.28 2.88 -50.13
CA UNK K 21 28.15 2.37 -49.38
C UNK K 21 28.20 2.86 -47.93
N UNK K 22 27.94 4.15 -47.75
CA UNK K 22 27.96 4.77 -46.43
C UNK K 22 27.03 5.98 -46.39
N UNK K 23 27.06 6.78 -47.46
CA UNK K 23 26.23 7.96 -47.56
C UNK K 23 25.13 7.77 -48.62
N UNK K 24 25.37 8.33 -49.81
CA UNK K 24 24.43 8.24 -50.92
C UNK K 24 23.04 8.80 -50.56
N UNK K 25 23.00 9.69 -49.59
CA UNK K 25 21.75 10.30 -49.15
C UNK K 25 21.64 11.75 -49.62
N UNK K 26 22.31 12.66 -48.91
CA UNK K 26 22.30 14.09 -49.22
C UNK K 26 20.97 14.77 -48.91
N UNK K 27 19.91 13.98 -48.78
CA UNK K 27 18.58 14.50 -48.48
C UNK K 27 18.39 14.65 -46.97
N UNK K 28 17.32 15.34 -46.58
CA UNK K 28 16.99 15.58 -45.17
C UNK K 28 18.09 16.35 -44.43
N UNK K 29 19.03 15.60 -43.83
CA UNK K 29 20.15 16.16 -43.08
C UNK K 29 19.80 16.69 -41.70
N UNK K 30 18.71 17.43 -41.60
CA UNK K 30 18.27 18.00 -40.32
C UNK K 30 16.90 17.48 -39.90
N UNK K 31 16.43 17.94 -38.74
CA UNK K 31 15.14 17.53 -38.21
C UNK K 31 14.61 18.51 -37.16
N UNK K 32 13.39 18.26 -36.69
CA UNK K 32 12.74 19.10 -35.68
C UNK K 32 11.47 18.45 -35.17
N UNK K 33 10.94 18.98 -34.07
CA UNK K 33 9.72 18.47 -33.47
C UNK K 33 8.94 19.60 -32.79
N UNK K 34 7.72 19.83 -33.25
CA UNK K 34 6.86 20.88 -32.71
C UNK K 34 6.41 20.59 -31.27
N UNK K 35 6.24 21.66 -30.51
CA UNK K 35 5.81 21.55 -29.11
C UNK K 35 4.28 21.62 -29.01
N UNK K 36 3.72 20.83 -28.09
CA UNK K 36 2.28 20.81 -27.87
C UNK K 36 1.96 21.22 -26.43
N UNK K 37 1.46 22.45 -26.27
CA UNK K 37 1.11 22.98 -24.96
C UNK K 37 -0.25 23.66 -24.98
N UNK K 38 -0.38 24.73 -24.20
CA UNK K 38 -1.62 25.49 -24.10
C UNK K 38 -1.34 26.93 -23.69
N UNK K 39 -0.44 27.58 -24.43
CA UNK K 39 -0.08 28.96 -24.16
C UNK K 39 0.48 29.63 -25.42
N UNK K 40 1.66 30.23 -25.30
CA UNK K 40 2.29 30.90 -26.44
C UNK K 40 3.00 29.87 -27.33
N UNK K 41 2.71 29.93 -28.62
CA UNK K 41 3.31 29.01 -29.58
C UNK K 41 4.79 29.34 -29.80
N UNK K 42 5.60 28.28 -29.88
CA UNK K 42 7.05 28.42 -30.09
C UNK K 42 7.72 27.05 -30.21
N UNK K 43 7.93 26.59 -31.44
CA UNK K 43 8.55 25.31 -31.71
C UNK K 43 10.03 25.45 -32.08
N UNK K 44 10.87 24.63 -31.45
CA UNK K 44 12.31 24.66 -31.70
C UNK K 44 12.98 23.43 -31.06
N UNK K 45 13.23 22.42 -31.87
CA UNK K 45 13.86 21.18 -31.40
C UNK K 45 14.84 20.62 -32.44
N UNK K 46 15.33 19.40 -32.19
CA UNK K 46 16.27 18.74 -33.09
C UNK K 46 16.42 17.26 -32.76
N UNK K 47 15.74 16.41 -33.53
CA UNK K 47 15.79 14.96 -33.33
C UNK K 47 16.83 14.30 -34.22
N UNK K 48 17.16 13.04 -33.92
CA UNK K 48 18.14 12.28 -34.70
C UNK K 48 18.04 10.79 -34.38
N UNK K 49 17.36 10.05 -35.26
CA UNK K 49 17.17 8.61 -35.08
C UNK K 49 18.03 7.79 -36.04
N UNK K 50 17.37 6.98 -36.88
CA UNK K 50 18.06 6.13 -37.84
C UNK K 50 18.10 6.75 -39.24
N UNK K 51 18.81 6.08 -40.14
CA UNK K 51 18.94 6.54 -41.52
C UNK K 51 17.79 6.00 -42.37
N UNK K 52 16.93 6.90 -42.82
CA UNK K 52 15.79 6.54 -43.65
C UNK K 52 15.25 7.77 -44.38
N UNK K 53 15.91 8.15 -45.47
CA UNK K 53 15.51 9.31 -46.25
C UNK K 53 15.53 9.04 -47.75
N UNK K 54 14.80 9.86 -48.49
CA UNK K 54 14.71 9.73 -49.94
C UNK K 54 14.09 10.98 -50.55
N UNK K 55 14.77 11.57 -51.54
CA UNK K 55 14.28 12.76 -52.20
C UNK K 55 14.98 13.00 -53.54
N UNK K 56 14.34 12.58 -54.62
CA UNK K 56 14.88 12.74 -55.96
C UNK K 56 13.97 13.62 -56.82
N UNK K 57 14.19 13.60 -58.13
CA UNK K 57 13.38 14.39 -59.06
C UNK K 57 13.47 13.83 -60.47
N UNK K 58 12.49 13.00 -60.82
CA UNK K 58 12.44 12.39 -62.15
C UNK K 58 11.25 12.93 -62.93
N UNK K 59 11.24 14.24 -63.13
CA UNK K 59 10.17 14.92 -63.86
C UNK K 59 10.14 14.55 -65.34
N UNK K 60 8.99 14.74 -65.96
CA UNK K 60 8.78 14.45 -67.37
C UNK K 60 7.42 14.99 -67.81
N UNK K 61 6.44 14.87 -66.91
CA UNK K 61 5.09 15.35 -67.18
C UNK K 61 4.95 16.84 -66.90
N UNK K 62 3.83 17.42 -67.31
CA UNK K 62 3.58 18.85 -67.11
C UNK K 62 2.09 19.17 -67.23
N UNK K 63 1.79 20.47 -67.28
CA UNK K 63 0.43 20.96 -67.40
C UNK K 63 0.41 22.20 -68.29
N UNK K 64 -0.78 22.81 -68.43
CA UNK K 64 -0.94 24.00 -69.25
C UNK K 64 -0.09 25.16 -68.72
N UNK K 65 -0.38 25.57 -67.49
CA UNK K 65 0.33 26.66 -66.81
C UNK K 65 -0.23 26.81 -65.40
N UNK K 66 -0.06 25.78 -64.59
CA UNK K 66 -0.54 25.78 -63.22
C UNK K 66 0.17 24.73 -62.36
N UNK K 67 -0.11 23.46 -62.65
CA UNK K 67 0.50 22.36 -61.91
C UNK K 67 1.86 21.98 -62.49
N UNK K 68 2.70 21.37 -61.67
CA UNK K 68 4.04 20.96 -62.11
C UNK K 68 4.31 19.48 -61.85
N UNK K 69 4.44 18.72 -62.94
CA UNK K 69 4.71 17.29 -62.89
C UNK K 69 3.74 16.51 -61.99
N UNK K 70 2.45 16.70 -62.25
CA UNK K 70 1.41 16.03 -61.47
C UNK K 70 1.38 14.54 -61.76
N UNK K 71 1.22 13.75 -60.70
CA UNK K 71 1.15 12.29 -60.78
C UNK K 71 2.40 11.67 -61.40
N UNK K 72 3.57 12.04 -60.87
CA UNK K 72 4.85 11.53 -61.36
C UNK K 72 5.02 10.05 -61.00
N UNK K 73 4.84 9.73 -59.71
CA UNK K 73 4.97 8.36 -59.21
C UNK K 73 6.30 7.68 -59.58
N UNK K 74 7.39 8.42 -59.46
CA UNK K 74 8.71 7.88 -59.77
C UNK K 74 9.74 8.38 -58.75
N UNK K 75 10.93 8.73 -59.25
CA UNK K 75 12.02 9.23 -58.40
C UNK K 75 12.49 8.21 -57.35
N UNK K 76 12.84 8.71 -56.17
CA UNK K 76 13.31 7.85 -55.08
C UNK K 76 12.21 7.49 -54.10
N UNK K 77 11.93 6.19 -53.98
CA UNK K 77 10.90 5.68 -53.08
C UNK K 77 9.53 6.32 -53.28
N UNK K 78 8.79 6.50 -52.19
CA UNK K 78 7.46 7.11 -52.23
C UNK K 78 6.96 7.35 -50.80
N UNK K 79 7.49 6.60 -49.85
CA UNK K 79 7.09 6.73 -48.45
C UNK K 79 8.12 6.09 -47.53
N UNK K 80 8.74 6.91 -46.68
CA UNK K 80 9.75 6.44 -45.74
C UNK K 80 9.12 6.00 -44.42
N UNK K 81 9.94 5.91 -43.38
CA UNK K 81 9.47 5.51 -42.05
C UNK K 81 10.45 5.97 -40.97
N UNK K 82 10.38 7.25 -40.64
CA UNK K 82 11.25 7.85 -39.62
C UNK K 82 10.76 7.54 -38.19
N UNK K 83 11.36 8.23 -37.22
CA UNK K 83 11.00 8.06 -35.82
C UNK K 83 11.62 9.17 -34.97
N UNK K 84 10.81 10.17 -34.64
CA UNK K 84 11.27 11.29 -33.83
C UNK K 84 11.49 10.87 -32.38
N UNK K 85 12.42 11.53 -31.71
CA UNK K 85 12.73 11.25 -30.32
C UNK K 85 13.57 12.38 -29.71
N UNK K 86 12.94 13.17 -28.85
CA UNK K 86 13.61 14.30 -28.21
C UNK K 86 13.92 14.01 -26.74
N UNK K 87 13.65 14.99 -25.87
CA UNK K 87 13.90 14.86 -24.44
C UNK K 87 12.88 13.96 -23.76
N UNK K 88 11.72 13.78 -24.38
CA UNK K 88 10.66 12.93 -23.85
C UNK K 88 10.43 11.71 -24.73
N UNK K 89 9.51 11.84 -25.68
CA UNK K 89 9.18 10.76 -26.61
C UNK K 89 8.27 11.33 -27.71
N UNK K 90 8.48 10.87 -28.93
CA UNK K 90 7.69 11.34 -30.07
C UNK K 90 7.51 10.28 -31.15
N UNK K 91 7.08 10.73 -32.33
CA UNK K 91 6.86 9.85 -33.46
C UNK K 91 6.66 10.70 -34.72
N UNK K 92 7.09 10.17 -35.86
CA UNK K 92 6.97 10.88 -37.13
C UNK K 92 7.03 9.92 -38.31
N UNK K 93 6.02 10.00 -39.18
CA UNK K 93 5.95 9.14 -40.36
C UNK K 93 5.06 9.77 -41.43
N UNK K 94 5.68 10.55 -42.31
CA UNK K 94 4.96 11.21 -43.40
C UNK K 94 5.79 11.19 -44.68
N UNK K 95 6.95 11.84 -44.63
CA UNK K 95 7.88 11.91 -45.75
C UNK K 95 7.37 12.72 -46.95
N UNK K 96 7.13 12.04 -48.07
CA UNK K 96 6.65 12.69 -49.28
C UNK K 96 5.13 12.73 -49.39
N UNK K 97 4.64 13.03 -50.59
CA UNK K 97 3.19 13.11 -50.85
C UNK K 97 2.91 12.66 -52.28
N UNK K 98 1.85 11.86 -52.44
CA UNK K 98 1.47 11.34 -53.76
C UNK K 98 0.62 12.31 -54.58
N UNK K 99 1.23 12.90 -55.60
CA UNK K 99 0.58 13.85 -56.50
C UNK K 99 0.05 15.11 -55.80
N UNK K 100 0.83 16.18 -55.86
CA UNK K 100 0.47 17.45 -55.25
C UNK K 100 0.82 18.61 -56.18
N UNK K 101 1.88 18.41 -56.97
CA UNK K 101 2.37 19.40 -57.92
C UNK K 101 2.87 20.67 -57.23
N UNK K 102 2.92 21.76 -57.98
CA UNK K 102 3.38 23.05 -57.46
C UNK K 102 2.97 24.18 -58.41
N UNK K 103 3.90 24.63 -59.24
CA UNK K 103 3.65 25.70 -60.19
C UNK K 103 4.61 25.59 -61.38
N UNK K 104 4.12 25.92 -62.57
CA UNK K 104 4.93 25.83 -63.78
C UNK K 104 4.43 26.78 -64.88
N UNK K 105 5.38 27.34 -65.62
CA UNK K 105 5.12 28.27 -66.72
C UNK K 105 4.42 29.55 -66.30
N UNK K 106 4.26 30.46 -67.26
CA UNK K 106 3.62 31.76 -67.05
C UNK K 106 4.34 32.60 -65.99
N UNK K 107 5.58 32.24 -65.69
CA UNK K 107 6.38 32.93 -64.69
C UNK K 107 7.03 34.20 -65.25
N UNK K 108 7.57 35.01 -64.36
CA UNK K 108 8.24 36.25 -64.74
C UNK K 108 9.64 35.98 -65.30
N UNK K 109 10.05 34.71 -65.27
CA UNK K 109 11.36 34.30 -65.76
C UNK K 109 11.24 33.25 -66.86
N UNK K 110 10.74 32.07 -66.49
CA UNK K 110 10.58 30.96 -67.42
C UNK K 110 11.90 30.50 -68.04
N UNK K 111 11.81 29.72 -69.11
CA UNK K 111 12.98 29.18 -69.81
C UNK K 111 13.92 28.43 -68.87
N UNK K 112 15.17 28.87 -68.80
CA UNK K 112 16.15 28.23 -67.93
C UNK K 112 15.86 28.54 -66.46
N UNK K 113 15.69 29.82 -66.15
CA UNK K 113 15.41 30.29 -64.80
C UNK K 113 16.55 30.07 -63.81
N UNK K 114 17.17 31.17 -63.37
CA UNK K 114 18.26 31.10 -62.42
C UNK K 114 17.77 30.90 -60.99
N UNK K 115 16.57 31.39 -60.71
CA UNK K 115 15.98 31.27 -59.39
C UNK K 115 14.51 30.87 -59.45
N UNK K 116 14.24 29.61 -59.10
CA UNK K 116 12.89 29.06 -59.11
C UNK K 116 12.09 29.52 -57.89
N UNK K 117 10.78 29.26 -57.93
CA UNK K 117 9.88 29.63 -56.84
C UNK K 117 8.54 28.90 -56.96
N UNK K 118 8.42 27.78 -56.26
CA UNK K 118 7.21 26.97 -56.27
C UNK K 118 6.73 26.66 -54.85
N UNK K 119 5.42 26.68 -54.66
CA UNK K 119 4.81 26.40 -53.35
C UNK K 119 3.30 26.30 -53.46
N UNK K 120 2.76 25.09 -53.27
CA UNK K 120 1.33 24.85 -53.35
C UNK K 120 0.74 24.29 -52.05
N UNK K 121 0.26 23.05 -52.09
CA UNK K 121 -0.33 22.39 -50.94
C UNK K 121 -0.42 20.87 -51.18
N UNK K 122 0.00 20.09 -50.18
CA UNK K 122 -0.01 18.63 -50.28
C UNK K 122 -1.30 17.99 -49.76
N UNK K 123 -1.32 17.64 -48.48
CA UNK K 123 -2.47 17.01 -47.83
C UNK K 123 -2.75 15.60 -48.35
N UNK K 124 -1.80 14.70 -48.12
CA UNK K 124 -1.91 13.31 -48.56
C UNK K 124 -1.62 12.33 -47.42
N UNK K 125 -0.93 11.24 -47.73
CA UNK K 125 -0.56 10.21 -46.75
C UNK K 125 -1.77 9.53 -46.10
N UNK K 126 -1.54 8.98 -44.90
CA UNK K 126 -2.59 8.28 -44.14
C UNK K 126 -2.07 7.84 -42.77
N UNK K 127 -1.93 6.53 -42.58
CA UNK K 127 -1.45 5.97 -41.32
C UNK K 127 -0.86 4.57 -41.51
N UNK K 128 -0.40 3.97 -40.42
CA UNK K 128 0.19 2.62 -40.46
C UNK K 128 -0.83 1.57 -40.89
N UNK K 129 -0.71 1.10 -42.12
CA UNK K 129 -1.61 0.11 -42.67
C UNK K 129 -1.46 -1.25 -42.00
N UNK K 130 -2.60 -1.85 -41.65
CA UNK K 130 -2.62 -3.16 -41.00
C UNK K 130 -4.02 -3.76 -41.09
N UNK K 131 -4.98 -3.09 -40.45
CA UNK K 131 -6.37 -3.53 -40.42
C UNK K 131 -6.52 -4.91 -39.78
N UNK K 132 -7.57 -5.62 -40.16
CA UNK K 132 -7.85 -6.96 -39.65
C UNK K 132 -7.79 -7.02 -38.12
N UNK K 133 -8.50 -6.09 -37.49
CA UNK K 133 -8.54 -6.00 -36.03
C UNK K 133 -9.17 -7.20 -35.34
N UNK K 134 -8.89 -7.35 -34.05
CA UNK K 134 -9.42 -8.43 -33.25
C UNK K 134 -10.83 -8.11 -32.78
N UNK K 135 -11.05 -8.14 -31.46
CA UNK K 135 -12.34 -7.84 -30.89
C UNK K 135 -12.34 -6.47 -30.22
N UNK K 136 -11.76 -6.42 -29.02
CA UNK K 136 -11.67 -5.17 -28.25
C UNK K 136 -10.78 -5.35 -27.02
N UNK K 137 -11.38 -5.23 -25.84
CA UNK K 137 -10.66 -5.37 -24.57
C UNK K 137 -10.19 -6.81 -24.35
N UNK K 138 -9.05 -6.95 -23.69
CA UNK K 138 -8.48 -8.27 -23.39
C UNK K 138 -9.37 -9.04 -22.42
N UNK K 139 -10.27 -8.32 -21.75
CA UNK K 139 -11.19 -8.93 -20.79
C UNK K 139 -12.62 -8.43 -21.03
N UNK K 140 -13.48 -8.62 -20.02
CA UNK K 140 -14.87 -8.20 -20.11
C UNK K 140 -15.38 -7.68 -18.78
N UNK K 141 -15.79 -6.41 -18.77
CA UNK K 141 -16.31 -5.76 -17.57
C UNK K 141 -17.05 -4.49 -17.96
N UNK K 142 -16.28 -3.45 -18.28
CA UNK K 142 -16.86 -2.16 -18.68
C UNK K 142 -17.03 -2.12 -20.19
N UNK K 143 -15.91 -2.19 -20.91
CA UNK K 143 -15.90 -2.18 -22.38
C UNK K 143 -16.59 -0.97 -23.01
N UNK K 144 -16.61 0.15 -22.29
CA UNK K 144 -17.22 1.38 -22.79
C UNK K 144 -16.50 2.59 -22.21
N UNK K 145 -17.12 3.77 -22.36
CA UNK K 145 -16.57 5.02 -21.88
C UNK K 145 -15.27 5.41 -22.58
N UNK K 146 -14.13 5.19 -21.94
CA UNK K 146 -12.83 5.52 -22.51
C UNK K 146 -12.13 4.29 -23.09
N UNK K 147 -12.77 3.14 -22.98
CA UNK K 147 -12.22 1.89 -23.49
C UNK K 147 -12.47 1.74 -24.98
N UNK K 148 -13.66 2.14 -25.43
CA UNK K 148 -14.03 2.06 -26.83
C UNK K 148 -13.51 3.26 -27.62
N UNK K 149 -12.74 4.12 -26.95
CA UNK K 149 -12.17 5.30 -27.59
C UNK K 149 -10.79 4.98 -28.17
N UNK K 150 -10.06 4.10 -27.50
CA UNK K 150 -8.73 3.68 -27.94
C UNK K 150 -8.78 2.50 -28.89
N UNK K 151 -9.94 1.87 -29.00
CA UNK K 151 -10.13 0.72 -29.88
C UNK K 151 -10.80 1.14 -31.18
N UNK K 152 -10.05 1.87 -32.01
CA UNK K 152 -10.58 2.34 -33.29
C UNK K 152 -9.50 2.51 -34.35
N UNK K 153 -9.88 3.03 -35.51
CA UNK K 153 -8.95 3.26 -36.61
C UNK K 153 -9.43 4.39 -37.50
N UNK K 154 -8.73 5.51 -37.46
CA UNK K 154 -9.09 6.68 -38.26
C UNK K 154 -8.09 6.94 -39.38
N UNK K 155 -8.29 8.03 -40.12
CA UNK K 155 -7.41 8.40 -41.22
C UNK K 155 -7.57 9.87 -41.57
N UNK K 156 -6.55 10.67 -41.24
CA UNK K 156 -6.55 12.10 -41.52
C UNK K 156 -5.64 12.45 -42.70
N UNK K 157 -5.61 13.74 -43.04
CA UNK K 157 -4.79 14.23 -44.15
C UNK K 157 -4.78 15.77 -44.15
N UNK K 158 -3.62 16.35 -43.87
CA UNK K 158 -3.46 17.80 -43.84
C UNK K 158 -1.99 18.22 -43.85
N UNK K 159 -1.51 18.64 -45.02
CA UNK K 159 -0.13 19.07 -45.17
C UNK K 159 0.00 20.21 -46.17
N UNK K 160 1.20 20.77 -46.29
CA UNK K 160 1.48 21.86 -47.21
C UNK K 160 2.97 22.20 -47.25
N UNK K 161 3.70 21.51 -48.13
CA UNK K 161 5.13 21.73 -48.28
C UNK K 161 5.41 23.01 -49.09
N UNK K 162 6.65 23.45 -49.11
CA UNK K 162 7.04 24.66 -49.84
C UNK K 162 8.56 24.80 -49.98
N UNK K 163 9.15 23.96 -50.82
CA UNK K 163 10.60 23.99 -51.05
C UNK K 163 10.93 24.51 -52.44
N UNK K 164 11.67 25.61 -52.51
CA UNK K 164 12.04 26.19 -53.80
C UNK K 164 13.43 26.84 -53.78
N UNK K 165 14.28 26.41 -54.71
CA UNK K 165 15.65 26.93 -54.84
C UNK K 165 16.26 26.55 -56.18
N UNK K 166 17.44 27.08 -56.46
CA UNK K 166 18.15 26.79 -57.70
C UNK K 166 18.73 25.38 -57.65
N UNK K 167 18.16 24.48 -58.44
CA UNK K 167 18.60 23.09 -58.50
C UNK K 167 19.79 22.87 -59.42
N UNK K 168 19.71 23.41 -60.63
CA UNK K 168 20.78 23.26 -61.62
C UNK K 168 21.27 24.60 -62.14
N UNK K 169 20.42 25.29 -62.90
CA UNK K 169 20.73 26.59 -63.49
C UNK K 169 21.95 26.58 -64.41
N UNK K 170 22.13 25.48 -65.14
CA UNK K 170 23.25 25.34 -66.06
C UNK K 170 23.09 24.11 -66.97
N UNK K 171 22.36 23.10 -66.49
CA UNK K 171 22.15 21.88 -67.26
C UNK K 171 20.70 21.39 -67.19
N UNK K 172 20.52 20.09 -67.49
CA UNK K 172 19.21 19.45 -67.48
C UNK K 172 18.26 20.04 -68.54
N UNK K 173 18.78 20.17 -69.75
CA UNK K 173 18.03 20.71 -70.89
C UNK K 173 17.58 22.16 -70.66
N UNK K 174 16.59 22.59 -71.45
CA UNK K 174 16.04 23.95 -71.36
C UNK K 174 14.79 24.09 -72.22
N UNK K 175 13.91 25.01 -71.84
CA UNK K 175 12.68 25.25 -72.57
C UNK K 175 12.74 26.56 -73.36
N UNK K 176 5.59 19.95 -73.50
CA UNK K 176 6.25 18.92 -72.64
C UNK K 176 6.97 17.88 -73.49
N UNK K 177 8.18 17.53 -73.09
CA UNK K 177 8.97 16.54 -73.82
C UNK K 177 9.68 15.57 -72.88
N UNK K 178 10.81 16.02 -72.32
CA UNK K 178 11.61 15.22 -71.40
C UNK K 178 12.74 16.06 -70.82
N UNK K 179 12.55 16.52 -69.59
CA UNK K 179 13.55 17.36 -68.91
C UNK K 179 13.81 16.86 -67.50
N UNK K 180 15.04 16.40 -67.27
CA UNK K 180 15.45 15.89 -65.97
C UNK K 180 15.63 17.02 -64.95
N UNK K 181 16.00 16.66 -63.72
CA UNK K 181 16.20 17.63 -62.66
C UNK K 181 17.20 17.15 -61.61
N UNK K 182 17.34 17.92 -60.54
CA UNK K 182 18.25 17.59 -59.45
C UNK K 182 17.57 17.74 -58.08
N UNK K 183 18.30 17.40 -57.03
CA UNK K 183 17.78 17.48 -55.67
C UNK K 183 18.57 18.47 -54.81
N UNK K 184 17.96 19.62 -54.56
CA UNK K 184 18.57 20.68 -53.75
C UNK K 184 17.61 21.86 -53.66
N UNK K 185 16.31 21.55 -53.56
CA UNK K 185 15.26 22.57 -53.47
C UNK K 185 15.20 23.30 -52.13
N UNK K 186 16.35 23.44 -51.46
CA UNK K 186 16.45 24.12 -50.17
C UNK K 186 15.79 23.37 -49.01
N UNK K 187 14.86 22.48 -49.34
CA UNK K 187 14.13 21.67 -48.35
C UNK K 187 13.25 22.48 -47.38
N UNK K 188 12.07 21.92 -47.08
CA UNK K 188 11.11 22.54 -46.18
C UNK K 188 9.90 21.61 -46.01
N UNK K 189 9.27 21.68 -44.84
CA UNK K 189 8.11 20.85 -44.55
C UNK K 189 7.23 21.44 -43.45
N UNK K 190 6.10 20.77 -43.21
CA UNK K 190 5.14 21.19 -42.18
C UNK K 190 4.08 20.10 -41.97
N UNK K 191 4.42 18.88 -42.35
CA UNK K 191 3.50 17.74 -42.22
C UNK K 191 3.35 17.23 -40.79
N UNK K 192 2.12 17.20 -40.32
CA UNK K 192 1.81 16.71 -38.97
C UNK K 192 1.59 15.20 -39.00
N UNK K 193 2.23 14.49 -38.06
CA UNK K 193 2.11 13.04 -37.98
C UNK K 193 0.79 12.60 -37.34
N UNK K 194 0.48 11.31 -37.44
CA UNK K 194 -0.73 10.75 -36.87
C UNK K 194 -0.59 9.25 -36.60
N UNK K 195 -1.36 8.75 -35.64
CA UNK K 195 -1.31 7.33 -35.29
C UNK K 195 -2.52 6.89 -34.46
N UNK K 196 -2.48 7.17 -33.16
CA UNK K 196 -3.57 6.81 -32.26
C UNK K 196 -3.67 7.80 -31.10
N UNK K 197 -4.83 8.44 -30.98
CA UNK K 197 -5.09 9.44 -29.93
C UNK K 197 -4.16 10.64 -30.12
N UNK K 198 -4.23 11.60 -29.19
CA UNK K 198 -3.39 12.79 -29.25
C UNK K 198 -3.58 13.55 -30.57
N UNK K 199 -2.53 14.26 -30.99
CA UNK K 199 -2.55 15.03 -32.24
C UNK K 199 -1.15 15.52 -32.60
N UNK K 200 -0.72 16.63 -31.98
CA UNK K 200 0.59 17.22 -32.22
C UNK K 200 0.79 17.72 -33.66
N UNK K 201 2.06 17.90 -34.04
CA UNK K 201 2.43 18.36 -35.37
C UNK K 201 3.94 18.28 -35.58
N UNK K 202 4.39 18.66 -36.78
CA UNK K 202 5.80 18.63 -37.12
C UNK K 202 6.15 19.62 -38.23
N UNK K 203 7.44 19.82 -38.47
CA UNK K 203 7.92 20.74 -39.51
C UNK K 203 9.39 20.46 -39.80
N UNK K 204 9.65 19.52 -40.70
CA UNK K 204 11.01 19.16 -41.09
C UNK K 204 11.71 20.20 -41.94
N UNK K 205 12.89 20.63 -41.51
CA UNK K 205 13.68 21.63 -42.23
C UNK K 205 15.11 21.68 -41.73
N UNK L 1 -26.94 2.12 -30.71
CA UNK L 1 -26.69 3.46 -30.09
C UNK L 1 -25.69 4.28 -30.89
N UNK L 2 -24.55 3.68 -31.22
CA UNK L 2 -23.49 4.34 -31.99
C UNK L 2 -22.90 5.56 -31.27
N UNK L 3 -22.05 6.29 -31.98
CA UNK L 3 -21.40 7.48 -31.44
C UNK L 3 -20.72 8.26 -32.58
N UNK L 4 -19.76 9.11 -32.22
CA UNK L 4 -19.03 9.90 -33.20
C UNK L 4 -17.54 9.54 -33.19
N UNK L 5 -17.18 8.58 -32.33
CA UNK L 5 -15.79 8.13 -32.20
C UNK L 5 -15.73 6.61 -32.10
N UNK L 6 -16.77 6.01 -31.55
CA UNK L 6 -16.84 4.56 -31.40
C UNK L 6 -17.38 3.90 -32.68
N UNK L 7 -18.17 4.66 -33.43
CA UNK L 7 -18.75 4.15 -34.67
C UNK L 7 -17.88 4.48 -35.89
N UNK L 8 -16.92 5.38 -35.70
CA UNK L 8 -16.02 5.79 -36.77
C UNK L 8 -14.79 4.88 -36.86
N UNK L 9 -14.42 4.25 -35.75
CA UNK L 9 -13.27 3.36 -35.71
C UNK L 9 -13.64 1.90 -35.94
N UNK L 10 -14.93 1.59 -35.83
CA UNK L 10 -15.43 0.23 -36.02
C UNK L 10 -15.67 -0.11 -37.49
N UNK L 11 -16.20 0.84 -38.24
CA UNK L 11 -16.49 0.63 -39.66
C UNK L 11 -15.27 0.88 -40.55
N UNK L 12 -14.17 1.32 -39.94
CA UNK L 12 -12.94 1.59 -40.68
C UNK L 12 -12.07 0.34 -40.83
N UNK L 13 -12.59 -0.80 -40.39
CA UNK L 13 -11.86 -2.06 -40.47
C UNK L 13 -12.79 -3.26 -40.67
N UNK L 14 -14.10 -3.00 -40.66
CA UNK L 14 -15.10 -4.06 -40.85
C UNK L 14 -15.95 -3.79 -42.08
N UNK L 15 -16.99 -2.98 -41.90
CA UNK L 15 -17.92 -2.62 -42.98
C UNK L 15 -18.69 -3.80 -43.55
N UNK L 16 -19.60 -3.51 -44.48
CA UNK L 16 -20.43 -4.51 -45.12
C UNK L 16 -21.19 -3.89 -46.29
N UNK L 17 -22.43 -4.33 -46.49
CA UNK L 17 -23.31 -3.83 -47.56
C UNK L 17 -22.90 -4.29 -48.96
N UNK L 18 -21.61 -4.50 -49.18
CA UNK L 18 -21.10 -4.94 -50.48
C UNK L 18 -21.58 -6.35 -50.82
N UNK L 19 -21.69 -7.20 -49.80
CA UNK L 19 -22.14 -8.59 -49.94
C UNK L 19 -21.10 -9.48 -50.63
N UNK L 20 -20.87 -9.21 -51.91
CA UNK L 20 -19.92 -9.97 -52.70
C UNK L 20 -18.66 -9.14 -52.97
N UNK L 21 -18.44 -8.79 -54.23
CA UNK L 21 -17.28 -8.01 -54.64
C UNK L 21 -17.49 -6.51 -54.47
N UNK L 22 -16.41 -5.75 -54.54
CA UNK L 22 -16.45 -4.29 -54.40
C UNK L 22 -15.34 -3.63 -55.19
N UNK L 23 -15.23 -2.31 -55.08
CA UNK L 23 -14.21 -1.55 -55.78
C UNK L 23 -12.83 -1.76 -55.17
N UNK L 24 -12.79 -2.12 -53.90
CA UNK L 24 -11.53 -2.35 -53.19
C UNK L 24 -11.58 -3.64 -52.37
N UNK L 25 -11.19 -4.75 -53.01
CA UNK L 25 -11.18 -6.05 -52.34
C UNK L 25 -9.97 -6.88 -52.78
N UNK L 26 -8.97 -6.22 -53.35
CA UNK L 26 -7.75 -6.87 -53.82
C UNK L 26 -8.00 -7.78 -55.02
N UNK L 27 -6.92 -8.36 -55.55
CA UNK L 27 -7.01 -9.27 -56.70
C UNK L 27 -7.36 -10.69 -56.29
N UNK L 28 -7.78 -10.87 -55.04
CA UNK L 28 -8.16 -12.18 -54.52
C UNK L 28 -9.66 -12.43 -54.71
N UNK L 29 -10.40 -11.37 -55.02
CA UNK L 29 -11.83 -11.47 -55.23
C UNK L 29 -12.19 -12.01 -56.61
N UNK L 30 -11.35 -11.72 -57.59
CA UNK L 30 -11.56 -12.18 -58.96
C UNK L 30 -11.30 -13.68 -59.13
N UNK L 31 -10.29 -14.20 -58.43
CA UNK L 31 -9.95 -15.61 -58.51
C UNK L 31 -10.91 -16.51 -57.73
N UNK L 32 -11.95 -15.91 -57.16
CA UNK L 32 -12.94 -16.65 -56.37
C UNK L 32 -14.27 -16.80 -57.12
N UNK L 33 -14.64 -15.78 -57.88
CA UNK L 33 -15.88 -15.77 -58.65
C UNK L 33 -15.63 -15.84 -60.15
N UNK L 34 -16.71 -15.78 -60.93
CA UNK L 34 -16.64 -15.81 -62.39
C UNK L 34 -15.72 -16.90 -62.96
N UNK L 35 -14.81 -16.49 -63.84
CA UNK L 35 -13.85 -17.42 -64.47
C UNK L 35 -12.79 -16.66 -65.29
N UNK L 36 -13.16 -15.47 -65.77
CA UNK L 36 -12.25 -14.65 -66.57
C UNK L 36 -11.62 -13.51 -65.76
N UNK L 37 -10.77 -12.73 -66.42
CA UNK L 37 -10.08 -11.60 -65.81
C UNK L 37 -9.24 -11.99 -64.58
N UNK L 38 -8.18 -12.75 -64.83
CA UNK L 38 -7.31 -13.19 -63.75
C UNK L 38 -5.87 -12.69 -63.91
N UNK L 39 -5.60 -11.98 -65.00
CA UNK L 39 -4.26 -11.44 -65.25
C UNK L 39 -4.23 -10.37 -66.33
N UNK L 40 -4.96 -10.61 -67.42
CA UNK L 40 -5.00 -9.67 -68.54
C UNK L 40 -5.95 -8.48 -68.31
N UNK L 41 -7.23 -8.79 -68.10
CA UNK L 41 -8.24 -7.76 -67.88
C UNK L 41 -8.36 -7.38 -66.40
N UNK L 42 -7.68 -8.13 -65.53
CA UNK L 42 -7.72 -7.88 -64.10
C UNK L 42 -6.90 -6.64 -63.73
N UNK L 43 -5.77 -6.45 -64.40
CA UNK L 43 -4.90 -5.31 -64.13
C UNK L 43 -5.34 -4.06 -64.89
N UNK L 44 -6.39 -4.20 -65.71
CA UNK L 44 -6.91 -3.09 -66.49
C UNK L 44 -8.01 -2.35 -65.74
N UNK L 45 -9.00 -3.09 -65.27
CA UNK L 45 -10.13 -2.52 -64.54
C UNK L 45 -9.76 -2.05 -63.13
N UNK L 46 -8.60 -2.49 -62.65
CA UNK L 46 -8.13 -2.12 -61.33
C UNK L 46 -7.41 -0.77 -61.33
N UNK L 47 -6.89 -0.40 -62.49
CA UNK L 47 -6.17 0.87 -62.64
C UNK L 47 -7.06 1.99 -63.16
N UNK L 48 -8.23 1.63 -63.68
CA UNK L 48 -9.17 2.61 -64.22
C UNK L 48 -10.21 3.08 -63.21
N UNK L 49 -10.66 2.17 -62.36
CA UNK L 49 -11.67 2.47 -61.34
C UNK L 49 -11.21 3.55 -60.35
N UNK L 50 -11.97 4.64 -60.30
CA UNK L 50 -11.66 5.75 -59.40
C UNK L 50 -12.79 6.77 -59.36
N UNK L 51 -13.43 6.98 -60.50
CA UNK L 51 -14.54 7.93 -60.62
C UNK L 51 -15.85 7.36 -60.08
N UNK L 52 -16.07 6.06 -60.31
CA UNK L 52 -17.28 5.35 -59.88
C UNK L 52 -18.52 5.79 -60.65
N UNK L 53 -19.25 4.80 -61.16
CA UNK L 53 -20.46 5.07 -61.93
C UNK L 53 -21.46 3.91 -61.81
N UNK L 54 -22.18 3.63 -62.89
CA UNK L 54 -23.16 2.55 -62.91
C UNK L 54 -22.52 1.19 -63.18
N UNK L 55 -21.21 1.09 -62.94
CA UNK L 55 -20.44 -0.14 -63.13
C UNK L 55 -20.20 -0.49 -64.59
N UNK L 56 -21.19 -0.24 -65.45
CA UNK L 56 -21.08 -0.54 -66.87
C UNK L 56 -20.31 0.53 -67.65
N UNK L 57 -19.91 1.58 -66.94
CA UNK L 57 -19.16 2.67 -67.56
C UNK L 57 -17.65 2.49 -67.40
N UNK L 58 -17.26 1.58 -66.51
CA UNK L 58 -15.85 1.30 -66.26
C UNK L 58 -15.23 0.49 -67.38
N UNK L 59 -16.01 -0.45 -67.93
CA UNK L 59 -15.54 -1.30 -69.02
C UNK L 59 -15.50 -0.53 -70.35
N UNK L 60 -16.23 0.58 -70.41
CA UNK L 60 -16.27 1.40 -71.61
C UNK L 60 -15.03 2.29 -71.74
N UNK L 61 -14.20 2.31 -70.71
CA UNK L 61 -12.98 3.11 -70.70
C UNK L 61 -11.73 2.27 -70.98
N UNK L 62 -11.89 0.95 -70.91
CA UNK L 62 -10.78 0.03 -71.16
C UNK L 62 -10.49 -0.11 -72.65
N UNK L 63 -9.65 -1.08 -73.00
CA UNK L 63 -9.29 -1.32 -74.40
C UNK L 63 -9.29 -2.82 -74.71
N UNK L 64 -10.30 -3.51 -74.20
CA UNK L 64 -10.45 -4.95 -74.40
C UNK L 64 -11.08 -5.27 -75.76
N UNK L 65 -11.37 -6.55 -75.97
CA UNK L 65 -11.97 -7.02 -77.21
C UNK L 65 -12.69 -8.34 -76.95
N UNK L 66 -14.00 -8.26 -76.68
CA UNK L 66 -14.83 -9.41 -76.40
C UNK L 66 -14.36 -10.16 -75.14
N UNK L 67 -13.60 -9.45 -74.30
CA UNK L 67 -13.08 -10.01 -73.06
C UNK L 67 -13.83 -9.43 -71.86
N UNK L 68 -13.90 -8.11 -71.81
CA UNK L 68 -14.60 -7.41 -70.73
C UNK L 68 -16.06 -7.18 -71.13
N UNK L 69 -16.37 -7.41 -72.40
CA UNK L 69 -17.71 -7.24 -72.93
C UNK L 69 -18.62 -8.39 -72.50
N UNK L 70 -18.02 -9.47 -72.03
CA UNK L 70 -18.77 -10.64 -71.57
C UNK L 70 -19.13 -10.51 -70.09
N UNK L 71 -18.23 -9.89 -69.33
CA UNK L 71 -18.43 -9.68 -67.90
C UNK L 71 -19.08 -8.34 -67.59
N UNK L 72 -19.59 -7.68 -68.63
CA UNK L 72 -20.25 -6.38 -68.48
C UNK L 72 -21.73 -6.54 -68.15
N UNK L 73 -22.12 -7.72 -67.70
CA UNK L 73 -23.51 -8.00 -67.35
C UNK L 73 -23.83 -7.59 -65.91
N UNK L 74 -22.81 -7.14 -65.19
CA UNK L 74 -22.93 -6.70 -63.81
C UNK L 74 -23.34 -7.83 -62.84
N UNK L 75 -24.49 -7.64 -62.18
CA UNK L 75 -25.03 -8.60 -61.21
C UNK L 75 -24.25 -8.65 -59.89
N UNK L 76 -23.07 -8.02 -59.88
CA UNK L 76 -22.21 -7.98 -58.70
C UNK L 76 -20.99 -7.09 -58.96
N UNK L 77 -21.17 -5.78 -58.78
CA UNK L 77 -20.09 -4.82 -59.00
C UNK L 77 -20.38 -3.44 -58.40
N UNK L 78 -19.31 -2.68 -58.17
CA UNK L 78 -19.38 -1.33 -57.62
C UNK L 78 -19.92 -1.33 -56.18
N UNK L 79 -21.01 -0.59 -55.96
CA UNK L 79 -21.65 -0.48 -54.65
C UNK L 79 -20.74 0.09 -53.56
N UNK L 80 -19.54 0.52 -53.94
CA UNK L 80 -18.58 1.07 -53.00
C UNK L 80 -18.64 2.59 -52.93
N UNK L 81 -18.69 3.11 -51.71
CA UNK L 81 -18.74 4.55 -51.48
C UNK L 81 -17.36 5.09 -51.15
N UNK L 82 -16.74 5.74 -52.14
CA UNK L 82 -15.40 6.32 -51.97
C UNK L 82 -15.44 7.54 -51.05
N UNK L 83 -14.93 7.39 -49.84
CA UNK L 83 -14.90 8.47 -48.86
C UNK L 83 -14.03 8.09 -47.67
N UNK L 84 -14.52 7.16 -46.86
CA UNK L 84 -13.80 6.70 -45.69
C UNK L 84 -12.71 5.69 -46.04
N UNK L 85 -12.80 5.12 -47.24
CA UNK L 85 -11.82 4.14 -47.71
C UNK L 85 -10.55 4.81 -48.26
N UNK L 86 -9.86 5.53 -47.39
CA UNK L 86 -8.63 6.22 -47.77
C UNK L 86 -7.40 5.48 -47.25
N UNK L 87 -7.57 4.77 -46.13
CA UNK L 87 -6.49 4.02 -45.52
C UNK L 87 -6.35 2.63 -46.14
N UNK L 88 -7.44 2.13 -46.71
CA UNK L 88 -7.46 0.82 -47.34
C UNK L 88 -6.85 0.86 -48.75
N UNK L 89 -6.98 2.01 -49.41
CA UNK L 89 -6.45 2.20 -50.76
C UNK L 89 -4.92 2.31 -50.78
N UNK L 90 -4.31 2.28 -49.61
CA UNK L 90 -2.85 2.37 -49.50
C UNK L 90 -2.17 1.07 -49.90
N UNK L 91 -2.66 -0.04 -49.37
CA UNK L 91 -2.10 -1.35 -49.67
C UNK L 91 -2.94 -2.11 -50.69
N UNK L 92 -2.50 -2.09 -51.94
CA UNK L 92 -3.21 -2.78 -53.02
C UNK L 92 -2.90 -4.27 -53.04
N UNK L 93 -1.92 -4.68 -52.24
CA UNK L 93 -1.52 -6.09 -52.16
C UNK L 93 -0.84 -6.37 -50.82
N UNK L 94 -1.64 -6.71 -49.82
CA UNK L 94 -1.15 -7.02 -48.48
C UNK L 94 -2.21 -7.72 -47.64
N UNK L 95 -3.41 -7.86 -48.21
CA UNK L 95 -4.51 -8.51 -47.51
C UNK L 95 -4.49 -10.02 -47.73
N UNK L 96 -4.15 -10.44 -48.95
CA UNK L 96 -4.10 -11.85 -49.29
C UNK L 96 -2.92 -12.56 -48.63
N UNK L 97 -3.21 -13.65 -47.92
CA UNK L 97 -2.18 -14.42 -47.22
C UNK L 97 -1.49 -15.41 -48.17
N GLU M 2 -8.50 -46.46 -48.47
CA GLU M 2 -9.37 -47.35 -49.29
C GLU M 2 -9.64 -46.74 -50.67
N LEU M 3 -8.85 -47.16 -51.66
CA LEU M 3 -8.99 -46.67 -53.02
C LEU M 3 -9.93 -47.55 -53.85
N THR M 4 -11.11 -47.02 -54.13
CA THR M 4 -12.10 -47.74 -54.92
C THR M 4 -12.02 -47.33 -56.39
N PRO M 5 -12.74 -48.05 -57.27
CA PRO M 5 -12.78 -47.78 -58.71
C PRO M 5 -13.61 -46.55 -59.05
N GLU M 6 -14.33 -46.03 -58.06
CA GLU M 6 -15.19 -44.86 -58.26
C GLU M 6 -14.42 -43.56 -58.01
N VAL M 7 -13.47 -43.61 -57.09
CA VAL M 7 -12.66 -42.44 -56.74
C VAL M 7 -11.70 -42.05 -57.85
N LEU M 8 -10.97 -43.02 -58.38
CA LEU M 8 -10.00 -42.78 -59.44
C LEU M 8 -10.64 -42.72 -60.83
N THR M 9 -11.94 -42.46 -60.88
CA THR M 9 -12.66 -42.37 -62.15
C THR M 9 -12.70 -40.92 -62.64
N VAL M 10 -11.52 -40.34 -62.87
CA VAL M 10 -11.41 -38.96 -63.34
C VAL M 10 -12.05 -38.80 -64.73
N PRO M 11 -12.75 -37.68 -64.96
CA PRO M 11 -13.41 -37.39 -66.24
C PRO M 11 -12.41 -37.17 -67.36
N LEU M 12 -12.77 -37.61 -68.57
CA LEU M 12 -11.88 -37.48 -69.72
C LEU M 12 -12.32 -36.39 -70.71
N ASN M 13 -13.28 -35.57 -70.30
CA ASN M 13 -13.78 -34.48 -71.15
C ASN M 13 -14.86 -33.66 -70.44
N SER M 14 -15.11 -32.46 -70.97
CA SER M 14 -16.13 -31.57 -70.42
C SER M 14 -17.51 -31.97 -70.92
N GLU M 15 -17.56 -32.97 -71.80
CA GLU M 15 -18.80 -33.46 -72.37
C GLU M 15 -19.53 -34.36 -71.37
N GLY M 16 -18.82 -35.39 -70.90
CA GLY M 16 -19.39 -36.33 -69.94
C GLY M 16 -18.64 -37.65 -69.90
N LYS M 17 -17.47 -37.69 -70.54
CA LYS M 17 -16.64 -38.88 -70.57
C LYS M 17 -15.90 -39.12 -69.25
N THR M 18 -15.08 -40.17 -69.23
CA THR M 18 -14.29 -40.51 -68.05
C THR M 18 -13.40 -41.72 -68.28
N ILE M 19 -12.13 -41.58 -67.94
CA ILE M 19 -11.16 -42.64 -68.09
C ILE M 19 -11.20 -43.54 -66.84
N THR M 20 -10.11 -44.26 -66.59
CA THR M 20 -10.03 -45.13 -65.43
C THR M 20 -8.59 -45.54 -65.15
N LEU M 21 -7.91 -44.74 -64.34
CA LEU M 21 -6.51 -44.99 -63.98
C LEU M 21 -6.38 -46.23 -63.10
N THR M 22 -5.14 -46.56 -62.75
CA THR M 22 -4.89 -47.72 -61.90
C THR M 22 -4.14 -47.32 -60.63
N GLU M 23 -3.95 -48.28 -59.73
CA GLU M 23 -3.25 -48.03 -58.48
C GLU M 23 -1.75 -47.83 -58.74
N LYS M 24 -1.31 -48.20 -59.93
CA LYS M 24 0.08 -48.05 -60.32
C LYS M 24 0.32 -46.70 -60.97
N GLN M 25 -0.74 -46.13 -61.55
CA GLN M 25 -0.68 -44.83 -62.21
C GLN M 25 -0.68 -43.70 -61.18
N TYR M 26 -1.51 -43.84 -60.17
CA TYR M 26 -1.62 -42.84 -59.11
C TYR M 26 -0.33 -42.75 -58.29
N LEU M 27 0.35 -43.88 -58.15
CA LEU M 27 1.60 -43.93 -57.40
C LEU M 27 2.77 -43.36 -58.20
N GLU M 28 2.61 -43.33 -59.52
CA GLU M 28 3.63 -42.80 -60.42
C GLU M 28 3.60 -41.27 -60.47
N GLY M 29 2.40 -40.71 -60.49
CA GLY M 29 2.25 -39.27 -60.53
C GLY M 29 2.43 -38.62 -59.17
N LYS M 30 2.34 -39.41 -58.11
CA LYS M 30 2.49 -38.91 -56.76
C LYS M 30 3.97 -38.68 -56.42
N ARG M 31 4.85 -39.30 -57.18
CA ARG M 31 6.28 -39.16 -56.99
C ARG M 31 6.91 -38.21 -58.00
N LEU M 32 6.18 -37.87 -59.05
CA LEU M 32 6.69 -36.95 -60.07
C LEU M 32 6.22 -35.51 -59.81
N PHE M 33 5.05 -35.37 -59.20
CA PHE M 33 4.48 -34.06 -58.89
C PHE M 33 5.02 -33.54 -57.56
N GLN M 34 5.65 -34.42 -56.80
CA GLN M 34 6.21 -34.07 -55.49
C GLN M 34 7.74 -34.05 -55.47
N TYR M 35 8.35 -34.36 -56.61
CA TYR M 35 9.80 -34.38 -56.72
C TYR M 35 10.34 -33.32 -57.69
N ALA M 36 9.43 -32.63 -58.38
CA ALA M 36 9.81 -31.61 -59.35
C ALA M 36 8.69 -30.59 -59.57
N CYS M 37 7.80 -30.46 -58.59
CA CYS M 37 6.69 -29.53 -58.69
C CYS M 37 6.25 -29.05 -57.31
N ALA M 38 6.50 -29.86 -56.29
CA ALA M 38 6.14 -29.53 -54.92
C ALA M 38 7.08 -28.45 -54.37
N SER M 39 8.08 -28.08 -55.16
CA SER M 39 9.03 -27.05 -54.77
C SER M 39 8.32 -25.69 -54.71
N CYS M 40 7.12 -25.64 -55.28
CA CYS M 40 6.30 -24.43 -55.32
C CYS M 40 4.82 -24.81 -55.23
N HIS M 41 4.56 -26.08 -54.95
CA HIS M 41 3.21 -26.60 -54.82
C HIS M 41 3.16 -27.61 -53.67
N VAL M 42 3.68 -27.20 -52.51
CA VAL M 42 3.70 -28.06 -51.33
C VAL M 42 2.30 -28.28 -50.77
N GLY M 43 1.75 -29.46 -51.02
CA GLY M 43 0.42 -29.78 -50.55
C GLY M 43 -0.68 -29.26 -51.44
N GLY M 44 -0.34 -29.04 -52.71
CA GLY M 44 -1.31 -28.52 -53.68
C GLY M 44 -1.46 -27.01 -53.67
N ILE M 45 -0.95 -26.37 -52.62
CA ILE M 45 -1.03 -24.92 -52.49
C ILE M 45 -0.05 -24.21 -53.44
N THR M 46 0.10 -22.90 -53.26
CA THR M 46 1.00 -22.11 -54.10
C THR M 46 1.87 -21.15 -53.30
N LYS M 47 3.14 -21.08 -53.65
CA LYS M 47 4.09 -20.20 -52.99
C LYS M 47 4.27 -18.87 -53.73
N THR M 48 4.02 -18.87 -55.02
CA THR M 48 4.16 -17.66 -55.84
C THR M 48 2.89 -17.33 -56.61
N ASN M 49 1.77 -17.22 -55.88
CA ASN M 49 0.48 -16.90 -56.49
C ASN M 49 -0.52 -16.49 -55.41
N PRO M 50 -1.49 -15.64 -55.77
CA PRO M 50 -2.51 -15.17 -54.84
C PRO M 50 -3.68 -16.15 -54.73
N SER M 51 -3.47 -17.21 -53.95
CA SER M 51 -4.48 -18.25 -53.74
C SER M 51 -4.90 -18.91 -55.06
N LEU M 52 -3.99 -19.69 -55.63
CA LEU M 52 -4.25 -20.39 -56.88
C LEU M 52 -3.99 -21.89 -56.76
N ASP M 53 -4.76 -22.54 -55.90
CA ASP M 53 -4.63 -23.98 -55.67
C ASP M 53 -5.15 -24.75 -56.89
N LEU M 54 -4.95 -26.07 -56.87
CA LEU M 54 -5.39 -26.93 -57.96
C LEU M 54 -6.64 -27.74 -57.61
N ARG M 55 -7.49 -27.19 -56.76
CA ARG M 55 -8.71 -27.86 -56.34
C ARG M 55 -9.68 -27.97 -57.52
N THR M 56 -10.66 -28.87 -57.41
CA THR M 56 -11.64 -29.08 -58.48
C THR M 56 -12.61 -27.91 -58.59
N GLU M 57 -12.33 -26.84 -57.85
CA GLU M 57 -13.15 -25.63 -57.86
C GLU M 57 -12.38 -24.49 -58.51
N THR M 58 -11.09 -24.73 -58.74
CA THR M 58 -10.21 -23.73 -59.36
C THR M 58 -9.91 -24.08 -60.82
N LEU M 59 -9.84 -25.37 -61.10
CA LEU M 59 -9.57 -25.86 -62.46
C LEU M 59 -10.80 -25.77 -63.36
N ALA M 60 -11.98 -25.91 -62.77
CA ALA M 60 -13.23 -25.84 -63.50
C ALA M 60 -13.53 -24.42 -63.98
N LEU M 61 -12.88 -23.44 -63.36
CA LEU M 61 -13.07 -22.04 -63.71
C LEU M 61 -12.08 -21.55 -64.78
N ALA M 62 -11.26 -22.46 -65.29
CA ALA M 62 -10.28 -22.14 -66.31
C ALA M 62 -10.92 -21.85 -67.66
N THR M 63 -10.09 -21.46 -68.63
CA THR M 63 -10.57 -21.16 -69.97
C THR M 63 -9.70 -21.79 -71.06
N PRO M 64 -10.07 -23.00 -71.51
CA PRO M 64 -11.20 -23.84 -71.12
C PRO M 64 -10.95 -24.61 -69.83
N PRO M 65 -12.03 -25.13 -69.22
CA PRO M 65 -12.00 -25.90 -67.97
C PRO M 65 -11.01 -27.07 -68.05
N ARG M 66 -10.03 -27.06 -67.17
CA ARG M 66 -9.01 -28.11 -67.13
C ARG M 66 -9.28 -29.10 -66.00
N ASP M 67 -10.56 -29.39 -65.76
CA ASP M 67 -10.95 -30.34 -64.72
C ASP M 67 -10.98 -31.78 -65.23
N ASN M 68 -10.65 -31.96 -66.51
CA ASN M 68 -10.64 -33.28 -67.12
C ASN M 68 -9.23 -33.87 -67.12
N ILE M 69 -9.06 -35.00 -67.81
CA ILE M 69 -7.76 -35.65 -67.92
C ILE M 69 -7.15 -35.34 -69.28
N GLU M 70 -8.00 -34.96 -70.22
CA GLU M 70 -7.55 -34.61 -71.57
C GLU M 70 -7.40 -33.10 -71.73
N GLY M 71 -7.87 -32.35 -70.72
CA GLY M 71 -7.78 -30.90 -70.76
C GLY M 71 -6.61 -30.37 -69.95
N LEU M 72 -6.33 -31.04 -68.83
CA LEU M 72 -5.23 -30.65 -67.95
C LEU M 72 -3.87 -31.10 -68.49
N VAL M 73 -3.87 -32.22 -69.20
CA VAL M 73 -2.65 -32.78 -69.79
C VAL M 73 -2.07 -31.89 -70.87
N ASP M 74 -2.95 -31.29 -71.67
CA ASP M 74 -2.54 -30.40 -72.75
C ASP M 74 -2.02 -29.07 -72.20
N TYR M 75 -2.55 -28.69 -71.03
CA TYR M 75 -2.16 -27.44 -70.37
C TYR M 75 -0.76 -27.51 -69.76
N MET M 76 -0.29 -28.73 -69.47
CA MET M 76 1.03 -28.93 -68.89
C MET M 76 2.13 -28.44 -69.82
N LYS M 77 2.11 -28.94 -71.05
CA LYS M 77 3.09 -28.55 -72.06
C LYS M 77 2.82 -27.13 -72.51
N ASN M 78 1.54 -26.84 -72.78
CA ASN M 78 1.11 -25.52 -73.23
C ASN M 78 0.58 -24.66 -72.08
N PRO M 79 1.48 -24.20 -71.20
CA PRO M 79 1.24 -23.37 -70.01
C PRO M 79 0.49 -22.08 -70.32
N THR M 80 -0.35 -21.65 -69.39
CA THR M 80 -1.14 -20.44 -69.55
C THR M 80 -0.94 -19.46 -68.38
N THR M 81 -1.79 -18.44 -68.33
CA THR M 81 -1.72 -17.44 -67.27
C THR M 81 -3.10 -17.00 -66.79
N TYR M 82 -3.83 -17.93 -66.17
CA TYR M 82 -5.17 -17.67 -65.64
C TYR M 82 -6.23 -17.32 -66.69
N ASP M 83 -6.26 -16.05 -67.10
CA ASP M 83 -7.22 -15.57 -68.09
C ASP M 83 -7.04 -16.25 -69.45
N GLY M 84 -5.86 -16.83 -69.66
CA GLY M 84 -5.57 -17.53 -70.90
C GLY M 84 -5.36 -16.58 -72.08
N GLU M 85 -4.85 -15.39 -71.79
CA GLU M 85 -4.59 -14.40 -72.83
C GLU M 85 -3.09 -14.20 -73.05
N GLN M 86 -2.34 -14.05 -71.96
CA GLN M 86 -0.90 -13.86 -72.03
C GLN M 86 -0.19 -15.21 -71.94
N GLU M 87 0.45 -15.61 -73.04
CA GLU M 87 1.17 -16.88 -73.10
C GLU M 87 2.37 -16.90 -72.16
N ILE M 88 2.28 -17.71 -71.10
CA ILE M 88 3.36 -17.83 -70.12
C ILE M 88 4.18 -19.09 -70.40
N ALA M 89 4.61 -19.23 -71.65
CA ALA M 89 5.40 -20.38 -72.08
C ALA M 89 6.88 -20.25 -71.72
N GLU M 90 7.26 -19.12 -71.15
CA GLU M 90 8.64 -18.89 -70.76
C GLU M 90 8.78 -18.58 -69.27
N VAL M 91 7.69 -18.16 -68.65
CA VAL M 91 7.69 -17.83 -67.22
C VAL M 91 7.62 -19.08 -66.36
N HIS M 92 6.66 -19.95 -66.66
CA HIS M 92 6.49 -21.19 -65.92
C HIS M 92 7.09 -22.38 -66.65
N PRO M 93 7.64 -23.34 -65.90
CA PRO M 93 8.26 -24.55 -66.48
C PRO M 93 7.20 -25.47 -67.09
N SER M 94 7.41 -25.85 -68.35
CA SER M 94 6.49 -26.73 -69.05
C SER M 94 7.24 -27.80 -69.85
N LEU M 95 6.50 -28.79 -70.34
CA LEU M 95 7.09 -29.88 -71.11
C LEU M 95 7.59 -29.45 -72.49
N ARG M 96 7.11 -28.30 -72.95
CA ARG M 96 7.51 -27.76 -74.25
C ARG M 96 8.82 -26.97 -74.14
N SER M 97 9.10 -26.48 -72.94
CA SER M 97 10.30 -25.71 -72.68
C SER M 97 11.37 -26.54 -71.97
N ALA M 98 12.03 -27.42 -72.71
CA ALA M 98 13.08 -28.28 -72.15
C ALA M 98 14.32 -27.47 -71.79
N ASP M 99 14.39 -26.23 -72.28
CA ASP M 99 15.52 -25.36 -72.00
C ASP M 99 15.51 -24.92 -70.54
N ILE M 100 14.34 -24.52 -70.05
CA ILE M 100 14.20 -24.09 -68.67
C ILE M 100 13.93 -25.29 -67.75
N PHE M 101 12.94 -26.10 -68.11
CA PHE M 101 12.57 -27.27 -67.34
C PHE M 101 13.38 -28.50 -67.78
N PRO M 102 14.58 -28.66 -67.22
CA PRO M 102 15.47 -29.79 -67.55
C PRO M 102 15.11 -31.04 -66.75
N LYS M 103 14.00 -30.98 -66.02
CA LYS M 103 13.54 -32.11 -65.20
C LYS M 103 12.63 -33.03 -65.99
N MET M 104 11.67 -32.44 -66.69
CA MET M 104 10.72 -33.20 -67.49
C MET M 104 11.22 -33.44 -68.91
N ARG M 105 12.53 -33.35 -69.11
CA ARG M 105 13.14 -33.58 -70.42
C ARG M 105 13.01 -35.02 -70.88
N ASN M 106 13.11 -35.95 -69.93
CA ASN M 106 12.99 -37.38 -70.23
C ASN M 106 11.52 -37.82 -70.28
N LEU M 107 10.69 -37.16 -69.48
CA LEU M 107 9.27 -37.47 -69.42
C LEU M 107 8.57 -37.16 -70.75
N THR M 108 7.62 -38.01 -71.11
CA THR M 108 6.88 -37.83 -72.35
C THR M 108 5.43 -37.46 -72.07
N GLU M 109 4.57 -37.58 -73.08
CA GLU M 109 3.15 -37.27 -72.94
C GLU M 109 2.44 -38.29 -72.06
N LYS M 110 3.19 -39.27 -71.57
CA LYS M 110 2.64 -40.33 -70.72
C LYS M 110 2.57 -39.87 -69.26
N ASP M 111 3.59 -39.15 -68.82
CA ASP M 111 3.65 -38.65 -67.45
C ASP M 111 2.86 -37.35 -67.27
N LEU M 112 2.33 -36.82 -68.36
CA LEU M 112 1.55 -35.58 -68.32
C LEU M 112 0.17 -35.82 -67.73
N VAL M 113 -0.49 -36.90 -68.16
CA VAL M 113 -1.82 -37.24 -67.68
C VAL M 113 -1.77 -37.87 -66.30
N ALA M 114 -0.57 -38.12 -65.80
CA ALA M 114 -0.36 -38.71 -64.48
C ALA M 114 -0.39 -37.63 -63.40
N ILE M 115 0.37 -36.57 -63.62
CA ILE M 115 0.44 -35.45 -62.68
C ILE M 115 -0.86 -34.66 -62.67
N ALA M 116 -1.66 -34.83 -63.73
CA ALA M 116 -2.93 -34.15 -63.86
C ALA M 116 -4.00 -34.92 -63.07
N GLY M 117 -4.04 -36.23 -63.28
CA GLY M 117 -5.00 -37.06 -62.58
C GLY M 117 -4.67 -37.19 -61.10
N HIS M 118 -3.44 -36.84 -60.75
CA HIS M 118 -2.99 -36.90 -59.35
C HIS M 118 -3.58 -35.74 -58.56
N ILE M 119 -3.72 -34.60 -59.22
CA ILE M 119 -4.26 -33.40 -58.60
C ILE M 119 -5.77 -33.53 -58.36
N LEU M 120 -6.47 -34.06 -59.35
CA LEU M 120 -7.91 -34.25 -59.26
C LEU M 120 -8.29 -35.29 -58.21
N VAL M 121 -7.54 -36.39 -58.17
CA VAL M 121 -7.78 -37.47 -57.22
C VAL M 121 -7.44 -37.05 -55.78
N GLU M 122 -6.53 -36.08 -55.66
CA GLU M 122 -6.11 -35.58 -54.35
C GLU M 122 -7.27 -34.90 -53.63
N PRO M 123 -8.22 -34.34 -54.39
CA PRO M 123 -9.40 -33.63 -53.88
C PRO M 123 -10.57 -34.57 -53.58
N LYS M 124 -10.36 -35.87 -53.77
CA LYS M 124 -11.40 -36.86 -53.51
C LYS M 124 -11.13 -37.68 -52.24
N ILE M 125 -10.03 -37.36 -51.56
CA ILE M 125 -9.65 -38.04 -50.33
C ILE M 125 -10.47 -37.58 -49.13
N LEU M 126 -10.86 -36.31 -49.14
CA LEU M 126 -11.65 -35.75 -48.05
C LEU M 126 -13.01 -35.24 -48.52
N GLY M 127 -13.80 -34.73 -47.58
CA GLY M 127 -15.12 -34.22 -47.90
C GLY M 127 -15.14 -32.78 -48.38
N ASP M 128 -14.37 -31.91 -47.71
CA ASP M 128 -14.32 -30.50 -48.09
C ASP M 128 -13.01 -29.84 -47.66
N LYS M 129 -12.19 -30.57 -46.92
CA LYS M 129 -10.91 -30.06 -46.44
C LYS M 129 -9.80 -30.11 -47.49
N TRP M 130 -9.07 -29.00 -47.61
CA TRP M 130 -7.98 -28.89 -48.58
C TRP M 130 -6.79 -28.13 -47.98
N UNK N 1 -4.48 -70.61 -37.84
CA UNK N 1 -5.84 -71.04 -37.42
C UNK N 1 -6.32 -70.25 -36.20
N UNK N 2 -5.69 -70.49 -35.05
CA UNK N 2 -6.04 -69.82 -33.81
C UNK N 2 -4.83 -69.72 -32.89
N UNK N 3 -4.03 -70.77 -32.86
CA UNK N 3 -2.83 -70.81 -32.02
C UNK N 3 -1.61 -71.17 -32.86
N UNK N 4 -1.15 -70.20 -33.64
CA UNK N 4 0.02 -70.39 -34.51
C UNK N 4 1.30 -70.01 -33.77
N UNK N 5 1.21 -69.01 -32.90
CA UNK N 5 2.36 -68.55 -32.13
C UNK N 5 2.22 -68.93 -30.66
N UNK N 6 1.02 -69.34 -30.26
CA UNK N 6 0.76 -69.74 -28.89
C UNK N 6 1.12 -71.21 -28.66
N UNK N 7 0.95 -72.02 -29.69
CA UNK N 7 1.27 -73.45 -29.62
C UNK N 7 2.73 -73.70 -29.97
N UNK N 8 3.34 -72.77 -30.71
CA UNK N 8 4.73 -72.89 -31.10
C UNK N 8 5.67 -72.49 -29.97
N UNK N 9 5.17 -71.64 -29.07
CA UNK N 9 5.95 -71.17 -27.93
C UNK N 9 5.81 -72.14 -26.75
N UNK N 10 4.75 -72.94 -26.76
CA UNK N 10 4.50 -73.91 -25.71
C UNK N 10 5.20 -75.24 -25.98
N UNK N 11 5.52 -75.48 -27.25
CA UNK N 11 6.20 -76.71 -27.65
C UNK N 11 7.72 -76.53 -27.65
N UNK N 12 8.17 -75.28 -27.60
CA UNK N 12 9.59 -74.95 -27.60
C UNK N 12 10.11 -74.69 -26.19
N UNK N 13 9.19 -74.44 -25.26
CA UNK N 13 9.55 -74.18 -23.88
C UNK N 13 9.33 -75.41 -22.99
N UNK N 14 8.69 -76.42 -23.55
CA UNK N 14 8.41 -77.65 -22.82
C UNK N 14 9.32 -78.79 -23.27
N UNK N 15 9.87 -78.68 -24.47
CA UNK N 15 10.77 -79.68 -25.01
C UNK N 15 12.23 -79.38 -24.66
N UNK N 16 12.53 -78.12 -24.45
CA UNK N 16 13.88 -77.68 -24.10
C UNK N 16 14.08 -77.68 -22.60
N UNK N 17 13.00 -77.57 -21.85
CA UNK N 17 13.06 -77.56 -20.39
C UNK N 17 13.04 -78.99 -19.83
N UNK N 18 12.51 -79.92 -20.61
CA UNK N 18 12.42 -81.32 -20.22
C UNK N 18 13.71 -82.07 -20.57
N UNK N 19 14.50 -81.50 -21.46
CA UNK N 19 15.75 -82.10 -21.88
C UNK N 19 16.91 -81.65 -20.99
N UNK N 20 16.63 -80.73 -20.07
CA UNK N 20 17.64 -80.21 -19.15
C UNK N 20 17.39 -80.67 -17.72
N UNK N 21 16.12 -80.66 -17.31
CA UNK N 21 15.74 -81.06 -15.96
C UNK N 21 15.84 -82.58 -15.75
N UNK N 22 16.25 -83.29 -16.80
CA UNK N 22 16.39 -84.74 -16.72
C UNK N 22 17.72 -85.14 -16.07
N UNK N 23 18.47 -84.16 -15.58
CA UNK N 23 19.76 -84.40 -14.94
C UNK N 23 20.25 -83.18 -14.14
N UNK N 24 19.60 -82.04 -14.32
CA UNK N 24 19.98 -80.82 -13.63
C UNK N 24 18.91 -80.33 -12.67
N UNK N 25 19.20 -80.43 -11.37
CA UNK N 25 18.29 -80.00 -10.31
C UNK N 25 16.97 -80.77 -10.30
N TRP O 32 -7.37 -7.21 46.41
CA TRP O 32 -7.84 -8.54 46.89
C TRP O 32 -8.73 -8.43 48.13
N PHE O 33 -8.49 -7.39 48.93
CA PHE O 33 -9.26 -7.16 50.15
C PHE O 33 -10.71 -6.79 49.82
N GLY O 34 -10.86 -5.78 48.98
CA GLY O 34 -12.19 -5.34 48.59
C GLY O 34 -12.68 -6.03 47.33
N VAL O 35 -13.76 -6.80 47.45
CA VAL O 35 -14.32 -7.51 46.32
C VAL O 35 -15.22 -6.59 45.49
N ILE O 36 -14.59 -5.80 44.63
CA ILE O 36 -15.30 -4.86 43.77
C ILE O 36 -14.41 -4.40 42.61
N MET O 37 -13.12 -4.26 42.88
CA MET O 37 -12.15 -3.83 41.89
C MET O 37 -12.01 -4.82 40.73
N ILE O 38 -12.27 -6.10 41.02
CA ILE O 38 -12.19 -7.14 40.01
C ILE O 38 -13.43 -7.19 39.14
N PRO O 39 -14.51 -6.54 39.58
CA PRO O 39 -15.80 -6.47 38.89
C PRO O 39 -16.09 -5.08 38.31
N THR O 40 -15.17 -4.15 38.53
CA THR O 40 -15.33 -2.78 38.03
C THR O 40 -14.33 -2.47 36.93
N LEU O 41 -13.05 -2.76 37.21
CA LEU O 41 -11.98 -2.51 36.25
C LEU O 41 -12.03 -3.47 35.07
N LEU O 42 -12.68 -4.62 35.27
CA LEU O 42 -12.81 -5.62 34.22
C LEU O 42 -13.98 -5.30 33.30
N ALA O 43 -15.03 -4.70 33.86
CA ALA O 43 -16.22 -4.32 33.11
C ALA O 43 -16.04 -2.98 32.41
N ALA O 44 -15.10 -2.18 32.91
CA ALA O 44 -14.82 -0.86 32.34
C ALA O 44 -13.66 -0.92 31.35
N THR O 45 -13.12 -2.10 31.14
CA THR O 45 -12.01 -2.30 30.22
C THR O 45 -12.44 -3.17 29.04
N ILE O 46 -13.43 -4.03 29.28
CA ILE O 46 -13.96 -4.91 28.24
C ILE O 46 -15.03 -4.20 27.44
N CYS O 47 -15.76 -3.30 28.11
CA CYS O 47 -16.81 -2.52 27.47
C CYS O 47 -16.22 -1.32 26.76
N PHE O 48 -15.02 -0.93 27.17
CA PHE O 48 -14.31 0.20 26.60
C PHE O 48 -13.65 -0.22 25.29
N VAL O 49 -13.17 -1.46 25.26
CA VAL O 49 -12.50 -2.01 24.08
C VAL O 49 -13.53 -2.49 23.05
N ILE O 50 -14.77 -2.68 23.50
CA ILE O 50 -15.85 -3.13 22.64
C ILE O 50 -16.54 -1.98 21.92
N ALA O 51 -16.61 -0.83 22.59
CA ALA O 51 -17.23 0.36 22.02
C ALA O 51 -16.32 1.06 21.02
N PHE O 52 -15.01 0.97 21.26
CA PHE O 52 -14.03 1.59 20.38
C PHE O 52 -13.95 0.88 19.03
N ILE O 53 -14.27 -0.41 19.02
CA ILE O 53 -14.24 -1.20 17.79
C ILE O 53 -15.49 -0.96 16.95
N ALA O 54 -16.54 -0.47 17.59
CA ALA O 54 -17.81 -0.20 16.91
C ALA O 54 -17.82 1.14 16.18
N ALA O 55 -16.70 1.86 16.22
CA ALA O 55 -16.60 3.16 15.56
C ALA O 55 -15.43 3.26 14.59
N PRO O 56 -14.99 2.10 14.05
CA PRO O 56 -13.87 2.03 13.10
C PRO O 56 -14.23 2.58 11.73
N PRO O 57 -15.38 3.27 11.63
CA PRO O 57 -15.87 3.89 10.39
C PRO O 57 -15.06 5.14 10.10
N VAL O 58 -14.66 5.85 11.16
CA VAL O 58 -13.87 7.06 11.04
C VAL O 58 -13.16 7.43 12.33
N ASP O 59 -12.25 6.57 12.77
CA ASP O 59 -11.50 6.79 14.00
C ASP O 59 -10.15 7.45 13.74
N ILE O 60 -9.25 6.72 13.07
CA ILE O 60 -7.90 7.19 12.76
C ILE O 60 -7.09 7.43 14.03
N ASP O 61 -7.48 6.76 15.11
CA ASP O 61 -6.85 6.88 16.42
C ASP O 61 -6.75 8.33 16.87
N GLY O 62 -7.91 8.92 17.16
CA GLY O 62 -7.94 10.30 17.59
C GLY O 62 -9.30 10.78 18.03
N ILE O 63 -10.24 10.87 17.07
CA ILE O 63 -11.59 11.33 17.36
C ILE O 63 -12.57 10.21 17.69
N ARG O 64 -13.02 9.49 16.67
CA ARG O 64 -13.96 8.39 16.80
C ARG O 64 -15.31 8.85 17.38
N GLU O 65 -16.07 7.92 17.95
CA GLU O 65 -17.39 8.20 18.54
C GLU O 65 -18.29 9.07 17.66
N PRO O 66 -18.51 8.63 16.40
CA PRO O 66 -19.35 9.36 15.44
C PRO O 66 -20.86 9.21 15.62
N VAL O 67 -21.28 8.62 16.75
CA VAL O 67 -22.71 8.44 17.02
C VAL O 67 -23.23 9.53 17.95
N SER O 68 -23.54 10.70 17.40
CA SER O 68 -24.06 11.81 18.18
C SER O 68 -24.61 12.93 17.29
N GLY O 69 -25.09 12.55 16.11
CA GLY O 69 -25.63 13.53 15.18
C GLY O 69 -27.11 13.28 14.95
N SER O 70 -27.88 13.27 16.02
CA SER O 70 -29.32 13.04 15.94
C SER O 70 -30.03 13.61 17.16
N LEU O 71 -30.84 14.64 16.92
CA LEU O 71 -31.60 15.32 17.97
C LEU O 71 -30.74 16.18 18.90
N LEU O 72 -29.80 15.54 19.59
CA LEU O 72 -28.93 16.25 20.53
C LEU O 72 -27.68 15.43 20.88
N TYR O 73 -26.82 16.02 21.72
CA TYR O 73 -25.59 15.36 22.14
C TYR O 73 -25.82 14.16 23.07
N GLY O 74 -26.75 14.29 24.00
CA GLY O 74 -27.03 13.18 24.91
C GLY O 74 -28.03 13.50 26.02
N ASN O 75 -28.99 14.36 25.71
CA ASN O 75 -30.02 14.75 26.68
C ASN O 75 -31.01 13.61 26.98
N ASN O 76 -30.94 13.08 28.20
CA ASN O 76 -31.81 11.99 28.62
C ASN O 76 -32.43 12.25 29.98
N ILE O 77 -31.79 13.12 30.77
CA ILE O 77 -32.26 13.47 32.11
C ILE O 77 -32.32 12.26 33.04
N ILE O 78 -31.18 11.59 33.19
CA ILE O 78 -31.07 10.41 34.05
C ILE O 78 -31.03 10.80 35.53
N THR O 79 -32.06 10.40 36.26
CA THR O 79 -32.18 10.69 37.70
C THR O 79 -32.48 12.17 37.97
N GLY O 80 -32.87 12.47 39.21
CA GLY O 80 -33.18 13.83 39.57
C GLY O 80 -32.86 14.22 41.00
N ALA O 81 -31.92 15.16 41.15
CA ALA O 81 -31.47 15.66 42.44
C ALA O 81 -30.71 14.65 43.29
N VAL O 82 -29.39 14.81 43.35
CA VAL O 82 -28.52 13.92 44.12
C VAL O 82 -28.58 12.47 43.63
N VAL O 83 -28.82 12.32 42.32
CA VAL O 83 -28.92 11.02 41.68
C VAL O 83 -30.05 10.15 42.21
N PRO O 84 -30.24 8.96 41.63
CA PRO O 84 -31.30 8.05 42.07
C PRO O 84 -30.97 7.44 43.42
N SER O 85 -31.98 7.33 44.28
CA SER O 85 -31.79 6.77 45.62
C SER O 85 -33.09 6.17 46.16
N SER O 86 -34.21 6.81 45.84
CA SER O 86 -35.51 6.32 46.28
C SER O 86 -36.02 5.24 45.34
N ASN O 87 -36.27 4.05 45.88
CA ASN O 87 -36.74 2.93 45.09
C ASN O 87 -37.52 1.92 45.94
N HIS O 92 -33.17 5.46 34.38
CA HIS O 92 -31.75 5.56 34.77
C HIS O 92 -30.82 5.02 33.69
N PHE O 93 -31.24 3.92 33.06
CA PHE O 93 -30.47 3.27 31.99
C PHE O 93 -29.06 2.89 32.40
N TYR O 94 -28.89 1.67 32.90
CA TYR O 94 -27.58 1.17 33.32
C TYR O 94 -27.51 -0.35 33.11
N PRO O 95 -27.76 -1.13 34.17
CA PRO O 95 -27.70 -2.59 34.06
C PRO O 95 -28.91 -3.14 33.31
N ILE O 96 -30.01 -2.39 33.33
CA ILE O 96 -31.24 -2.77 32.65
C ILE O 96 -31.56 -1.78 31.53
N TRP O 97 -31.13 -2.12 30.32
CA TRP O 97 -31.34 -1.27 29.15
C TRP O 97 -32.82 -1.07 28.84
N GLU O 98 -33.57 -2.17 28.79
CA GLU O 98 -35.00 -2.13 28.50
C GLU O 98 -35.26 -1.61 27.08
N ALA O 99 -36.21 -0.69 26.93
CA ALA O 99 -36.55 -0.09 25.65
C ALA O 99 -36.76 -1.13 24.53
N ALA O 100 -35.72 -1.36 23.74
CA ALA O 100 -35.77 -2.32 22.65
C ALA O 100 -34.69 -3.40 22.86
N SER O 101 -33.45 -3.07 22.49
CA SER O 101 -32.32 -3.98 22.63
C SER O 101 -31.03 -3.36 22.10
N LEU O 102 -30.87 -3.37 20.77
CA LEU O 102 -29.68 -2.81 20.14
C LEU O 102 -29.84 -1.33 19.79
N ASP O 103 -31.09 -0.87 19.73
CA ASP O 103 -31.38 0.53 19.41
C ASP O 103 -31.30 1.43 20.65
N GLU O 104 -31.12 0.80 21.80
CA GLU O 104 -31.02 1.52 23.07
C GLU O 104 -29.58 1.87 23.42
N TRP O 105 -28.69 0.89 23.22
CA TRP O 105 -27.27 1.08 23.52
C TRP O 105 -26.55 1.93 22.48
N LEU O 106 -27.24 2.28 21.40
CA LEU O 106 -26.67 3.09 20.33
C LEU O 106 -27.26 4.51 20.31
N TYR O 107 -27.69 4.97 21.48
CA TYR O 107 -28.28 6.30 21.61
C TYR O 107 -27.73 7.04 22.83
N ASN O 108 -27.33 8.28 22.63
CA ASN O 108 -26.78 9.12 23.69
C ASN O 108 -25.56 8.48 24.37
N GLY O 109 -25.52 8.52 25.69
CA GLY O 109 -24.41 7.94 26.43
C GLY O 109 -24.22 6.45 26.15
N GLY O 110 -25.33 5.72 26.20
CA GLY O 110 -25.28 4.28 25.94
C GLY O 110 -24.49 3.51 26.97
N PRO O 111 -23.35 2.91 26.58
CA PRO O 111 -22.45 2.13 27.43
C PRO O 111 -21.67 2.96 28.45
N TYR O 112 -21.63 4.27 28.25
CA TYR O 112 -20.92 5.15 29.17
C TYR O 112 -21.62 5.26 30.52
N GLN O 113 -22.93 5.02 30.52
CA GLN O 113 -23.71 5.08 31.75
C GLN O 113 -23.32 3.96 32.72
N LEU O 114 -22.81 2.86 32.17
CA LEU O 114 -22.37 1.72 32.98
C LEU O 114 -20.90 1.85 33.33
N ILE O 115 -20.13 2.45 32.42
CA ILE O 115 -18.69 2.64 32.61
C ILE O 115 -18.38 3.71 33.64
N ILE O 116 -19.21 4.75 33.70
CA ILE O 116 -19.04 5.84 34.65
C ILE O 116 -19.29 5.35 36.06
N PHE O 117 -20.20 4.36 36.19
CA PHE O 117 -20.53 3.78 37.48
C PHE O 117 -19.37 2.93 37.99
N HIS O 118 -18.50 2.52 37.08
CA HIS O 118 -17.34 1.70 37.43
C HIS O 118 -16.16 2.55 37.88
N PHE O 119 -16.15 3.82 37.50
CA PHE O 119 -15.08 4.73 37.88
C PHE O 119 -15.15 5.07 39.37
N LEU O 120 -16.36 5.09 39.91
CA LEU O 120 -16.56 5.39 41.33
C LEU O 120 -16.28 4.15 42.18
N LEU O 121 -16.39 2.98 41.55
CA LEU O 121 -16.15 1.71 42.21
C LEU O 121 -14.70 1.27 42.04
N GLY O 122 -14.10 1.66 40.93
CA GLY O 122 -12.72 1.32 40.63
C GLY O 122 -11.72 2.21 41.33
N ALA O 123 -12.02 3.51 41.37
CA ALA O 123 -11.16 4.48 42.02
C ALA O 123 -11.24 4.35 43.54
N SER O 124 -12.43 4.01 44.03
CA SER O 124 -12.66 3.84 45.46
C SER O 124 -11.99 2.57 45.94
N CYS O 125 -11.86 1.59 45.06
CA CYS O 125 -11.22 0.32 45.36
C CYS O 125 -9.72 0.43 45.16
N TYR O 126 -9.30 1.37 44.32
CA TYR O 126 -7.90 1.61 44.04
C TYR O 126 -7.24 2.37 45.19
N MET O 127 -8.07 2.93 46.07
CA MET O 127 -7.61 3.67 47.23
C MET O 127 -7.89 2.90 48.51
N GLY O 128 -8.91 2.05 48.45
CA GLY O 128 -9.29 1.25 49.61
C GLY O 128 -8.39 0.04 49.77
N ARG O 129 -7.99 -0.56 48.66
CA ARG O 129 -7.12 -1.72 48.67
C ARG O 129 -5.66 -1.31 48.78
N GLN O 130 -5.38 -0.06 48.42
CA GLN O 130 -4.02 0.48 48.49
C GLN O 130 -3.67 0.78 49.94
N TRP O 131 -4.68 1.19 50.71
CA TRP O 131 -4.50 1.51 52.12
C TRP O 131 -4.70 0.28 53.02
N GLU O 132 -4.98 -0.85 52.38
CA GLU O 132 -5.19 -2.10 53.10
C GLU O 132 -4.02 -3.06 52.86
N LEU O 133 -3.38 -2.91 51.72
CA LEU O 133 -2.23 -3.73 51.36
C LEU O 133 -0.94 -2.96 51.63
N SER O 134 -0.97 -2.13 52.67
CA SER O 134 0.18 -1.33 53.06
C SER O 134 0.32 -1.31 54.58
N TYR O 135 -0.81 -1.16 55.26
CA TYR O 135 -0.83 -1.14 56.72
C TYR O 135 -0.94 -2.56 57.29
N ARG O 136 -1.66 -3.41 56.57
CA ARG O 136 -1.83 -4.80 56.99
C ARG O 136 -0.71 -5.69 56.46
N LEU O 137 -0.04 -5.21 55.41
CA LEU O 137 1.07 -5.94 54.80
C LEU O 137 2.38 -5.68 55.55
N GLY O 138 2.49 -4.49 56.14
CA GLY O 138 3.70 -4.15 56.86
C GLY O 138 3.53 -2.88 57.69
N MET O 139 3.98 -1.76 57.14
CA MET O 139 3.89 -0.47 57.83
C MET O 139 4.02 0.67 56.82
N ARG O 140 2.88 1.18 56.37
CA ARG O 140 2.87 2.27 55.40
C ARG O 140 1.54 3.04 55.46
N PRO O 141 1.37 3.87 56.50
CA PRO O 141 0.17 4.68 56.71
C PRO O 141 0.05 5.82 55.70
N TRP O 142 -1.19 6.20 55.42
CA TRP O 142 -1.50 7.26 54.46
C TRP O 142 -0.95 6.93 53.07
N ILE O 143 -0.56 7.94 52.31
CA ILE O 143 -0.01 7.77 50.96
C ILE O 143 -1.01 7.12 49.99
N CYS O 144 -2.23 6.89 50.49
CA CYS O 144 -3.28 6.29 49.68
C CYS O 144 -4.45 7.26 49.58
N VAL O 145 -4.70 7.98 50.67
CA VAL O 145 -5.78 8.97 50.70
C VAL O 145 -5.33 10.25 50.00
N ALA O 146 -4.02 10.48 50.00
CA ALA O 146 -3.44 11.66 49.37
C ALA O 146 -3.18 11.41 47.88
N TYR O 147 -2.69 10.22 47.55
CA TYR O 147 -2.40 9.86 46.16
C TYR O 147 -3.69 9.68 45.37
N SER O 148 -4.75 9.28 46.06
CA SER O 148 -6.05 9.09 45.44
C SER O 148 -6.77 10.41 45.24
N ALA O 149 -6.29 11.45 45.92
CA ALA O 149 -6.87 12.78 45.82
C ALA O 149 -6.72 13.33 44.40
N PRO O 150 -5.68 12.87 43.68
CA PRO O 150 -5.34 13.24 42.31
C PRO O 150 -6.07 12.38 41.29
N LEU O 151 -6.31 11.12 41.63
CA LEU O 151 -7.01 10.20 40.75
C LEU O 151 -8.51 10.46 40.77
N ALA O 152 -9.05 10.65 41.97
CA ALA O 152 -10.47 10.92 42.17
C ALA O 152 -10.77 12.41 42.00
N SER O 153 -9.80 13.16 41.49
CA SER O 153 -9.96 14.60 41.28
C SER O 153 -10.64 14.85 39.94
N ALA O 154 -10.35 13.99 38.96
CA ALA O 154 -10.93 14.10 37.64
C ALA O 154 -12.06 13.10 37.47
N PHE O 155 -12.00 12.01 38.24
CA PHE O 155 -13.01 10.96 38.19
C PHE O 155 -14.31 11.42 38.85
N ALA O 156 -14.19 12.05 40.01
CA ALA O 156 -15.34 12.54 40.75
C ALA O 156 -15.83 13.87 40.19
N VAL O 157 -15.02 14.49 39.34
CA VAL O 157 -15.35 15.76 38.72
C VAL O 157 -16.33 15.58 37.58
N PHE O 158 -16.34 14.38 36.99
CA PHE O 158 -17.23 14.07 35.88
C PHE O 158 -18.62 13.72 36.39
N LEU O 159 -18.70 13.31 37.66
CA LEU O 159 -19.98 12.95 38.27
C LEU O 159 -20.57 14.09 39.09
N ILE O 160 -19.71 14.91 39.67
CA ILE O 160 -20.13 16.05 40.49
C ILE O 160 -20.74 17.17 39.65
N TYR O 161 -20.24 17.31 38.43
CA TYR O 161 -20.73 18.33 37.50
C TYR O 161 -22.20 18.12 37.14
N PRO O 162 -22.57 16.88 36.79
CA PRO O 162 -23.93 16.51 36.42
C PRO O 162 -24.91 16.64 37.59
N ILE O 163 -24.37 16.64 38.81
CA ILE O 163 -25.19 16.75 40.01
C ILE O 163 -25.62 18.19 40.30
N GLY O 164 -25.16 19.13 39.48
CA GLY O 164 -25.52 20.52 39.67
C GLY O 164 -26.20 21.15 38.47
N GLN O 165 -25.55 21.04 37.30
CA GLN O 165 -26.07 21.60 36.06
C GLN O 165 -27.14 20.73 35.40
N GLY O 166 -26.71 19.60 34.83
CA GLY O 166 -27.64 18.71 34.17
C GLY O 166 -27.35 17.25 34.46
N SER O 167 -28.32 16.56 35.03
CA SER O 167 -28.18 15.15 35.39
C SER O 167 -28.25 14.21 34.19
N PHE O 168 -28.22 14.78 32.98
CA PHE O 168 -28.28 13.98 31.75
C PHE O 168 -27.06 13.07 31.60
N SER O 169 -26.10 13.49 30.78
CA SER O 169 -24.88 12.71 30.55
C SER O 169 -23.91 13.45 29.63
N ASP O 170 -24.19 14.73 29.38
CA ASP O 170 -23.35 15.55 28.51
C ASP O 170 -22.09 16.03 29.26
N GLY O 171 -21.01 16.20 28.52
CA GLY O 171 -19.75 16.65 29.09
C GLY O 171 -18.62 15.80 28.55
N MET O 172 -18.48 14.59 29.10
CA MET O 172 -17.45 13.67 28.65
C MET O 172 -18.00 12.88 27.47
N PRO O 173 -17.40 13.06 26.28
CA PRO O 173 -17.82 12.38 25.05
C PRO O 173 -17.84 10.86 25.23
N LEU O 174 -18.87 10.23 24.66
CA LEU O 174 -19.02 8.78 24.72
C LEU O 174 -17.83 8.09 24.07
N GLY O 175 -17.34 7.04 24.72
CA GLY O 175 -16.20 6.31 24.19
C GLY O 175 -14.89 6.85 24.71
N ILE O 176 -14.83 8.17 24.91
CA ILE O 176 -13.65 8.86 25.42
C ILE O 176 -12.42 8.72 24.53
N SER O 177 -12.13 9.77 23.76
CA SER O 177 -10.99 9.77 22.85
C SER O 177 -10.39 11.17 22.72
N GLY O 178 -9.15 11.33 23.18
CA GLY O 178 -8.49 12.61 23.10
C GLY O 178 -8.98 13.60 24.13
N THR O 179 -10.30 13.79 24.18
CA THR O 179 -10.95 14.71 25.11
C THR O 179 -10.55 16.17 24.86
N PHE O 180 -10.98 16.69 23.71
CA PHE O 180 -10.70 18.08 23.34
C PHE O 180 -11.91 18.97 23.57
N ASN O 181 -13.04 18.34 23.93
CA ASN O 181 -14.28 19.07 24.19
C ASN O 181 -14.25 19.67 25.59
N PHE O 182 -13.56 18.99 26.51
CA PHE O 182 -13.44 19.45 27.89
C PHE O 182 -12.31 20.48 28.03
N MET O 183 -11.84 20.97 26.89
CA MET O 183 -10.77 21.97 26.85
C MET O 183 -11.26 23.20 26.09
N ILE O 184 -12.46 23.09 25.53
CA ILE O 184 -13.07 24.18 24.77
C ILE O 184 -14.37 24.63 25.43
N VAL O 185 -15.18 23.67 25.86
CA VAL O 185 -16.46 23.96 26.50
C VAL O 185 -16.21 24.49 27.91
N PHE O 186 -15.27 23.85 28.62
CA PHE O 186 -14.92 24.24 29.98
C PHE O 186 -14.17 25.56 30.00
N GLN O 187 -14.08 26.21 28.84
CA GLN O 187 -13.40 27.49 28.71
C GLN O 187 -14.42 28.62 28.66
N ALA O 188 -15.53 28.38 27.97
CA ALA O 188 -16.60 29.37 27.83
C ALA O 188 -17.42 29.49 29.11
N GLU O 189 -18.17 28.45 29.43
CA GLU O 189 -19.00 28.43 30.64
C GLU O 189 -18.91 27.07 31.35
N HIS O 190 -19.74 26.90 32.39
CA HIS O 190 -19.74 25.66 33.18
C HIS O 190 -18.40 25.51 33.90
N ASN O 191 -17.68 26.62 34.00
CA ASN O 191 -16.37 26.71 34.63
C ASN O 191 -15.86 28.11 34.27
N ILE O 192 -16.27 28.55 33.08
CA ILE O 192 -15.92 29.85 32.54
C ILE O 192 -14.41 30.05 32.40
N LEU O 193 -14.02 31.31 32.21
CA LEU O 193 -12.62 31.66 32.07
C LEU O 193 -11.82 31.35 33.32
N MET O 194 -10.88 30.43 33.19
CA MET O 194 -10.01 30.03 34.30
C MET O 194 -9.09 31.20 34.64
N HIS O 195 -9.17 31.67 35.87
CA HIS O 195 -8.34 32.79 36.32
C HIS O 195 -8.47 33.07 37.81
N PRO O 196 -8.84 32.03 38.59
CA PRO O 196 -9.01 32.12 40.04
C PRO O 196 -8.39 30.94 40.78
N PHE O 197 -9.15 29.84 40.87
CA PHE O 197 -8.67 28.64 41.54
C PHE O 197 -8.01 27.67 40.56
N HIS O 198 -8.45 27.70 39.31
CA HIS O 198 -7.89 26.83 38.28
C HIS O 198 -6.55 27.37 37.76
N GLN O 199 -6.18 28.56 38.25
CA GLN O 199 -4.92 29.18 37.86
C GLN O 199 -3.82 28.81 38.85
N LEU O 200 -4.22 28.22 39.97
CA LEU O 200 -3.29 27.78 41.02
C LEU O 200 -2.86 26.34 40.81
N GLY O 201 -3.84 25.48 40.53
CA GLY O 201 -3.56 24.08 40.32
C GLY O 201 -2.86 23.74 39.00
N VAL O 202 -3.11 24.54 37.97
CA VAL O 202 -2.50 24.31 36.67
C VAL O 202 -1.03 24.72 36.64
N ALA O 203 -0.61 25.51 37.63
CA ALA O 203 0.77 25.97 37.74
C ALA O 203 1.60 25.07 38.65
N GLY O 204 0.91 24.22 39.41
CA GLY O 204 1.59 23.31 40.31
C GLY O 204 1.88 21.97 39.68
N VAL O 205 0.94 21.46 38.89
CA VAL O 205 1.10 20.19 38.21
C VAL O 205 2.06 20.28 37.03
N PHE O 206 2.11 21.45 36.40
CA PHE O 206 2.99 21.69 35.27
C PHE O 206 4.36 22.18 35.73
N GLY O 207 4.35 23.01 36.76
CA GLY O 207 5.58 23.55 37.32
C GLY O 207 6.29 22.55 38.22
N GLY O 208 5.53 21.59 38.73
CA GLY O 208 6.09 20.58 39.61
C GLY O 208 6.74 19.46 38.83
N ALA O 209 6.43 19.39 37.53
CA ALA O 209 7.00 18.37 36.65
C ALA O 209 8.41 18.78 36.22
N LEU O 210 8.68 20.07 36.30
CA LEU O 210 9.97 20.63 35.92
C LEU O 210 10.89 20.72 37.14
N PHE O 211 10.30 20.88 38.32
CA PHE O 211 11.05 20.99 39.56
C PHE O 211 11.45 19.60 40.08
N CYS O 212 10.59 18.62 39.83
CA CYS O 212 10.84 17.25 40.25
C CYS O 212 11.79 16.55 39.29
N ALA O 213 11.86 17.06 38.06
CA ALA O 213 12.74 16.49 37.04
C ALA O 213 14.19 16.83 37.36
N MET O 214 14.39 17.97 38.02
CA MET O 214 15.71 18.42 38.41
C MET O 214 16.13 17.76 39.72
N HIS O 215 15.17 17.56 40.60
CA HIS O 215 15.41 16.93 41.90
C HIS O 215 15.72 15.44 41.75
N GLY O 216 15.08 14.80 40.78
CA GLY O 216 15.31 13.38 40.54
C GLY O 216 16.54 13.15 39.69
N SER O 217 17.11 14.24 39.18
CA SER O 217 18.30 14.18 38.34
C SER O 217 19.56 14.50 39.15
N LEU O 218 19.40 15.35 40.16
CA LEU O 218 20.51 15.75 41.02
C LEU O 218 20.86 14.62 41.98
N VAL O 219 19.83 14.05 42.61
CA VAL O 219 20.01 12.96 43.56
C VAL O 219 20.45 11.68 42.86
N THR O 220 19.97 11.48 41.63
CA THR O 220 20.32 10.30 40.86
C THR O 220 21.67 10.47 40.16
N SER O 221 22.35 11.58 40.48
CA SER O 221 23.66 11.87 39.89
C SER O 221 24.77 11.17 40.67
N SER O 222 24.66 11.19 42.00
CA SER O 222 25.64 10.57 42.88
C SER O 222 25.28 10.86 44.34
N LEU O 223 24.37 10.06 44.88
CA LEU O 223 23.94 10.22 46.27
C LEU O 223 24.06 8.89 47.03
N ILE O 224 23.00 8.48 47.70
CA ILE O 224 23.00 7.24 48.47
C ILE O 224 22.57 6.06 47.59
N ARG O 225 23.00 6.07 46.33
CA ARG O 225 22.67 5.02 45.39
C ARG O 225 23.90 4.64 44.57
N GLU O 226 24.23 5.47 43.59
CA GLU O 226 25.39 5.25 42.73
C GLU O 226 26.30 6.47 42.77
N THR O 227 27.05 6.60 43.86
CA THR O 227 27.95 7.74 44.06
C THR O 227 29.19 7.68 43.15
N THR O 228 29.99 8.75 43.20
CA THR O 228 31.20 8.86 42.41
C THR O 228 32.13 7.68 42.63
N GLU O 229 32.48 7.00 41.54
CA GLU O 229 33.37 5.84 41.57
C GLU O 229 32.83 4.73 42.50
N THR O 230 31.56 4.42 42.35
CA THR O 230 30.91 3.39 43.16
C THR O 230 31.04 2.02 42.51
N GLU O 231 32.16 1.35 42.78
CA GLU O 231 32.46 0.02 42.24
C GLU O 231 32.69 0.03 40.73
N SER O 232 31.64 0.34 39.97
CA SER O 232 31.73 0.40 38.51
C SER O 232 32.48 1.67 38.09
N ALA O 233 33.50 1.48 37.26
CA ALA O 233 34.30 2.59 36.76
C ALA O 233 34.67 2.36 35.30
N ASN O 234 34.02 3.11 34.41
CA ASN O 234 34.21 3.02 32.97
C ASN O 234 33.60 1.75 32.37
N TYR O 235 32.90 1.91 31.26
CA TYR O 235 32.24 0.81 30.57
C TYR O 235 31.08 0.24 31.38
N GLY O 236 29.87 0.73 31.09
CA GLY O 236 28.69 0.28 31.79
C GLY O 236 28.24 1.28 32.84
N TYR O 237 27.30 2.14 32.46
CA TYR O 237 26.78 3.17 33.37
C TYR O 237 25.95 2.57 34.51
N LYS O 238 26.39 2.84 35.73
CA LYS O 238 25.73 2.37 36.94
C LYS O 238 25.70 0.84 37.06
N PHE O 239 24.60 0.23 36.59
CA PHE O 239 24.43 -1.23 36.65
C PHE O 239 24.54 -1.78 38.06
N GLY O 240 23.91 -1.10 39.01
CA GLY O 240 23.94 -1.53 40.39
C GLY O 240 22.72 -1.06 41.17
N ALA O 251 26.10 10.25 50.46
CA ALA O 251 26.44 11.46 49.64
C ALA O 251 25.25 12.40 49.49
N HIS O 252 24.06 11.92 49.86
CA HIS O 252 22.83 12.71 49.77
C HIS O 252 22.82 13.93 50.70
N GLY O 253 23.63 13.87 51.76
CA GLY O 253 23.68 14.97 52.70
C GLY O 253 24.70 16.04 52.32
N TYR O 254 25.53 15.73 51.33
CA TYR O 254 26.55 16.66 50.86
C TYR O 254 26.13 17.33 49.55
N PHE O 255 25.27 16.64 48.80
CA PHE O 255 24.77 17.17 47.52
C PHE O 255 23.40 17.80 47.69
N GLY O 256 22.89 17.80 48.92
CA GLY O 256 21.59 18.37 49.19
C GLY O 256 21.68 19.81 49.66
N ARG O 257 22.88 20.23 50.08
CA ARG O 257 23.10 21.58 50.55
C ARG O 257 24.10 22.34 49.68
N LEU O 258 24.44 21.74 48.54
CA LEU O 258 25.39 22.35 47.60
C LEU O 258 24.72 22.60 46.26
N ILE O 259 23.75 21.77 45.91
CA ILE O 259 23.02 21.88 44.66
C ILE O 259 21.82 22.80 44.79
N PHE O 260 21.08 22.64 45.90
CA PHE O 260 19.90 23.46 46.17
C PHE O 260 20.28 24.75 46.88
N GLN O 261 21.48 25.25 46.60
CA GLN O 261 21.98 26.48 47.22
C GLN O 261 21.32 27.73 46.62
N TYR O 262 22.13 28.74 46.33
CA TYR O 262 21.68 30.00 45.76
C TYR O 262 20.78 30.82 46.69
N ALA O 263 20.35 30.20 47.80
CA ALA O 263 19.47 30.87 48.76
C ALA O 263 19.37 30.11 50.07
N SER O 264 19.34 28.79 50.00
CA SER O 264 19.23 27.94 51.19
C SER O 264 19.50 26.47 50.89
N PHE O 265 18.51 25.62 51.16
CA PHE O 265 18.59 24.17 50.93
C PHE O 265 17.31 23.49 51.43
N ASN O 266 17.29 22.16 51.36
CA ASN O 266 16.15 21.37 51.81
C ASN O 266 15.98 21.46 53.33
N ASN O 267 17.10 21.45 54.04
CA ASN O 267 17.12 21.52 55.50
C ASN O 267 16.32 20.43 56.19
N SER O 268 16.03 19.34 55.46
CA SER O 268 15.26 18.23 56.01
C SER O 268 15.33 17.00 55.12
N ARG O 269 15.37 15.83 55.75
CA ARG O 269 15.41 14.56 55.04
C ARG O 269 14.04 14.23 54.45
N SER O 270 13.01 14.87 54.98
CA SER O 270 11.65 14.65 54.50
C SER O 270 11.09 15.90 53.84
N LEU O 271 11.99 16.83 53.49
CA LEU O 271 11.59 18.07 52.82
C LEU O 271 11.30 17.80 51.35
N HIS O 272 11.97 16.78 50.81
CA HIS O 272 11.79 16.39 49.41
C HIS O 272 10.46 15.65 49.25
N PHE O 273 10.01 15.02 50.32
CA PHE O 273 8.75 14.28 50.31
C PHE O 273 7.58 15.25 50.54
N PHE O 274 7.89 16.42 51.10
CA PHE O 274 6.89 17.44 51.37
C PHE O 274 6.64 18.27 50.11
N LEU O 275 7.59 18.21 49.17
CA LEU O 275 7.48 18.94 47.92
C LEU O 275 6.76 18.08 46.88
N ALA O 276 6.97 16.78 46.97
CA ALA O 276 6.33 15.83 46.05
C ALA O 276 4.86 15.61 46.42
N ALA O 277 4.56 15.80 47.70
CA ALA O 277 3.20 15.63 48.20
C ALA O 277 2.38 16.90 47.99
N TRP O 278 3.07 18.02 47.76
CA TRP O 278 2.40 19.29 47.52
C TRP O 278 1.92 19.42 46.08
N ARG O 279 2.56 18.68 45.18
CA ARG O 279 2.19 18.69 43.77
C ARG O 279 1.07 17.69 43.52
N VAL O 280 0.70 16.96 44.57
CA VAL O 280 -0.37 15.96 44.49
C VAL O 280 -1.52 16.31 45.42
N VAL O 281 -1.39 17.44 46.13
CA VAL O 281 -2.43 17.89 47.05
C VAL O 281 -2.76 19.36 46.83
N GLY O 282 -1.75 20.18 46.59
CA GLY O 282 -1.97 21.60 46.35
C GLY O 282 -2.54 21.85 44.98
N VAL O 283 -2.26 20.95 44.04
CA VAL O 283 -2.73 21.07 42.67
C VAL O 283 -3.91 20.13 42.41
N TRP O 284 -4.08 19.13 43.27
CA TRP O 284 -5.15 18.16 43.13
C TRP O 284 -6.46 18.72 43.68
N PHE O 285 -6.42 19.22 44.91
CA PHE O 285 -7.60 19.80 45.55
C PHE O 285 -8.04 21.11 44.91
N ALA O 286 -7.15 21.72 44.12
CA ALA O 286 -7.44 22.97 43.44
C ALA O 286 -8.20 22.69 42.14
N ALA O 287 -7.78 21.63 41.45
CA ALA O 287 -8.39 21.22 40.19
C ALA O 287 -9.79 20.65 40.46
N LEU O 288 -9.90 19.89 41.55
CA LEU O 288 -11.17 19.28 41.93
C LEU O 288 -12.06 20.31 42.62
N GLY O 289 -11.43 21.27 43.30
CA GLY O 289 -12.17 22.30 43.99
C GLY O 289 -12.81 23.30 43.05
N ILE O 290 -12.10 23.64 41.96
CA ILE O 290 -12.59 24.59 40.97
C ILE O 290 -13.65 23.95 40.08
N SER O 291 -13.54 22.64 39.89
CA SER O 291 -14.48 21.90 39.06
C SER O 291 -15.76 21.59 39.82
N THR O 292 -15.62 21.33 41.12
CA THR O 292 -16.76 21.02 41.98
C THR O 292 -17.63 22.25 42.24
N MET O 293 -17.05 23.43 42.08
CA MET O 293 -17.77 24.68 42.28
C MET O 293 -18.35 25.17 40.97
N ALA O 294 -17.81 24.68 39.86
CA ALA O 294 -18.26 25.07 38.52
C ALA O 294 -19.51 24.31 38.08
N PHE O 295 -20.61 24.50 38.80
CA PHE O 295 -21.86 23.84 38.48
C PHE O 295 -22.83 24.82 37.82
N ASN O 296 -22.95 26.01 38.41
CA ASN O 296 -23.83 27.04 37.92
C ASN O 296 -23.33 28.41 38.38
N LEU O 297 -22.66 28.42 39.54
CA LEU O 297 -22.13 29.63 40.14
C LEU O 297 -20.84 30.10 39.46
N ASN O 298 -19.86 29.20 39.38
CA ASN O 298 -18.55 29.48 38.77
C ASN O 298 -17.87 30.70 39.41
N GLY O 299 -17.10 31.44 38.61
CA GLY O 299 -16.40 32.61 39.10
C GLY O 299 -15.99 33.51 37.97
N PHE O 300 -14.83 33.22 37.38
CA PHE O 300 -14.27 33.97 36.27
C PHE O 300 -13.75 35.36 36.61
N ASN O 301 -14.58 36.18 37.24
CA ASN O 301 -14.22 37.55 37.61
C ASN O 301 -13.85 38.36 36.37
N PHE O 302 -12.86 39.24 36.52
CA PHE O 302 -12.39 40.10 35.43
C PHE O 302 -13.44 41.08 34.91
N ASN O 303 -14.47 40.56 34.26
CA ASN O 303 -15.57 41.35 33.71
C ASN O 303 -15.12 42.27 32.56
N HIS O 304 -14.61 43.45 32.91
CA HIS O 304 -14.14 44.41 31.92
C HIS O 304 -13.53 45.62 32.60
N SER O 305 -12.28 45.92 32.26
CA SER O 305 -11.59 47.07 32.82
C SER O 305 -12.26 48.34 32.28
N VAL O 306 -12.14 48.55 30.97
CA VAL O 306 -12.72 49.69 30.27
C VAL O 306 -12.93 50.96 31.09
N ILE O 307 -11.87 51.74 31.24
CA ILE O 307 -11.94 52.99 32.00
C ILE O 307 -11.19 54.11 31.28
N ASP O 308 -11.94 54.95 30.57
CA ASP O 308 -11.36 56.07 29.84
C ASP O 308 -11.40 57.38 30.63
N ALA O 309 -11.12 58.49 29.95
CA ALA O 309 -11.13 59.80 30.58
C ALA O 309 -12.56 60.30 30.73
N LYS O 310 -13.36 60.12 29.69
CA LYS O 310 -14.77 60.55 29.70
C LYS O 310 -15.72 59.38 29.94
N GLY O 311 -15.28 58.17 29.58
CA GLY O 311 -16.12 56.99 29.78
C GLY O 311 -16.54 56.37 28.46
N ASN O 312 -15.74 55.42 27.98
CA ASN O 312 -16.04 54.73 26.72
C ASN O 312 -15.73 53.25 26.81
N VAL O 313 -14.54 52.87 26.32
CA VAL O 313 -14.10 51.47 26.32
C VAL O 313 -12.67 51.38 25.77
N ILE O 314 -11.69 51.44 26.66
CA ILE O 314 -10.28 51.38 26.28
C ILE O 314 -9.86 49.95 25.92
N ASN O 315 -10.37 48.98 26.69
CA ASN O 315 -10.06 47.57 26.49
C ASN O 315 -8.61 47.21 26.79
N THR O 316 -8.35 45.93 27.02
CA THR O 316 -7.00 45.44 27.32
C THR O 316 -6.98 43.92 27.45
N TRP O 317 -5.78 43.36 27.56
CA TRP O 317 -5.60 41.92 27.71
C TRP O 317 -5.95 41.46 29.12
N ALA O 318 -7.17 40.98 29.28
CA ALA O 318 -7.67 40.49 30.56
C ALA O 318 -9.03 39.84 30.39
N ASP O 319 -9.95 40.55 29.76
CA ASP O 319 -11.30 40.06 29.52
C ASP O 319 -11.86 40.59 28.20
N ILE O 320 -11.22 41.62 27.67
CA ILE O 320 -11.65 42.22 26.40
C ILE O 320 -11.14 41.42 25.21
N ILE O 321 -9.88 41.00 25.28
CA ILE O 321 -9.25 40.22 24.23
C ILE O 321 -9.31 38.72 24.52
N ASN O 322 -9.57 38.38 25.77
CA ASN O 322 -9.66 36.99 26.19
C ASN O 322 -11.01 36.40 25.83
N ARG O 323 -12.07 37.17 26.04
CA ARG O 323 -13.43 36.74 25.75
C ARG O 323 -13.84 37.06 24.30
N ALA O 324 -12.92 37.67 23.55
CA ALA O 324 -13.18 38.01 22.16
C ALA O 324 -13.04 36.78 21.27
N ASN O 325 -12.10 35.91 21.61
CA ASN O 325 -11.85 34.69 20.86
C ASN O 325 -12.54 33.49 21.49
N LEU O 326 -13.23 33.71 22.60
CA LEU O 326 -13.95 32.66 23.30
C LEU O 326 -15.45 32.90 23.26
N GLY O 327 -15.85 34.17 23.41
CA GLY O 327 -17.26 34.51 23.38
C GLY O 327 -17.82 34.73 22.00
N MET O 328 -17.22 34.06 21.00
CA MET O 328 -17.67 34.17 19.62
C MET O 328 -17.34 32.90 18.84
N GLU O 329 -16.25 32.23 19.23
CA GLU O 329 -15.84 31.00 18.58
C GLU O 329 -16.38 29.79 19.35
N VAL O 330 -16.26 29.86 20.68
CA VAL O 330 -16.74 28.80 21.56
C VAL O 330 -18.26 28.87 21.70
N MET O 331 -18.80 30.08 21.63
CA MET O 331 -20.23 30.31 21.75
C MET O 331 -20.95 29.90 20.46
N HIS O 332 -20.25 29.16 19.62
CA HIS O 332 -20.79 28.68 18.36
C HIS O 332 -20.97 27.16 18.43
N GLU O 333 -21.69 26.70 19.44
CA GLU O 333 -21.94 25.27 19.64
C GLU O 333 -22.88 24.71 18.58
N ARG O 334 -22.31 23.98 17.62
CA ARG O 334 -23.04 23.35 16.51
C ARG O 334 -24.40 23.97 16.15
N ASN O 335 -25.46 23.36 16.66
CA ASN O 335 -26.83 23.83 16.41
C ASN O 335 -27.83 23.10 17.31
N ALA O 336 -27.88 23.50 18.57
CA ALA O 336 -28.78 22.89 19.55
C ALA O 336 -29.83 23.90 20.05
N HIS O 337 -29.34 25.06 20.50
CA HIS O 337 -30.21 26.12 21.01
C HIS O 337 -30.92 26.86 19.88
N ASN O 338 -32.03 27.53 20.21
CA ASN O 338 -32.81 28.28 19.24
C ASN O 338 -33.80 29.20 19.94
N PHE O 339 -34.40 28.70 21.01
CA PHE O 339 -35.37 29.46 21.79
C PHE O 339 -34.69 30.37 22.80
N PRO O 340 -33.93 29.78 23.73
CA PRO O 340 -33.21 30.51 24.79
C PRO O 340 -32.04 31.33 24.24
N LEU O 341 -31.72 32.43 24.93
CA LEU O 341 -30.62 33.30 24.54
C LEU O 341 -29.78 33.69 25.76
N ASP O 342 -30.37 33.51 26.94
CA ASP O 342 -29.69 33.83 28.20
C ASP O 342 -28.62 32.79 28.53
N LEU O 343 -28.99 31.51 28.51
CA LEU O 343 -28.07 30.42 28.80
C LEU O 343 -28.12 29.34 27.74
N ALA O 344 -26.96 28.95 27.24
CA ALA O 344 -26.84 27.92 26.22
C ALA O 344 -27.14 26.54 26.78
N MET P 1 16.86 -6.15 27.34
CA MET P 1 17.07 -5.26 28.51
C MET P 1 18.52 -5.21 28.97
N GLY P 2 19.28 -6.25 28.62
CA GLY P 2 20.68 -6.31 28.99
C GLY P 2 21.56 -5.72 27.91
N LEU P 3 21.88 -6.53 26.90
CA LEU P 3 22.72 -6.14 25.77
C LEU P 3 24.16 -5.80 26.15
N PRO P 4 25.09 -5.88 25.18
CA PRO P 4 26.51 -5.59 25.41
C PRO P 4 26.74 -4.09 25.65
N TRP P 5 27.58 -3.77 26.63
CA TRP P 5 27.90 -2.39 26.99
C TRP P 5 26.72 -1.66 27.64
N TYR P 6 25.77 -1.20 26.82
CA TYR P 6 24.60 -0.49 27.31
C TYR P 6 23.54 -0.37 26.22
N ARG P 7 23.07 0.85 25.96
CA ARG P 7 22.06 1.09 24.94
C ARG P 7 22.54 2.10 23.91
N VAL P 8 23.86 2.24 23.77
CA VAL P 8 24.44 3.17 22.82
C VAL P 8 25.87 2.76 22.48
N HIS P 9 26.30 3.06 21.26
CA HIS P 9 27.64 2.73 20.79
C HIS P 9 28.70 3.45 21.62
N THR P 10 29.19 2.77 22.65
CA THR P 10 30.20 3.32 23.53
C THR P 10 31.60 2.80 23.18
N VAL P 11 31.79 2.51 21.89
CA VAL P 11 33.07 2.01 21.40
C VAL P 11 34.02 3.16 21.08
N LEU P 12 34.93 2.92 20.13
CA LEU P 12 35.92 3.92 19.71
C LEU P 12 36.84 4.34 20.86
N ILE P 13 36.78 5.60 21.26
CA ILE P 13 37.60 6.16 22.33
C ILE P 13 39.08 6.18 21.94
N ASN P 14 39.78 5.06 22.17
CA ASN P 14 41.19 4.96 21.83
C ASN P 14 41.38 4.20 20.53
N ASP P 15 40.67 4.62 19.48
CA ASP P 15 40.77 3.99 18.18
C ASP P 15 40.74 5.02 17.06
N PRO P 16 41.92 5.50 16.63
CA PRO P 16 42.03 6.51 15.56
C PRO P 16 41.74 5.93 14.17
N GLY P 17 41.85 4.62 14.05
CA GLY P 17 41.59 3.94 12.78
C GLY P 17 40.12 3.78 12.50
N ARG P 18 39.38 3.33 13.51
CA ARG P 18 37.94 3.12 13.41
C ARG P 18 37.19 4.45 13.38
N LEU P 19 37.83 5.51 13.87
CA LEU P 19 37.24 6.84 13.90
C LEU P 19 37.26 7.48 12.52
N ILE P 20 38.32 7.19 11.76
CA ILE P 20 38.48 7.70 10.40
C ILE P 20 37.68 6.87 9.40
N ALA P 21 37.40 5.62 9.77
CA ALA P 21 36.64 4.71 8.93
C ALA P 21 35.14 4.98 9.04
N ALA P 22 34.69 5.24 10.27
CA ALA P 22 33.28 5.52 10.53
C ALA P 22 32.92 6.93 10.08
N HIS P 23 33.93 7.74 9.79
CA HIS P 23 33.73 9.11 9.34
C HIS P 23 33.64 9.16 7.82
N LEU P 24 34.24 8.17 7.17
CA LEU P 24 34.23 8.07 5.71
C LEU P 24 33.05 7.26 5.21
N MET P 25 32.77 6.14 5.87
CA MET P 25 31.66 5.26 5.50
C MET P 25 30.31 5.93 5.76
N HIS P 26 30.25 6.76 6.79
CA HIS P 26 29.02 7.46 7.14
C HIS P 26 28.88 8.74 6.30
N THR P 27 29.98 9.14 5.67
CA THR P 27 30.01 10.32 4.81
C THR P 27 29.45 9.98 3.44
N ALA P 28 29.61 8.71 3.06
CA ALA P 28 29.14 8.21 1.77
C ALA P 28 27.76 7.56 1.91
N LEU P 29 27.38 7.24 3.15
CA LEU P 29 26.08 6.64 3.42
C LEU P 29 25.01 7.72 3.59
N VAL P 30 25.44 8.97 3.55
CA VAL P 30 24.53 10.11 3.67
C VAL P 30 24.52 10.88 2.35
N ALA P 31 25.63 10.81 1.63
CA ALA P 31 25.77 11.47 0.33
C ALA P 31 25.33 10.54 -0.78
N GLY P 32 25.49 9.23 -0.54
CA GLY P 32 25.12 8.23 -1.53
C GLY P 32 23.67 7.79 -1.37
N TRP P 33 23.11 7.99 -0.19
CA TRP P 33 21.72 7.61 0.09
C TRP P 33 20.79 8.74 -0.35
N ALA P 34 21.26 9.97 -0.24
CA ALA P 34 20.49 11.15 -0.63
C ALA P 34 20.84 11.55 -2.06
N GLY P 35 21.99 11.11 -2.54
CA GLY P 35 22.41 11.42 -3.89
C GLY P 35 21.79 10.46 -4.89
N SER P 36 21.65 9.21 -4.47
CA SER P 36 21.06 8.17 -5.33
C SER P 36 19.54 8.31 -5.35
N MET P 37 19.00 8.94 -4.31
CA MET P 37 17.56 9.17 -4.20
C MET P 37 17.17 10.47 -4.88
N ALA P 38 18.17 11.19 -5.39
CA ALA P 38 17.96 12.46 -6.09
C ALA P 38 17.63 12.26 -7.57
N LEU P 39 17.87 11.06 -8.08
CA LEU P 39 17.59 10.74 -9.47
C LEU P 39 16.64 9.55 -9.59
N TYR P 40 16.02 9.17 -8.48
CA TYR P 40 15.10 8.05 -8.46
C TYR P 40 13.70 8.50 -8.06
N GLU P 41 13.64 9.57 -7.26
CA GLU P 41 12.37 10.11 -6.77
C GLU P 41 12.26 11.62 -7.02
N LEU P 42 13.23 12.17 -7.74
CA LEU P 42 13.24 13.59 -8.05
C LEU P 42 13.50 13.78 -9.54
N ALA P 43 14.64 13.28 -10.00
CA ALA P 43 15.02 13.37 -11.40
C ALA P 43 14.59 12.14 -12.20
N THR P 44 13.35 11.71 -11.99
CA THR P 44 12.81 10.54 -12.68
C THR P 44 11.31 10.35 -12.47
N PHE P 45 10.83 10.60 -11.26
CA PHE P 45 9.42 10.45 -10.95
C PHE P 45 8.69 11.78 -10.79
N ASP P 46 9.45 12.85 -10.54
CA ASP P 46 8.87 14.18 -10.36
C ASP P 46 8.64 14.89 -11.68
N PRO P 47 8.36 16.21 -11.62
CA PRO P 47 8.09 17.08 -12.77
C PRO P 47 9.35 17.39 -13.57
N SER P 48 9.20 17.48 -14.89
CA SER P 48 10.31 17.78 -15.78
C SER P 48 9.84 18.07 -17.20
N ASP P 49 8.58 18.48 -17.32
CA ASP P 49 7.99 18.82 -18.61
C ASP P 49 8.35 20.26 -18.99
N PRO P 50 7.56 20.87 -19.88
CA PRO P 50 7.81 22.26 -20.31
C PRO P 50 7.54 23.22 -19.17
N VAL P 51 6.27 23.50 -18.92
CA VAL P 51 5.83 24.40 -17.84
C VAL P 51 6.50 25.76 -17.82
N LEU P 52 7.69 25.82 -17.20
CA LEU P 52 8.48 27.04 -17.08
C LEU P 52 7.93 28.00 -16.03
N ASN P 53 6.96 28.82 -16.42
CA ASN P 53 6.36 29.79 -15.51
C ASN P 53 5.24 29.20 -14.66
N PRO P 54 4.60 28.12 -15.14
CA PRO P 54 3.51 27.50 -14.38
C PRO P 54 3.81 26.07 -13.93
N MET P 55 3.80 25.88 -12.61
CA MET P 55 4.07 24.59 -11.97
C MET P 55 5.48 24.03 -12.17
N TRP P 56 6.17 23.82 -11.05
CA TRP P 56 7.53 23.30 -11.05
C TRP P 56 8.01 23.15 -9.60
N ARG P 57 9.11 23.82 -9.27
CA ARG P 57 9.68 23.80 -7.92
C ARG P 57 9.88 22.39 -7.38
N GLN P 58 9.72 22.24 -6.06
CA GLN P 58 9.87 20.97 -5.36
C GLN P 58 11.27 20.39 -5.52
N GLY P 59 11.35 19.07 -5.71
CA GLY P 59 12.63 18.42 -5.87
C GLY P 59 13.32 18.05 -4.59
N MET P 60 13.45 19.01 -3.67
CA MET P 60 14.12 18.81 -2.38
C MET P 60 15.63 18.63 -2.55
N PHE P 61 16.03 17.54 -3.20
CA PHE P 61 17.43 17.25 -3.46
C PHE P 61 17.88 17.91 -4.75
N VAL P 62 16.98 17.97 -5.73
CA VAL P 62 17.29 18.59 -7.02
C VAL P 62 17.43 20.10 -6.89
N LEU P 63 16.92 20.66 -5.79
CA LEU P 63 17.00 22.10 -5.54
C LEU P 63 18.43 22.48 -5.16
N PRO P 64 19.15 21.57 -4.49
CA PRO P 64 20.53 21.78 -4.05
C PRO P 64 21.53 21.53 -5.18
N PHE P 65 21.05 20.95 -6.27
CA PHE P 65 21.88 20.65 -7.43
C PHE P 65 21.72 21.70 -8.52
N MET P 66 20.62 22.44 -8.46
CA MET P 66 20.32 23.49 -9.43
C MET P 66 20.88 24.85 -9.00
N ALA P 67 21.15 24.98 -7.70
CA ALA P 67 21.69 26.22 -7.14
C ALA P 67 23.21 26.27 -7.22
N ARG P 68 23.85 25.11 -7.22
CA ARG P 68 25.30 25.02 -7.30
C ARG P 68 25.79 24.72 -8.71
N LEU P 69 25.20 23.70 -9.33
CA LEU P 69 25.56 23.30 -10.68
C LEU P 69 24.57 23.86 -11.70
N GLY P 70 24.86 23.63 -12.98
CA GLY P 70 23.97 24.12 -14.03
C GLY P 70 22.91 23.11 -14.38
N VAL P 71 21.70 23.33 -13.91
CA VAL P 71 20.57 22.43 -14.16
C VAL P 71 19.39 23.20 -14.76
N THR P 72 18.17 22.73 -14.48
CA THR P 72 16.95 23.36 -14.98
C THR P 72 16.90 23.30 -16.51
N GLY P 73 16.41 24.37 -17.13
CA GLY P 73 16.31 24.43 -18.58
C GLY P 73 16.00 25.82 -19.08
N SER P 74 16.80 26.30 -20.02
CA SER P 74 16.61 27.64 -20.59
C SER P 74 15.78 27.59 -21.87
N TRP P 75 15.91 28.63 -22.68
CA TRP P 75 15.18 28.75 -23.95
C TRP P 75 13.67 28.56 -23.80
N SER P 76 13.09 27.77 -24.71
CA SER P 76 11.66 27.49 -24.71
C SER P 76 10.82 28.75 -24.92
N GLY P 77 9.67 28.81 -24.25
CA GLY P 77 8.75 29.94 -24.35
C GLY P 77 8.27 30.20 -25.78
N GLU P 83 15.88 24.94 -28.41
CA GLU P 83 15.09 24.31 -27.31
C GLU P 83 16.01 23.57 -26.33
N THR P 84 15.69 23.66 -25.04
CA THR P 84 16.48 23.00 -24.01
C THR P 84 15.58 22.34 -22.96
N GLY P 85 16.18 21.53 -22.10
CA GLY P 85 15.42 20.86 -21.07
C GLY P 85 16.18 19.73 -20.40
N ILE P 86 15.48 18.95 -19.58
CA ILE P 86 16.07 17.83 -18.88
C ILE P 86 15.79 16.52 -19.61
N ASP P 87 16.23 16.44 -20.86
CA ASP P 87 16.02 15.25 -21.67
C ASP P 87 17.20 14.29 -21.55
N PRO P 88 18.40 14.74 -21.93
CA PRO P 88 19.64 13.96 -21.89
C PRO P 88 20.66 14.55 -20.90
N GLY P 89 21.77 13.85 -20.72
CA GLY P 89 22.80 14.32 -19.81
C GLY P 89 23.76 13.24 -19.37
N PHE P 90 25.05 13.48 -19.60
CA PHE P 90 26.09 12.53 -19.21
C PHE P 90 26.98 13.12 -18.12
N TRP P 91 26.70 14.37 -17.75
CA TRP P 91 27.46 15.08 -16.73
C TRP P 91 26.70 16.31 -16.26
N SER P 92 25.39 16.20 -16.17
CA SER P 92 24.54 17.30 -15.72
C SER P 92 23.60 16.81 -14.61
N PHE P 93 22.52 16.16 -15.02
CA PHE P 93 21.53 15.62 -14.09
C PHE P 93 21.96 14.22 -13.64
N GLU P 94 22.47 13.44 -14.61
CA GLU P 94 22.93 12.08 -14.34
C GLU P 94 24.36 12.08 -13.80
N GLY P 95 24.98 13.26 -13.76
CA GLY P 95 26.34 13.37 -13.27
C GLY P 95 26.42 13.36 -11.76
N VAL P 96 25.28 13.56 -11.09
CA VAL P 96 25.23 13.56 -9.63
C VAL P 96 25.10 12.14 -9.10
N ALA P 97 24.34 11.31 -9.80
CA ALA P 97 24.12 9.93 -9.40
C ALA P 97 25.31 9.05 -9.77
N LEU P 98 26.07 9.47 -10.79
CA LEU P 98 27.24 8.73 -11.24
C LEU P 98 28.41 8.94 -10.29
N ALA P 99 28.48 10.12 -9.69
CA ALA P 99 29.55 10.46 -8.75
C ALA P 99 29.23 9.95 -7.35
N HIS P 100 27.94 9.76 -7.06
CA HIS P 100 27.49 9.28 -5.76
C HIS P 100 27.73 7.78 -5.64
N ILE P 101 27.55 7.07 -6.75
CA ILE P 101 27.75 5.62 -6.79
C ILE P 101 29.23 5.28 -6.72
N VAL P 102 30.07 6.19 -7.22
CA VAL P 102 31.52 6.00 -7.22
C VAL P 102 32.13 6.40 -5.87
N LEU P 103 31.37 7.17 -5.09
CA LEU P 103 31.83 7.62 -3.77
C LEU P 103 31.35 6.66 -2.69
N SER P 104 30.11 6.21 -2.81
CA SER P 104 29.52 5.27 -1.85
C SER P 104 29.94 3.84 -2.14
N GLY P 105 30.77 3.67 -3.17
CA GLY P 105 31.25 2.35 -3.55
C GLY P 105 32.75 2.26 -3.32
N LEU P 106 33.37 3.41 -3.07
CA LEU P 106 34.80 3.49 -2.83
C LEU P 106 35.10 3.62 -1.34
N LEU P 107 34.23 4.34 -0.63
CA LEU P 107 34.39 4.54 0.80
C LEU P 107 33.87 3.34 1.58
N PHE P 108 32.93 2.60 1.00
CA PHE P 108 32.38 1.41 1.64
C PHE P 108 33.44 0.31 1.71
N LEU P 109 34.42 0.38 0.82
CA LEU P 109 35.51 -0.60 0.78
C LEU P 109 36.76 -0.05 1.46
N ALA P 110 36.93 1.26 1.41
CA ALA P 110 38.08 1.93 2.02
C ALA P 110 38.01 1.88 3.53
N ALA P 111 36.80 2.06 4.07
CA ALA P 111 36.57 2.02 5.51
C ALA P 111 36.83 0.61 6.05
N CYS P 112 36.61 -0.39 5.21
CA CYS P 112 36.82 -1.78 5.59
C CYS P 112 38.32 -2.09 5.63
N TRP P 113 39.12 -1.26 4.97
CA TRP P 113 40.56 -1.43 4.93
C TRP P 113 41.21 -0.91 6.20
N HIS P 114 40.53 0.02 6.88
CA HIS P 114 41.02 0.59 8.13
C HIS P 114 40.45 -0.14 9.33
N TRP P 115 39.30 -0.78 9.13
CA TRP P 115 38.61 -1.53 10.19
C TRP P 115 39.33 -2.84 10.52
N VAL P 116 39.66 -3.61 9.48
CA VAL P 116 40.33 -4.89 9.66
C VAL P 116 41.84 -4.79 9.81
N TYR P 117 42.46 -3.90 9.03
CA TYR P 117 43.91 -3.71 9.09
C TYR P 117 44.31 -2.63 10.08
N TRP P 118 43.64 -2.61 11.24
CA TRP P 118 43.93 -1.63 12.28
C TRP P 118 45.14 -2.07 13.11
N ASP P 119 46.32 -1.61 12.70
CA ASP P 119 47.56 -1.96 13.39
C ASP P 119 48.37 -0.74 13.82
N LEU P 120 48.22 0.37 13.08
CA LEU P 120 48.93 1.61 13.35
C LEU P 120 50.42 1.52 13.02
N GLU P 121 51.04 2.67 12.75
CA GLU P 121 52.45 2.73 12.42
C GLU P 121 52.97 4.16 12.52
N LEU P 122 52.17 5.11 12.04
CA LEU P 122 52.51 6.53 12.08
C LEU P 122 52.24 7.08 13.47
N PHE P 123 51.11 6.69 14.05
CA PHE P 123 50.71 7.13 15.38
C PHE P 123 50.84 5.98 16.37
N ARG P 124 51.79 6.10 17.28
CA ARG P 124 52.04 5.08 18.29
C ARG P 124 52.72 5.65 19.54
N ASP P 125 52.71 6.97 19.67
CA ASP P 125 53.30 7.68 20.79
C ASP P 125 54.78 7.35 21.03
N GLU P 130 50.90 3.41 23.92
CA GLU P 130 50.73 3.63 22.45
C GLU P 130 49.25 3.68 22.09
N PRO P 131 48.39 3.99 23.07
CA PRO P 131 46.94 4.08 22.91
C PRO P 131 46.49 5.46 22.45
N ALA P 132 45.32 5.51 21.81
CA ALA P 132 44.74 6.75 21.30
C ALA P 132 45.62 7.49 20.30
N LEU P 133 46.57 8.26 20.81
CA LEU P 133 47.51 9.03 19.98
C LEU P 133 46.81 10.10 19.13
N ASP P 134 45.54 10.37 19.45
CA ASP P 134 44.75 11.35 18.72
C ASP P 134 45.11 12.78 19.15
N LEU P 135 46.05 13.39 18.44
CA LEU P 135 46.48 14.75 18.74
C LEU P 135 45.51 15.79 18.16
N PRO P 136 45.12 16.79 18.98
CA PRO P 136 44.20 17.84 18.51
C PRO P 136 44.83 18.79 17.50
N LYS P 137 46.10 18.54 17.18
CA LYS P 137 46.84 19.36 16.23
C LYS P 137 46.45 19.03 14.79
N MET P 138 45.52 18.09 14.64
CA MET P 138 45.03 17.67 13.33
C MET P 138 43.98 18.65 12.81
N PHE P 139 43.73 19.70 13.59
CA PHE P 139 42.76 20.72 13.21
C PHE P 139 43.34 21.65 12.13
N GLY P 140 44.62 21.98 12.27
CA GLY P 140 45.28 22.85 11.31
C GLY P 140 45.45 22.21 9.94
N ILE P 141 45.68 20.91 9.92
CA ILE P 141 45.83 20.17 8.66
C ILE P 141 44.48 20.00 7.97
N HIS P 142 43.41 20.23 8.72
CA HIS P 142 42.05 20.11 8.20
C HIS P 142 41.48 21.48 7.87
N LEU P 143 42.05 22.53 8.47
CA LEU P 143 41.60 23.90 8.23
C LEU P 143 42.25 24.47 6.97
N PHE P 144 43.55 24.25 6.82
CA PHE P 144 44.30 24.73 5.67
C PHE P 144 43.89 23.99 4.40
N LEU P 145 43.28 22.82 4.59
CA LEU P 145 42.80 22.01 3.48
C LEU P 145 41.45 22.52 3.02
N ALA P 146 40.68 23.05 3.98
CA ALA P 146 39.36 23.61 3.71
C ALA P 146 39.48 25.00 3.10
N GLY P 147 40.61 25.65 3.36
CA GLY P 147 40.85 26.98 2.83
C GLY P 147 41.20 26.92 1.36
N LEU P 148 41.86 25.84 0.96
CA LEU P 148 42.25 25.63 -0.43
C LEU P 148 41.00 25.36 -1.28
N LEU P 149 39.98 24.80 -0.62
CA LEU P 149 38.71 24.50 -1.29
C LEU P 149 37.78 25.72 -1.24
N CYS P 150 38.03 26.60 -0.28
CA CYS P 150 37.23 27.80 -0.10
C CYS P 150 37.54 28.84 -1.19
N PHE P 151 38.82 29.01 -1.48
CA PHE P 151 39.28 29.96 -2.49
C PHE P 151 39.09 29.39 -3.90
N GLY P 152 38.26 28.36 -4.02
CA GLY P 152 38.00 27.74 -5.30
C GLY P 152 37.22 28.63 -6.25
N PHE P 153 36.68 29.74 -5.73
CA PHE P 153 35.93 30.68 -6.53
C PHE P 153 36.84 31.44 -7.48
N GLY P 154 38.11 31.56 -7.11
CA GLY P 154 39.08 32.25 -7.96
C GLY P 154 39.35 31.51 -9.25
N ALA P 155 38.77 30.32 -9.39
CA ALA P 155 38.96 29.50 -10.59
C ALA P 155 37.64 29.06 -11.22
N PHE P 156 37.27 29.72 -12.32
CA PHE P 156 36.05 29.42 -13.07
C PHE P 156 34.76 29.88 -12.38
N HIS P 157 34.70 29.76 -11.05
CA HIS P 157 33.54 30.15 -10.28
C HIS P 157 33.39 31.67 -10.12
N LEU P 158 33.18 32.37 -11.22
CA LEU P 158 33.03 33.82 -11.20
C LEU P 158 31.70 34.22 -10.56
N THR P 159 30.62 34.17 -11.35
CA THR P 159 29.30 34.53 -10.86
C THR P 159 28.23 34.36 -11.93
N GLY P 160 28.40 35.09 -13.04
CA GLY P 160 27.46 34.99 -14.14
C GLY P 160 27.59 33.67 -14.86
N LEU P 161 26.70 32.73 -14.54
CA LEU P 161 26.71 31.42 -15.15
C LEU P 161 25.30 31.06 -15.62
N PHE P 162 24.63 30.18 -14.89
CA PHE P 162 23.28 29.77 -15.23
C PHE P 162 22.27 30.83 -14.78
N GLY P 163 22.34 31.19 -13.51
CA GLY P 163 21.45 32.20 -12.95
C GLY P 163 21.45 32.21 -11.44
N PRO P 164 22.61 32.51 -10.81
CA PRO P 164 22.70 32.54 -9.34
C PRO P 164 21.76 33.58 -8.71
N GLY P 165 21.48 34.64 -9.47
CA GLY P 165 20.60 35.69 -9.00
C GLY P 165 19.88 36.35 -10.16
N MET P 166 19.64 35.56 -11.20
CA MET P 166 18.97 36.04 -12.41
C MET P 166 18.65 34.85 -13.32
N TRP P 167 17.85 33.92 -12.80
CA TRP P 167 17.46 32.73 -13.56
C TRP P 167 16.59 33.08 -14.76
N VAL P 168 15.76 34.11 -14.60
CA VAL P 168 14.87 34.55 -15.68
C VAL P 168 14.66 36.07 -15.61
N SER P 169 14.41 36.58 -14.42
CA SER P 169 14.18 38.01 -14.20
C SER P 169 14.21 38.34 -12.71
N ASP P 170 15.40 38.54 -12.16
CA ASP P 170 15.55 38.85 -10.75
C ASP P 170 16.41 40.08 -10.49
N PRO P 171 17.13 40.09 -9.35
CA PRO P 171 18.04 41.15 -8.88
C PRO P 171 19.33 41.17 -9.69
N GLN P 179 7.30 46.31 -13.26
CA GLN P 179 7.18 44.99 -12.56
C GLN P 179 7.21 45.14 -11.04
N PRO P 180 7.44 44.04 -10.31
CA PRO P 180 7.51 44.00 -8.85
C PRO P 180 8.96 43.89 -8.38
N VAL P 181 9.17 43.15 -7.30
CA VAL P 181 10.51 42.96 -6.74
C VAL P 181 11.32 42.03 -7.63
N ALA P 182 10.75 40.86 -7.94
CA ALA P 182 11.40 39.87 -8.78
C ALA P 182 10.45 38.77 -9.19
N PRO P 183 10.65 38.17 -10.37
CA PRO P 183 9.83 37.09 -10.92
C PRO P 183 10.59 35.77 -10.96
N GLU P 184 10.85 35.27 -12.17
CA GLU P 184 11.58 34.01 -12.37
C GLU P 184 10.93 32.82 -11.67
N TRP P 185 11.76 31.86 -11.27
CA TRP P 185 11.28 30.66 -10.58
C TRP P 185 12.31 30.19 -9.56
N GLY P 186 13.59 30.43 -9.86
CA GLY P 186 14.66 30.04 -8.96
C GLY P 186 14.85 28.53 -8.84
N PRO P 187 15.35 28.06 -7.69
CA PRO P 187 15.57 26.62 -7.43
C PRO P 187 14.40 25.98 -6.70
N ASP P 188 14.06 26.54 -5.53
CA ASP P 188 12.97 26.04 -4.72
C ASP P 188 12.47 27.17 -3.81
N GLY P 189 11.20 27.54 -3.97
CA GLY P 189 10.63 28.60 -3.17
C GLY P 189 11.33 29.93 -3.41
N PHE P 190 11.19 30.43 -4.64
CA PHE P 190 11.82 31.69 -5.06
C PHE P 190 13.33 31.56 -5.07
N ASN P 191 14.01 32.42 -4.31
CA ASN P 191 15.47 32.38 -4.23
C ASN P 191 16.01 33.08 -2.99
N PRO P 192 16.87 32.39 -2.23
CA PRO P 192 17.49 32.93 -1.01
C PRO P 192 18.51 34.02 -1.36
N TYR P 193 19.44 34.26 -0.43
CA TYR P 193 20.49 35.27 -0.60
C TYR P 193 19.93 36.67 -0.86
N ASN P 194 19.77 37.45 0.21
CA ASN P 194 19.24 38.79 0.10
C ASN P 194 20.12 39.75 -0.71
N PRO P 195 21.45 39.76 -0.45
CA PRO P 195 22.35 40.65 -1.19
C PRO P 195 22.63 40.17 -2.61
N GLY P 196 22.81 41.12 -3.53
CA GLY P 196 23.09 40.75 -4.90
C GLY P 196 24.51 40.24 -5.05
N GLY P 197 25.47 41.05 -4.62
CA GLY P 197 26.87 40.65 -4.70
C GLY P 197 27.24 39.74 -3.55
N VAL P 198 27.24 38.44 -3.82
CA VAL P 198 27.56 37.44 -2.80
C VAL P 198 29.06 37.29 -2.55
N VAL P 199 29.69 36.32 -3.23
CA VAL P 199 31.11 36.06 -3.08
C VAL P 199 31.48 35.81 -1.61
N ALA P 200 32.39 36.62 -1.08
CA ALA P 200 32.84 36.52 0.31
C ALA P 200 33.58 35.22 0.64
N HIS P 201 33.57 34.27 -0.29
CA HIS P 201 34.26 32.99 -0.08
C HIS P 201 35.71 33.08 -0.54
N HIS P 202 35.97 33.94 -1.52
CA HIS P 202 37.33 34.11 -2.03
C HIS P 202 37.94 35.43 -1.57
N ILE P 203 37.10 36.30 -1.01
CA ILE P 203 37.56 37.60 -0.53
C ILE P 203 37.73 37.64 0.99
N ALA P 204 36.74 37.12 1.71
CA ALA P 204 36.76 37.10 3.17
C ALA P 204 37.24 35.77 3.74
N ALA P 205 36.76 34.67 3.17
CA ALA P 205 37.13 33.34 3.62
C ALA P 205 38.43 32.84 2.99
N GLY P 206 38.81 33.45 1.87
CA GLY P 206 40.04 33.06 1.20
C GLY P 206 41.26 33.71 1.83
N ILE P 207 41.03 34.80 2.56
CA ILE P 207 42.10 35.52 3.23
C ILE P 207 42.20 35.12 4.70
N VAL P 208 41.08 34.70 5.27
CA VAL P 208 41.03 34.28 6.67
C VAL P 208 41.35 32.79 6.83
N GLY P 209 41.24 32.05 5.74
CA GLY P 209 41.51 30.62 5.77
C GLY P 209 42.99 30.31 5.74
N ILE P 210 43.75 31.14 5.01
CA ILE P 210 45.20 30.96 4.89
C ILE P 210 45.97 31.80 5.90
N ILE P 211 45.25 32.34 6.88
CA ILE P 211 45.87 33.17 7.92
C ILE P 211 45.56 32.62 9.31
N ALA P 212 44.36 32.08 9.46
CA ALA P 212 43.92 31.49 10.72
C ALA P 212 44.10 29.98 10.70
N GLY P 213 44.31 29.43 9.50
CA GLY P 213 44.50 28.00 9.35
C GLY P 213 45.96 27.63 9.15
N LEU P 214 46.68 28.43 8.38
CA LEU P 214 48.09 28.20 8.12
C LEU P 214 48.93 28.42 9.39
N PHE P 215 48.43 29.29 10.26
CA PHE P 215 49.09 29.61 11.52
C PHE P 215 48.70 28.58 12.59
N HIS P 216 47.61 27.88 12.35
CA HIS P 216 47.12 26.86 13.27
C HIS P 216 47.91 25.56 13.12
N ILE P 217 48.45 25.34 11.94
CA ILE P 217 49.24 24.15 11.66
C ILE P 217 50.57 24.19 12.41
N LEU P 218 50.99 25.40 12.77
CA LEU P 218 52.24 25.61 13.51
C LEU P 218 51.96 25.99 14.96
N VAL P 219 53.01 26.44 15.65
CA VAL P 219 52.92 26.87 17.05
C VAL P 219 52.56 25.74 18.00
N ARG P 220 51.27 25.36 18.02
CA ARG P 220 50.78 24.29 18.87
C ARG P 220 51.08 24.56 20.34
N PRO P 221 50.76 25.78 20.81
CA PRO P 221 50.97 26.22 22.20
C PRO P 221 50.30 25.31 23.22
N PRO P 222 51.11 24.69 24.09
CA PRO P 222 50.68 23.77 25.15
C PRO P 222 50.18 24.51 26.40
N GLN P 223 49.36 25.53 26.19
CA GLN P 223 48.81 26.31 27.29
C GLN P 223 47.78 25.51 28.08
N ARG P 224 47.56 25.89 29.34
CA ARG P 224 46.61 25.21 30.21
C ARG P 224 45.16 25.45 29.78
N LEU P 225 44.80 26.72 29.59
CA LEU P 225 43.46 27.11 29.19
C LEU P 225 42.36 26.54 30.09
N TYR P 226 42.04 27.27 31.15
CA TYR P 226 41.02 26.88 32.13
C TYR P 226 41.46 25.67 32.96
N LYS P 227 40.48 24.95 33.49
CA LYS P 227 40.76 23.76 34.32
C LYS P 227 41.09 22.54 33.47
N ALA P 228 40.47 22.45 32.29
CA ALA P 228 40.70 21.33 31.38
C ALA P 228 40.40 21.72 29.94
N LEU P 229 41.38 21.48 29.06
CA LEU P 229 41.23 21.81 27.65
C LEU P 229 41.03 20.55 26.80
N ARG P 230 41.70 20.49 25.65
CA ARG P 230 41.59 19.34 24.76
C ARG P 230 42.97 18.69 24.55
N MET P 231 43.70 18.56 25.65
CA MET P 231 45.03 17.96 25.62
C MET P 231 45.05 16.58 26.28
N GLY P 232 43.89 16.13 26.75
CA GLY P 232 43.80 14.84 27.40
C GLY P 232 42.73 13.94 26.79
N ASN P 233 41.55 14.50 26.55
CA ASN P 233 40.44 13.76 25.97
C ASN P 233 40.03 14.29 24.60
N ILE P 234 39.29 13.48 23.85
CA ILE P 234 38.82 13.87 22.53
C ILE P 234 37.39 14.39 22.54
N GLU P 235 36.75 14.35 23.71
CA GLU P 235 35.38 14.83 23.85
C GLU P 235 35.29 16.34 23.80
N THR P 236 36.33 17.02 24.30
CA THR P 236 36.38 18.47 24.31
C THR P 236 36.45 19.03 22.90
N VAL P 237 37.16 18.33 22.03
CA VAL P 237 37.32 18.73 20.64
C VAL P 237 36.03 18.46 19.86
N LEU P 238 35.34 17.38 20.22
CA LEU P 238 34.10 16.99 19.57
C LEU P 238 32.97 17.98 19.88
N SER P 239 33.00 18.52 21.10
CA SER P 239 31.99 19.49 21.54
C SER P 239 32.17 20.83 20.84
N SER P 240 33.32 21.01 20.19
CA SER P 240 33.61 22.24 19.47
C SER P 240 32.95 22.21 18.09
N SER P 241 32.53 21.02 17.68
CA SER P 241 31.86 20.83 16.40
C SER P 241 30.35 20.94 16.55
N ILE P 242 29.87 20.72 17.77
CA ILE P 242 28.44 20.79 18.06
C ILE P 242 27.99 22.24 18.17
N ALA P 243 28.86 23.09 18.72
CA ALA P 243 28.57 24.51 18.88
C ALA P 243 28.63 25.22 17.53
N ALA P 244 29.32 24.59 16.57
CA ALA P 244 29.45 25.14 15.22
C ALA P 244 28.26 24.75 14.35
N VAL P 245 27.51 23.75 14.81
CA VAL P 245 26.32 23.29 14.08
C VAL P 245 25.11 24.14 14.42
N PHE P 246 25.13 24.76 15.59
CA PHE P 246 24.04 25.62 16.04
C PHE P 246 24.13 27.02 15.44
N PHE P 247 25.30 27.35 14.89
CA PHE P 247 25.52 28.65 14.27
C PHE P 247 25.50 28.57 12.76
N ALA P 248 25.59 27.33 12.24
CA ALA P 248 25.58 27.10 10.80
C ALA P 248 24.18 26.76 10.31
N ALA P 249 23.37 26.19 11.19
CA ALA P 249 22.00 25.80 10.85
C ALA P 249 21.03 26.95 11.07
N PHE P 250 21.28 27.75 12.10
CA PHE P 250 20.42 28.90 12.42
C PHE P 250 20.61 30.02 11.41
N VAL P 251 21.80 30.11 10.83
CA VAL P 251 22.11 31.14 9.84
C VAL P 251 21.60 30.71 8.47
N VAL P 252 21.55 29.41 8.24
CA VAL P 252 21.08 28.85 6.98
C VAL P 252 19.56 28.94 6.88
N ALA P 253 18.89 28.67 8.00
CA ALA P 253 17.43 28.72 8.07
C ALA P 253 16.94 30.16 8.00
N GLY P 254 17.76 31.09 8.48
CA GLY P 254 17.40 32.49 8.46
C GLY P 254 17.53 33.10 7.08
N THR P 255 18.11 32.35 6.15
CA THR P 255 18.31 32.79 4.78
C THR P 255 16.99 32.73 3.99
N MET P 256 16.18 31.72 4.30
CA MET P 256 14.89 31.54 3.63
C MET P 256 13.95 32.70 3.93
N TRP P 257 14.09 33.27 5.12
CA TRP P 257 13.28 34.40 5.58
C TRP P 257 11.81 34.06 5.79
N TYR P 258 11.50 32.77 5.84
CA TYR P 258 10.14 32.29 6.05
C TYR P 258 10.16 30.79 6.36
CA UNK P 259 9.75 32.30 -1.96
CA UNK P 260 8.41 34.55 0.79
CA UNK P 261 5.52 33.62 3.04
CA UNK P 262 5.38 36.97 4.77
CA UNK P 263 6.97 39.06 2.04
CA UNK P 264 4.61 37.54 -0.52
CA UNK P 265 1.59 38.05 1.72
CA UNK P 266 2.49 41.69 2.15
CA UNK P 267 2.68 43.37 -1.27
CA UNK P 268 5.50 42.06 -3.44
CA UNK P 269 3.06 40.67 -6.02
CA UNK P 270 0.24 43.18 -5.70
CA UNK P 271 2.45 46.30 -5.92
CA UNK P 272 4.26 44.98 -8.96
CA UNK P 273 1.22 43.69 -10.78
CA UNK P 274 -0.97 46.68 -10.21
CA UNK P 275 1.88 49.19 -10.81
CA UNK P 276 2.66 47.41 -14.07
CA UNK P 277 -0.93 47.79 -15.31
CA UNK P 278 -0.81 51.41 -14.15
CA UNK P 279 2.25 52.37 -16.25
CA UNK P 280 0.80 50.44 -19.20
CA UNK P 281 -1.51 53.35 -20.02
CA UNK P 282 -2.57 51.32 -23.05
CA UNK P 283 -5.50 48.70 -23.49
CA UNK P 284 -5.86 47.18 -20.04
CA UNK P 285 -6.96 43.85 -21.48
CA UNK P 286 -3.72 43.71 -23.43
CA UNK P 287 -1.62 45.38 -20.75
CA UNK P 288 -3.02 42.97 -18.13
CA UNK P 289 -2.48 39.95 -20.39
CA UNK P 290 1.10 40.82 -21.30
CA UNK P 291 1.98 41.70 -17.69
CA UNK P 292 0.78 38.34 -16.35
CA UNK P 293 3.71 37.01 -18.39
CA UNK P 294 5.71 37.55 -15.22
CA UNK P 295 3.23 38.66 -12.55
CA UNK P 296 1.33 35.50 -13.29
CA UNK P 297 4.28 33.20 -12.94
CA UNK P 298 4.86 33.72 -9.30
CA UNK P 299 1.19 32.90 -8.57
CA UNK P 300 0.09 34.11 -5.17
CA UNK P 301 -2.00 30.96 -4.81
CA UNK P 302 1.23 29.28 -3.75
CA UNK P 303 2.89 30.12 -0.43
CA UNK P 304 5.06 28.86 2.40
CA UNK P 305 2.43 28.27 5.04
CA UNK P 306 -0.87 26.43 4.88
N UNK P 307 7.25 16.51 -7.48
CA UNK P 307 6.20 17.55 -7.55
C UNK P 307 5.90 18.15 -6.17
N UNK P 308 5.62 17.29 -5.21
CA UNK P 308 5.32 17.70 -3.83
C UNK P 308 4.14 18.67 -3.75
N UNK P 309 4.42 19.96 -3.88
CA UNK P 309 3.38 20.99 -3.83
C UNK P 309 2.43 20.90 -5.02
N UNK P 310 2.95 20.41 -6.14
CA UNK P 310 2.16 20.25 -7.35
C UNK P 310 1.46 18.89 -7.36
N UNK P 311 1.92 17.99 -6.49
CA UNK P 311 1.34 16.65 -6.38
C UNK P 311 0.24 16.61 -5.33
N UNK P 312 0.11 17.69 -4.57
CA UNK P 312 -0.89 17.81 -3.53
C UNK P 312 -2.14 18.47 -4.11
N UNK P 313 -2.19 18.53 -5.44
CA UNK P 313 -3.30 19.14 -6.17
C UNK P 313 -3.24 20.66 -6.13
N UNK P 314 -2.18 21.21 -6.72
CA UNK P 314 -1.97 22.64 -6.80
C UNK P 314 -1.09 22.92 -8.01
N UNK P 315 -1.42 22.27 -9.11
CA UNK P 315 -0.67 22.41 -10.35
C UNK P 315 -0.98 23.71 -11.08
N UNK P 316 -0.47 23.82 -12.31
CA UNK P 316 -0.65 25.01 -13.13
C UNK P 316 -1.95 25.02 -13.93
N UNK P 317 -2.19 26.15 -14.58
CA UNK P 317 -3.37 26.37 -15.41
C UNK P 317 -3.09 27.56 -16.34
N UNK P 318 -4.03 28.48 -16.45
CA UNK P 318 -3.87 29.66 -17.29
C UNK P 318 -4.38 30.92 -16.57
N UNK P 319 -4.77 31.92 -17.35
CA UNK P 319 -5.29 33.18 -16.83
C UNK P 319 -4.30 33.96 -15.97
N UNK P 320 -4.78 35.08 -15.43
CA UNK P 320 -3.98 35.96 -14.58
C UNK P 320 -4.89 37.05 -14.02
N UNK P 321 -4.52 38.31 -14.27
CA UNK P 321 -5.29 39.47 -13.81
C UNK P 321 -5.34 39.64 -12.30
N UNK P 322 -6.36 40.37 -11.84
CA UNK P 322 -6.56 40.64 -10.43
C UNK P 322 -8.06 40.76 -10.14
N UNK P 323 -8.80 39.71 -10.49
CA UNK P 323 -10.24 39.65 -10.29
C UNK P 323 -10.99 40.76 -11.03
N UNK P 324 -12.23 40.98 -10.64
CA UNK P 324 -13.08 42.01 -11.26
C UNK P 324 -14.15 42.48 -10.29
N UNK P 325 -14.96 43.45 -10.72
CA UNK P 325 -16.03 43.98 -9.89
C UNK P 325 -17.28 44.29 -10.70
N UNK P 326 -18.41 44.46 -10.00
CA UNK P 326 -19.68 44.76 -10.64
C UNK P 326 -19.94 46.26 -10.74
N UNK P 327 -20.44 46.84 -9.65
CA UNK P 327 -20.72 48.27 -9.59
C UNK P 327 -19.53 49.03 -9.03
N UNK P 328 -18.93 49.86 -9.88
CA UNK P 328 -17.76 50.66 -9.50
C UNK P 328 -16.54 49.79 -9.16
N UNK P 329 -15.45 50.45 -8.77
CA UNK P 329 -14.22 49.76 -8.41
C UNK P 329 -14.26 49.20 -6.99
N UNK P 330 -13.79 47.97 -6.83
CA UNK P 330 -13.76 47.31 -5.54
C UNK P 330 -12.35 46.88 -5.15
N UNK P 331 -12.12 46.71 -3.85
CA UNK P 331 -10.82 46.29 -3.34
C UNK P 331 -10.70 44.77 -3.25
N UNK P 332 -11.80 44.08 -3.54
CA UNK P 332 -11.87 42.61 -3.49
C UNK P 332 -11.60 42.06 -2.09
N UNK P 333 -11.15 40.81 -2.03
CA UNK P 333 -10.86 40.16 -0.76
C UNK P 333 -9.53 40.62 -0.16
N UNK P 334 -9.28 40.24 1.08
CA UNK P 334 -8.05 40.60 1.78
C UNK P 334 -7.76 39.59 2.88
N UNK P 335 -7.45 38.36 2.47
CA UNK P 335 -7.16 37.27 3.40
C UNK P 335 -5.77 37.36 4.01
N UNK P 336 -5.50 36.48 4.97
CA UNK P 336 -4.21 36.44 5.65
C UNK P 336 -3.76 34.99 5.86
N UNK P 337 -2.60 34.83 6.49
CA UNK P 337 -2.05 33.50 6.77
C UNK P 337 -2.81 32.82 7.90
N UNK P 338 -3.70 31.90 7.54
CA UNK P 338 -4.50 31.16 8.51
C UNK P 338 -5.05 29.88 7.90
N UNK P 339 -6.18 29.98 7.21
CA UNK P 339 -6.83 28.84 6.56
C UNK P 339 -7.92 29.33 5.62
N UNK P 340 -8.77 30.22 6.12
CA UNK P 340 -9.87 30.78 5.33
C UNK P 340 -10.42 32.03 6.00
N UNK P 341 -10.77 33.02 5.18
CA UNK P 341 -11.32 34.27 5.69
C UNK P 341 -12.83 34.14 5.91
N UNK P 342 -13.61 34.91 5.15
CA UNK P 342 -15.06 34.87 5.27
C UNK P 342 -15.73 35.47 4.03
N UNK P 343 -15.74 36.79 3.94
CA UNK P 343 -16.36 37.50 2.82
C UNK P 343 -15.48 38.64 2.31
N UNK P 344 -15.62 38.95 1.04
CA UNK P 344 -14.86 40.01 0.40
C UNK P 344 -15.54 41.36 0.69
N UNK P 345 -16.31 41.84 -0.28
CA UNK P 345 -17.03 43.09 -0.15
C UNK P 345 -18.27 42.89 0.72
N UNK P 346 -19.00 41.82 0.42
CA UNK P 346 -20.22 41.49 1.16
C UNK P 346 -20.75 40.11 0.76
N UNK P 347 -20.93 39.23 1.74
CA UNK P 347 -21.43 37.88 1.49
C UNK P 347 -21.92 37.20 2.77
N UNK P 348 -23.03 36.47 2.66
CA UNK P 348 -23.62 35.77 3.79
C UNK P 348 -23.09 34.33 3.87
N UNK P 349 -22.97 33.80 5.08
CA UNK P 349 -22.48 32.44 5.29
C UNK P 349 -23.59 31.50 5.77
N UNK P 350 -23.80 31.47 7.09
CA UNK P 350 -24.82 30.61 7.68
C UNK P 350 -26.01 31.43 8.19
N UNK P 351 -25.77 32.71 8.44
CA UNK P 351 -26.80 33.61 8.92
C UNK P 351 -27.79 33.93 7.80
N UNK P 352 -28.99 34.35 8.17
CA UNK P 352 -30.03 34.69 7.20
C UNK P 352 -30.84 35.89 7.69
N UNK P 353 -32.12 35.91 7.29
CA UNK P 353 -33.04 36.99 7.67
C UNK P 353 -32.62 38.38 7.22
N UNK P 354 -32.04 39.14 8.15
CA UNK P 354 -31.59 40.51 7.88
C UNK P 354 -30.36 40.56 6.97
N UNK P 355 -30.59 40.67 5.67
CA UNK P 355 -29.52 40.71 4.68
C UNK P 355 -29.09 42.12 4.28
N UNK P 356 -27.88 42.21 3.74
CA UNK P 356 -27.31 43.48 3.28
C UNK P 356 -26.19 43.14 2.30
N UNK P 357 -26.19 41.88 1.85
CA UNK P 357 -25.18 41.37 0.93
C UNK P 357 -25.83 40.65 -0.25
N UNK P 358 -25.03 40.43 -1.29
CA UNK P 358 -25.46 39.73 -2.50
C UNK P 358 -26.64 40.40 -3.22
N UNK P 359 -26.82 41.70 -2.99
CA UNK P 359 -27.90 42.44 -3.63
C UNK P 359 -27.53 42.84 -5.04
N UNK P 360 -26.23 43.01 -5.27
CA UNK P 360 -25.70 43.39 -6.59
C UNK P 360 -24.23 43.04 -6.67
N UNK P 361 -23.94 41.88 -7.27
CA UNK P 361 -22.56 41.42 -7.42
C UNK P 361 -22.39 40.64 -8.72
N UNK P 362 -21.27 40.88 -9.41
CA UNK P 362 -20.96 40.21 -10.66
C UNK P 362 -19.46 40.20 -10.92
N UNK P 363 -19.07 40.04 -12.19
CA UNK P 363 -17.66 40.02 -12.59
C UNK P 363 -17.49 40.19 -14.10
N UNK P 364 -16.31 40.65 -14.49
CA UNK P 364 -15.99 40.87 -15.90
C UNK P 364 -14.48 41.08 -16.06
N GLY P 365 -13.72 40.04 -15.74
CA GLY P 365 -12.26 40.12 -15.85
C GLY P 365 -11.72 40.23 -17.26
N GLY P 366 -10.44 39.93 -17.40
CA GLY P 366 -9.80 39.99 -18.70
C GLY P 366 -8.57 39.11 -18.79
N GLU P 367 -8.79 37.80 -18.70
CA GLU P 367 -7.71 36.83 -18.77
C GLU P 367 -8.00 35.76 -19.82
N LEU P 368 -8.37 34.56 -19.36
CA LEU P 368 -8.67 33.45 -20.26
C LEU P 368 -10.09 33.49 -20.83
N ASN P 369 -10.99 34.16 -20.12
CA ASN P 369 -12.38 34.28 -20.57
C ASN P 369 -12.91 35.67 -20.25
N GLY P 370 -12.46 36.65 -21.03
CA GLY P 370 -12.89 38.02 -20.85
C GLY P 370 -14.32 38.24 -21.27
N GLN P 371 -15.25 37.92 -20.38
CA GLN P 371 -16.67 38.08 -20.64
C GLN P 371 -17.36 38.58 -19.38
N THR P 372 -18.69 38.42 -19.32
CA THR P 372 -19.46 38.86 -18.16
C THR P 372 -20.41 37.77 -17.70
N PHE P 373 -20.63 37.71 -16.40
CA PHE P 373 -21.51 36.70 -15.81
C PHE P 373 -22.89 37.29 -15.48
N THR P 374 -23.66 36.57 -14.67
CA THR P 374 -25.00 37.01 -14.29
C THR P 374 -25.53 36.24 -13.09
N ASP P 375 -25.24 34.95 -13.03
CA ASP P 375 -25.69 34.10 -11.94
C ASP P 375 -24.91 34.42 -10.66
N PRO P 376 -25.59 34.39 -9.50
CA PRO P 376 -24.97 34.67 -8.20
C PRO P 376 -23.78 33.76 -7.92
N PRO P 377 -23.89 32.48 -8.30
CA PRO P 377 -22.84 31.48 -8.10
C PRO P 377 -21.52 31.90 -8.75
N THR P 378 -21.60 32.79 -9.72
CA THR P 378 -20.43 33.28 -10.42
C THR P 378 -19.66 34.27 -9.54
N VAL P 379 -20.41 35.13 -8.85
CA VAL P 379 -19.83 36.12 -7.95
C VAL P 379 -19.31 35.42 -6.69
N LYS P 380 -19.91 34.29 -6.36
CA LYS P 380 -19.52 33.51 -5.20
C LYS P 380 -18.40 32.53 -5.56
N SER P 381 -17.87 32.69 -6.77
CA SER P 381 -16.79 31.85 -7.26
C SER P 381 -15.60 32.68 -7.73
N TYR P 382 -15.85 33.97 -7.95
CA TYR P 382 -14.82 34.90 -8.39
C TYR P 382 -14.19 35.56 -7.17
N ALA P 383 -15.00 35.82 -6.15
CA ALA P 383 -14.54 36.44 -4.92
C ALA P 383 -13.90 35.39 -4.01
N ARG P 384 -14.34 34.14 -4.15
CA ARG P 384 -13.82 33.04 -3.36
C ARG P 384 -12.45 32.60 -3.88
N LYS P 385 -12.20 32.87 -5.15
CA LYS P 385 -10.94 32.51 -5.79
C LYS P 385 -9.82 33.52 -5.45
N ALA P 386 -10.19 34.80 -5.41
CA ALA P 386 -9.23 35.86 -5.10
C ALA P 386 -8.75 35.81 -3.65
N ILE P 387 -9.52 35.14 -2.79
CA ILE P 387 -9.18 35.02 -1.38
C ILE P 387 -7.98 34.09 -1.17
N PHE P 388 -7.96 32.98 -1.90
CA PHE P 388 -6.86 32.02 -1.80
C PHE P 388 -5.57 32.61 -2.37
N GLY P 389 -5.71 33.42 -3.41
CA GLY P 389 -4.56 34.04 -4.04
C GLY P 389 -4.88 34.56 -5.43
N GLU P 390 -4.27 33.96 -6.44
CA GLU P 390 -4.50 34.37 -7.83
C GLU P 390 -5.51 33.43 -8.51
N ILE P 391 -6.36 34.01 -9.36
CA ILE P 391 -7.37 33.24 -10.09
C ILE P 391 -6.74 32.30 -11.11
N PHE P 392 -7.15 31.04 -11.08
CA PHE P 392 -6.64 30.02 -11.99
C PHE P 392 -7.41 28.72 -11.84
N GLU P 393 -7.27 27.85 -12.84
CA GLU P 393 -7.94 26.56 -12.83
C GLU P 393 -7.04 25.55 -12.09
N PHE P 394 -7.28 24.25 -12.31
CA PHE P 394 -6.49 23.21 -11.66
C PHE P 394 -6.64 21.85 -12.34
N ASP P 395 -5.52 21.20 -12.62
CA ASP P 395 -5.53 19.88 -13.25
C ASP P 395 -5.29 18.80 -12.20
N THR P 396 -5.93 18.96 -11.05
CA THR P 396 -5.80 18.02 -9.94
C THR P 396 -6.47 16.67 -10.20
N GLU P 397 -6.98 16.49 -11.42
CA GLU P 397 -7.63 15.24 -11.79
C GLU P 397 -6.57 14.24 -12.26
N THR P 398 -5.34 14.42 -11.80
CA THR P 398 -4.23 13.56 -12.16
C THR P 398 -3.96 12.53 -11.06
N LEU P 399 -3.32 12.96 -9.98
CA LEU P 399 -3.00 12.09 -8.85
C LEU P 399 -3.63 12.59 -7.55
N ASN P 400 -4.22 11.67 -6.80
CA ASN P 400 -4.86 11.97 -5.52
C ASN P 400 -5.88 13.11 -5.58
N SER P 401 -5.85 13.98 -4.57
CA SER P 401 -6.76 15.11 -4.50
C SER P 401 -6.30 16.15 -3.47
N ASP P 402 -6.91 17.33 -3.50
CA ASP P 402 -6.57 18.42 -2.60
C ASP P 402 -6.95 18.15 -1.14
N GLY P 403 -6.44 18.98 -0.24
CA GLY P 403 -6.73 18.84 1.18
C GLY P 403 -5.50 18.85 2.06
N ILE P 404 -4.63 19.84 1.85
CA ILE P 404 -3.40 19.96 2.64
C ILE P 404 -2.76 21.34 2.55
N PHE P 405 -2.15 21.64 1.41
CA PHE P 405 -1.47 22.91 1.17
C PHE P 405 -0.25 23.12 2.06
N ARG P 406 0.93 22.89 1.47
CA ARG P 406 2.19 23.04 2.20
C ARG P 406 3.33 23.51 1.31
N THR P 407 4.42 23.95 1.93
CA THR P 407 5.60 24.42 1.21
C THR P 407 6.58 23.27 1.03
N SER P 408 7.00 23.03 -0.21
CA SER P 408 7.94 21.96 -0.51
C SER P 408 9.39 22.41 -0.29
N PRO P 409 9.63 23.72 -0.36
CA PRO P 409 10.95 24.34 -0.17
C PRO P 409 11.20 24.82 1.25
N ARG P 410 10.58 25.94 1.61
CA ARG P 410 10.74 26.51 2.95
C ARG P 410 10.06 25.69 4.04
N GLY P 411 9.22 24.75 3.64
CA GLY P 411 8.52 23.92 4.60
C GLY P 411 9.38 22.81 5.19
N TRP P 412 10.14 22.14 4.33
CA TRP P 412 11.02 21.06 4.77
C TRP P 412 12.39 21.57 5.22
N PHE P 413 12.70 22.79 4.83
CA PHE P 413 13.98 23.40 5.20
C PHE P 413 13.88 23.99 6.61
N THR P 414 12.71 24.53 6.94
CA THR P 414 12.47 25.12 8.25
C THR P 414 12.25 24.03 9.30
N PHE P 415 12.01 22.80 8.82
CA PHE P 415 11.79 21.65 9.69
C PHE P 415 13.13 21.22 10.30
N ALA P 416 14.21 21.46 9.55
CA ALA P 416 15.55 21.11 10.01
C ALA P 416 16.01 22.08 11.09
N HIS P 417 15.40 23.26 11.14
CA HIS P 417 15.73 24.28 12.12
C HIS P 417 15.20 23.88 13.50
N ALA P 418 14.13 23.11 13.52
CA ALA P 418 13.52 22.65 14.77
C ALA P 418 14.20 21.37 15.25
N VAL P 419 14.81 20.64 14.32
CA VAL P 419 15.51 19.40 14.64
C VAL P 419 16.96 19.67 15.01
N PHE P 420 17.45 20.85 14.65
CA PHE P 420 18.82 21.26 14.95
C PHE P 420 18.96 21.73 16.39
N ALA P 421 17.92 22.40 16.88
CA ALA P 421 17.91 22.91 18.25
C ALA P 421 17.68 21.79 19.26
N LEU P 422 17.39 20.59 18.76
CA LEU P 422 17.15 19.43 19.61
C LEU P 422 18.44 18.61 19.77
N LEU P 423 19.41 18.87 18.91
CA LEU P 423 20.69 18.16 18.94
C LEU P 423 21.85 19.10 19.26
N PHE P 424 21.55 20.39 19.44
CA PHE P 424 22.55 21.40 19.75
C PHE P 424 22.38 21.90 21.18
N PHE P 425 21.15 21.82 21.68
CA PHE P 425 20.85 22.26 23.04
C PHE P 425 21.04 21.11 24.02
N PHE P 426 20.84 19.89 23.54
CA PHE P 426 21.00 18.69 24.35
C PHE P 426 22.30 17.96 23.97
N GLY P 427 22.67 18.05 22.70
CA GLY P 427 23.88 17.41 22.22
C GLY P 427 25.14 18.10 22.70
N HIS P 428 25.06 19.40 22.95
CA HIS P 428 26.20 20.18 23.42
C HIS P 428 26.27 20.19 24.94
N ILE P 429 25.12 19.99 25.58
CA ILE P 429 25.04 19.97 27.03
C ILE P 429 25.49 18.63 27.60
N TRP P 430 25.23 17.56 26.85
CA TRP P 430 25.61 16.22 27.26
C TRP P 430 27.12 16.03 27.03
N HIS P 431 27.61 16.54 25.90
CA HIS P 431 29.02 16.45 25.56
C HIS P 431 29.85 17.48 26.33
N GLY P 432 29.17 18.50 26.85
CA GLY P 432 29.85 19.53 27.60
C GLY P 432 30.27 19.08 28.99
N ALA P 433 29.54 18.10 29.53
CA ALA P 433 29.82 17.56 30.86
C ALA P 433 30.94 16.54 30.83
N ARG P 434 30.90 15.63 29.87
CA ARG P 434 31.92 14.58 29.73
C ARG P 434 33.16 15.08 29.00
N THR P 435 33.20 16.38 28.74
CA THR P 435 34.34 17.00 28.05
C THR P 435 35.46 17.37 29.03
N LEU P 436 35.08 17.86 30.20
CA LEU P 436 36.06 18.26 31.21
C LEU P 436 35.71 17.73 32.60
N PHE P 437 35.57 16.41 32.70
CA PHE P 437 35.25 15.76 33.96
C PHE P 437 35.64 14.28 33.95
N ARG P 438 36.12 13.80 35.09
CA ARG P 438 36.53 12.41 35.24
C ARG P 438 35.96 11.80 36.53
N ASP P 439 34.65 11.93 36.69
CA ASP P 439 33.96 11.40 37.86
C ASP P 439 32.57 10.88 37.50
N VAL P 440 32.25 9.68 37.97
CA VAL P 440 30.97 9.05 37.69
C VAL P 440 30.41 8.35 38.93
N ILE Q 43 -2.94 23.75 72.42
CA ILE Q 43 -3.76 22.50 72.32
C ILE Q 43 -2.93 21.26 72.67
N ASN Q 44 -3.62 20.14 72.87
CA ASN Q 44 -2.96 18.88 73.20
C ASN Q 44 -3.54 17.73 72.39
N LEU Q 45 -3.78 16.60 73.05
CA LEU Q 45 -4.35 15.42 72.38
C LEU Q 45 -5.33 14.69 73.30
N SER Q 46 -5.20 14.91 74.60
CA SER Q 46 -6.07 14.28 75.59
C SER Q 46 -6.02 15.01 76.93
N GLY Q 47 -7.17 15.47 77.38
CA GLY Q 47 -7.25 16.18 78.64
C GLY Q 47 -8.27 17.30 78.57
N LYS Q 48 -7.78 18.54 78.49
CA LYS Q 48 -8.65 19.71 78.41
C LYS Q 48 -9.11 19.95 76.97
N LEU Q 49 -9.23 18.87 76.22
CA LEU Q 49 -9.66 18.94 74.82
C LEU Q 49 -11.16 19.21 74.68
N LEU Q 50 -11.87 19.15 75.80
CA LEU Q 50 -13.31 19.40 75.81
C LEU Q 50 -13.62 20.88 75.56
N GLY Q 51 -12.71 21.73 76.01
CA GLY Q 51 -12.87 23.17 75.83
C GLY Q 51 -12.61 23.62 74.40
N ALA Q 52 -11.95 22.76 73.63
CA ALA Q 52 -11.65 23.07 72.24
C ALA Q 52 -12.91 22.99 71.37
N HIS Q 53 -13.98 22.43 71.95
CA HIS Q 53 -15.24 22.28 71.27
C HIS Q 53 -16.19 23.43 71.65
N VAL Q 54 -15.94 24.03 72.81
CA VAL Q 54 -16.75 25.14 73.30
C VAL Q 54 -16.29 26.46 72.71
N ALA Q 55 -14.98 26.66 72.67
CA ALA Q 55 -14.38 27.88 72.12
C ALA Q 55 -14.47 27.89 70.60
N HIS Q 56 -14.83 26.75 70.02
CA HIS Q 56 -14.97 26.62 68.58
C HIS Q 56 -16.43 26.80 68.17
N ALA Q 57 -17.34 26.57 69.12
CA ALA Q 57 -18.77 26.72 68.88
C ALA Q 57 -19.21 28.15 69.18
N GLY Q 58 -18.48 28.81 70.07
CA GLY Q 58 -18.79 30.18 70.43
C GLY Q 58 -18.16 31.18 69.48
N LEU Q 59 -17.11 30.73 68.78
CA LEU Q 59 -16.41 31.57 67.82
C LEU Q 59 -16.97 31.39 66.41
N ILE Q 60 -17.76 30.33 66.23
CA ILE Q 60 -18.37 30.04 64.93
C ILE Q 60 -19.80 30.56 64.87
N VAL Q 61 -20.42 30.69 66.04
CA VAL Q 61 -21.80 31.18 66.14
C VAL Q 61 -21.81 32.71 66.22
N PHE Q 62 -20.76 33.28 66.81
CA PHE Q 62 -20.64 34.72 66.95
C PHE Q 62 -20.06 35.33 65.67
N TRP Q 63 -19.52 34.48 64.81
CA TRP Q 63 -18.94 34.91 63.54
C TRP Q 63 -19.96 34.80 62.42
N ALA Q 64 -20.89 33.87 62.57
CA ALA Q 64 -21.94 33.64 61.58
C ALA Q 64 -23.15 34.51 61.91
N GLY Q 65 -23.33 34.82 63.18
CA GLY Q 65 -24.44 35.65 63.62
C GLY Q 65 -24.18 37.12 63.39
N ALA Q 66 -22.96 37.55 63.69
CA ALA Q 66 -22.56 38.94 63.52
C ALA Q 66 -22.44 39.30 62.04
N MET Q 67 -22.18 38.29 61.22
CA MET Q 67 -22.06 38.47 59.78
C MET Q 67 -23.44 38.58 59.15
N THR Q 68 -24.45 38.12 59.88
CA THR Q 68 -25.83 38.15 59.42
C THR Q 68 -26.53 39.44 59.88
N LEU Q 69 -26.11 39.94 61.04
CA LEU Q 69 -26.68 41.17 61.60
C LEU Q 69 -26.09 42.41 60.93
N PHE Q 70 -24.87 42.28 60.43
CA PHE Q 70 -24.19 43.37 59.76
C PHE Q 70 -24.57 43.43 58.28
N GLU Q 71 -25.16 42.34 57.79
CA GLU Q 71 -25.59 42.25 56.40
C GLU Q 71 -27.07 42.59 56.25
N LEU Q 72 -27.84 42.31 57.30
CA LEU Q 72 -29.27 42.59 57.30
C LEU Q 72 -29.54 44.10 57.36
N ALA Q 73 -28.61 44.83 57.96
CA ALA Q 73 -28.73 46.27 58.09
C ALA Q 73 -28.05 46.99 56.91
N HIS Q 74 -27.20 46.27 56.20
CA HIS Q 74 -26.49 46.81 55.05
C HIS Q 74 -27.37 46.76 53.80
N PHE Q 75 -28.10 45.66 53.65
CA PHE Q 75 -28.99 45.47 52.51
C PHE Q 75 -30.41 45.92 52.85
N ILE Q 76 -31.36 45.00 52.75
CA ILE Q 76 -32.77 45.26 53.04
C ILE Q 76 -33.28 46.49 52.29
N PRO Q 77 -32.96 46.59 51.00
CA PRO Q 77 -33.30 47.64 50.03
C PRO Q 77 -34.73 48.14 50.14
N GLU Q 78 -35.68 47.36 49.61
CA GLU Q 78 -37.10 47.72 49.65
C GLU Q 78 -37.95 46.59 49.08
N LYS Q 79 -37.62 46.15 47.88
CA LYS Q 79 -38.36 45.08 47.22
C LYS Q 79 -37.43 44.16 46.44
N PRO Q 80 -36.24 44.66 46.08
CA PRO Q 80 -35.21 43.91 45.33
C PRO Q 80 -34.41 42.99 46.25
N MET Q 81 -34.96 41.81 46.51
CA MET Q 81 -34.31 40.82 47.37
C MET Q 81 -33.34 39.95 46.57
N TYR Q 82 -32.96 38.81 47.15
CA TYR Q 82 -32.04 37.87 46.52
C TYR Q 82 -30.66 38.46 46.23
N GLU Q 83 -30.37 39.61 46.83
CA GLU Q 83 -29.09 40.28 46.65
C GLU Q 83 -28.27 40.21 47.92
N GLN Q 84 -27.44 39.17 48.04
CA GLN Q 84 -26.58 38.96 49.20
C GLN Q 84 -27.35 38.65 50.48
N GLY Q 85 -27.52 37.37 50.76
CA GLY Q 85 -28.24 36.95 51.95
C GLY Q 85 -28.25 35.44 52.11
N LEU Q 86 -27.05 34.87 52.27
CA LEU Q 86 -26.90 33.43 52.44
C LEU Q 86 -27.28 32.98 53.85
N ILE Q 87 -27.14 33.89 54.81
CA ILE Q 87 -27.47 33.59 56.20
C ILE Q 87 -28.88 34.05 56.56
N LEU Q 88 -29.32 35.13 55.93
CA LEU Q 88 -30.65 35.68 56.18
C LEU Q 88 -31.76 34.91 55.45
N ILE Q 89 -31.37 34.07 54.50
CA ILE Q 89 -32.32 33.28 53.72
C ILE Q 89 -32.92 32.10 54.50
N PRO Q 90 -32.08 31.30 55.17
CA PRO Q 90 -32.55 30.15 55.94
C PRO Q 90 -33.42 30.53 57.15
N HIS Q 91 -33.44 31.82 57.48
CA HIS Q 91 -34.22 32.32 58.60
C HIS Q 91 -35.71 32.29 58.31
N ILE Q 92 -36.10 32.75 57.12
CA ILE Q 92 -37.49 32.80 56.71
C ILE Q 92 -38.14 31.42 56.65
N ALA Q 93 -37.32 30.39 56.48
CA ALA Q 93 -37.83 29.03 56.41
C ALA Q 93 -38.18 28.50 57.81
N THR Q 94 -38.54 29.41 58.71
CA THR Q 94 -38.90 29.06 60.07
C THR Q 94 -39.55 30.23 60.80
N LEU Q 95 -39.03 31.43 60.54
CA LEU Q 95 -39.53 32.65 61.16
C LEU Q 95 -38.97 33.88 60.45
N GLY Q 96 -39.75 34.43 59.52
CA GLY Q 96 -39.32 35.60 58.80
C GLY Q 96 -40.39 36.15 57.87
N TRP Q 97 -41.11 37.17 58.35
CA TRP Q 97 -42.16 37.78 57.55
C TRP Q 97 -41.63 38.90 56.66
N GLY Q 98 -42.47 39.89 56.42
CA GLY Q 98 -42.08 41.02 55.59
C GLY Q 98 -42.72 42.30 56.08
N VAL Q 106 -40.35 46.46 60.29
CA VAL Q 106 -41.55 45.64 60.65
C VAL Q 106 -41.16 44.23 61.07
N ASP Q 107 -40.56 43.48 60.14
CA ASP Q 107 -40.14 42.11 60.41
C ASP Q 107 -38.80 42.05 61.12
N THR Q 108 -38.10 43.18 61.19
CA THR Q 108 -36.80 43.25 61.86
C THR Q 108 -36.92 43.14 63.38
N PHE Q 109 -38.12 42.86 63.86
CA PHE Q 109 -38.37 42.70 65.29
C PHE Q 109 -38.51 41.21 65.63
N PRO Q 110 -38.05 40.34 64.73
CA PRO Q 110 -38.08 38.88 64.83
C PRO Q 110 -36.88 38.24 64.13
N PHE Q 111 -36.29 38.96 63.18
CA PHE Q 111 -35.13 38.48 62.44
C PHE Q 111 -33.85 39.01 63.06
N PHE Q 112 -33.80 40.33 63.27
CA PHE Q 112 -32.64 40.98 63.86
C PHE Q 112 -32.68 40.87 65.39
N VAL Q 113 -33.84 40.47 65.91
CA VAL Q 113 -34.04 40.32 67.34
C VAL Q 113 -33.64 38.91 67.78
N VAL Q 114 -33.85 37.95 66.88
CA VAL Q 114 -33.52 36.54 67.15
C VAL Q 114 -32.04 36.31 66.89
N GLY Q 115 -31.46 37.09 65.98
CA GLY Q 115 -30.05 36.96 65.65
C GLY Q 115 -29.19 37.56 66.74
N VAL Q 116 -29.60 38.73 67.24
CA VAL Q 116 -28.86 39.43 68.29
C VAL Q 116 -28.95 38.68 69.62
N VAL Q 117 -30.04 37.92 69.79
CA VAL Q 117 -30.25 37.15 71.01
C VAL Q 117 -29.52 35.80 70.94
N HIS Q 118 -29.14 35.41 69.73
CA HIS Q 118 -28.43 34.15 69.51
C HIS Q 118 -26.93 34.35 69.61
N LEU Q 119 -26.45 35.50 69.15
CA LEU Q 119 -25.03 35.83 69.18
C LEU Q 119 -24.60 36.34 70.56
N ILE Q 120 -25.50 37.05 71.23
CA ILE Q 120 -25.23 37.58 72.56
C ILE Q 120 -25.36 36.50 73.63
N SER Q 121 -25.92 35.37 73.23
CA SER Q 121 -26.10 34.23 74.13
C SER Q 121 -25.06 33.16 73.83
N SER Q 122 -24.44 33.25 72.66
CA SER Q 122 -23.42 32.31 72.24
C SER Q 122 -22.04 32.79 72.69
N ALA Q 123 -21.77 34.08 72.44
CA ALA Q 123 -20.51 34.69 72.81
C ALA Q 123 -20.41 34.88 74.32
N VAL Q 124 -21.54 34.76 75.00
CA VAL Q 124 -21.58 34.90 76.46
C VAL Q 124 -21.18 33.57 77.11
N LEU Q 125 -21.50 32.49 76.41
CA LEU Q 125 -21.17 31.14 76.89
C LEU Q 125 -19.78 30.74 76.42
N GLY Q 126 -19.33 31.35 75.32
CA GLY Q 126 -18.01 31.05 74.78
C GLY Q 126 -16.92 31.85 75.46
N PHE Q 127 -17.27 33.01 75.99
CA PHE Q 127 -16.32 33.87 76.68
C PHE Q 127 -15.99 33.32 78.08
N GLY Q 128 -16.99 32.76 78.73
CA GLY Q 128 -16.81 32.21 80.05
C GLY Q 128 -16.40 30.74 80.01
N GLY Q 129 -16.67 30.10 78.87
CA GLY Q 129 -16.32 28.70 78.71
C GLY Q 129 -14.90 28.49 78.24
N VAL Q 130 -14.29 29.55 77.70
CA VAL Q 130 -12.93 29.51 77.21
C VAL Q 130 -11.89 29.38 78.32
N TYR Q 131 -12.37 29.36 79.56
CA TYR Q 131 -11.50 29.24 80.73
C TYR Q 131 -11.05 27.79 80.93
N HIS Q 132 -11.50 26.91 80.03
CA HIS Q 132 -11.14 25.50 80.10
C HIS Q 132 -9.85 25.21 79.34
N ALA Q 133 -9.52 26.09 78.40
CA ALA Q 133 -8.30 25.93 77.59
C ALA Q 133 -7.18 26.88 78.04
N ILE Q 134 -7.23 27.30 79.30
CA ILE Q 134 -6.22 28.21 79.84
C ILE Q 134 -6.00 28.03 81.35
N ARG Q 135 -6.97 27.40 82.02
CA ARG Q 135 -6.88 27.18 83.45
C ARG Q 135 -7.43 25.81 83.86
N GLY Q 136 -7.66 25.62 85.15
CA GLY Q 136 -8.18 24.37 85.65
C GLY Q 136 -7.19 23.23 85.63
N PRO Q 137 -7.66 21.98 85.74
CA PRO Q 137 -6.84 20.77 85.75
C PRO Q 137 -7.08 19.94 84.49
N GLU Q 138 -6.08 19.93 83.61
CA GLU Q 138 -6.17 19.18 82.35
C GLU Q 138 -6.34 17.69 82.61
N THR Q 139 -7.52 17.17 82.31
CA THR Q 139 -7.85 15.76 82.51
C THR Q 139 -9.25 15.44 82.04
N LEU Q 140 -9.37 14.45 81.17
CA LEU Q 140 -10.67 14.03 80.64
C LEU Q 140 -11.31 12.94 81.51
N TRP Q 151 -13.51 10.12 80.39
CA TRP Q 151 -13.03 9.69 79.04
C TRP Q 151 -11.55 9.34 79.06
N LYS Q 152 -11.24 8.08 78.82
CA LYS Q 152 -9.86 7.60 78.81
C LYS Q 152 -9.65 6.53 77.75
N ASP Q 153 -10.18 6.79 76.55
CA ASP Q 153 -10.07 5.87 75.42
C ASP Q 153 -10.66 4.49 75.74
N LYS Q 154 -11.60 4.44 76.68
CA LYS Q 154 -12.24 3.19 77.07
C LYS Q 154 -13.51 2.98 76.24
N ASN Q 155 -13.72 1.73 75.81
CA ASN Q 155 -14.90 1.40 75.02
C ASN Q 155 -16.17 1.37 75.86
N LYS Q 156 -16.03 0.88 77.09
CA LYS Q 156 -17.15 0.80 78.02
C LYS Q 156 -17.63 2.17 78.47
N MET Q 157 -16.68 3.08 78.67
CA MET Q 157 -16.99 4.44 79.10
C MET Q 157 -17.42 5.34 77.94
N THR Q 158 -16.95 5.03 76.75
CA THR Q 158 -17.28 5.79 75.55
C THR Q 158 -18.68 5.49 75.03
N THR Q 159 -19.23 4.34 75.43
CA THR Q 159 -20.55 3.93 75.00
C THR Q 159 -21.64 4.74 75.69
N ILE Q 160 -21.46 5.00 76.98
CA ILE Q 160 -22.42 5.78 77.75
C ILE Q 160 -22.14 7.28 77.62
N LEU Q 161 -20.95 7.61 77.16
CA LEU Q 161 -20.55 9.01 76.97
C LEU Q 161 -21.01 9.54 75.63
N GLY Q 162 -20.82 10.85 75.43
CA GLY Q 162 -21.22 11.47 74.18
C GLY Q 162 -22.72 11.45 73.99
N PHE Q 163 -23.45 11.59 75.09
CA PHE Q 163 -24.90 11.59 75.08
C PHE Q 163 -25.43 12.90 74.48
N HIS Q 164 -25.21 13.06 73.18
CA HIS Q 164 -25.65 14.24 72.45
C HIS Q 164 -26.71 13.87 71.42
N LEU Q 165 -27.23 12.65 71.54
CA LEU Q 165 -28.28 12.17 70.65
C LEU Q 165 -29.63 12.65 71.18
N ILE Q 166 -29.75 12.63 72.50
CA ILE Q 166 -30.98 13.08 73.18
C ILE Q 166 -30.98 14.60 73.32
N VAL Q 167 -29.87 15.23 72.96
CA VAL Q 167 -29.74 16.68 73.02
C VAL Q 167 -29.92 17.28 71.63
N LEU Q 168 -29.53 16.54 70.61
CA LEU Q 168 -29.65 16.97 69.22
C LEU Q 168 -30.98 16.51 68.63
N GLY Q 169 -31.55 15.47 69.22
CA GLY Q 169 -32.83 14.95 68.76
C GLY Q 169 -33.97 15.80 69.29
N ILE Q 170 -33.85 16.20 70.56
CA ILE Q 170 -34.86 17.04 71.18
C ILE Q 170 -34.62 18.51 70.85
N GLY Q 171 -33.59 18.77 70.04
CA GLY Q 171 -33.26 20.12 69.63
C GLY Q 171 -33.52 20.34 68.16
N ALA Q 172 -33.74 19.25 67.43
CA ALA Q 172 -34.02 19.31 65.99
C ALA Q 172 -35.50 19.07 65.73
N LEU Q 173 -36.15 18.36 66.65
CA LEU Q 173 -37.57 18.06 66.53
C LEU Q 173 -38.41 19.14 67.23
N LEU Q 174 -37.78 19.83 68.17
CA LEU Q 174 -38.45 20.90 68.90
C LEU Q 174 -38.35 22.23 68.15
N LEU Q 175 -37.35 22.33 67.29
CA LEU Q 175 -37.12 23.53 66.49
C LEU Q 175 -37.87 23.46 65.16
N VAL Q 176 -38.17 22.24 64.73
CA VAL Q 176 -38.89 22.01 63.48
C VAL Q 176 -40.40 22.05 63.69
N ALA Q 177 -40.85 21.43 64.78
CA ALA Q 177 -42.28 21.39 65.11
C ALA Q 177 -42.72 22.69 65.77
N LYS Q 178 -41.82 23.66 65.83
CA LYS Q 178 -42.12 24.96 66.44
C LYS Q 178 -42.93 25.84 65.48
N ALA Q 179 -42.96 25.46 64.21
CA ALA Q 179 -43.69 26.21 63.19
C ALA Q 179 -45.20 26.09 63.39
N MET Q 180 -45.66 24.90 63.79
CA MET Q 180 -47.07 24.66 64.01
C MET Q 180 -47.53 25.20 65.37
N PHE Q 181 -46.59 25.69 66.16
CA PHE Q 181 -46.90 26.23 67.49
C PHE Q 181 -46.87 27.77 67.49
N PHE Q 182 -45.96 28.35 66.73
CA PHE Q 182 -45.81 29.80 66.64
C PHE Q 182 -46.70 30.39 65.55
N LEU Q 185 -43.02 28.03 58.40
CA LEU Q 185 -42.32 28.21 57.10
C LEU Q 185 -43.17 29.01 56.11
N TYR Q 186 -42.69 29.10 54.88
CA TYR Q 186 -43.40 29.83 53.82
C TYR Q 186 -43.17 29.19 52.46
N ASP Q 187 -44.03 28.22 52.13
CA ASP Q 187 -43.94 27.51 50.85
C ASP Q 187 -45.30 26.91 50.50
N THR Q 188 -45.33 26.12 49.42
CA THR Q 188 -46.55 25.47 48.95
C THR Q 188 -47.62 26.44 48.47
N TRP Q 189 -48.26 27.14 49.40
CA TRP Q 189 -49.30 28.10 49.06
C TRP Q 189 -48.70 29.38 48.44
N ALA Q 190 -48.55 30.42 49.25
CA ALA Q 190 -47.99 31.69 48.78
C ALA Q 190 -47.58 32.57 49.96
N PRO Q 191 -48.26 32.40 51.11
CA PRO Q 191 -47.98 33.16 52.33
C PRO Q 191 -47.29 32.30 53.39
N GLY Q 192 -48.05 31.86 54.38
CA GLY Q 192 -47.51 31.03 55.44
C GLY Q 192 -48.59 30.56 56.39
N GLY Q 193 -48.48 29.32 56.86
CA GLY Q 193 -49.46 28.77 57.77
C GLY Q 193 -49.32 27.28 57.98
N GLY Q 194 -48.46 26.89 58.91
CA GLY Q 194 -48.23 25.49 59.19
C GLY Q 194 -49.44 24.82 59.81
N ASP Q 195 -49.73 23.59 59.38
CA ASP Q 195 -50.85 22.82 59.89
C ASP Q 195 -50.82 21.37 59.40
N VAL Q 196 -51.69 20.54 59.97
CA VAL Q 196 -51.79 19.13 59.62
C VAL Q 196 -50.55 18.32 60.02
N ARG Q 197 -50.44 17.11 59.48
CA ARG Q 197 -49.31 16.23 59.76
C ARG Q 197 -49.31 15.06 58.79
N VAL Q 198 -48.34 15.07 57.87
CA VAL Q 198 -48.21 14.01 56.87
C VAL Q 198 -47.22 12.94 57.32
N ILE Q 199 -47.71 11.96 58.09
CA ILE Q 199 -46.86 10.88 58.57
C ILE Q 199 -47.40 9.49 58.19
N LYS Q 215 -40.21 4.14 57.72
CA LYS Q 215 -40.11 5.45 57.04
C LYS Q 215 -41.27 5.68 56.08
N SER Q 216 -41.76 6.91 56.02
CA SER Q 216 -42.87 7.27 55.14
C SER Q 216 -42.41 7.41 53.70
N PRO Q 217 -41.24 8.03 53.50
CA PRO Q 217 -40.60 8.27 52.20
C PRO Q 217 -39.74 7.09 51.73
N PHE Q 218 -38.86 7.35 50.78
CA PHE Q 218 -37.96 6.33 50.25
C PHE Q 218 -36.89 5.94 51.27
N GLY Q 219 -36.37 4.72 51.14
CA GLY Q 219 -35.35 4.25 52.05
C GLY Q 219 -33.94 4.66 51.62
N GLY Q 220 -33.79 4.98 50.34
CA GLY Q 220 -32.49 5.39 49.84
C GLY Q 220 -32.21 6.86 50.04
N GLU Q 221 -31.12 7.34 49.46
CA GLU Q 221 -30.73 8.74 49.57
C GLU Q 221 -31.67 9.65 48.78
N GLY Q 222 -32.56 10.33 49.48
CA GLY Q 222 -33.50 11.21 48.84
C GLY Q 222 -33.48 12.61 49.44
N TRP Q 223 -32.59 13.45 48.92
CA TRP Q 223 -32.46 14.82 49.40
C TRP Q 223 -33.63 15.69 48.94
N ILE Q 224 -34.13 15.42 47.74
CA ILE Q 224 -35.24 16.18 47.17
C ILE Q 224 -36.58 15.65 47.66
N VAL Q 225 -36.74 15.57 48.98
CA VAL Q 225 -37.97 15.08 49.59
C VAL Q 225 -38.99 16.20 49.78
N SER Q 226 -38.56 17.43 49.53
CA SER Q 226 -39.42 18.61 49.68
C SER Q 226 -40.25 18.79 48.41
N VAL Q 227 -40.99 17.76 48.04
CA VAL Q 227 -41.83 17.78 46.85
C VAL Q 227 -43.17 18.51 47.04
N ASN Q 228 -44.22 17.97 46.42
CA ASN Q 228 -45.56 18.54 46.49
C ASN Q 228 -45.98 18.94 47.90
N ASN Q 229 -46.00 17.97 48.81
CA ASN Q 229 -46.36 18.22 50.20
C ASN Q 229 -45.11 18.58 50.99
N LEU Q 230 -44.95 19.87 51.28
CA LEU Q 230 -43.80 20.35 52.03
C LEU Q 230 -43.93 20.11 53.54
N GLU Q 231 -45.09 19.61 53.96
CA GLU Q 231 -45.34 19.34 55.37
C GLU Q 231 -44.66 18.05 55.82
N ASP Q 232 -44.28 17.20 54.87
CA ASP Q 232 -43.61 15.94 55.17
C ASP Q 232 -42.19 16.13 55.69
N VAL Q 233 -41.67 17.34 55.55
CA VAL Q 233 -40.31 17.65 56.02
C VAL Q 233 -40.26 17.77 57.54
N VAL Q 234 -41.28 18.42 58.11
CA VAL Q 234 -41.37 18.63 59.56
C VAL Q 234 -41.75 17.33 60.28
N GLY Q 235 -42.61 16.53 59.64
CA GLY Q 235 -43.04 15.28 60.24
C GLY Q 235 -41.96 14.21 60.21
N GLY Q 236 -40.96 14.41 59.34
CA GLY Q 236 -39.87 13.46 59.24
C GLY Q 236 -38.83 13.66 60.33
N HIS Q 237 -39.00 14.71 61.12
CA HIS Q 237 -38.08 15.02 62.21
C HIS Q 237 -38.64 14.58 63.55
N ILE Q 238 -39.97 14.52 63.65
CA ILE Q 238 -40.64 14.13 64.87
C ILE Q 238 -40.67 12.61 65.08
N TRP Q 239 -40.57 11.86 63.99
CA TRP Q 239 -40.58 10.40 64.06
C TRP Q 239 -39.16 9.87 64.14
N ILE Q 240 -38.31 10.31 63.22
CA ILE Q 240 -36.91 9.88 63.18
C ILE Q 240 -36.06 10.56 64.26
N GLY Q 241 -36.64 11.54 64.94
CA GLY Q 241 -35.92 12.25 65.98
C GLY Q 241 -36.19 11.66 67.35
N LEU Q 242 -37.45 11.43 67.67
CA LEU Q 242 -37.85 10.85 68.95
C LEU Q 242 -37.47 9.38 69.06
N ILE Q 243 -37.18 8.77 67.92
CA ILE Q 243 -36.79 7.36 67.88
C ILE Q 243 -35.27 7.23 67.92
N CYS Q 244 -34.58 8.36 67.74
CA CYS Q 244 -33.13 8.41 67.75
C CYS Q 244 -32.60 8.94 69.09
N ILE Q 245 -33.42 9.77 69.75
CA ILE Q 245 -33.05 10.35 71.04
C ILE Q 245 -33.35 9.37 72.17
N ALA Q 246 -34.53 8.76 72.12
CA ALA Q 246 -34.93 7.78 73.12
C ALA Q 246 -34.27 6.43 72.86
N GLY Q 247 -33.95 6.18 71.60
CA GLY Q 247 -33.31 4.93 71.22
C GLY Q 247 -31.80 5.02 71.31
N GLY Q 248 -31.28 6.24 71.40
CA GLY Q 248 -29.84 6.44 71.49
C GLY Q 248 -29.32 6.31 72.91
N ILE Q 249 -30.02 6.93 73.86
CA ILE Q 249 -29.64 6.88 75.27
C ILE Q 249 -29.95 5.51 75.88
N TRP Q 250 -30.65 4.67 75.13
CA TRP Q 250 -31.00 3.33 75.59
C TRP Q 250 -30.11 2.27 74.93
N HIS Q 251 -29.35 2.69 73.92
CA HIS Q 251 -28.46 1.79 73.19
C HIS Q 251 -27.11 1.65 73.89
N ILE Q 252 -26.90 2.41 74.97
CA ILE Q 252 -25.66 2.37 75.72
C ILE Q 252 -25.49 1.04 76.46
N LEU Q 253 -24.67 0.15 75.88
CA LEU Q 253 -24.42 -1.16 76.48
C LEU Q 253 -23.10 -1.76 75.99
N THR Q 254 -22.51 -1.13 74.98
CA THR Q 254 -21.24 -1.57 74.40
C THR Q 254 -21.38 -2.87 73.60
N THR Q 255 -22.57 -3.45 73.63
CA THR Q 255 -22.87 -4.69 72.90
C THR Q 255 -21.98 -5.86 73.31
N GLY Q 258 -16.55 -14.90 68.79
CA GLY Q 258 -16.34 -13.43 68.63
C GLY Q 258 -17.03 -12.87 67.41
N TRP Q 259 -18.22 -12.31 67.63
CA TRP Q 259 -19.00 -11.73 66.54
C TRP Q 259 -19.70 -10.45 67.01
N ALA Q 260 -19.87 -10.33 68.32
CA ALA Q 260 -20.52 -9.16 68.91
C ALA Q 260 -19.53 -8.08 69.32
N ARG Q 261 -19.78 -6.86 68.84
CA ARG Q 261 -18.95 -5.68 69.12
C ARG Q 261 -17.59 -5.70 68.43
N ARG Q 262 -16.87 -6.82 68.53
CA ARG Q 262 -15.55 -6.96 67.93
C ARG Q 262 -15.51 -6.71 66.42
N ALA Q 263 -15.29 -5.46 66.05
CA ALA Q 263 -15.23 -5.02 64.67
C ALA Q 263 -14.82 -3.54 64.63
N PHE Q 264 -13.63 -3.28 64.12
CA PHE Q 264 -13.08 -1.92 64.01
C PHE Q 264 -12.64 -1.38 65.38
N ILE Q 265 -11.44 -0.81 65.41
CA ILE Q 265 -10.88 -0.26 66.64
C ILE Q 265 -11.60 0.99 67.14
N TRP Q 266 -12.07 0.94 68.38
CA TRP Q 266 -12.77 2.06 68.99
C TRP Q 266 -11.72 3.09 69.43
N SER Q 267 -11.95 4.35 69.07
CA SER Q 267 -11.00 5.40 69.41
C SER Q 267 -11.62 6.80 69.31
N GLY Q 268 -10.82 7.81 69.69
CA GLY Q 268 -11.29 9.18 69.62
C GLY Q 268 -11.16 9.75 68.22
N GLU Q 269 -10.24 9.18 67.45
CA GLU Q 269 -10.01 9.61 66.07
C GLU Q 269 -10.94 8.87 65.12
N ALA Q 270 -11.21 7.61 65.44
CA ALA Q 270 -12.09 6.77 64.62
C ALA Q 270 -13.53 7.26 64.71
N TYR Q 271 -13.88 7.84 65.86
CA TYR Q 271 -15.22 8.36 66.09
C TYR Q 271 -15.36 9.77 65.52
N LEU Q 272 -14.23 10.46 65.38
CA LEU Q 272 -14.20 11.81 64.85
C LEU Q 272 -14.24 11.80 63.32
N SER Q 273 -13.60 10.80 62.72
CA SER Q 273 -13.56 10.65 61.27
C SER Q 273 -14.88 10.13 60.73
N TYR Q 274 -15.52 9.25 61.50
CA TYR Q 274 -16.80 8.66 61.12
C TYR Q 274 -17.93 9.66 61.35
N SER Q 275 -17.64 10.69 62.15
CA SER Q 275 -18.61 11.72 62.45
C SER Q 275 -18.55 12.84 61.42
N LEU Q 276 -17.35 13.08 60.89
CA LEU Q 276 -17.15 14.10 59.87
C LEU Q 276 -17.50 13.58 58.49
N GLY Q 277 -17.31 12.27 58.29
CA GLY Q 277 -17.62 11.65 57.02
C GLY Q 277 -19.12 11.56 56.79
N ALA Q 278 -19.87 11.53 57.89
CA ALA Q 278 -21.32 11.46 57.86
C ALA Q 278 -21.91 12.86 57.76
N LEU Q 279 -21.21 13.83 58.33
CA LEU Q 279 -21.65 15.22 58.31
C LEU Q 279 -21.36 15.87 56.97
N SER Q 280 -20.28 15.43 56.32
CA SER Q 280 -19.89 15.95 55.02
C SER Q 280 -20.75 15.35 53.92
N MET Q 281 -21.31 14.18 54.18
CA MET Q 281 -22.18 13.51 53.22
C MET Q 281 -23.52 14.24 53.14
N MET Q 282 -23.84 14.98 54.19
CA MET Q 282 -25.08 15.75 54.25
C MET Q 282 -24.85 17.17 53.77
N GLY Q 283 -23.58 17.57 53.66
CA GLY Q 283 -23.24 18.90 53.19
C GLY Q 283 -23.17 18.96 51.68
N PHE Q 284 -22.59 17.93 51.07
CA PHE Q 284 -22.45 17.84 49.63
C PHE Q 284 -23.81 17.54 48.99
N ILE Q 285 -24.69 16.93 49.77
CA ILE Q 285 -26.03 16.60 49.30
C ILE Q 285 -26.94 17.82 49.39
N ALA Q 286 -26.83 18.55 50.50
CA ALA Q 286 -27.63 19.75 50.73
C ALA Q 286 -27.16 20.91 49.86
N THR Q 287 -26.00 20.75 49.23
CA THR Q 287 -25.43 21.77 48.36
C THR Q 287 -26.11 21.70 47.00
N CYS Q 288 -26.99 20.71 46.83
CA CYS Q 288 -27.73 20.52 45.59
C CYS Q 288 -29.21 20.32 45.89
N PHE Q 289 -29.55 20.23 47.17
CA PHE Q 289 -30.93 20.06 47.60
C PHE Q 289 -31.50 21.40 48.06
N VAL Q 290 -30.63 22.25 48.61
CA VAL Q 290 -31.04 23.57 49.09
C VAL Q 290 -30.96 24.59 47.95
N TRP Q 291 -30.92 24.09 46.72
CA TRP Q 291 -30.85 24.93 45.53
C TRP Q 291 -31.48 24.18 44.35
N PHE Q 292 -32.63 23.55 44.61
CA PHE Q 292 -33.35 22.79 43.60
C PHE Q 292 -34.82 22.60 43.96
N ASN Q 293 -35.09 21.69 44.89
CA ASN Q 293 -36.45 21.41 45.33
C ASN Q 293 -36.84 22.27 46.53
N ASN Q 294 -37.65 23.29 46.28
CA ASN Q 294 -38.11 24.21 47.31
C ASN Q 294 -36.93 24.85 48.05
N THR Q 295 -36.82 24.58 49.35
CA THR Q 295 -35.74 25.11 50.18
C THR Q 295 -35.85 26.62 50.41
N VAL Q 296 -35.69 27.38 49.34
CA VAL Q 296 -35.77 28.83 49.40
C VAL Q 296 -36.33 29.40 48.10
N TYR Q 297 -37.55 29.91 48.16
CA TYR Q 297 -38.22 30.49 47.00
C TYR Q 297 -37.52 31.76 46.50
N PRO Q 298 -36.70 32.37 47.37
CA PRO Q 298 -35.97 33.60 47.02
C PRO Q 298 -34.83 33.35 46.04
N UNK Q 299 -34.19 32.19 46.16
CA UNK Q 299 -33.07 31.82 45.30
C UNK Q 299 -33.52 31.19 43.98
N UNK Q 300 -32.61 31.13 43.01
CA UNK Q 300 -32.90 30.55 41.70
C UNK Q 300 -32.35 29.12 41.63
N UNK Q 301 -32.46 28.51 40.45
CA UNK Q 301 -31.98 27.14 40.26
C UNK Q 301 -31.59 26.85 38.81
N UNK Q 302 -31.01 25.67 38.59
CA UNK Q 302 -30.60 25.25 37.25
C UNK Q 302 -31.82 24.82 36.43
N UNK Q 303 -32.95 24.64 37.11
CA UNK Q 303 -34.20 24.27 36.46
C UNK Q 303 -35.11 25.50 36.40
N UNK Q 304 -34.62 26.60 36.96
CA UNK Q 304 -35.36 27.86 36.99
C UNK Q 304 -34.81 28.78 35.90
N UNK Q 305 -33.52 28.61 35.58
CA UNK Q 305 -32.86 29.40 34.56
C UNK Q 305 -32.79 28.63 33.25
N UNK Q 306 -33.74 27.72 33.06
CA UNK Q 306 -33.81 26.89 31.86
C UNK Q 306 -35.26 26.62 31.49
N UNK Q 307 -36.09 26.38 32.50
CA UNK Q 307 -37.52 26.11 32.29
C UNK Q 307 -38.28 27.42 32.19
N UNK Q 308 -37.92 28.39 33.04
CA UNK Q 308 -38.57 29.70 33.03
C UNK Q 308 -38.06 30.53 31.86
N UNK Q 309 -36.82 30.25 31.43
CA UNK Q 309 -36.21 30.95 30.31
C UNK Q 309 -36.88 30.49 29.02
N UNK Q 310 -37.39 29.27 29.03
CA UNK Q 310 -38.08 28.70 27.88
C UNK Q 310 -39.53 29.18 27.89
N UNK Q 311 -40.04 29.50 29.07
CA UNK Q 311 -41.39 29.98 29.23
C UNK Q 311 -41.47 31.47 28.92
N UNK Q 312 -40.33 32.13 28.93
CA UNK Q 312 -40.24 33.56 28.63
C UNK Q 312 -40.01 33.78 27.15
N UNK Q 313 -39.47 32.76 26.48
CA UNK Q 313 -39.19 32.83 25.05
C UNK Q 313 -40.39 32.33 24.25
N UNK Q 314 -41.22 31.51 24.87
CA UNK Q 314 -42.42 30.96 24.23
C UNK Q 314 -43.62 31.87 24.43
N UNK Q 315 -43.65 32.56 25.57
CA UNK Q 315 -44.75 33.48 25.89
C UNK Q 315 -44.61 34.78 25.12
N UNK Q 316 -43.37 35.12 24.76
CA UNK Q 316 -43.09 36.34 24.01
C UNK Q 316 -43.25 36.10 22.52
N UNK Q 317 -43.15 34.84 22.11
CA UNK Q 317 -43.29 34.45 20.71
C UNK Q 317 -44.75 34.19 20.36
N UNK Q 318 -45.49 33.59 21.29
CA UNK Q 318 -46.90 33.28 21.09
C UNK Q 318 -47.76 34.53 21.08
N UNK Q 319 -47.27 35.59 21.72
CA UNK Q 319 -47.99 36.86 21.77
C UNK Q 319 -48.00 37.53 20.40
N UNK Q 320 -47.08 37.11 19.54
CA UNK Q 320 -46.97 37.66 18.19
C UNK Q 320 -47.59 36.76 17.12
N UNK Q 321 -47.66 35.45 17.39
CA UNK Q 321 -48.22 34.52 16.42
C UNK Q 321 -49.04 33.38 17.04
N UNK Q 322 -48.39 32.59 17.89
CA UNK Q 322 -48.98 31.43 18.57
C UNK Q 322 -48.92 30.13 17.76
N UNK Q 323 -49.47 29.07 18.34
CA UNK Q 323 -49.50 27.72 17.74
C UNK Q 323 -48.13 27.06 17.77
N UNK Q 324 -47.79 26.49 18.92
CA UNK Q 324 -46.51 25.81 19.10
C UNK Q 324 -46.51 24.39 18.55
N UNK Q 325 -45.94 24.23 17.35
CA UNK Q 325 -45.86 22.94 16.67
C UNK Q 325 -45.18 23.10 15.31
N UNK Q 326 -43.85 23.11 15.31
CA UNK Q 326 -43.08 23.26 14.09
C UNK Q 326 -41.80 22.43 14.09
N UNK Q 327 -40.76 22.95 13.45
CA UNK Q 327 -39.47 22.27 13.37
C UNK Q 327 -38.39 23.28 12.95
N UNK Q 328 -37.37 23.43 13.79
CA UNK Q 328 -36.28 24.37 13.50
C UNK Q 328 -34.94 23.68 13.32
N UNK Q 329 -34.78 22.51 13.94
CA UNK Q 329 -33.54 21.75 13.85
C UNK Q 329 -33.80 20.26 14.03
N UNK Q 330 -34.33 19.90 15.19
CA UNK Q 330 -34.64 18.51 15.50
C UNK Q 330 -35.74 18.47 16.55
N UNK Q 331 -36.97 18.75 16.10
CA UNK Q 331 -38.15 18.78 16.98
C UNK Q 331 -38.09 19.93 17.98
N UNK Q 332 -39.10 20.01 18.84
CA UNK Q 332 -39.21 21.04 19.87
C UNK Q 332 -39.43 22.44 19.27
N UNK Q 333 -38.35 23.02 18.74
CA UNK Q 333 -38.39 24.36 18.14
C UNK Q 333 -38.87 25.42 19.13
N UNK Q 334 -40.18 25.57 19.24
CA UNK Q 334 -40.77 26.54 20.16
C UNK Q 334 -40.72 25.98 21.58
N UNK Q 335 -41.50 24.95 21.84
CA UNK Q 335 -41.55 24.31 23.16
C UNK Q 335 -42.20 22.94 23.13
N UNK Q 336 -41.78 22.08 24.06
CA UNK Q 336 -42.27 20.72 24.21
C UNK Q 336 -41.79 19.76 23.11
N UNK Q 337 -40.84 18.90 23.47
CA UNK Q 337 -40.28 17.92 22.54
C UNK Q 337 -40.82 16.52 22.79
N UNK Q 338 -41.21 16.25 24.03
CA UNK Q 338 -41.75 14.95 24.45
C UNK Q 338 -40.72 13.83 24.33
N UNK Q 339 -39.98 13.59 25.41
CA UNK Q 339 -38.95 12.56 25.42
C UNK Q 339 -39.00 11.71 26.70
N UNK Q 340 -38.23 10.62 26.70
CA UNK Q 340 -38.13 9.70 27.83
C UNK Q 340 -39.43 8.95 28.13
N UNK Q 341 -40.31 9.57 28.91
CA UNK Q 341 -41.58 8.94 29.27
C UNK Q 341 -42.73 9.93 29.46
N UNK Q 342 -42.43 11.22 29.40
CA UNK Q 342 -43.44 12.26 29.57
C UNK Q 342 -43.73 13.07 28.29
N UNK Q 343 -44.82 13.82 28.32
CA UNK Q 343 -45.23 14.65 27.19
C UNK Q 343 -44.49 15.99 27.22
N UNK Q 344 -44.15 16.44 28.43
CA UNK Q 344 -43.45 17.70 28.66
C UNK Q 344 -44.23 18.93 28.18
N UNK Q 345 -45.44 18.72 27.68
CA UNK Q 345 -46.29 19.80 27.20
C UNK Q 345 -46.92 20.60 28.32
N UNK Q 346 -47.16 19.93 29.46
CA UNK Q 346 -47.77 20.55 30.63
C UNK Q 346 -49.16 21.09 30.30
N UNK Q 347 -49.96 20.23 29.68
CA UNK Q 347 -51.34 20.56 29.28
C UNK Q 347 -51.41 21.66 28.22
N UNK Q 348 -51.78 21.26 27.00
CA UNK Q 348 -51.90 22.18 25.87
C UNK Q 348 -53.08 23.13 26.05
N UNK Q 349 -53.90 22.89 27.06
CA UNK Q 349 -55.06 23.75 27.33
C UNK Q 349 -54.64 25.01 28.07
N UNK Q 350 -53.59 24.89 28.88
CA UNK Q 350 -53.08 26.04 29.65
C UNK Q 350 -52.05 26.86 28.88
N UNK Q 351 -51.78 26.48 27.64
CA UNK Q 351 -50.83 27.18 26.80
C UNK Q 351 -51.55 28.13 25.87
N UNK Q 352 -52.61 27.64 25.24
CA UNK Q 352 -53.40 28.43 24.29
C UNK Q 352 -54.21 29.54 24.95
N UNK Q 353 -55.08 29.17 25.88
CA UNK Q 353 -55.91 30.14 26.59
C UNK Q 353 -55.13 30.80 27.72
N UNK Q 354 -54.38 29.97 28.44
CA UNK Q 354 -53.54 30.41 29.56
C UNK Q 354 -54.35 30.91 30.76
N UNK Q 355 -53.65 31.14 31.87
CA UNK Q 355 -54.26 31.62 33.10
C UNK Q 355 -53.22 32.36 33.95
N UNK Q 356 -52.20 32.90 33.28
CA UNK Q 356 -51.15 33.65 33.96
C UNK Q 356 -50.93 34.99 33.27
N UNK Q 357 -50.69 36.02 34.09
CA UNK Q 357 -50.44 37.38 33.58
C UNK Q 357 -49.48 38.11 34.50
N UNK Q 358 -49.71 37.97 35.81
CA UNK Q 358 -48.86 38.61 36.81
C UNK Q 358 -47.84 37.62 37.38
N UNK Q 359 -48.15 36.33 37.25
CA UNK Q 359 -47.28 35.28 37.74
C UNK Q 359 -46.27 34.83 36.69
N UNK Q 360 -46.57 35.14 35.42
CA UNK Q 360 -45.69 34.78 34.32
C UNK Q 360 -44.60 35.83 34.10
N UNK Q 361 -44.95 37.09 34.33
CA UNK Q 361 -44.01 38.20 34.17
C UNK Q 361 -43.05 38.30 35.35
N UNK Q 362 -43.40 37.66 36.46
CA UNK Q 362 -42.57 37.66 37.65
C UNK Q 362 -41.52 36.56 37.60
N UNK Q 363 -41.88 35.43 37.01
CA UNK Q 363 -40.98 34.29 36.88
C UNK Q 363 -39.88 34.54 35.86
N UNK Q 364 -40.19 35.36 34.86
CA UNK Q 364 -39.23 35.69 33.81
C UNK Q 364 -38.17 36.69 34.27
N UNK Q 365 -38.34 37.22 35.48
CA UNK Q 365 -37.41 38.18 36.05
C UNK Q 365 -36.21 37.49 36.69
N UNK Q 366 -36.41 36.27 37.16
CA UNK Q 366 -35.35 35.49 37.80
C UNK Q 366 -34.48 34.75 36.81
N UNK Q 367 -35.09 34.28 35.72
CA UNK Q 367 -34.37 33.55 34.68
C UNK Q 367 -33.43 34.44 33.88
N UNK Q 368 -33.69 35.74 33.90
CA UNK Q 368 -32.87 36.71 33.18
C UNK Q 368 -31.59 37.07 33.93
N UNK Q 369 -31.43 36.51 35.12
CA UNK Q 369 -30.27 36.77 35.96
C UNK Q 369 -29.36 35.55 36.11
N UNK Q 370 -29.85 34.39 35.68
CA UNK Q 370 -29.10 33.14 35.77
C UNK Q 370 -28.77 32.75 37.21
N UNK Q 371 -28.46 31.48 37.42
CA UNK Q 371 -28.13 31.00 38.76
C UNK Q 371 -26.68 30.51 38.84
N UNK Q 372 -26.24 29.79 37.80
CA UNK Q 372 -24.89 29.25 37.74
C UNK Q 372 -23.82 30.31 37.95
N UNK Q 373 -23.82 31.33 37.10
CA UNK Q 373 -22.86 32.42 37.19
C UNK Q 373 -23.33 33.62 36.38
N UNK Q 374 -23.84 34.63 37.07
CA UNK Q 374 -24.33 35.84 36.41
C UNK Q 374 -23.19 36.66 35.82
N UNK Q 375 -22.23 37.03 36.67
CA UNK Q 375 -21.09 37.83 36.22
C UNK Q 375 -19.91 37.71 37.17
N VAL Q 407 -17.47 44.77 21.70
CA VAL Q 407 -18.17 44.37 22.97
C VAL Q 407 -19.18 43.25 22.74
N GLY Q 408 -19.48 42.52 23.81
CA GLY Q 408 -20.42 41.43 23.72
C GLY Q 408 -21.70 41.70 24.51
N GLY Q 409 -22.21 40.66 25.17
CA GLY Q 409 -23.42 40.79 25.95
C GLY Q 409 -23.14 40.91 27.44
N VAL Q 410 -23.59 39.90 28.19
CA VAL Q 410 -23.40 39.86 29.64
C VAL Q 410 -23.89 38.53 30.20
N ALA Q 411 -22.98 37.59 30.40
CA ALA Q 411 -23.32 36.27 30.94
C ALA Q 411 -22.07 35.50 31.38
N THR Q 412 -22.02 34.22 31.02
CA THR Q 412 -20.89 33.35 31.38
C THR Q 412 -19.58 33.75 30.69
N GLU Q 413 -19.66 34.69 29.76
CA GLU Q 413 -18.48 35.16 29.04
C GLU Q 413 -18.61 36.63 28.65
N ILE Q 414 -17.83 37.48 29.32
CA ILE Q 414 -17.83 38.92 29.09
C ILE Q 414 -19.11 39.61 29.55
N ASN Q 415 -19.05 40.22 30.73
CA ASN Q 415 -20.19 40.92 31.32
C ASN Q 415 -19.86 42.38 31.60
N SER Q 416 -20.76 43.07 32.32
CA SER Q 416 -20.55 44.46 32.65
C SER Q 416 -21.18 44.87 33.98
N VAL Q 417 -22.52 45.03 33.99
CA VAL Q 417 -23.22 45.44 35.20
C VAL Q 417 -24.27 44.42 35.64
N ASN Q 418 -24.08 43.89 36.85
CA ASN Q 418 -25.00 42.91 37.42
C ASN Q 418 -25.07 43.06 38.94
N PHE Q 419 -25.22 41.94 39.64
CA PHE Q 419 -25.30 41.92 41.10
C PHE Q 419 -24.49 40.76 41.67
N VAL Q 420 -25.15 39.63 41.91
CA VAL Q 420 -24.51 38.43 42.45
C VAL Q 420 -25.45 37.22 42.39
N SER Q 421 -24.87 36.03 42.25
CA SER Q 421 -25.64 34.79 42.19
C SER Q 421 -26.21 34.43 43.56
N PRO Q 422 -27.26 33.60 43.58
CA PRO Q 422 -27.97 33.13 44.78
C PRO Q 422 -27.23 32.03 45.57
N ARG Q 423 -27.76 30.80 45.50
CA ARG Q 423 -27.17 29.67 46.20
C ARG Q 423 -25.87 29.15 45.58
N SER Q 424 -25.40 29.83 44.54
CA SER Q 424 -24.17 29.43 43.86
C SER Q 424 -22.95 29.64 44.75
N TRP Q 425 -23.05 30.57 45.70
CA TRP Q 425 -21.97 30.86 46.62
C TRP Q 425 -21.85 29.79 47.71
N LEU Q 426 -22.98 29.17 48.05
CA LEU Q 426 -23.01 28.13 49.07
C LEU Q 426 -22.60 26.78 48.47
N ALA Q 427 -22.89 26.59 47.19
CA ALA Q 427 -22.56 25.36 46.48
C ALA Q 427 -21.19 25.48 45.80
N THR Q 428 -20.31 26.28 46.40
CA THR Q 428 -18.97 26.49 45.86
C THR Q 428 -18.01 27.00 46.93
N SER Q 429 -18.51 27.11 48.16
CA SER Q 429 -17.71 27.59 49.28
C SER Q 429 -17.88 26.63 50.45
N HIS Q 430 -19.11 26.16 50.62
CA HIS Q 430 -19.45 25.21 51.69
C HIS Q 430 -19.29 23.79 51.17
N PHE Q 431 -19.53 23.62 49.88
CA PHE Q 431 -19.43 22.32 49.22
C PHE Q 431 -17.96 22.00 48.93
N VAL Q 432 -17.15 23.05 48.82
CA VAL Q 432 -15.72 22.89 48.56
C VAL Q 432 -15.00 22.66 49.88
N LEU Q 433 -15.61 23.12 50.97
CA LEU Q 433 -15.05 22.96 52.30
C LEU Q 433 -15.49 21.61 52.90
N ALA Q 434 -16.56 21.05 52.35
CA ALA Q 434 -17.09 19.77 52.82
C ALA Q 434 -16.39 18.61 52.13
N PHE Q 435 -15.94 18.83 50.90
CA PHE Q 435 -15.26 17.80 50.13
C PHE Q 435 -13.77 17.77 50.45
N PHE Q 436 -13.27 18.86 51.07
CA PHE Q 436 -11.88 18.96 51.45
C PHE Q 436 -11.68 18.40 52.86
N PHE Q 437 -12.68 18.60 53.71
CA PHE Q 437 -12.62 18.11 55.09
C PHE Q 437 -12.90 16.61 55.13
N LEU Q 438 -13.67 16.12 54.16
CA LEU Q 438 -14.02 14.71 54.08
C LEU Q 438 -12.83 13.92 53.56
N VAL Q 439 -12.01 14.56 52.71
CA VAL Q 439 -10.84 13.92 52.14
C VAL Q 439 -9.72 13.86 53.19
N GLY Q 440 -9.78 14.77 54.16
CA GLY Q 440 -8.79 14.81 55.21
C GLY Q 440 -9.24 14.00 56.42
N HIS Q 441 -10.52 13.67 56.48
CA HIS Q 441 -11.09 12.89 57.57
C HIS Q 441 -10.99 11.40 57.27
N LEU Q 442 -11.30 11.03 56.04
CA LEU Q 442 -11.24 9.63 55.61
C LEU Q 442 -9.80 9.14 55.57
N TRP Q 443 -8.87 10.06 55.31
CA TRP Q 443 -7.46 9.74 55.26
C TRP Q 443 -6.89 9.66 56.68
N HIS Q 444 -7.57 10.34 57.60
CA HIS Q 444 -7.17 10.36 59.01
C HIS Q 444 -7.67 9.10 59.72
N ALA Q 445 -8.70 8.47 59.14
CA ALA Q 445 -9.28 7.26 59.70
C ALA Q 445 -8.32 6.09 59.56
N GLY Q 446 -7.50 6.13 58.51
CA GLY Q 446 -6.53 5.07 58.29
C GLY Q 446 -5.27 5.27 59.11
N ARG Q 447 -5.09 6.48 59.62
CA ARG Q 447 -3.93 6.82 60.45
C ARG Q 447 -4.14 6.41 61.90
N ALA Q 448 -5.38 6.08 62.24
CA ALA Q 448 -5.73 5.66 63.59
C ALA Q 448 -5.66 4.14 63.71
N ARG Q 449 -5.99 3.45 62.62
CA ARG Q 449 -5.97 1.99 62.58
C ARG Q 449 -4.57 1.44 62.30
N ALA Q 450 -3.61 2.34 62.09
CA ALA Q 450 -2.23 1.96 61.81
C ALA Q 450 -1.26 2.58 62.81
N ALA Q 451 -1.78 3.40 63.72
CA ALA Q 451 -0.96 4.05 64.74
C ALA Q 451 -0.62 3.12 65.89
N ALA Q 452 -1.51 2.18 66.19
CA ALA Q 452 -1.29 1.22 67.27
C ALA Q 452 -0.74 -0.10 66.75
N ALA Q 453 -0.47 -0.16 65.45
CA ALA Q 453 0.06 -1.35 64.82
C ALA Q 453 1.47 -1.10 64.24
N GLY Q 454 1.77 0.16 63.99
CA GLY Q 454 3.07 0.51 63.43
C GLY Q 454 3.49 1.93 63.77
N PHE Q 455 2.73 2.91 63.30
CA PHE Q 455 2.99 4.33 63.54
C PHE Q 455 4.15 4.85 62.68
N GLU Q 456 5.14 4.00 62.44
CA GLU Q 456 6.30 4.36 61.63
C GLU Q 456 6.07 3.97 60.17
N GLY R 34 30.28 34.00 37.22
CA GLY R 34 28.79 34.02 37.43
C GLY R 34 28.23 35.41 37.62
N ILE R 35 28.94 36.40 37.10
CA ILE R 35 28.51 37.79 37.20
C ILE R 35 27.42 38.10 36.18
N LEU R 36 27.33 37.24 35.16
CA LEU R 36 26.32 37.40 34.10
C LEU R 36 24.92 37.06 34.61
N LEU R 37 24.84 36.04 35.47
CA LEU R 37 23.57 35.60 36.04
C LEU R 37 22.97 36.65 36.98
N PHE R 38 23.85 37.47 37.57
CA PHE R 38 23.41 38.52 38.48
C PHE R 38 22.94 39.76 37.73
N PRO R 39 23.44 39.95 36.50
CA PRO R 39 23.10 41.08 35.63
C PRO R 39 21.89 40.76 34.75
N CYS R 40 21.50 39.49 34.73
CA CYS R 40 20.37 39.03 33.93
C CYS R 40 19.13 38.90 34.81
N ALA R 41 19.32 38.41 36.03
CA ALA R 41 18.22 38.23 36.98
C ALA R 41 17.80 39.56 37.58
N TYR R 42 18.63 40.59 37.37
CA TYR R 42 18.34 41.93 37.87
C TYR R 42 17.64 42.75 36.79
N LEU R 43 17.96 42.44 35.53
CA LEU R 43 17.36 43.14 34.39
C LEU R 43 15.99 42.56 34.06
N ALA R 44 15.83 41.25 34.25
CA ALA R 44 14.57 40.57 33.97
C ALA R 44 13.55 40.88 35.08
N LEU R 45 14.03 41.01 36.31
CA LEU R 45 13.16 41.31 37.44
C LEU R 45 12.96 42.81 37.59
N GLY R 46 13.80 43.59 36.92
CA GLY R 46 13.70 45.04 36.98
C GLY R 46 12.82 45.60 35.87
N GLY R 47 12.53 44.77 34.88
CA GLY R 47 11.68 45.18 33.78
C GLY R 47 10.29 44.62 33.87
N TRP R 48 10.18 43.40 34.40
CA TRP R 48 8.89 42.72 34.55
C TRP R 48 8.04 43.44 35.60
N LEU R 49 8.66 43.77 36.74
CA LEU R 49 7.96 44.45 37.82
C LEU R 49 7.76 45.93 37.50
N THR R 50 8.53 46.43 36.53
CA THR R 50 8.44 47.82 36.11
C THR R 50 7.33 48.01 35.07
N GLY R 51 7.23 47.07 34.13
CA GLY R 51 6.22 47.14 33.10
C GLY R 51 4.80 46.96 33.62
N THR R 52 4.68 46.19 34.70
CA THR R 52 3.38 45.94 35.31
C THR R 52 3.20 46.90 36.49
N THR R 53 3.47 48.17 36.24
CA THR R 53 3.36 49.21 37.26
C THR R 53 3.46 50.61 36.67
N PHE R 54 4.26 50.75 35.61
CA PHE R 54 4.45 52.04 34.94
C PHE R 54 4.74 51.87 33.45
N VAL R 55 3.73 51.42 32.70
CA VAL R 55 3.87 51.22 31.26
C VAL R 55 2.55 51.50 30.54
N THR R 56 2.35 50.83 29.42
CA THR R 56 1.12 50.98 28.62
C THR R 56 1.15 50.06 27.40
N SER R 57 0.96 50.66 26.22
CA SER R 57 0.98 49.91 24.96
C SER R 57 0.73 50.88 23.79
N TRP R 58 -0.54 51.20 23.56
CA TRP R 58 -0.95 52.12 22.49
C TRP R 58 -0.63 51.62 21.08
N TYR R 59 -0.06 50.43 20.99
CA TYR R 59 0.29 49.84 19.70
C TYR R 59 -0.51 48.57 19.48
N THR R 60 -0.89 47.93 20.57
CA THR R 60 -1.67 46.70 20.52
C THR R 60 -2.61 46.67 21.72
N HIS R 61 -3.85 47.11 21.50
CA HIS R 61 -4.88 47.14 22.54
C HIS R 61 -4.52 48.14 23.65
N GLY R 62 -4.39 47.63 24.88
CA GLY R 62 -4.06 48.48 26.01
C GLY R 62 -4.24 47.77 27.33
N LEU R 63 -3.23 47.88 28.19
CA LEU R 63 -3.25 47.26 29.51
C LEU R 63 -2.40 48.06 30.49
N ALA R 64 -2.21 47.50 31.69
CA ALA R 64 -1.42 48.14 32.74
C ALA R 64 -1.78 49.62 32.90
N SER R 65 -3.08 49.90 32.96
CA SER R 65 -3.58 51.26 33.10
C SER R 65 -3.44 51.78 34.52
N SER R 66 -2.37 52.55 34.76
CA SER R 66 -2.09 53.12 36.06
C SER R 66 -2.09 52.09 37.19
N TYR R 67 -1.36 51.00 36.98
CA TYR R 67 -1.25 49.92 37.96
C TYR R 67 -2.61 49.35 38.38
N LEU R 68 -3.48 49.12 37.39
CA LEU R 68 -4.81 48.58 37.63
C LEU R 68 -5.27 47.71 36.46
N GLU R 69 -4.83 46.45 36.47
CA GLU R 69 -5.18 45.50 35.42
C GLU R 69 -5.45 44.12 36.00
N GLY R 70 -6.35 43.37 35.35
CA GLY R 70 -6.68 42.04 35.82
C GLY R 70 -5.60 41.00 35.55
N CYS R 71 -4.61 41.38 34.74
CA CYS R 71 -3.52 40.48 34.39
C CYS R 71 -2.16 41.12 34.61
N ASN R 72 -2.08 42.44 34.43
CA ASN R 72 -0.84 43.20 34.58
C ASN R 72 0.18 42.74 33.53
N PHE R 73 -0.30 42.57 32.30
CA PHE R 73 0.53 42.14 31.19
C PHE R 73 1.42 43.26 30.67
N LEU R 74 2.44 42.88 29.89
CA LEU R 74 3.39 43.82 29.29
C LEU R 74 4.19 43.12 28.21
N THR R 75 3.81 43.35 26.95
CA THR R 75 4.51 42.74 25.82
C THR R 75 4.28 43.55 24.54
N VAL R 76 3.01 43.80 24.23
CA VAL R 76 2.61 44.57 23.05
C VAL R 76 3.22 44.10 21.73
N ALA R 77 4.43 44.56 21.43
CA ALA R 77 5.16 44.23 20.21
C ALA R 77 4.57 44.92 18.99
N VAL R 78 5.12 46.08 18.65
CA VAL R 78 4.66 46.86 17.51
C VAL R 78 4.97 46.20 16.18
N SER R 79 4.07 46.40 15.21
CA SER R 79 4.22 45.83 13.88
C SER R 79 5.47 46.36 13.18
N THR R 80 6.36 45.45 12.80
CA THR R 80 7.59 45.80 12.13
C THR R 80 7.77 44.99 10.85
N GLU R 96 16.84 50.01 14.63
CA GLU R 96 17.02 51.38 15.21
C GLU R 96 15.76 52.23 15.02
N ALA R 97 15.43 53.01 16.04
CA ALA R 97 14.25 53.89 16.01
C ALA R 97 14.32 54.89 17.16
N GLN R 98 14.55 56.16 16.82
CA GLN R 98 14.63 57.23 17.80
C GLN R 98 15.70 57.02 18.88
N GLY R 99 15.27 56.77 20.12
CA GLY R 99 16.19 56.55 21.22
C GLY R 99 15.86 57.41 22.43
N ASP R 100 14.86 56.97 23.19
CA ASP R 100 14.42 57.68 24.38
C ASP R 100 14.34 56.73 25.58
N PHE R 101 13.42 57.02 26.49
CA PHE R 101 13.21 56.20 27.69
C PHE R 101 11.73 56.18 28.07
N THR R 102 10.88 56.66 27.17
CA THR R 102 9.45 56.69 27.41
C THR R 102 8.70 56.45 26.10
N ARG R 103 9.25 56.99 25.01
CA ARG R 103 8.67 56.84 23.69
C ARG R 103 9.17 55.56 23.05
N TRP R 104 10.36 55.13 23.47
CA TRP R 104 10.99 53.91 22.97
C TRP R 104 10.39 52.71 23.69
N CYS R 105 10.02 52.91 24.95
CA CYS R 105 9.42 51.85 25.76
C CYS R 105 7.90 51.83 25.66
N GLN R 106 7.36 52.51 24.65
CA GLN R 106 5.91 52.57 24.45
C GLN R 106 5.44 51.55 23.42
N LEU R 107 5.87 51.75 22.17
CA LEU R 107 5.52 50.87 21.06
C LEU R 107 6.08 49.47 21.27
N GLY R 108 7.14 49.38 22.06
CA GLY R 108 7.77 48.11 22.35
C GLY R 108 8.94 48.27 23.31
N GLY R 109 10.02 47.55 23.05
CA GLY R 109 11.19 47.64 23.90
C GLY R 109 11.05 46.94 25.24
N LEU R 110 9.82 46.69 25.66
CA LEU R 110 9.54 46.02 26.93
C LEU R 110 9.78 44.52 26.80
N TRP R 111 9.07 43.89 25.87
CA TRP R 111 9.20 42.46 25.64
C TRP R 111 10.51 42.21 24.88
N THR R 112 10.97 43.24 24.17
CA THR R 112 12.21 43.16 23.41
C THR R 112 13.44 43.25 24.32
N PHE R 113 13.19 43.44 25.61
CA PHE R 113 14.26 43.52 26.60
C PHE R 113 14.35 42.22 27.39
N ILE R 114 13.19 41.62 27.66
CA ILE R 114 13.10 40.37 28.39
C ILE R 114 13.34 39.16 27.49
N ALA R 115 13.36 39.41 26.18
CA ALA R 115 13.59 38.35 25.20
C ALA R 115 15.00 38.44 24.63
N LEU R 116 15.72 39.49 24.99
CA LEU R 116 17.09 39.69 24.52
C LEU R 116 18.08 39.60 25.67
N HIS R 117 17.58 39.77 26.89
CA HIS R 117 18.41 39.72 28.09
C HIS R 117 18.06 38.52 28.97
N GLY R 118 16.79 38.15 28.96
CA GLY R 118 16.33 37.02 29.76
C GLY R 118 16.47 35.68 29.04
N ALA R 119 16.72 35.74 27.74
CA ALA R 119 16.89 34.55 26.90
C ALA R 119 18.36 34.29 26.59
N PHE R 120 19.09 35.36 26.30
CA PHE R 120 20.52 35.27 25.97
C PHE R 120 21.31 34.99 27.25
N GLY R 121 21.03 35.77 28.29
CA GLY R 121 21.70 35.59 29.56
C GLY R 121 20.90 34.70 30.50
N LEU R 122 20.49 33.54 30.01
CA LEU R 122 19.73 32.59 30.80
C LEU R 122 20.61 31.87 31.83
N ILE R 123 21.77 31.43 31.38
CA ILE R 123 22.75 30.73 32.22
C ILE R 123 22.12 29.54 32.96
N GLY R 124 21.91 29.71 34.27
CA GLY R 124 21.30 28.65 35.07
C GLY R 124 22.12 27.36 35.10
N PHE R 125 21.83 26.47 34.15
CA PHE R 125 22.52 25.19 34.05
C PHE R 125 23.93 25.36 33.48
N MET R 126 24.12 26.39 32.67
CA MET R 126 25.41 26.66 32.05
C MET R 126 26.40 27.29 33.03
N LEU R 127 25.87 27.86 34.11
CA LEU R 127 26.68 28.49 35.15
C LEU R 127 26.91 27.54 36.32
N ARG R 128 26.02 26.56 36.47
CA ARG R 128 26.12 25.58 37.54
C ARG R 128 26.96 24.37 37.16
N GLN R 129 27.03 24.07 35.87
CA GLN R 129 27.81 22.94 35.38
C GLN R 129 29.30 23.24 35.28
N PHE R 130 29.67 24.47 35.63
CA PHE R 130 31.07 24.90 35.60
C PHE R 130 31.53 25.40 36.97
N GLU R 131 30.77 25.05 38.00
CA GLU R 131 31.08 25.45 39.37
C GLU R 131 30.81 24.30 40.33
N ILE R 132 29.83 23.47 39.99
CA ILE R 132 29.45 22.32 40.79
C ILE R 132 30.25 21.10 40.36
N ALA R 133 30.33 20.87 39.05
CA ALA R 133 31.07 19.75 38.50
C ALA R 133 32.58 19.93 38.65
N ARG R 134 32.98 21.11 39.13
CA ARG R 134 34.38 21.43 39.33
C ARG R 134 34.75 21.35 40.81
N LEU R 135 33.75 21.47 41.68
CA LEU R 135 33.95 21.41 43.12
C LEU R 135 33.36 20.13 43.72
N VAL R 136 32.06 19.95 43.56
CA VAL R 136 31.35 18.78 44.08
C VAL R 136 31.29 17.67 43.03
N GLY R 137 30.30 17.76 42.13
CA GLY R 137 30.16 16.77 41.09
C GLY R 137 28.73 16.50 40.66
N VAL R 138 28.59 15.61 39.68
CA VAL R 138 27.29 15.22 39.14
C VAL R 138 26.59 16.32 38.34
N ARG R 139 27.01 16.48 37.09
CA ARG R 139 26.43 17.49 36.20
C ARG R 139 25.29 16.88 35.38
N PRO R 140 24.30 16.28 36.08
CA PRO R 140 23.12 15.65 35.46
C PRO R 140 21.90 16.57 35.43
N TYR R 141 21.80 17.46 36.43
CA TYR R 141 20.69 18.40 36.52
C TYR R 141 20.76 19.48 35.46
N ASN R 142 21.92 19.64 34.85
CA ASN R 142 22.14 20.64 33.81
C ASN R 142 21.47 20.25 32.50
N ALA R 143 21.26 18.94 32.32
CA ALA R 143 20.62 18.44 31.10
C ALA R 143 19.11 18.66 31.13
N ILE R 144 18.53 18.68 32.33
CA ILE R 144 17.10 18.88 32.51
C ILE R 144 16.70 20.34 32.34
N ALA R 145 17.63 21.25 32.67
CA ALA R 145 17.35 22.67 32.54
C ALA R 145 17.52 23.14 31.10
N PHE R 146 18.33 22.42 30.32
CA PHE R 146 18.57 22.75 28.92
C PHE R 146 17.55 22.11 27.99
N SER R 147 16.30 22.10 28.43
CA SER R 147 15.21 21.51 27.65
C SER R 147 13.87 21.91 28.27
N ALA R 148 13.79 21.84 29.59
CA ALA R 148 12.57 22.17 30.31
C ALA R 148 12.44 23.67 30.60
N PRO R 149 13.51 24.44 30.39
CA PRO R 149 13.54 25.88 30.63
C PRO R 149 14.26 26.67 29.54
N ILE R 150 15.20 26.01 28.87
CA ILE R 150 15.97 26.64 27.80
C ILE R 150 15.26 26.54 26.45
N ALA R 151 14.60 25.42 26.22
CA ALA R 151 13.87 25.19 24.96
C ALA R 151 12.47 25.78 25.04
N VAL R 152 11.93 25.88 26.24
CA VAL R 152 10.59 26.40 26.45
C VAL R 152 10.48 27.91 26.18
N PHE R 153 11.61 28.61 26.29
CA PHE R 153 11.63 30.05 26.04
C PHE R 153 12.25 30.38 24.69
N VAL R 154 13.23 29.59 24.27
CA VAL R 154 13.92 29.82 23.00
C VAL R 154 13.05 29.47 21.78
N SER R 155 11.90 28.85 22.03
CA SER R 155 10.99 28.46 20.97
C SER R 155 9.96 29.56 20.71
N VAL R 156 9.53 30.22 21.78
CA VAL R 156 8.55 31.29 21.67
C VAL R 156 9.19 32.65 21.36
N PHE R 157 10.48 32.64 21.06
CA PHE R 157 11.20 33.87 20.75
C PHE R 157 12.19 33.70 19.59
N LEU R 158 12.01 32.64 18.81
CA LEU R 158 12.88 32.36 17.67
C LEU R 158 12.15 31.57 16.58
N ILE R 159 10.90 31.22 16.83
CA ILE R 159 10.11 30.47 15.87
C ILE R 159 8.84 31.23 15.49
N TYR R 160 8.02 31.52 16.48
CA TYR R 160 6.78 32.25 16.28
C TYR R 160 7.10 33.70 15.92
N PRO R 161 8.27 34.19 16.37
CA PRO R 161 8.80 35.54 16.15
C PRO R 161 9.56 35.63 14.83
N LEU R 162 9.09 36.47 13.93
CA LEU R 162 9.70 36.67 12.62
C LEU R 162 9.73 35.41 11.76
N GLY R 163 8.57 34.77 11.60
CA GLY R 163 8.47 33.57 10.81
C GLY R 163 7.12 33.44 10.12
N PHE R 169 3.89 38.21 12.72
CA PHE R 169 5.37 38.38 12.69
C PHE R 169 5.81 39.46 13.67
N ALA R 170 4.84 40.20 14.20
CA ALA R 170 5.11 41.25 15.17
C ALA R 170 4.85 40.74 16.58
N PRO R 171 3.57 40.51 16.92
CA PRO R 171 3.17 40.02 18.25
C PRO R 171 3.52 38.54 18.42
N SER R 172 4.50 38.27 19.29
CA SER R 172 4.95 36.92 19.55
C SER R 172 4.14 36.16 20.60
N PHE R 173 4.27 36.55 21.87
CA PHE R 173 3.56 35.87 22.95
C PHE R 173 3.35 36.80 24.15
N GLY R 174 2.64 36.29 25.17
CA GLY R 174 2.39 37.07 26.36
C GLY R 174 3.39 36.80 27.46
N VAL R 175 3.42 37.70 28.45
CA VAL R 175 4.35 37.56 29.57
C VAL R 175 3.69 37.98 30.88
N ALA R 176 2.69 37.20 31.30
CA ALA R 176 1.97 37.48 32.54
C ALA R 176 1.16 36.27 32.97
N ALA R 177 -0.05 36.51 33.47
CA ALA R 177 -0.94 35.43 33.91
C ALA R 177 -2.03 35.16 32.90
N ILE R 178 -2.85 36.19 32.62
CA ILE R 178 -3.94 36.06 31.66
C ILE R 178 -3.45 36.38 30.25
N PHE R 179 -2.26 36.94 30.15
CA PHE R 179 -1.67 37.28 28.85
C PHE R 179 -1.16 36.01 28.18
N ARG R 180 -0.51 35.16 28.97
CA ARG R 180 0.03 33.90 28.46
C ARG R 180 -1.07 32.83 28.42
N PHE R 181 -2.23 33.16 28.99
CA PHE R 181 -3.37 32.26 29.01
C PHE R 181 -4.31 32.50 27.84
N LEU R 182 -4.24 33.70 27.28
CA LEU R 182 -5.08 34.07 26.14
C LEU R 182 -4.37 33.80 24.81
N LEU R 183 -3.04 33.80 24.86
CA LEU R 183 -2.23 33.55 23.68
C LEU R 183 -2.06 32.04 23.46
N PHE R 184 -2.20 31.27 24.53
CA PHE R 184 -2.08 29.82 24.46
C PHE R 184 -3.46 29.21 24.20
N PHE R 185 -4.48 30.05 24.21
CA PHE R 185 -5.86 29.63 23.97
C PHE R 185 -6.23 29.88 22.51
N GLN R 186 -5.78 31.02 21.98
CA GLN R 186 -6.04 31.40 20.61
C GLN R 186 -5.02 30.76 19.67
N GLY R 187 -3.81 30.54 20.19
CA GLY R 187 -2.76 29.94 19.39
C GLY R 187 -2.99 28.44 19.22
N PHE R 188 -3.51 27.81 20.26
CA PHE R 188 -3.79 26.38 20.23
C PHE R 188 -5.15 26.10 19.59
N HIS R 189 -5.80 27.15 19.08
CA HIS R 189 -7.10 27.02 18.44
C HIS R 189 -6.93 26.76 16.94
N ASN R 190 -5.95 27.43 16.34
CA ASN R 190 -5.67 27.29 14.91
C ASN R 190 -5.19 25.89 14.53
N TRP R 191 -4.62 25.18 15.50
CA TRP R 191 -4.13 23.82 15.28
C TRP R 191 -4.74 22.83 16.26
N THR R 192 -4.36 22.94 17.54
CA THR R 192 -4.87 22.06 18.59
C THR R 192 -4.44 20.61 18.37
N LEU R 193 -5.41 19.69 18.51
CA LEU R 193 -5.18 18.26 18.34
C LEU R 193 -4.12 17.72 19.30
N ASN R 194 -3.40 16.69 18.85
CA ASN R 194 -2.34 16.07 19.65
C ASN R 194 -1.37 15.29 18.75
N PRO R 195 -0.66 16.00 17.87
CA PRO R 195 0.32 15.43 16.94
C PRO R 195 1.69 15.31 17.60
N PHE R 196 2.23 16.45 18.03
CA PHE R 196 3.53 16.51 18.69
C PHE R 196 3.34 16.97 20.14
N HIS R 197 2.39 17.87 20.35
CA HIS R 197 2.11 18.39 21.68
C HIS R 197 1.50 17.35 22.62
N MET R 198 1.33 16.13 22.10
CA MET R 198 0.77 15.04 22.90
C MET R 198 1.81 14.51 23.88
N MET R 199 3.08 14.73 23.57
CA MET R 199 4.19 14.30 24.42
C MET R 199 4.45 15.32 25.52
N GLY R 200 4.27 16.60 25.19
CA GLY R 200 4.48 17.66 26.16
C GLY R 200 3.38 17.72 27.20
N VAL R 201 2.26 17.08 26.90
CA VAL R 201 1.12 17.04 27.79
C VAL R 201 1.15 15.76 28.64
N ALA R 202 1.73 14.70 28.09
CA ALA R 202 1.85 13.43 28.78
C ALA R 202 3.05 13.42 29.72
N GLY R 203 4.00 14.33 29.49
CA GLY R 203 5.18 14.42 30.33
C GLY R 203 4.89 15.15 31.62
N VAL R 204 4.03 16.17 31.53
CA VAL R 204 3.65 16.96 32.70
C VAL R 204 2.67 16.19 33.59
N LEU R 205 2.11 15.11 33.04
CA LEU R 205 1.17 14.26 33.77
C LEU R 205 1.83 12.93 34.12
N GLY R 206 3.04 12.71 33.59
CA GLY R 206 3.77 11.49 33.85
C GLY R 206 4.85 11.69 34.90
N GLY R 207 5.46 12.87 34.89
CA GLY R 207 6.49 13.18 35.85
C GLY R 207 5.90 13.64 37.17
N ALA R 208 4.69 14.21 37.11
CA ALA R 208 4.00 14.68 38.30
C ALA R 208 3.37 13.51 39.04
N LEU R 209 2.95 12.50 38.28
CA LEU R 209 2.34 11.31 38.83
C LEU R 209 3.40 10.37 39.40
N LEU R 210 4.60 10.44 38.83
CA LEU R 210 5.72 9.63 39.28
C LEU R 210 6.27 10.15 40.60
N CYS R 211 6.04 11.43 40.85
CA CYS R 211 6.48 12.09 42.08
C CYS R 211 5.40 11.99 43.17
N ALA R 212 4.15 11.79 42.74
CA ALA R 212 3.03 11.67 43.65
C ALA R 212 2.86 10.24 44.14
N ILE R 213 3.15 9.28 43.26
CA ILE R 213 3.05 7.86 43.60
C ILE R 213 4.30 7.40 44.35
N HIS R 214 5.37 8.16 44.22
CA HIS R 214 6.63 7.84 44.88
C HIS R 214 6.73 8.56 46.23
N GLY R 215 6.13 9.75 46.30
CA GLY R 215 6.15 10.52 47.53
C GLY R 215 5.14 10.02 48.54
N ALA R 216 4.13 9.31 48.06
CA ALA R 216 3.08 8.77 48.93
C ALA R 216 3.32 7.29 49.22
N THR R 217 4.31 6.69 48.57
CA THR R 217 4.64 5.29 48.77
C THR R 217 5.90 5.13 49.62
N VAL R 218 6.73 6.17 49.64
CA VAL R 218 7.97 6.15 50.41
C VAL R 218 7.75 6.67 51.82
N GLU R 219 6.76 7.56 51.97
CA GLU R 219 6.44 8.14 53.27
C GLU R 219 5.61 7.19 54.13
N ASN R 220 4.84 6.33 53.46
CA ASN R 220 4.00 5.36 54.15
C ASN R 220 4.63 3.97 54.22
N THR R 221 5.79 3.82 53.59
CA THR R 221 6.50 2.54 53.57
C THR R 221 6.98 2.13 54.96
N TYR R 244 12.31 6.82 65.31
CA TYR R 244 12.07 5.93 64.12
C TYR R 244 10.95 4.92 64.39
N SER R 245 10.74 4.03 63.44
CA SER R 245 9.71 3.00 63.56
C SER R 245 10.06 1.81 62.67
N MET R 246 9.05 1.02 62.32
CA MET R 246 9.24 -0.14 61.46
C MET R 246 9.47 0.28 60.01
N VAL R 247 9.07 1.51 59.69
CA VAL R 247 9.22 2.06 58.35
C VAL R 247 10.64 2.55 58.07
N THR R 248 11.02 3.66 58.69
CA THR R 248 12.34 4.25 58.51
C THR R 248 12.51 4.76 57.08
N ALA R 249 13.39 4.11 56.31
CA ALA R 249 13.65 4.47 54.92
C ALA R 249 14.75 3.56 54.34
N ASN R 250 14.34 2.40 53.85
CA ASN R 250 15.27 1.43 53.26
C ASN R 250 14.59 0.63 52.15
N ARG R 251 13.58 1.23 51.54
CA ARG R 251 12.80 0.61 50.46
C ARG R 251 11.98 -0.58 50.96
N PHE R 252 12.15 -1.74 50.32
CA PHE R 252 11.42 -2.96 50.69
C PHE R 252 9.92 -2.89 50.39
N TRP R 253 9.50 -1.80 49.73
CA TRP R 253 8.09 -1.61 49.39
C TRP R 253 7.83 -2.05 47.95
N SER R 254 8.69 -2.93 47.44
CA SER R 254 8.55 -3.43 46.07
C SER R 254 7.61 -4.62 45.98
N GLN R 255 7.05 -5.02 47.12
CA GLN R 255 6.11 -6.14 47.17
C GLN R 255 4.70 -5.64 47.46
N ILE R 256 4.61 -4.47 48.08
CA ILE R 256 3.32 -3.87 48.41
C ILE R 256 2.75 -3.11 47.22
N PHE R 257 3.64 -2.57 46.38
CA PHE R 257 3.23 -1.82 45.20
C PHE R 257 3.30 -2.70 43.96
N GLY R 258 4.18 -3.71 43.99
CA GLY R 258 4.33 -4.62 42.87
C GLY R 258 3.09 -5.45 42.58
N ILE R 259 2.38 -5.81 43.65
CA ILE R 259 1.16 -6.61 43.53
C ILE R 259 -0.01 -5.73 43.10
N ALA R 260 0.24 -4.44 42.94
CA ALA R 260 -0.78 -3.49 42.55
C ALA R 260 -0.63 -2.98 41.12
N PHE R 261 0.58 -2.58 40.76
CA PHE R 261 0.84 -2.07 39.41
C PHE R 261 2.34 -2.04 39.08
N SER R 262 2.75 -2.98 38.21
CA SER R 262 4.14 -3.07 37.77
C SER R 262 5.12 -3.25 38.94
N ASN R 263 6.33 -2.73 38.79
CA ASN R 263 7.35 -2.81 39.82
C ASN R 263 8.61 -2.06 39.42
N LYS R 264 9.20 -1.37 40.38
CA LYS R 264 10.41 -0.59 40.14
C LYS R 264 11.65 -1.50 40.21
N ARG R 265 12.51 -1.38 39.22
CA ARG R 265 13.74 -2.17 39.16
C ARG R 265 14.77 -1.60 40.13
N TRP R 266 14.41 -0.49 40.77
CA TRP R 266 15.27 0.21 41.72
C TRP R 266 16.45 0.85 40.99
N LEU R 267 17.63 0.78 41.59
CA LEU R 267 18.86 1.35 41.03
C LEU R 267 18.80 2.87 40.91
N HIS R 268 18.00 3.49 41.78
CA HIS R 268 17.84 4.95 41.78
C HIS R 268 17.29 5.48 40.46
N PHE R 269 16.59 4.61 39.72
CA PHE R 269 16.03 5.01 38.44
C PHE R 269 14.76 5.87 38.63
N PHE R 270 14.40 6.13 39.89
CA PHE R 270 13.23 6.94 40.20
C PHE R 270 13.48 8.41 39.88
N MET R 271 14.75 8.81 39.93
CA MET R 271 15.13 10.18 39.64
C MET R 271 15.56 10.35 38.18
N LEU R 272 15.99 9.25 37.56
CA LEU R 272 16.43 9.25 36.18
C LEU R 272 15.26 9.20 35.20
N PHE R 273 14.20 8.52 35.61
CA PHE R 273 13.01 8.38 34.77
C PHE R 273 12.20 9.67 34.76
N VAL R 274 12.18 10.36 35.89
CA VAL R 274 11.45 11.62 36.02
C VAL R 274 12.16 12.74 35.26
N PRO R 275 13.50 12.64 35.12
CA PRO R 275 14.33 13.61 34.43
C PRO R 275 14.27 13.41 32.92
N VAL R 276 14.05 12.16 32.50
CA VAL R 276 13.95 11.81 31.09
C VAL R 276 12.50 11.92 30.62
N THR R 277 11.65 12.44 31.49
CA THR R 277 10.23 12.61 31.18
C THR R 277 9.85 14.08 31.07
N GLY R 278 10.38 14.90 31.98
CA GLY R 278 10.09 16.32 31.96
C GLY R 278 10.96 17.10 31.00
N LEU R 279 12.14 16.58 30.72
CA LEU R 279 13.08 17.23 29.81
C LEU R 279 12.81 16.84 28.36
N TRP R 280 12.36 15.60 28.15
CA TRP R 280 12.06 15.09 26.82
C TRP R 280 10.66 15.51 26.37
N MET R 281 9.86 16.01 27.31
CA MET R 281 8.51 16.46 27.02
C MET R 281 8.52 17.92 26.59
N SER R 282 9.32 18.72 27.28
CA SER R 282 9.44 20.14 26.97
C SER R 282 10.22 20.33 25.67
N ALA R 283 11.10 19.38 25.36
CA ALA R 283 11.90 19.42 24.14
C ALA R 283 11.06 18.99 22.94
N ILE R 284 10.03 18.19 23.21
CA ILE R 284 9.14 17.70 22.16
C ILE R 284 8.00 18.69 21.93
N GLY R 285 7.53 19.30 23.01
CA GLY R 285 6.45 20.28 22.92
C GLY R 285 6.94 21.58 22.31
N VAL R 286 8.21 21.88 22.51
CA VAL R 286 8.82 23.09 21.96
C VAL R 286 9.11 22.89 20.49
N VAL R 287 9.42 21.64 20.12
CA VAL R 287 9.71 21.29 18.73
C VAL R 287 8.43 21.22 17.93
N GLY R 288 7.31 20.99 18.62
CA GLY R 288 6.02 20.91 17.97
C GLY R 288 5.45 22.30 17.75
N LEU R 289 5.82 23.22 18.62
CA LEU R 289 5.37 24.62 18.54
C LEU R 289 6.29 25.42 17.62
N ALA R 290 7.51 24.94 17.47
CA ALA R 290 8.51 25.59 16.61
C ALA R 290 8.32 25.15 15.16
N LEU R 291 7.50 24.13 14.96
CA LEU R 291 7.22 23.60 13.63
C LEU R 291 5.93 24.19 13.07
N ASN R 292 4.92 24.32 13.92
CA ASN R 292 3.63 24.87 13.51
C ASN R 292 3.78 26.30 13.00
N LEU R 293 4.65 27.06 13.66
CA LEU R 293 4.91 28.44 13.28
C LEU R 293 5.75 28.50 12.01
N ARG R 294 6.74 27.61 11.92
CA ARG R 294 7.63 27.53 10.77
C ARG R 294 6.99 26.75 9.61
N SER R 295 5.67 26.66 9.61
CA SER R 295 4.91 25.97 8.58
C SER R 295 5.06 24.46 8.58
N TYR R 296 4.07 23.78 9.17
CA TYR R 296 4.05 22.33 9.27
C TYR R 296 2.66 21.81 8.92
N ASP R 297 1.97 21.24 9.90
CA ASP R 297 0.62 20.71 9.69
C ASP R 297 -0.18 20.83 10.98
N PHE R 298 -0.15 19.78 11.80
CA PHE R 298 -0.87 19.71 13.07
C PHE R 298 -2.39 19.60 12.92
N ILE R 299 -2.99 20.48 12.13
CA ILE R 299 -4.44 20.47 11.92
C ILE R 299 -4.87 19.67 10.71
N SER R 300 -6.15 19.31 10.68
CA SER R 300 -6.77 18.53 9.61
C SER R 300 -6.31 17.08 9.55
N GLN R 301 -7.25 16.17 9.84
CA GLN R 301 -6.96 14.74 9.82
C GLN R 301 -6.61 14.27 8.41
N GLU R 302 -6.99 15.07 7.42
CA GLU R 302 -6.74 14.79 6.00
C GLU R 302 -7.55 13.60 5.48
N ILE R 303 -7.81 12.62 6.35
CA ILE R 303 -8.59 11.44 5.99
C ILE R 303 -10.06 11.69 6.26
N ARG R 304 -10.35 12.49 7.28
CA ARG R 304 -11.72 12.82 7.65
C ARG R 304 -12.16 14.14 7.02
N ALA R 305 -11.19 14.93 6.58
CA ALA R 305 -11.47 16.22 5.96
C ALA R 305 -11.86 16.06 4.49
N ALA R 306 -11.54 14.92 3.91
CA ALA R 306 -11.84 14.63 2.51
C ALA R 306 -13.05 13.71 2.38
N GLU R 307 -13.43 13.07 3.49
CA GLU R 307 -14.55 12.14 3.49
C GLU R 307 -15.88 12.82 3.84
N ASP R 308 -15.83 14.12 4.13
CA ASP R 308 -17.03 14.88 4.48
C ASP R 308 -17.90 15.17 3.25
N PRO R 309 -18.53 14.12 2.70
CA PRO R 309 -19.41 14.20 1.53
C PRO R 309 -20.88 14.41 1.89
N GLU R 310 -21.27 13.92 3.07
CA GLU R 310 -22.64 14.05 3.53
C GLU R 310 -22.76 14.06 5.05
N PHE R 311 -23.35 13.00 5.60
CA PHE R 311 -23.54 12.88 7.04
C PHE R 311 -22.39 12.13 7.73
N GLU R 312 -21.65 12.84 8.58
CA GLU R 312 -20.53 12.26 9.31
C GLU R 312 -20.62 12.62 10.79
N THR R 313 -20.00 13.73 11.15
CA THR R 313 -19.99 14.23 12.53
C THR R 313 -19.22 13.31 13.50
N PHE R 314 -18.14 13.84 14.04
CA PHE R 314 -17.30 13.10 14.98
C PHE R 314 -16.63 14.05 15.96
N TYR R 315 -15.49 13.62 16.51
CA TYR R 315 -14.75 14.45 17.46
C TYR R 315 -13.84 15.44 16.76
N THR R 316 -13.72 15.30 15.44
CA THR R 316 -12.89 16.19 14.63
C THR R 316 -13.74 17.23 13.92
N LYS R 317 -15.01 16.90 13.72
CA LYS R 317 -15.95 17.78 13.05
C LYS R 317 -16.54 18.81 14.03
N ASN R 318 -16.48 18.48 15.32
CA ASN R 318 -17.00 19.37 16.36
C ASN R 318 -15.87 20.22 16.95
N LEU R 319 -14.63 19.85 16.63
CA LEU R 319 -13.46 20.57 17.12
C LEU R 319 -13.04 21.65 16.13
N LEU R 320 -13.19 21.35 14.84
CA LEU R 320 -12.83 22.28 13.77
C LEU R 320 -13.92 23.33 13.57
N LEU R 321 -15.06 23.15 14.23
CA LEU R 321 -16.17 24.08 14.13
C LEU R 321 -16.20 25.02 15.34
N ASN R 322 -15.62 24.57 16.44
CA ASN R 322 -15.56 25.35 17.67
C ASN R 322 -14.26 26.16 17.76
N GLU R 323 -13.42 26.01 16.74
CA GLU R 323 -12.14 26.72 16.69
C GLU R 323 -12.00 27.46 15.37
N GLY R 324 -12.79 27.07 14.38
CA GLY R 324 -12.76 27.70 13.08
C GLY R 324 -13.70 28.89 13.01
N ILE R 325 -14.76 28.84 13.81
CA ILE R 325 -15.75 29.90 13.85
C ILE R 325 -15.48 30.85 15.03
N ARG R 326 -14.74 30.36 16.01
CA ARG R 326 -14.39 31.15 17.18
C ARG R 326 -13.21 32.06 16.90
N ALA R 327 -12.36 31.65 15.97
CA ALA R 327 -11.18 32.42 15.59
C ALA R 327 -11.49 33.40 14.47
N TRP R 328 -12.61 33.18 13.78
CA TRP R 328 -13.03 34.04 12.69
C TRP R 328 -13.58 35.36 13.22
N MET R 329 -14.47 35.27 14.19
CA MET R 329 -15.09 36.45 14.80
C MET R 329 -14.25 36.99 15.95
N ALA R 330 -14.68 38.13 16.51
CA ALA R 330 -14.00 38.77 17.63
C ALA R 330 -12.56 39.17 17.35
N PRO R 331 -12.14 39.08 16.08
CA PRO R 331 -10.78 39.43 15.62
C PRO R 331 -10.39 40.85 16.01
N GLN R 332 -9.31 40.97 16.76
CA GLN R 332 -8.82 42.27 17.20
C GLN R 332 -7.32 42.24 17.53
N ASP R 333 -6.67 41.14 17.18
CA ASP R 333 -5.23 40.98 17.42
C ASP R 333 -4.43 41.87 16.48
N GLN R 334 -4.72 41.74 15.18
CA GLN R 334 -4.04 42.53 14.16
C GLN R 334 -4.71 43.88 13.96
N PRO R 335 -3.93 44.97 14.07
CA PRO R 335 -4.44 46.33 13.91
C PRO R 335 -4.22 46.87 12.49
N HIS R 336 -4.10 45.96 11.52
CA HIS R 336 -3.88 46.34 10.14
C HIS R 336 -4.45 45.32 9.15
N GLU R 337 -4.50 44.06 9.57
CA GLU R 337 -5.02 43.00 8.73
C GLU R 337 -6.54 42.89 8.87
N ASN R 338 -7.04 42.98 10.09
CA ASN R 338 -8.46 42.89 10.37
C ASN R 338 -9.17 44.19 9.98
N PHE R 339 -10.43 44.06 9.58
CA PHE R 339 -11.25 45.22 9.20
C PHE R 339 -12.73 44.94 9.40
N VAL R 340 -13.44 44.64 8.31
CA VAL R 340 -14.87 44.34 8.40
C VAL R 340 -15.11 42.86 8.61
N PHE R 341 -15.76 42.52 9.72
CA PHE R 341 -16.05 41.13 10.05
C PHE R 341 -17.44 40.99 10.67
N PRO R 342 -18.02 42.10 11.13
CA PRO R 342 -19.36 42.10 11.74
C PRO R 342 -20.47 42.27 10.70
N GLU R 343 -21.29 43.31 10.87
CA GLU R 343 -22.39 43.60 9.96
C GLU R 343 -23.51 42.55 10.01
N GLU R 344 -23.48 41.71 11.04
CA GLU R 344 -24.47 40.66 11.22
C GLU R 344 -24.56 39.70 10.04
N VAL R 345 -23.41 39.15 9.65
CA VAL R 345 -23.33 38.21 8.52
C VAL R 345 -22.07 37.35 8.64
N LEU R 346 -21.52 37.28 9.85
CA LEU R 346 -20.32 36.50 10.11
C LEU R 346 -20.66 35.02 10.31
N PRO R 347 -19.70 34.25 10.85
CA PRO R 347 -19.83 32.82 11.12
C PRO R 347 -20.49 32.51 12.47
N ARG R 348 -20.72 31.22 12.72
CA ARG R 348 -21.34 30.74 13.95
C ARG R 348 -22.82 31.09 14.09
N GLY R 349 -23.66 30.06 14.06
CA GLY R 349 -25.10 30.26 14.18
C GLY R 349 -25.79 29.05 14.76
N ASN R 350 -26.33 29.20 15.97
CA ASN R 350 -27.01 28.11 16.66
C ASN R 350 -28.15 28.64 17.54
N ALA R 351 -27.83 29.63 18.36
CA ALA R 351 -28.81 30.24 19.27
C ALA R 351 -28.45 31.69 19.54
N LEU R 352 -27.15 31.97 19.62
CA LEU R 352 -26.63 33.32 19.87
C LEU R 352 -27.11 33.88 21.22
N THR S 25 13.05 54.08 59.72
CA THR S 25 13.30 55.13 58.68
C THR S 25 13.39 54.54 57.28
N ILE S 26 13.42 53.22 57.19
CA ILE S 26 13.50 52.54 55.91
C ILE S 26 12.15 52.60 55.19
N PRO S 27 11.06 52.50 55.96
CA PRO S 27 9.67 52.53 55.48
C PRO S 27 9.14 53.96 55.35
N ALA S 28 9.95 54.92 55.77
CA ALA S 28 9.58 56.33 55.71
C ALA S 28 10.26 57.02 54.54
N LEU S 29 11.34 56.39 54.04
CA LEU S 29 12.10 56.92 52.92
C LEU S 29 11.63 56.31 51.60
N PHE S 30 11.10 55.10 51.67
CA PHE S 30 10.62 54.40 50.49
C PHE S 30 9.29 54.97 50.01
N ILE S 31 8.37 55.17 50.95
CA ILE S 31 7.05 55.73 50.63
C ILE S 31 7.13 57.19 50.21
N ALA S 32 8.31 57.78 50.37
CA ALA S 32 8.54 59.18 50.01
C ALA S 32 9.00 59.30 48.55
N GLY S 33 9.19 58.17 47.88
CA GLY S 33 9.63 58.18 46.50
C GLY S 33 8.83 57.24 45.60
N TRP S 34 7.64 56.84 46.05
CA TRP S 34 6.78 55.94 45.30
C TRP S 34 5.40 56.56 45.12
N LEU S 35 4.77 56.91 46.24
CA LEU S 35 3.44 57.52 46.24
C LEU S 35 3.52 58.96 45.73
N PHE S 36 4.73 59.51 45.75
CA PHE S 36 4.98 60.88 45.29
C PHE S 36 5.30 60.88 43.80
N VAL S 37 6.04 59.86 43.36
CA VAL S 37 6.42 59.73 41.95
C VAL S 37 5.34 59.00 41.15
N SER S 38 4.11 59.07 41.63
CA SER S 38 2.98 58.40 40.97
C SER S 38 1.74 59.28 40.99
N THR S 39 1.46 59.87 42.15
CA THR S 39 0.30 60.73 42.33
C THR S 39 0.63 62.21 42.12
N GLY S 40 1.87 62.50 41.75
CA GLY S 40 2.26 63.87 41.52
C GLY S 40 3.69 64.07 41.04
N LEU S 41 4.07 63.31 40.00
CA LEU S 41 5.41 63.41 39.44
C LEU S 41 5.47 64.48 38.35
N ARG T 18 29.30 41.54 50.49
CA ARG T 18 28.96 40.26 49.82
C ARG T 18 27.48 39.90 49.96
N TRP T 19 26.98 39.98 51.20
CA TRP T 19 25.58 39.68 51.49
C TRP T 19 24.65 40.82 51.11
N VAL T 20 25.14 42.05 51.28
CA VAL T 20 24.36 43.24 50.96
C VAL T 20 24.50 43.62 49.48
N ALA T 21 23.63 43.04 48.66
CA ALA T 21 23.64 43.30 47.22
C ALA T 21 22.26 43.02 46.62
N VAL T 22 21.63 41.96 47.09
CA VAL T 22 20.31 41.56 46.61
C VAL T 22 19.22 42.51 47.10
N HIS T 23 19.50 43.21 48.20
CA HIS T 23 18.56 44.16 48.78
C HIS T 23 18.43 45.42 47.93
N THR T 24 19.41 45.64 47.05
CA THR T 24 19.41 46.80 46.18
C THR T 24 18.32 46.70 45.11
N LEU T 25 18.12 45.49 44.59
CA LEU T 25 17.10 45.25 43.58
C LEU T 25 15.74 44.99 44.21
N ALA T 26 15.76 44.51 45.45
CA ALA T 26 14.54 44.21 46.20
C ALA T 26 13.86 45.49 46.68
N VAL T 27 14.55 46.62 46.51
CA VAL T 27 14.03 47.92 46.91
C VAL T 27 12.80 48.29 46.07
N PRO T 28 12.70 47.72 44.86
CA PRO T 28 11.61 47.95 43.92
C PRO T 28 10.31 47.25 44.36
N THR T 29 10.38 46.54 45.48
CA THR T 29 9.21 45.85 46.01
C THR T 29 8.29 46.82 46.74
N ILE T 30 8.91 47.84 47.35
CA ILE T 30 8.15 48.87 48.07
C ILE T 30 7.75 49.99 47.12
N PHE T 31 8.53 50.17 46.06
CA PHE T 31 8.26 51.20 45.06
C PHE T 31 7.13 50.78 44.12
N PHE T 32 6.60 49.58 44.35
CA PHE T 32 5.50 49.05 43.54
C PHE T 32 4.25 48.86 44.39
N LEU T 33 4.43 48.87 45.71
CA LEU T 33 3.33 48.71 46.65
C LEU T 33 2.65 50.05 46.93
N GLY T 34 3.43 51.13 46.84
CA GLY T 34 2.89 52.45 47.08
C GLY T 34 2.33 53.11 45.83
N ALA T 35 2.91 52.76 44.68
CA ALA T 35 2.46 53.32 43.41
C ALA T 35 1.09 52.77 43.02
N ILE T 36 0.75 51.60 43.57
CA ILE T 36 -0.54 50.97 43.31
C ILE T 36 -1.61 51.52 44.24
N ALA T 37 -1.18 52.04 45.39
CA ALA T 37 -2.08 52.60 46.38
C ALA T 37 -2.33 54.09 46.13
N ALA T 38 -1.46 54.70 45.33
CA ALA T 38 -1.58 56.12 45.00
C ALA T 38 -2.44 56.34 43.77
N MET T 39 -2.49 55.33 42.89
CA MET T 39 -3.28 55.41 41.67
C MET T 39 -4.71 54.92 41.87
N GLN T 40 -4.98 54.35 43.05
CA GLN T 40 -6.30 53.85 43.38
C GLN T 40 -7.08 54.82 44.26
N PHE T 41 -6.36 55.73 44.91
CA PHE T 41 -6.96 56.72 45.79
C PHE T 41 -7.29 58.02 45.05
N ILE T 42 -6.56 58.27 43.96
CA ILE T 42 -6.77 59.47 43.16
C ILE T 42 -7.89 59.32 42.14
N GLN T 43 -8.14 58.08 41.71
CA GLN T 43 -9.18 57.78 40.73
C GLN T 43 -10.56 57.67 41.39
CA UNK U 1 21.46 -11.84 27.29
CA UNK U 2 22.65 -9.73 24.39
CA UNK U 3 20.13 -11.86 22.54
CA UNK U 4 16.95 -10.45 24.02
CA UNK U 5 18.43 -6.96 24.03
CA UNK U 6 19.41 -7.35 20.37
CA UNK U 7 16.00 -8.74 19.43
CA UNK U 8 14.02 -6.03 21.20
CA UNK U 9 16.28 -3.27 19.85
CA UNK U 10 15.97 -4.32 16.20
CA UNK U 11 12.50 -5.81 16.66
CA UNK U 12 11.36 -2.49 18.11
CA UNK U 13 13.15 -0.26 15.58
CA UNK U 14 12.59 -2.44 12.55
CA UNK U 15 9.19 -3.72 13.53
CA UNK U 16 7.75 -0.43 14.60
CA UNK U 17 9.37 1.55 11.73
CA UNK U 18 8.71 -1.27 9.28
CA UNK U 19 5.00 -1.34 10.13
CA UNK U 20 5.00 2.45 9.88
CA UNK U 21 6.34 2.59 6.30
CA UNK U 22 3.99 -0.26 5.35
CA UNK U 23 0.92 1.36 6.92
CA UNK U 24 1.37 4.88 5.56
CA UNK U 25 2.44 3.87 2.06
CA UNK U 26 -1.33 3.49 2.15
CA UNK U 27 -2.91 6.13 4.39
CA UNK U 28 -5.77 7.88 2.63
CA UNK U 29 14.15 -7.81 31.87
CA UNK U 30 14.31 -4.01 32.05
CA UNK U 31 15.80 -3.80 28.57
CA UNK U 32 12.67 -5.53 27.37
CA UNK U 33 10.29 -3.44 29.47
CA UNK U 34 11.96 -0.26 28.20
CA UNK U 35 11.91 -1.46 24.59
CA UNK U 36 8.27 -2.51 24.61
CA UNK U 37 7.20 0.68 26.42
CA UNK U 38 8.85 2.95 23.84
CA UNK U 39 7.64 0.76 20.95
CA UNK U 40 4.10 1.12 22.26
CA UNK U 41 4.34 4.85 23.05
CA UNK U 42 5.81 5.63 19.66
CA UNK U 43 3.50 3.42 17.65
CA UNK U 44 0.30 4.44 19.34
CA UNK U 45 1.24 8.15 19.61
CA UNK U 46 2.70 8.17 16.12
CA UNK U 47 -0.08 6.04 14.64
CA UNK U 48 -2.16 9.14 15.40
CA UNK U 49 -0.10 11.51 13.21
CA UNK U 50 1.27 8.77 10.95
CA UNK U 51 -2.00 7.58 9.42
CA UNK U 52 -2.80 11.07 8.15
CA UNK U 53 3.59 -11.32 39.41
CA UNK U 54 5.40 -8.55 37.54
CA UNK U 55 6.32 -10.89 34.71
CA UNK U 56 2.60 -11.42 34.26
CA UNK U 57 1.69 -7.75 34.58
CA UNK U 58 4.37 -6.85 32.02
CA UNK U 59 3.28 -9.62 29.65
CA UNK U 60 -0.42 -8.78 29.78
CA UNK U 61 0.28 -5.04 29.43
CA UNK U 62 2.34 -5.49 26.27
CA UNK U 63 -0.10 -8.09 24.89
CA UNK U 64 -2.90 -5.57 25.34
CA UNK U 65 -0.95 -2.58 24.01
CA UNK U 66 0.72 -4.67 21.34
CA UNK U 67 -2.13 -7.01 20.63
CA UNK U 68 -4.85 -4.44 20.65
CA UNK U 69 -2.75 -1.85 18.76
CA UNK U 70 -1.99 -4.46 16.14
CA UNK U 71 -5.68 -5.16 15.55
CA UNK U 72 -6.25 -1.40 15.48
CA UNK U 73 -3.76 -0.70 12.64
CA UNK U 74 -5.08 -3.74 10.77
CA UNK U 75 -8.74 -2.77 11.16
CA UNK U 76 -8.45 0.90 10.22
CA UNK U 77 -6.04 0.42 7.32
CA UNK U 78 -8.46 -2.21 6.06
CA UNK U 79 -15.00 -9.23 59.87
CA UNK U 80 -15.92 -6.06 57.97
CA UNK U 81 -13.83 -7.10 54.99
CA UNK U 82 -16.05 -10.16 54.81
CA UNK U 83 -19.29 -8.28 55.34
CA UNK U 84 -18.32 -5.80 52.62
CA UNK U 85 -17.26 -8.57 50.23
CA UNK U 86 -20.39 -10.66 50.69
CA UNK U 87 -22.65 -7.59 50.44
CA UNK U 88 -21.17 -6.50 47.10
CA UNK U 89 -21.09 -10.08 45.83
CA UNK U 90 -24.78 -10.37 46.60
CA UNK U 91 -25.75 -6.93 45.25
CA UNK U 92 -23.85 -7.49 42.03
CA UNK U 93 -24.98 -11.04 41.46
CA UNK U 94 -28.61 -10.50 42.20
CA UNK U 95 -28.73 -7.12 40.37
CA UNK U 96 -27.17 -8.76 37.35
CA UNK U 97 -29.87 -11.46 37.23
CA UNK U 98 -32.44 -8.70 37.72
CA UNK U 99 -31.38 -6.65 34.68
CA UNK U 100 -31.10 -9.86 32.65
CA UNK U 101 -34.52 -11.16 33.69
CA UNK U 102 -36.52 -7.97 33.19
CA UNK U 103 -34.88 -6.92 29.93
CA UNK U 104 -35.60 -10.44 28.72
CA UNK U 105 -12.20 40.18 91.34
CA UNK U 106 -12.10 41.05 87.64
CA UNK U 107 -13.67 37.73 86.69
CA UNK U 108 -16.60 38.78 88.84
CA UNK U 109 -16.74 42.34 87.53
CA UNK U 110 -16.67 41.03 83.96
CA UNK U 111 -19.32 38.40 84.68
CA UNK U 112 -21.82 40.56 86.53
CA UNK U 113 -21.20 43.41 84.07
CA UNK U 114 -21.98 41.25 81.03
CA UNK U 115 -24.93 39.62 82.80
CA UNK U 116 -26.34 43.06 83.46
CA UNK U 117 -25.36 44.58 80.10
CA UNK U 118 -27.42 41.97 78.31
CA UNK U 119 -30.44 42.14 80.57
CA UNK U 120 -30.66 45.88 80.75
CA UNK U 121 -29.83 46.35 77.02
CA UNK U 122 -32.56 43.87 76.17
CA UNK U 123 -35.18 45.83 78.12
CA UNK U 124 -33.85 48.99 76.48
CA UNK U 125 -34.37 47.78 72.88
CA UNK U 126 -37.77 46.40 73.87
CA UNK U 127 -38.90 49.58 75.63
CA UNK U 128 -37.83 52.08 72.97
CA UNK U 129 -38.97 50.06 69.97
CA UNK U 130 -42.29 49.73 71.77
CA UNK U 131 -6.56 33.06 81.43
CA UNK U 132 -5.70 36.67 82.22
CA UNK U 133 -5.17 37.47 78.55
CA UNK U 134 -8.77 36.41 78.05
CA UNK U 135 -10.10 38.27 81.08
CA UNK U 136 -8.29 41.43 79.95
CA UNK U 137 -9.51 41.05 76.37
CA UNK U 138 -13.14 40.45 77.29
CA UNK U 139 -13.12 43.28 79.86
CA UNK U 140 -11.85 45.85 77.34
CA UNK U 141 -13.97 44.53 74.45
CA UNK U 142 -16.84 43.85 76.82
CA UNK U 143 -16.51 47.08 78.81
CA UNK U 144 -16.35 49.18 75.68
CA UNK U 145 -19.09 47.42 73.80
CA UNK U 146 -21.56 47.27 76.63
CA UNK U 147 -20.73 50.82 77.84
CA UNK U 148 -21.26 52.08 74.32
CA UNK U 149 -24.75 50.56 74.14
CA UNK U 150 -25.41 51.98 77.60
CA UNK U 151 -24.66 55.61 76.66
CA UNK U 152 -26.61 55.16 73.44
CA UNK U 153 -29.64 53.61 75.13
CA UNK U 154 -29.98 56.06 78.02
CA UNK U 155 -29.29 59.21 76.01
CA UNK U 156 -31.92 57.94 73.59
CA UNK U 157 2.46 28.17 78.14
CA UNK U 158 2.30 31.75 79.39
CA UNK U 159 5.02 33.96 80.86
CA UNK U 160 6.07 37.60 81.06
CA UNK U 161 5.68 39.86 78.04
CA UNK U 162 3.53 36.84 77.27
CA UNK U 163 0.58 39.01 78.23
CA UNK U 164 1.76 42.06 76.33
CA UNK U 165 2.35 39.93 73.23
CA UNK U 166 -1.04 38.22 73.57
CA UNK U 167 -3.10 41.34 74.13
CA UNK U 168 -0.84 43.58 72.02
CA UNK U 169 -1.03 41.30 68.98
CA UNK U 170 -4.74 40.54 69.48
CA UNK U 171 -5.39 44.20 70.24
CA UNK U 172 -3.93 45.68 67.03
CA UNK U 173 -6.91 43.91 65.52
CA UNK U 174 -9.55 45.60 67.61
CA UNK U 175 -8.23 49.10 67.29
CA UNK U 176 -7.35 48.68 63.58
CA UNK U 177 -10.86 47.41 62.94
CA UNK U 178 -12.42 50.52 64.53
CA UNK U 179 -9.94 52.61 62.53
CA UNK U 180 -10.98 51.26 59.10
CA UNK U 181 -14.63 51.51 60.14
CA UNK U 182 -14.34 55.08 61.40
CA UNK U 183 -12.38 56.54 58.49
CA UNK U 184 48.30 26.72 25.22
CA UNK U 185 48.60 30.50 25.52
CA UNK U 186 47.92 33.27 23.04
CA UNK U 187 44.76 34.32 24.87
CA UNK U 188 45.32 37.81 23.55
CA UNK U 189 44.42 37.02 19.97
CA UNK U 190 41.16 35.71 21.37
CA UNK U 191 40.55 39.04 23.11
CA UNK U 192 41.35 40.68 19.80
CA UNK U 193 39.87 37.70 17.99
CA UNK U 194 37.01 37.24 20.48
CA UNK U 195 35.86 40.85 20.16
CA UNK U 196 36.37 40.81 16.38
CA UNK U 197 34.14 37.76 16.19
CA UNK U 198 31.57 39.36 18.52
CA UNK U 199 31.93 42.62 16.64
CA UNK U 200 31.90 41.15 13.17
CA UNK U 201 29.01 38.81 13.68
CA UNK U 202 27.00 41.36 15.73
CA UNK U 203 27.51 43.89 12.98
CA UNK U 204 26.09 41.54 10.33
CA UNK U 205 23.25 40.78 12.75
CA UNK U 206 22.11 44.41 13.17
CA UNK U 207 22.50 44.93 9.41
CA UNK U 208 20.55 41.81 8.47
CA UNK U 209 17.60 42.25 10.83
CA UNK U 210 17.19 45.99 10.33
CA UNK U 211 20.64 47.49 9.59
CA UNK U 212 20.82 50.95 8.08
CA UNK U 213 23.78 52.54 6.30
CA UNK U 214 23.91 52.78 2.51
CA UNK U 215 22.54 49.79 0.62
CA UNK U 216 19.81 47.26 1.38
CA UNK U 217 16.91 45.33 -0.11
CA UNK U 218 17.37 44.81 -3.84
CA UNK U 219 14.87 42.01 -4.37
CA UNK U 220 13.46 39.33 -2.09
N UNK V 2 21.44 57.61 9.01
CA UNK V 2 21.32 57.19 10.43
C UNK V 2 21.65 55.71 10.62
N UNK V 3 22.25 55.10 9.60
CA UNK V 3 22.62 53.70 9.66
C UNK V 3 23.95 53.51 10.37
N UNK V 4 24.82 54.51 10.26
CA UNK V 4 26.14 54.46 10.90
C UNK V 4 26.17 55.27 12.20
N UNK V 5 25.12 56.04 12.43
CA UNK V 5 25.02 56.86 13.64
C UNK V 5 24.43 56.06 14.80
N UNK V 6 23.48 55.18 14.48
CA UNK V 6 22.81 54.35 15.48
C UNK V 6 23.60 53.09 15.79
N UNK V 7 24.51 52.70 14.89
CA UNK V 7 25.32 51.51 15.07
C UNK V 7 26.55 51.76 15.93
N UNK V 8 27.01 53.01 15.96
CA UNK V 8 28.18 53.38 16.74
C UNK V 8 27.81 53.78 18.17
N UNK V 9 26.55 54.09 18.40
CA UNK V 9 26.06 54.48 19.71
C UNK V 9 25.69 53.27 20.57
N UNK V 10 25.34 52.18 19.90
CA UNK V 10 24.96 50.94 20.59
C UNK V 10 26.19 50.11 20.94
N UNK V 11 27.26 50.29 20.17
CA UNK V 11 28.51 49.55 20.40
C UNK V 11 29.33 50.17 21.52
N UNK V 12 29.16 51.47 21.73
CA UNK V 12 29.88 52.19 22.78
C UNK V 12 29.16 52.08 24.13
N UNK V 13 27.86 51.84 24.08
CA UNK V 13 27.05 51.70 25.29
C UNK V 13 27.29 50.35 25.95
N UNK V 14 27.61 49.36 25.13
CA UNK V 14 27.88 48.00 25.63
C UNK V 14 29.29 47.91 26.21
N UNK V 15 30.18 48.78 25.74
CA UNK V 15 31.56 48.82 26.21
C UNK V 15 31.73 49.69 27.44
N UNK V 16 30.60 50.17 27.98
CA UNK V 16 30.59 51.01 29.16
C UNK V 16 29.71 50.40 30.26
N UNK V 17 29.37 49.12 30.09
CA UNK V 17 28.54 48.41 31.05
C UNK V 17 29.06 46.99 31.28
N UNK V 18 29.88 46.50 30.35
CA UNK V 18 30.45 45.17 30.44
C UNK V 18 31.95 45.22 30.68
N UNK V 19 32.60 46.23 30.13
CA UNK V 19 34.05 46.40 30.29
C UNK V 19 34.36 47.30 31.49
N UNK V 20 33.44 48.20 31.81
CA UNK V 20 33.61 49.12 32.93
C UNK V 20 33.22 48.45 34.24
N UNK V 21 32.22 47.57 34.17
CA UNK V 21 31.74 46.86 35.35
C UNK V 21 32.69 45.74 35.75
N UNK V 22 33.38 45.19 34.76
CA UNK V 22 34.35 44.11 34.99
C UNK V 22 35.62 44.66 35.63
N UNK V 23 35.85 45.96 35.46
CA UNK V 23 37.03 46.62 36.02
C UNK V 23 36.78 47.07 37.46
N UNK V 24 35.52 47.07 37.88
CA UNK V 24 35.16 47.46 39.24
C UNK V 24 35.21 46.27 40.18
N UNK V 25 35.22 45.07 39.61
CA UNK V 25 35.27 43.83 40.38
C UNK V 25 36.63 43.16 40.30
N UNK V 26 37.54 43.75 39.54
CA UNK V 26 38.89 43.19 39.38
C UNK V 26 39.90 43.90 40.27
N UNK V 27 39.67 45.20 40.49
CA UNK V 27 40.55 46.00 41.32
C UNK V 27 40.13 45.97 42.79
N UNK V 28 38.88 45.60 43.03
CA UNK V 28 38.34 45.51 44.39
C UNK V 28 38.69 44.18 45.02
N UNK V 29 38.75 43.12 44.20
CA UNK V 29 39.08 41.78 44.65
C UNK V 29 40.56 41.64 44.98
N UNK V 30 41.39 42.39 44.26
CA UNK V 30 42.84 42.34 44.46
C UNK V 30 43.26 43.11 45.70
N UNK V 31 42.41 44.01 46.17
CA UNK V 31 42.70 44.83 47.35
C UNK V 31 42.57 44.06 48.66
N UNK V 32 41.51 43.26 48.78
CA UNK V 32 41.26 42.48 49.99
C UNK V 32 40.33 41.29 49.74
N UNK V 33 40.90 40.19 49.24
CA UNK V 33 40.14 38.98 48.95
C UNK V 33 40.16 38.04 50.16
N UNK W 2 8.73 30.28 71.84
CA UNK W 2 7.40 30.89 71.54
C UNK W 2 7.50 31.93 70.42
N UNK W 3 8.14 31.54 69.32
CA UNK W 3 8.32 32.41 68.17
C UNK W 3 8.90 33.78 68.52
N UNK W 4 8.30 34.84 67.97
CA UNK W 4 8.75 36.21 68.22
C UNK W 4 7.73 37.22 67.69
N UNK W 5 7.05 37.91 68.60
CA UNK W 5 6.05 38.90 68.23
C UNK W 5 6.67 40.29 68.07
N UNK W 6 7.21 40.56 66.88
CA UNK W 6 7.83 41.84 66.58
C UNK W 6 8.17 41.98 65.10
N UNK W 7 8.85 40.97 64.57
CA UNK W 7 9.23 40.97 63.16
C UNK W 7 8.08 40.45 62.28
N UNK W 8 7.23 39.61 62.87
CA UNK W 8 6.10 39.03 62.16
C UNK W 8 4.84 39.87 62.33
N UNK W 9 4.77 40.63 63.42
CA UNK W 9 3.62 41.49 63.72
C UNK W 9 3.58 42.71 62.81
N UNK W 10 4.76 43.21 62.45
CA UNK W 10 4.86 44.38 61.59
C UNK W 10 4.71 44.01 60.12
N UNK W 11 5.12 42.80 59.77
CA UNK W 11 5.03 42.29 58.40
C UNK W 11 3.61 41.79 58.08
N UNK W 12 2.81 41.60 59.12
CA UNK W 12 1.43 41.12 58.96
C UNK W 12 0.46 42.30 58.80
N UNK W 13 0.83 43.45 59.36
CA UNK W 13 0.00 44.64 59.29
C UNK W 13 0.30 45.48 58.06
N UNK W 14 1.38 45.13 57.37
CA UNK W 14 1.79 45.85 56.16
C UNK W 14 1.38 45.11 54.89
N UNK W 15 1.24 43.80 54.99
CA UNK W 15 0.86 42.98 53.85
C UNK W 15 -0.65 42.86 53.71
N UNK W 16 -1.37 42.94 54.82
CA UNK W 16 -2.81 42.85 54.82
C UNK W 16 -3.48 44.19 54.50
N UNK W 17 -2.78 45.28 54.78
CA UNK W 17 -3.28 46.62 54.53
C UNK W 17 -3.08 47.04 53.08
N UNK W 18 -2.07 46.47 52.43
CA UNK W 18 -1.77 46.77 51.04
C UNK W 18 -2.67 45.99 50.09
N UNK W 19 -3.18 44.87 50.56
CA UNK W 19 -4.06 44.02 49.75
C UNK W 19 -5.51 44.48 49.84
N UNK W 20 -5.84 45.21 50.90
CA UNK W 20 -7.19 45.72 51.11
C UNK W 20 -7.44 46.98 50.29
N UNK W 21 -6.38 47.76 50.08
CA UNK W 21 -6.49 48.99 49.32
C UNK W 21 -6.47 48.75 47.82
N UNK W 22 -5.75 47.72 47.38
CA UNK W 22 -5.65 47.38 45.97
C UNK W 22 -6.92 46.70 45.47
N UNK W 23 -7.53 45.89 46.33
CA UNK W 23 -8.76 45.18 45.99
C UNK W 23 -10.00 46.07 46.16
N UNK W 24 -9.79 47.29 46.64
CA UNK W 24 -10.87 48.25 46.86
C UNK W 24 -11.66 48.54 45.58
N UNK W 25 -10.96 48.61 44.46
CA UNK W 25 -11.61 48.88 43.19
C UNK W 25 -11.52 50.33 42.77
N UNK W 26 -10.58 50.62 41.86
CA UNK W 26 -10.38 51.97 41.36
C UNK W 26 -11.24 52.24 40.14
N ALA X 5 -23.49 55.95 66.06
CA ALA X 5 -24.08 55.30 64.84
C ALA X 5 -24.03 53.78 64.94
N TYR X 6 -22.89 53.25 65.39
CA TYR X 6 -22.68 51.82 65.54
C TYR X 6 -22.88 51.05 64.24
N ALA X 7 -22.32 51.59 63.16
CA ALA X 7 -22.42 50.98 61.84
C ALA X 7 -21.26 50.02 61.56
N ILE X 8 -20.41 49.81 62.55
CA ILE X 8 -19.26 48.93 62.41
C ILE X 8 -19.57 47.52 62.89
N PHE X 9 -20.83 47.11 62.74
CA PHE X 9 -21.27 45.78 63.15
C PHE X 9 -20.86 44.70 62.16
N ASP X 10 -20.71 45.08 60.89
CA ASP X 10 -20.32 44.15 59.84
C ASP X 10 -18.82 43.87 59.86
N PRO X 11 -18.04 44.77 60.49
CA PRO X 11 -16.57 44.63 60.58
C PRO X 11 -16.12 43.83 61.79
N LEU X 12 -17.06 43.50 62.67
CA LEU X 12 -16.76 42.73 63.87
C LEU X 12 -17.29 41.30 63.79
N VAL X 13 -18.08 41.02 62.77
CA VAL X 13 -18.66 39.69 62.57
C VAL X 13 -17.77 38.81 61.71
N ASP X 14 -17.22 39.38 60.65
CA ASP X 14 -16.34 38.65 59.74
C ASP X 14 -14.95 38.45 60.33
N VAL X 15 -14.44 39.47 61.00
CA VAL X 15 -13.11 39.41 61.63
C VAL X 15 -13.09 38.51 62.86
N LEU X 16 -14.27 38.09 63.32
CA LEU X 16 -14.41 37.24 64.48
C LEU X 16 -13.90 35.81 64.22
N PRO X 17 -13.72 35.45 62.94
CA PRO X 17 -13.23 34.14 62.51
C PRO X 17 -12.21 34.25 61.38
N VAL X 18 -11.86 35.48 61.02
CA VAL X 18 -10.89 35.74 59.98
C VAL X 18 -9.50 35.95 60.58
N ILE X 19 -9.45 36.68 61.68
CA ILE X 19 -8.19 36.96 62.37
C ILE X 19 -7.74 35.87 63.34
N PRO X 20 -8.67 35.36 64.19
CA PRO X 20 -8.34 34.31 65.15
C PRO X 20 -7.88 33.02 64.49
N VAL X 21 -6.85 32.40 65.05
CA VAL X 21 -6.27 31.15 64.52
C VAL X 21 -5.67 31.34 63.13
N LEU X 22 -5.43 32.60 62.77
CA LEU X 22 -4.83 32.94 61.47
C LEU X 22 -3.72 33.96 61.67
N PHE X 23 -3.67 34.55 62.87
CA PHE X 23 -2.66 35.53 63.24
C PHE X 23 -2.48 35.54 64.76
N LEU X 24 -3.33 34.78 65.44
CA LEU X 24 -3.28 34.68 66.90
C LEU X 24 -2.78 33.29 67.33
N ALA X 25 -2.47 32.45 66.34
CA ALA X 25 -1.99 31.10 66.61
C ALA X 25 -0.99 30.62 65.54
N LEU X 26 -1.02 31.27 64.38
CA LEU X 26 -0.12 30.91 63.29
C LEU X 26 1.26 31.54 63.49
N ALA X 27 1.28 32.67 64.19
CA ALA X 27 2.53 33.39 64.47
C ALA X 27 3.03 33.11 65.89
N PHE X 28 2.11 33.05 66.84
CA PHE X 28 2.44 32.79 68.23
C PHE X 28 2.88 31.35 68.47
N VAL X 29 2.26 30.42 67.75
CA VAL X 29 2.56 28.99 67.84
C VAL X 29 2.47 28.43 69.27
N TRP X 30 1.34 28.67 69.91
CA TRP X 30 1.11 28.20 71.28
C TRP X 30 0.51 26.80 71.33
N GLN X 31 -0.77 26.72 70.98
CA GLN X 31 -1.52 25.45 70.95
C GLN X 31 -1.72 24.81 72.34
N UNK Y 1 -34.46 22.22 23.48
CA UNK Y 1 -34.02 22.43 24.89
C UNK Y 1 -34.71 21.43 25.82
N UNK Y 2 -33.92 20.54 26.42
CA UNK Y 2 -34.44 19.54 27.34
C UNK Y 2 -33.96 19.82 28.76
N UNK Y 3 -34.82 19.55 29.74
CA UNK Y 3 -34.48 19.77 31.15
C UNK Y 3 -35.31 18.90 32.08
N UNK Y 4 -34.92 18.86 33.35
CA UNK Y 4 -35.65 18.09 34.36
C UNK Y 4 -36.82 18.88 34.92
N UNK Y 5 -37.95 18.21 35.12
CA UNK Y 5 -39.14 18.83 35.66
C UNK Y 5 -38.92 19.35 37.08
N UNK Y 6 -39.24 20.63 37.30
CA UNK Y 6 -39.09 21.25 38.60
C UNK Y 6 -40.43 21.53 39.28
N UNK Y 7 -41.34 20.57 39.17
CA UNK Y 7 -42.69 20.67 39.76
C UNK Y 7 -43.56 21.78 39.15
N UNK Y 8 -44.74 21.97 39.72
CA UNK Y 8 -45.68 22.98 39.26
C UNK Y 8 -45.49 24.33 39.94
N UNK Y 9 -44.64 24.35 40.97
CA UNK Y 9 -44.33 25.56 41.75
C UNK Y 9 -45.55 26.19 42.41
N UNK Y 10 -50.26 28.70 39.89
CA UNK Y 10 -49.42 27.53 39.55
C UNK Y 10 -49.22 27.39 38.04
N UNK Y 11 -48.78 26.21 37.61
CA UNK Y 11 -48.55 25.93 36.20
C UNK Y 11 -49.82 25.47 35.47
N UNK Y 12 -49.71 25.37 34.14
CA UNK Y 12 -50.83 24.94 33.31
C UNK Y 12 -51.24 23.49 33.58
N UNK Y 13 -50.24 22.66 33.91
CA UNK Y 13 -50.45 21.24 34.20
C UNK Y 13 -50.92 20.46 32.96
N UNK Y 14 -49.96 19.86 32.26
CA UNK Y 14 -50.26 19.10 31.06
C UNK Y 14 -50.71 17.66 31.37
N UNK Y 15 -52.02 17.43 31.29
CA UNK Y 15 -52.61 16.12 31.54
C UNK Y 15 -52.33 15.57 32.93
N UNK Y 16 -51.24 14.84 33.07
CA UNK Y 16 -50.84 14.25 34.35
C UNK Y 16 -50.16 15.27 35.26
N UNK Y 17 -49.68 14.81 36.41
CA UNK Y 17 -49.00 15.67 37.38
C UNK Y 17 -48.11 14.85 38.31
N UNK Y 18 -48.64 13.74 38.81
CA UNK Y 18 -47.91 12.86 39.72
C UNK Y 18 -48.64 11.54 39.92
N UNK Y 19 -49.71 11.33 39.16
CA UNK Y 19 -50.51 10.10 39.25
C UNK Y 19 -49.87 8.97 38.44
N UNK Y 20 -49.28 9.33 37.30
CA UNK Y 20 -48.64 8.36 36.43
C UNK Y 20 -47.66 9.06 35.48
N UNK Y 21 -46.41 8.60 35.50
CA UNK Y 21 -45.38 9.18 34.64
C UNK Y 21 -44.46 8.09 34.10
N UNK Y 22 -45.00 7.29 33.17
CA UNK Y 22 -44.25 6.20 32.56
C UNK Y 22 -44.79 5.90 31.17
N UNK Y 23 -46.12 5.90 31.03
CA UNK Y 23 -46.76 5.63 29.75
C UNK Y 23 -47.41 6.90 29.19
N UNK Y 24 -48.73 7.02 29.37
CA UNK Y 24 -49.50 8.16 28.90
C UNK Y 24 -49.36 8.39 27.39
N UNK Y 25 -49.05 7.32 26.67
CA UNK Y 25 -48.88 7.39 25.22
C UNK Y 25 -50.06 6.74 24.48
N UNK Y 26 -50.03 5.41 24.40
CA UNK Y 26 -51.06 4.62 23.72
C UNK Y 26 -51.05 4.76 22.21
N UNK Y 27 -50.35 5.78 21.71
CA UNK Y 27 -50.24 6.03 20.27
C UNK Y 27 -49.06 5.25 19.68
N UNK Y 28 -49.01 5.20 18.34
CA UNK Y 28 -47.95 4.50 17.61
C UNK Y 28 -47.87 3.02 17.97
N UNK Y 29 -47.05 2.69 18.97
CA UNK Y 29 -46.85 1.33 19.45
C UNK Y 29 -45.99 0.42 18.55
N UNK Y 30 -46.16 0.54 17.23
CA UNK Y 30 -45.41 -0.26 16.29
C UNK Y 30 -44.61 0.58 15.30
N UNK Y 31 -43.89 -0.09 14.40
CA UNK Y 31 -43.08 0.58 13.39
C UNK Y 31 -42.75 -0.34 12.23
N UNK Y 32 -42.13 0.22 11.19
CA UNK Y 32 -41.74 -0.53 10.00
C UNK Y 32 -40.84 0.32 9.10
N UNK Y 33 -40.25 -0.32 8.09
CA UNK Y 33 -39.37 0.37 7.15
C UNK Y 33 -39.39 -0.32 5.79
N UNK Y 34 -39.62 0.45 4.73
CA UNK Y 34 -39.67 -0.07 3.38
C UNK Y 34 -38.29 -0.42 2.84
N UNK Y 35 -38.16 -1.64 2.28
CA UNK Y 35 -36.90 -2.10 1.73
C UNK Y 35 -36.68 -1.52 0.33
N UNK Y 36 -35.87 -0.46 0.26
CA UNK Y 36 -35.57 0.20 -1.00
C UNK Y 36 -34.57 -0.61 -1.83
N UNK Y 37 -34.78 -0.61 -3.15
CA UNK Y 37 -33.91 -1.34 -4.07
C UNK Y 37 -33.97 -0.74 -5.46
N UNK Y 43 -41.66 -5.56 1.73
CA UNK Y 43 -41.08 -4.43 2.52
C UNK Y 43 -41.74 -4.32 3.89
N UNK Y 44 -41.03 -4.77 4.92
CA UNK Y 44 -41.53 -4.72 6.29
C UNK Y 44 -40.40 -4.97 7.29
N UNK Y 45 -40.29 -4.08 8.27
CA UNK Y 45 -39.26 -4.18 9.30
C UNK Y 45 -39.87 -4.04 10.70
N UNK Y 46 -39.09 -3.55 11.66
CA UNK Y 46 -39.55 -3.37 13.02
C UNK Y 46 -38.55 -2.54 13.83
N UNK Y 47 -38.57 -1.23 13.62
CA UNK Y 47 -37.67 -0.31 14.32
C UNK Y 47 -38.15 -0.04 15.75
N UNK Y 48 -37.23 0.43 16.59
CA UNK Y 48 -37.55 0.74 17.98
C UNK Y 48 -36.48 1.62 18.60
N UNK Y 49 -36.69 2.94 18.54
CA UNK Y 49 -35.73 3.90 19.07
C UNK Y 49 -36.17 4.45 20.43
N UNK Y 50 -36.43 5.77 20.48
CA UNK Y 50 -36.85 6.43 21.70
C UNK Y 50 -38.35 6.70 21.74
N UNK Y 51 -38.81 7.22 22.87
CA UNK Y 51 -40.23 7.54 23.05
C UNK Y 51 -40.52 8.96 22.57
N UNK Y 52 -41.33 9.06 21.51
CA UNK Y 52 -41.70 10.35 20.94
C UNK Y 52 -42.91 10.19 20.02
N UNK Y 53 -44.10 10.20 20.60
CA UNK Y 53 -45.34 10.05 19.84
C UNK Y 53 -46.44 10.98 20.35
N UNK Y 54 -47.44 11.21 19.52
CA UNK Y 54 -48.56 12.08 19.87
C UNK Y 54 -49.73 11.90 18.90
N UNK Y 55 -50.93 11.77 19.45
CA UNK Y 55 -52.14 11.59 18.65
C UNK Y 55 -53.40 11.77 19.49
N UNK Y 56 -54.16 12.82 19.20
CA UNK Y 56 -55.40 13.09 19.93
C UNK Y 56 -56.56 13.36 18.98
N UNK Y 57 -57.66 13.87 19.53
CA UNK Y 57 -58.85 14.17 18.73
C UNK Y 57 -59.60 15.37 19.31
N UNK Y 58 -59.34 16.55 18.75
CA UNK Y 58 -59.98 17.77 19.21
C UNK Y 58 -60.98 18.27 18.16
N UNK Y 59 -61.95 17.43 17.84
CA UNK Y 59 -62.98 17.76 16.85
C UNK Y 59 -63.83 18.95 17.28
N UNK Y 60 -64.12 19.83 16.33
CA UNK Y 60 -64.94 21.02 16.59
C UNK Y 60 -65.38 21.62 15.27
N UNK Y 61 -64.47 21.64 14.29
CA UNK Y 61 -64.76 22.17 12.96
C UNK Y 61 -65.54 21.14 12.14
N UNK Y 62 -66.08 21.58 11.01
CA UNK Y 62 -66.84 20.67 10.15
C UNK Y 62 -66.93 21.16 8.70
N UNK Y 63 -67.30 20.24 7.82
CA UNK Y 63 -67.45 20.54 6.40
C UNK Y 63 -68.91 20.87 6.07
N UNK Y 64 -69.34 20.55 4.87
CA UNK Y 64 -70.70 20.81 4.44
C UNK Y 64 -71.19 19.72 3.48
N UNK Y 65 -70.46 19.54 2.38
CA UNK Y 65 -70.79 18.53 1.38
C UNK Y 65 -69.65 18.41 0.36
N UNK Y 67 -64.96 16.49 4.96
CA UNK Y 67 -63.66 17.01 5.47
C UNK Y 67 -63.65 17.11 7.00
N UNK Y 68 -63.30 16.00 7.64
CA UNK Y 68 -63.25 15.94 9.10
C UNK Y 68 -62.17 16.86 9.69
N UNK Y 69 -62.62 17.92 10.34
CA UNK Y 69 -61.75 18.90 10.99
C UNK Y 69 -60.71 19.54 10.06
N UNK Y 70 -61.12 20.59 9.35
CA UNK Y 70 -60.23 21.30 8.43
C UNK Y 70 -59.52 22.43 9.17
N UNK Y 71 -58.19 22.37 9.18
CA UNK Y 71 -57.35 23.37 9.85
C UNK Y 71 -57.65 23.48 11.35
N UNK Y 72 -57.56 22.36 12.05
CA UNK Y 72 -57.80 22.30 13.47
C UNK Y 72 -56.70 22.96 14.28
N UNK Y 73 -55.45 22.54 14.04
CA UNK Y 73 -54.28 23.08 14.72
C UNK Y 73 -54.36 23.00 16.25
N UNK Y 74 -54.80 21.85 16.75
CA UNK Y 74 -54.92 21.64 18.19
C UNK Y 74 -54.49 20.23 18.57
N UNK Y 75 -55.23 19.59 19.47
CA UNK Y 75 -54.95 18.23 19.93
C UNK Y 75 -53.58 18.09 20.60
N UNK Y 76 -52.89 16.99 20.32
CA UNK Y 76 -51.57 16.73 20.90
C UNK Y 76 -50.44 17.06 19.94
N UNK Y 77 -49.59 18.00 20.35
CA UNK Y 77 -48.43 18.42 19.57
C UNK Y 77 -48.80 18.87 18.14
N UNK Y 78 -47.91 18.60 17.19
CA UNK Y 78 -48.11 18.96 15.80
C UNK Y 78 -47.03 18.36 14.92
N UNK Y 79 -45.87 18.07 15.52
CA UNK Y 79 -44.75 17.49 14.80
C UNK Y 79 -43.74 16.87 15.77
N UNK Y 80 -43.56 15.56 15.65
CA UNK Y 80 -42.63 14.82 16.51
C UNK Y 80 -41.23 14.78 15.90
N UNK Y 81 -40.40 13.86 16.38
CA UNK Y 81 -39.04 13.70 15.89
C UNK Y 81 -38.50 12.30 16.21
N UNK Y 82 -38.92 11.33 15.41
CA UNK Y 82 -38.50 9.94 15.59
C UNK Y 82 -37.11 9.68 15.02
N UNK Y 83 -36.75 8.40 14.94
CA UNK Y 83 -35.46 7.99 14.40
C UNK Y 83 -35.44 6.49 14.13
N UNK Y 84 -35.64 6.12 12.86
CA UNK Y 84 -35.64 4.71 12.47
C UNK Y 84 -34.25 4.11 12.53
N UNK Y 85 -34.17 2.81 12.80
CA UNK Y 85 -32.91 2.10 12.88
C UNK Y 85 -33.15 0.59 12.83
N UNK Y 86 -32.69 -0.03 11.76
CA UNK Y 86 -32.86 -1.48 11.57
C UNK Y 86 -31.53 -2.22 11.62
N UNK Y 87 -31.33 -3.15 10.69
CA UNK Y 87 -30.10 -3.94 10.61
C UNK Y 87 -28.93 -3.12 10.08
N UNK Y 88 -29.23 -2.04 9.38
CA UNK Y 88 -28.20 -1.18 8.81
C UNK Y 88 -28.24 0.22 9.45
N UNK Y 89 -29.00 1.11 8.84
CA UNK Y 89 -29.15 2.49 9.32
C UNK Y 89 -30.28 3.17 8.55
N UNK Y 90 -31.04 4.01 9.24
CA UNK Y 90 -32.16 4.71 8.61
C UNK Y 90 -32.45 6.06 9.26
N UNK Y 91 -33.61 6.61 8.95
CA UNK Y 91 -34.06 7.90 9.49
C UNK Y 91 -35.53 8.08 9.18
N UNK Y 92 -36.24 8.77 10.08
CA UNK Y 92 -37.67 9.02 9.91
C UNK Y 92 -38.12 10.23 10.74
N UNK Y 93 -38.77 11.17 10.07
CA UNK Y 93 -39.26 12.38 10.72
C UNK Y 93 -40.40 13.02 9.92
N UNK Y 94 -41.62 12.62 10.23
CA UNK Y 94 -42.80 13.14 9.55
C UNK Y 94 -43.94 13.34 10.55
N UNK Y 95 -44.38 12.25 11.16
CA UNK Y 95 -45.46 12.26 12.16
C UNK Y 95 -46.83 12.62 11.59
N UNK Y 96 -47.36 13.78 12.02
CA UNK Y 96 -48.67 14.24 11.57
C UNK Y 96 -48.60 15.10 10.31
N UNK Y 97 -49.70 15.82 10.04
CA UNK Y 97 -49.79 16.69 8.87
C UNK Y 97 -50.65 17.92 9.19
N UNK Y 98 -50.20 19.09 8.77
CA UNK Y 98 -50.92 20.33 9.03
C UNK Y 98 -52.05 20.59 8.04
N UNK Y 99 -53.28 20.31 8.48
CA UNK Y 99 -54.49 20.51 7.68
C UNK Y 99 -54.55 19.64 6.42
N UNK Y 100 -55.36 18.58 6.48
CA UNK Y 100 -55.52 17.66 5.36
C UNK Y 100 -56.97 17.19 5.28
N UNK Y 101 -57.59 17.04 6.46
CA UNK Y 101 -58.97 16.59 6.59
C UNK Y 101 -59.20 15.18 6.04
N UNK Y 102 -60.45 14.82 5.84
CA UNK Y 102 -60.83 13.51 5.33
C UNK Y 102 -62.22 13.55 4.71
N UNK Y 103 -63.23 13.18 5.49
CA UNK Y 103 -64.61 13.17 5.02
C UNK Y 103 -65.58 13.42 6.18
N UNK Y 104 -66.71 14.05 5.87
CA UNK Y 104 -67.70 14.36 6.88
C UNK Y 104 -69.12 14.45 6.31
N UNK Y 105 -70.06 13.80 7.01
CA UNK Y 105 -71.47 13.76 6.62
C UNK Y 105 -71.75 13.13 5.27
N UNK Y 106 -73.02 13.12 4.89
CA UNK Y 106 -73.49 12.55 3.63
C UNK Y 106 -73.16 11.05 3.51
N UNK Y 107 -72.89 10.42 4.64
CA UNK Y 107 -72.56 9.00 4.66
C UNK Y 107 -73.81 8.12 4.73
N UNK Y 108 -73.59 6.80 4.72
CA UNK Y 108 -74.69 5.84 4.78
C UNK Y 108 -75.11 5.57 6.23
N UNK Y 109 -74.59 6.39 7.15
CA UNK Y 109 -74.90 6.24 8.57
C UNK Y 109 -75.08 7.59 9.25
N UNK Y 110 -73.96 8.27 9.50
CA UNK Y 110 -73.96 9.58 10.16
C UNK Y 110 -74.59 9.54 11.55
N UNK Y 111 -75.06 10.70 12.02
CA UNK Y 111 -75.69 10.83 13.34
C UNK Y 111 -74.80 10.34 14.46
N UNK Y 112 -75.08 9.13 14.96
CA UNK Y 112 -74.28 8.55 16.04
C UNK Y 112 -73.06 7.84 15.44
N UNK Y 113 -73.31 6.96 14.48
CA UNK Y 113 -72.28 6.17 13.80
C UNK Y 113 -71.61 5.12 14.67
N UNK Y 114 -71.59 3.89 14.17
CA UNK Y 114 -70.97 2.77 14.88
C UNK Y 114 -69.59 2.46 14.32
N UNK Y 115 -69.47 2.57 13.00
CA UNK Y 115 -68.19 2.30 12.32
C UNK Y 115 -67.89 3.36 11.27
N UNK Y 116 -66.92 4.22 11.58
CA UNK Y 116 -66.52 5.30 10.68
C UNK Y 116 -65.68 4.80 9.52
N UNK Y 117 -65.45 5.67 8.55
CA UNK Y 117 -64.67 5.35 7.36
C UNK Y 117 -64.18 6.62 6.65
N UNK Y 118 -62.99 7.07 7.03
CA UNK Y 118 -62.40 8.28 6.46
C UNK Y 118 -61.04 7.99 5.82
N UNK Y 119 -60.77 8.64 4.68
CA UNK Y 119 -59.52 8.48 3.96
C UNK Y 119 -59.40 9.47 2.81
N UNK Y 120 -58.37 10.33 2.87
CA UNK Y 120 -58.15 11.35 1.84
C UNK Y 120 -56.70 11.37 1.34
N UNK Y 121 -55.99 12.47 1.60
CA UNK Y 121 -54.60 12.63 1.18
C UNK Y 121 -53.94 13.78 1.94
N UNK Y 122 -52.75 13.54 2.47
CA UNK Y 122 -52.01 14.55 3.23
C UNK Y 122 -51.09 15.42 2.38
N UNK Y 123 -49.84 15.00 2.23
CA UNK Y 123 -48.83 15.72 1.47
C UNK Y 123 -48.44 17.06 2.09
N UNK Y 124 -47.89 17.00 3.30
CA UNK Y 124 -47.48 18.21 4.02
C UNK Y 124 -46.03 18.10 4.49
N UNK Y 125 -45.75 18.61 5.70
CA UNK Y 125 -44.42 18.58 6.29
C UNK Y 125 -43.36 19.35 5.50
N UNK Y 126 -42.10 18.98 5.68
CA UNK Y 126 -40.97 19.61 4.99
C UNK Y 126 -39.65 18.91 5.33
N UNK Y 127 -38.78 19.59 6.07
CA UNK Y 127 -37.49 19.05 6.47
C UNK Y 127 -36.94 19.75 7.71
N UNK Y 128 -35.75 19.33 8.15
CA UNK Y 128 -35.11 19.91 9.33
C UNK Y 128 -34.76 21.38 9.12
N UNK Y 129 -35.55 22.25 9.76
CA UNK Y 129 -35.35 23.69 9.65
C UNK Y 129 -34.06 24.15 10.31
N UNK Y 130 -33.32 25.01 9.60
CA UNK Y 130 -32.06 25.55 10.10
C UNK Y 130 -31.65 26.76 9.26
N UNK Y 131 -31.38 26.51 7.98
CA UNK Y 131 -30.97 27.55 7.04
C UNK Y 131 -29.67 28.22 7.49
N UNK Y 132 -29.47 29.47 7.07
CA UNK Y 132 -28.27 30.23 7.41
C UNK Y 132 -26.98 29.46 7.13
N UNK Y 133 -26.89 28.92 5.92
CA UNK Y 133 -25.74 28.12 5.50
C UNK Y 133 -24.44 28.92 5.43
N UNK Y 134 -23.32 28.20 5.44
CA UNK Y 134 -22.00 28.78 5.37
C UNK Y 134 -21.64 29.12 3.92
N UNK Y 135 -20.51 28.59 3.46
CA UNK Y 135 -20.06 28.82 2.09
C UNK Y 135 -20.26 27.57 1.24
N UNK Y 136 -19.37 26.59 1.42
CA UNK Y 136 -19.43 25.34 0.67
C UNK Y 136 -18.41 24.33 1.21
N UNK Y 137 -17.43 23.97 0.37
CA UNK Y 137 -16.39 23.02 0.75
C UNK Y 137 -15.46 23.59 1.82
N UNK Y 138 -14.96 22.71 2.68
CA UNK Y 138 -14.05 23.11 3.76
C UNK Y 138 -12.72 23.62 3.19
N UNK Y 139 -12.46 23.30 1.92
CA UNK Y 139 -11.24 23.72 1.25
C UNK Y 139 -11.55 24.31 -0.13
N UNK Y 140 -10.53 24.39 -0.98
CA UNK Y 140 -10.68 24.93 -2.32
C UNK Y 140 -9.81 24.19 -3.33
N UNK Y 141 -10.45 23.56 -4.32
CA UNK Y 141 -9.77 22.82 -5.35
C UNK Y 141 -10.71 22.58 -6.53
N UNK Y 142 -11.64 21.64 -6.36
CA UNK Y 142 -12.61 21.32 -7.40
C UNK Y 142 -13.87 22.17 -7.20
N UNK Y 143 -14.55 21.97 -6.07
CA UNK Y 143 -15.77 22.70 -5.72
C UNK Y 143 -16.88 22.61 -6.77
N UNK Y 144 -16.91 21.52 -7.53
CA UNK Y 144 -17.92 21.31 -8.56
C UNK Y 144 -18.21 19.81 -8.72
N UNK Y 145 -18.90 19.46 -9.79
CA UNK Y 145 -19.25 18.07 -10.10
C UNK Y 145 -20.21 17.47 -9.05
N UNK Y 146 -19.66 16.65 -8.15
CA UNK Y 146 -20.47 16.01 -7.11
C UNK Y 146 -20.35 16.73 -5.77
N UNK Y 147 -19.54 17.79 -5.73
CA UNK Y 147 -19.34 18.57 -4.52
C UNK Y 147 -20.46 19.56 -4.30
N UNK Y 148 -20.92 20.18 -5.39
CA UNK Y 148 -21.99 21.16 -5.33
C UNK Y 148 -23.37 20.48 -5.32
N UNK Y 149 -23.37 19.16 -5.28
CA UNK Y 149 -24.61 18.38 -5.26
C UNK Y 149 -25.06 18.14 -3.82
N UNK Y 150 -24.10 17.97 -2.93
CA UNK Y 150 -24.38 17.73 -1.51
C UNK Y 150 -24.51 19.03 -0.72
N UNK Y 151 -24.13 20.13 -1.35
CA UNK Y 151 -24.20 21.44 -0.70
C UNK Y 151 -25.44 22.20 -1.16
N UNK Y 152 -26.61 21.75 -0.73
CA UNK Y 152 -27.86 22.38 -1.12
C UNK Y 152 -28.95 22.21 -0.04
N UNK Y 153 -30.15 22.67 -0.36
CA UNK Y 153 -31.29 22.57 0.55
C UNK Y 153 -32.60 22.56 -0.22
N UNK Y 154 -33.26 21.40 -0.23
CA UNK Y 154 -34.52 21.24 -0.93
C UNK Y 154 -35.71 21.10 0.02
N UNK Y 155 -36.89 20.87 -0.53
CA UNK Y 155 -38.10 20.70 0.26
C UNK Y 155 -39.20 20.00 -0.54
N UNK Y 156 -39.47 18.75 -0.18
CA UNK Y 156 -40.50 17.95 -0.85
C UNK Y 156 -41.77 17.82 -0.01
N UNK Y 157 -42.76 17.13 -0.56
CA UNK Y 157 -44.03 16.91 0.12
C UNK Y 157 -44.89 15.91 -0.64
N UNK Y 158 -45.10 14.73 -0.05
CA UNK Y 158 -45.90 13.68 -0.68
C UNK Y 158 -46.30 12.60 0.32
N UNK Y 159 -47.56 12.65 0.79
CA UNK Y 159 -48.07 11.68 1.75
C UNK Y 159 -49.55 11.38 1.49
N UNK Y 160 -50.08 10.40 2.23
CA UNK Y 160 -51.49 10.00 2.11
C UNK Y 160 -51.87 8.98 3.17
N UNK Y 161 -52.29 9.46 4.34
CA UNK Y 161 -52.69 8.60 5.44
C UNK Y 161 -54.11 8.06 5.22
N UNK Y 162 -54.52 7.09 6.04
CA UNK Y 162 -55.84 6.49 5.93
C UNK Y 162 -56.18 5.61 7.13
N UNK Y 163 -56.59 6.23 8.23
CA UNK Y 163 -56.96 5.51 9.45
C UNK Y 163 -58.43 5.71 9.78
N UNK Y 164 -59.16 4.61 9.90
CA UNK Y 164 -60.59 4.67 10.20
C UNK Y 164 -61.08 3.53 11.10
N UNK Y 165 -61.59 3.88 12.28
CA UNK Y 165 -62.11 2.91 13.23
C UNK Y 165 -63.05 3.58 14.23
N UNK Y 166 -63.68 2.77 15.07
CA UNK Y 166 -64.60 3.27 16.08
C UNK Y 166 -63.86 3.79 17.31
N UNK Y 167 -63.80 5.12 17.43
CA UNK Y 167 -63.11 5.76 18.55
C UNK Y 167 -64.02 5.85 19.79
N UNK Y 168 -65.15 6.53 19.62
CA UNK Y 168 -66.11 6.71 20.72
C UNK Y 168 -66.87 5.42 21.00
N UNK Y 176 -72.66 22.16 12.61
CA UNK Y 176 -71.41 22.18 13.43
C UNK Y 176 -71.66 22.83 14.79
N UNK Y 177 -71.26 22.13 15.86
CA UNK Y 177 -71.44 22.64 17.21
C UNK Y 177 -70.26 22.30 18.11
N UNK Y 178 -70.25 21.09 18.66
CA UNK Y 178 -69.18 20.64 19.55
C UNK Y 178 -69.34 19.16 19.88
N UNK Y 179 -68.29 18.38 19.66
CA UNK Y 179 -68.31 16.95 19.93
C UNK Y 179 -66.91 16.34 19.85
N UNK Y 180 -66.20 16.33 20.98
CA UNK Y 180 -64.86 15.78 21.05
C UNK Y 180 -64.89 14.25 21.14
N UNK Y 181 -64.02 13.59 20.37
CA UNK Y 181 -63.96 12.13 20.34
C UNK Y 181 -62.72 11.56 21.04
N UNK Y 182 -62.32 10.36 20.62
CA UNK Y 182 -61.16 9.68 21.19
C UNK Y 182 -60.14 9.31 20.12
N UNK Y 183 -59.05 8.66 20.53
CA UNK Y 183 -58.00 8.26 19.60
C UNK Y 183 -57.77 6.75 19.60
N UNK Y 184 -58.16 6.11 18.49
CA UNK Y 184 -58.01 4.67 18.31
C UNK Y 184 -58.51 4.30 16.93
N UNK Y 185 -58.25 5.19 15.97
CA UNK Y 185 -58.68 5.00 14.58
C UNK Y 185 -57.91 3.91 13.81
N UNK Y 186 -57.58 2.82 14.51
CA UNK Y 186 -56.86 1.69 13.93
C UNK Y 186 -55.41 2.00 13.53
N UNK Y 187 -55.12 3.28 13.26
CA UNK Y 187 -53.78 3.74 12.88
C UNK Y 187 -53.30 3.20 11.53
N UNK Y 188 -52.60 4.06 10.80
CA UNK Y 188 -52.05 3.72 9.48
C UNK Y 188 -51.26 4.90 8.92
N UNK Y 189 -50.26 4.61 8.09
CA UNK Y 189 -49.43 5.65 7.49
C UNK Y 189 -48.76 5.18 6.20
N UNK Y 190 -48.06 6.11 5.56
CA UNK Y 190 -47.35 5.82 4.31
C UNK Y 190 -46.44 7.00 3.94
N UNK Y 191 -46.09 7.80 4.94
CA UNK Y 191 -45.25 8.97 4.74
C UNK Y 191 -43.77 8.64 4.55
N UNK Y 192 -43.21 9.12 3.45
CA UNK Y 192 -41.80 8.91 3.13
C UNK Y 192 -40.97 10.06 3.70
N UNK Y 193 -39.89 9.72 4.40
CA UNK Y 193 -39.01 10.71 5.01
C UNK Y 193 -38.09 11.39 3.99
N UNK Y 194 -37.43 12.46 4.41
CA UNK Y 194 -36.52 13.20 3.55
C UNK Y 194 -35.50 13.99 4.37
N UNK Y 195 -34.34 14.26 3.77
CA UNK Y 195 -33.27 14.99 4.46
C UNK Y 195 -32.22 15.53 3.49
N UNK Y 196 -31.31 14.65 3.07
CA UNK Y 196 -30.24 15.02 2.15
C UNK Y 196 -29.82 13.84 1.29
N UNK Y 197 -29.98 13.98 -0.03
CA UNK Y 197 -29.65 12.93 -0.98
C UNK Y 197 -30.56 11.72 -0.78
N UNK Y 198 -30.33 10.66 -1.56
CA UNK Y 198 -31.13 9.44 -1.47
C UNK Y 198 -32.63 9.73 -1.66
N UNK Y 199 -33.47 8.88 -1.08
CA UNK Y 199 -34.92 9.01 -1.18
C UNK Y 199 -35.63 8.06 -0.22
N UNK Y 200 -35.73 6.79 -0.60
CA UNK Y 200 -36.39 5.75 0.21
C UNK Y 200 -37.88 6.03 0.45
N UNK Y 201 -38.42 5.41 1.49
CA UNK Y 201 -39.84 5.56 1.86
C UNK Y 201 -40.14 4.84 3.16
N UNK Y 202 -41.34 5.05 3.70
CA UNK Y 202 -41.76 4.41 4.93
C UNK Y 202 -43.28 4.19 4.98
N UNK Y 203 -43.74 3.51 6.02
CA UNK Y 203 -45.17 3.21 6.19
C UNK Y 203 -45.42 2.73 7.63
N UNK Y 204 -45.68 3.67 8.53
CA UNK Y 204 -45.94 3.36 9.93
C UNK Y 204 -47.31 2.74 10.18
N UNK Y 205 -47.32 1.59 10.84
CA UNK Y 205 -48.57 0.88 11.15
C UNK Y 205 -48.33 -0.20 12.20
N UNK Z 6 -27.75 22.19 -8.35
CA UNK Z 6 -26.96 23.29 -7.72
C UNK Z 6 -27.66 24.64 -7.85
N UNK Z 7 -28.59 24.74 -8.79
CA UNK Z 7 -29.33 25.99 -9.02
C UNK Z 7 -30.50 26.12 -8.06
N UNK Z 8 -31.03 24.99 -7.60
CA UNK Z 8 -32.17 24.96 -6.69
C UNK Z 8 -31.72 24.79 -5.24
N UNK Z 9 -30.46 24.40 -5.04
CA UNK Z 9 -29.91 24.19 -3.71
C UNK Z 9 -29.26 25.46 -3.16
N UNK Z 10 -28.97 26.41 -4.04
CA UNK Z 10 -28.34 27.67 -3.65
C UNK Z 10 -29.35 28.76 -3.34
N UNK Z 11 -30.45 28.79 -4.07
CA UNK Z 11 -31.49 29.79 -3.87
C UNK Z 11 -32.50 29.40 -2.78
N UNK Z 12 -32.28 28.26 -2.15
CA UNK Z 12 -33.16 27.78 -1.10
C UNK Z 12 -32.78 28.30 0.29
N UNK Z 13 -31.66 29.00 0.37
CA UNK Z 13 -31.19 29.55 1.64
C UNK Z 13 -30.61 30.96 1.48
N UNK Z 14 -30.54 31.45 0.25
CA UNK Z 14 -30.02 32.77 -0.03
C UNK Z 14 -31.12 33.72 -0.51
N UNK Z 15 -31.35 33.73 -1.83
CA UNK Z 15 -32.37 34.58 -2.46
C UNK Z 15 -32.10 36.08 -2.30
N UNK Z 16 -32.92 36.87 -2.98
CA UNK Z 16 -32.81 38.33 -2.94
C UNK Z 16 -34.02 38.96 -3.63
N UNK Z 17 -33.78 40.05 -4.36
CA UNK Z 17 -34.83 40.77 -5.08
C UNK Z 17 -35.79 41.57 -4.20
N UNK Z 18 -35.99 41.11 -2.97
CA UNK Z 18 -36.88 41.77 -2.03
C UNK Z 18 -36.34 43.14 -1.62
N UNK Z 19 -35.02 43.24 -1.52
CA UNK Z 19 -34.32 44.47 -1.15
C UNK Z 19 -34.51 44.84 0.33
N UNK Z 20 -35.75 45.20 0.68
CA UNK Z 20 -36.08 45.57 2.05
C UNK Z 20 -36.89 44.47 2.73
N UNK Z 21 -38.16 44.77 3.01
CA UNK Z 21 -39.06 43.82 3.66
C UNK Z 21 -39.72 42.86 2.68
N UNK Z 22 -40.32 41.79 3.20
CA UNK Z 22 -40.99 40.80 2.39
C UNK Z 22 -42.14 40.15 3.15
N UNK Z 23 -42.79 39.16 2.53
CA UNK Z 23 -43.90 38.45 3.15
C UNK Z 23 -43.43 37.50 4.26
N UNK Z 24 -42.17 37.08 4.17
CA UNK Z 24 -41.60 36.17 5.16
C UNK Z 24 -40.21 36.63 5.60
N UNK Z 25 -40.16 37.46 6.64
CA UNK Z 25 -38.91 37.98 7.16
C UNK Z 25 -38.92 38.08 8.68
N UNK Z 26 -39.88 37.39 9.30
CA UNK Z 26 -40.04 37.38 10.76
C UNK Z 26 -40.50 38.72 11.30
N UNK Z 27 -40.73 38.78 12.61
CA UNK Z 27 -41.18 40.01 13.28
C UNK Z 27 -40.01 40.93 13.63
N UNK Z 28 -38.84 40.64 13.07
CA UNK Z 28 -37.65 41.45 13.31
C UNK Z 28 -37.50 42.55 12.26
N UNK Z 29 -38.25 42.42 11.17
CA UNK Z 29 -38.20 43.38 10.08
C UNK Z 29 -39.00 44.65 10.38
N UNK Z 30 -40.08 44.49 11.15
CA UNK Z 30 -40.95 45.61 11.51
C UNK Z 30 -40.30 46.54 12.54
N UNK Z 31 -39.54 45.96 13.47
CA UNK Z 31 -38.88 46.74 14.51
C UNK Z 31 -37.62 47.45 14.01
N UNK Z 32 -37.37 47.37 12.71
CA UNK Z 32 -36.20 48.01 12.11
C UNK Z 32 -36.57 49.22 11.24
N UNK Z 33 -37.72 49.14 10.58
CA UNK Z 33 -38.19 50.21 9.71
C UNK Z 33 -39.43 50.90 10.28
N UNK Z 34 -39.94 51.89 9.54
CA UNK Z 34 -41.13 52.66 9.92
C UNK Z 34 -41.12 53.12 11.38
N UNK Z 35 -42.18 52.78 12.12
CA UNK Z 35 -42.33 53.15 13.53
C UNK Z 35 -43.56 52.50 14.16
N UNK Z 36 -44.57 52.24 13.34
CA UNK Z 36 -45.81 51.62 13.81
C UNK Z 36 -45.85 50.12 13.54
N UNK Z 37 -46.92 49.48 14.03
CA UNK Z 37 -47.13 48.03 13.86
C UNK Z 37 -46.01 47.19 14.46
N UNK Z 38 -45.92 47.19 15.79
CA UNK Z 38 -44.91 46.41 16.48
C UNK Z 38 -45.47 45.71 17.71
N UNK Z 39 -46.78 45.47 17.71
CA UNK Z 39 -47.44 44.80 18.84
C UNK Z 39 -48.83 44.29 18.50
N UNK Z 40 -49.75 45.20 18.21
CA UNK Z 40 -51.12 44.85 17.88
C UNK Z 40 -51.35 44.62 16.39
N UNK Z 41 -50.93 45.58 15.57
CA UNK Z 41 -51.09 45.49 14.13
C UNK Z 41 -50.07 44.55 13.48
N UNK Z 42 -49.04 44.20 14.23
CA UNK Z 42 -47.99 43.31 13.74
C UNK Z 42 -48.45 41.86 13.71
N UNK Z 43 -49.24 41.47 14.70
CA UNK Z 43 -49.75 40.11 14.79
C UNK Z 43 -51.02 39.90 13.95
N UNK Z 44 -51.49 40.97 13.31
CA UNK Z 44 -52.69 40.90 12.48
C UNK Z 44 -52.36 40.64 11.03
N UNK Z 45 -51.45 41.46 10.47
CA UNK Z 45 -51.03 41.33 9.08
C UNK Z 45 -50.17 40.10 8.82
N UNK Z 46 -49.65 39.50 9.89
CA UNK Z 46 -48.81 38.31 9.77
C UNK Z 46 -49.65 37.03 9.68
N UNK Z 47 -50.88 37.09 10.18
CA UNK Z 47 -51.77 35.94 10.16
C UNK Z 47 -52.74 35.96 8.98
N UNK Z 48 -52.83 37.11 8.31
CA UNK Z 48 -53.73 37.26 7.17
C UNK Z 48 -53.03 37.01 5.83
N UNK Z 49 -51.77 37.42 5.72
CA UNK Z 49 -51.00 37.26 4.49
C UNK Z 49 -50.82 35.80 4.09
N UNK Z 50 -51.30 35.46 2.89
CA UNK Z 50 -51.20 34.11 2.37
C UNK Z 50 -51.60 34.04 0.90
N UNK Z 51 -52.60 34.84 0.54
CA UNK Z 51 -53.10 34.89 -0.83
C UNK Z 51 -52.20 35.72 -1.75
N UNK Z 52 -51.66 36.81 -1.22
CA UNK Z 52 -50.77 37.71 -1.96
C UNK Z 52 -51.51 38.52 -3.03
N UNK Z 53 -51.32 39.83 -3.00
CA UNK Z 53 -51.96 40.71 -3.97
C UNK Z 53 -51.11 41.96 -4.22
N UNK Z 54 -51.76 43.10 -4.42
CA UNK Z 54 -51.08 44.36 -4.68
C UNK Z 54 -50.62 45.04 -3.39
N UNK Z 55 -50.51 44.26 -2.31
CA UNK Z 55 -50.08 44.73 -1.00
C UNK Z 55 -51.12 45.60 -0.28
N UNK Z 56 -51.85 46.41 -1.02
CA UNK Z 56 -52.87 47.28 -0.45
C UNK Z 56 -54.18 46.55 -0.17
N UNK Z 57 -54.24 45.27 -0.55
CA UNK Z 57 -55.43 44.46 -0.34
C UNK Z 57 -55.36 43.65 0.95
N UNK Z 58 -54.17 43.59 1.54
CA UNK Z 58 -53.96 42.86 2.79
C UNK Z 58 -54.50 43.63 3.98
N UNK Z 59 -54.36 44.95 3.96
CA UNK Z 59 -54.84 45.81 5.03
C UNK Z 59 -56.36 45.96 4.97
N UNK Z 60 -56.95 45.66 3.82
CA UNK Z 60 -58.40 45.77 3.64
C UNK Z 60 -59.12 44.57 4.24
N UNK Z 61 -58.37 43.57 4.68
CA UNK Z 61 -58.93 42.36 5.27
C UNK Z 61 -58.84 42.36 6.80
N UNK Z 62 -58.03 43.28 7.33
CA UNK Z 62 -57.85 43.40 8.78
C UNK Z 62 -59.04 44.09 9.45
N UNK Z 63 -58.89 44.45 10.71
CA UNK Z 63 -59.95 45.13 11.45
C UNK Z 63 -59.39 46.27 12.30
N UNK Z 64 -58.46 47.02 11.71
CA UNK Z 64 -57.82 48.15 12.36
C UNK Z 64 -58.70 49.41 12.32
N UNK Z 65 -58.14 50.51 12.80
CA UNK Z 65 -58.84 51.79 12.82
C UNK Z 65 -57.81 52.93 12.84
N UNK Z 66 -57.50 53.45 11.65
CA UNK Z 66 -56.52 54.53 11.50
C UNK Z 66 -55.13 54.11 11.97
N UNK Z 67 -54.91 52.80 12.04
CA UNK Z 67 -53.63 52.25 12.46
C UNK Z 67 -52.88 51.67 11.27
N UNK Z 68 -53.57 50.81 10.52
CA UNK Z 68 -52.98 50.18 9.34
C UNK Z 68 -53.27 51.05 8.11
N UNK Z 69 -54.16 52.03 8.28
CA UNK Z 69 -54.54 52.92 7.19
C UNK Z 69 -53.45 53.96 6.92
N UNK Z 70 -52.53 54.10 7.87
CA UNK Z 70 -51.43 55.04 7.74
C UNK Z 70 -50.23 54.39 7.04
N UNK Z 71 -50.05 53.09 7.28
CA UNK Z 71 -48.96 52.33 6.69
C UNK Z 71 -49.38 51.66 5.38
N UNK Z 72 -50.55 52.05 4.87
CA UNK Z 72 -51.07 51.48 3.62
C UNK Z 72 -50.56 52.24 2.39
N UNK Z 73 -49.48 53.00 2.58
CA UNK Z 73 -48.89 53.77 1.49
C UNK Z 73 -47.90 52.94 0.67
N UNK Z 74 -47.65 51.71 1.12
CA UNK Z 74 -46.73 50.78 0.47
C UNK Z 74 -45.28 51.25 0.48
N UNK Z 75 -44.70 51.42 -0.72
CA UNK Z 75 -43.32 51.85 -0.90
C UNK Z 75 -42.29 50.79 -0.54
N UNK Z 76 -42.75 49.72 0.11
CA UNK Z 76 -41.89 48.61 0.52
C UNK Z 76 -42.72 47.48 1.14
N UNK Z 77 -43.28 46.63 0.27
CA UNK Z 77 -44.11 45.51 0.72
C UNK Z 77 -44.36 44.45 -0.35
N UNK Z 78 -44.71 43.25 0.10
CA UNK Z 78 -44.97 42.11 -0.78
C UNK Z 78 -43.74 41.68 -1.58
N UNK Z 79 -43.85 41.68 -2.91
CA UNK Z 79 -42.75 41.30 -3.80
C UNK Z 79 -42.27 39.86 -3.61
N UNK Z 80 -42.93 39.12 -2.73
CA UNK Z 80 -42.56 37.74 -2.45
C UNK Z 80 -43.34 36.73 -3.30
N UNK Z 81 -42.62 35.79 -3.88
CA UNK Z 81 -43.23 34.75 -4.72
C UNK Z 81 -43.41 33.46 -3.94
N UNK Z 82 -44.65 33.19 -3.52
CA UNK Z 82 -44.96 32.00 -2.76
C UNK Z 82 -44.88 30.75 -3.64
N UNK Z 83 -43.84 29.94 -3.41
CA UNK Z 83 -43.64 28.71 -4.17
C UNK Z 83 -42.54 27.87 -3.54
N UNK Z 84 -41.30 28.34 -3.65
CA UNK Z 84 -40.16 27.63 -3.09
C UNK Z 84 -40.01 27.88 -1.59
N UNK Z 85 -40.69 28.92 -1.09
CA UNK Z 85 -40.64 29.26 0.32
C UNK Z 85 -41.60 28.40 1.15
N UNK Z 86 -41.35 27.10 1.15
CA UNK Z 86 -42.18 26.16 1.91
C UNK Z 86 -41.48 25.71 3.18
N UNK Z 87 -40.16 25.68 3.14
CA UNK Z 87 -39.35 25.27 4.28
C UNK Z 87 -39.10 26.42 5.24
N UNK Z 88 -39.18 27.65 4.73
CA UNK Z 88 -38.98 28.85 5.54
C UNK Z 88 -40.22 29.20 6.34
N UNK Z 89 -41.39 28.86 5.81
CA UNK Z 89 -42.66 29.13 6.46
C UNK Z 89 -42.91 28.24 7.68
N UNK Z 90 -41.99 27.30 7.92
CA UNK Z 90 -42.11 26.39 9.05
C UNK Z 90 -41.80 27.06 10.37
N UNK Z 91 -40.69 27.81 10.42
CA UNK Z 91 -40.28 28.51 11.63
C UNK Z 91 -40.61 30.00 11.56
N UNK Z 92 -41.71 30.39 12.20
CA UNK Z 92 -42.14 31.77 12.22
C UNK Z 92 -41.36 32.59 13.25
N UNK Z 93 -40.58 31.91 14.08
CA UNK Z 93 -39.78 32.56 15.11
C UNK Z 93 -38.60 31.69 15.51
N UNK Z 94 -37.49 31.85 14.79
CA UNK Z 94 -36.27 31.09 15.05
C UNK Z 94 -35.07 31.71 14.33
N UNK Z 95 -35.33 32.75 13.54
CA UNK Z 95 -34.29 33.44 12.81
C UNK Z 95 -33.62 34.53 13.64
N UNK Z 96 -34.44 35.24 14.43
CA UNK Z 96 -33.95 36.31 15.28
C UNK Z 96 -33.14 35.78 16.45
N UNK Z 97 -31.92 36.30 16.61
CA UNK Z 97 -31.03 35.89 17.69
C UNK Z 97 -31.33 36.64 18.99
N GLU AA 2 -13.72 61.11 29.17
CA GLU AA 2 -13.80 62.60 29.11
C GLU AA 2 -15.24 63.06 28.91
N LEU AA 3 -15.94 63.33 30.00
CA LEU AA 3 -17.31 63.79 29.96
C LEU AA 3 -17.40 65.30 29.83
N THR AA 4 -17.76 65.77 28.65
CA THR AA 4 -17.89 67.20 28.40
C THR AA 4 -19.34 67.65 28.59
N PRO AA 5 -19.58 68.98 28.55
CA PRO AA 5 -20.91 69.56 28.72
C PRO AA 5 -21.80 69.34 27.49
N GLU AA 6 -21.18 68.95 26.38
CA GLU AA 6 -21.91 68.70 25.14
C GLU AA 6 -22.46 67.28 25.10
N VAL AA 7 -21.73 66.34 25.69
CA VAL AA 7 -22.14 64.93 25.72
C VAL AA 7 -23.39 64.73 26.56
N LEU AA 8 -23.38 65.26 27.78
CA LEU AA 8 -24.53 65.13 28.68
C LEU AA 8 -25.52 66.28 28.49
N THR AA 9 -25.84 66.57 27.24
CA THR AA 9 -26.79 67.64 26.90
C THR AA 9 -28.05 67.06 26.28
N VAL AA 10 -28.74 66.21 27.04
CA VAL AA 10 -29.97 65.58 26.56
C VAL AA 10 -31.04 66.62 26.26
N PRO AA 11 -31.90 66.33 25.28
CA PRO AA 11 -33.01 67.17 24.80
C PRO AA 11 -34.26 66.97 25.64
N LEU AA 12 -35.25 67.84 25.44
CA LEU AA 12 -36.51 67.78 26.16
C LEU AA 12 -37.55 68.66 25.45
N THR AA 22 -25.22 67.20 35.04
CA THR AA 22 -24.05 67.06 35.98
C THR AA 22 -23.57 65.61 36.05
N GLU AA 23 -22.29 65.45 36.40
CA GLU AA 23 -21.69 64.12 36.52
C GLU AA 23 -22.23 63.39 37.76
N LYS AA 24 -22.97 64.11 38.59
CA LYS AA 24 -23.56 63.52 39.79
C LYS AA 24 -24.88 62.83 39.46
N GLN AA 25 -25.54 63.31 38.42
CA GLN AA 25 -26.81 62.74 37.98
C GLN AA 25 -26.58 61.47 37.15
N TYR AA 26 -25.54 61.49 36.32
CA TYR AA 26 -25.20 60.36 35.47
C TYR AA 26 -24.73 59.17 36.31
N LEU AA 27 -24.06 59.47 37.42
CA LEU AA 27 -23.54 58.44 38.32
C LEU AA 27 -24.66 57.83 39.17
N GLU AA 28 -25.75 58.58 39.33
CA GLU AA 28 -26.89 58.12 40.12
C GLU AA 28 -27.77 57.14 39.34
N GLY AA 29 -27.96 57.44 38.05
CA GLY AA 29 -28.78 56.59 37.21
C GLY AA 29 -28.04 55.37 36.70
N LYS AA 30 -26.71 55.40 36.78
CA LYS AA 30 -25.88 54.29 36.34
C LYS AA 30 -25.90 53.15 37.34
N ARG AA 31 -26.28 53.46 38.58
CA ARG AA 31 -26.35 52.47 39.64
C ARG AA 31 -27.78 52.01 39.91
N LEU AA 32 -28.75 52.74 39.39
CA LEU AA 32 -30.16 52.37 39.57
C LEU AA 32 -30.69 51.56 38.39
N PHE AA 33 -30.15 51.81 37.21
CA PHE AA 33 -30.55 51.09 36.00
C PHE AA 33 -29.79 49.77 35.86
N GLN AA 34 -28.74 49.61 36.66
CA GLN AA 34 -27.92 48.40 36.63
C GLN AA 34 -28.08 47.54 37.89
N TYR AA 35 -28.92 47.98 38.81
CA TYR AA 35 -29.15 47.24 40.05
C TYR AA 35 -30.59 46.75 40.18
N ALA AA 36 -31.44 47.14 39.23
CA ALA AA 36 -32.85 46.74 39.23
C ALA AA 36 -33.47 46.82 37.84
N CYS AA 37 -32.64 46.71 36.81
CA CYS AA 37 -33.12 46.78 35.43
C CYS AA 37 -32.19 46.04 34.47
N ALA AA 38 -30.92 45.91 34.86
CA ALA AA 38 -29.93 45.21 34.06
C ALA AA 38 -30.16 43.70 34.11
N SER AA 39 -31.13 43.28 34.92
CA SER AA 39 -31.47 41.87 35.04
C SER AA 39 -32.12 41.37 33.75
N CYS AA 40 -32.38 42.30 32.84
CA CYS AA 40 -33.00 41.99 31.55
C CYS AA 40 -32.58 43.04 30.51
N HIS AA 41 -31.63 43.90 30.89
CA HIS AA 41 -31.12 44.94 30.02
C HIS AA 41 -29.61 45.09 30.26
N VAL AA 42 -28.90 43.97 30.21
CA VAL AA 42 -27.46 43.96 30.42
C VAL AA 42 -26.68 44.57 29.26
N GLY AA 43 -26.00 45.68 29.55
CA GLY AA 43 -25.22 46.37 28.53
C GLY AA 43 -26.03 46.90 27.36
N GLY AA 44 -27.19 47.49 27.66
CA GLY AA 44 -28.05 48.03 26.63
C GLY AA 44 -28.53 46.98 25.63
N ILE AA 45 -29.52 46.20 26.04
CA ILE AA 45 -30.07 45.16 25.19
C ILE AA 45 -31.39 44.62 25.76
N THR AA 46 -31.74 43.39 25.40
CA THR AA 46 -32.96 42.78 25.86
C THR AA 46 -32.85 41.26 25.87
N LYS AA 47 -33.33 40.64 26.94
CA LYS AA 47 -33.27 39.18 27.08
C LYS AA 47 -34.62 38.54 26.78
N THR AA 48 -35.69 39.33 26.81
CA THR AA 48 -37.03 38.83 26.55
C THR AA 48 -37.75 39.69 25.51
N ASN AA 49 -37.07 39.96 24.40
CA ASN AA 49 -37.62 40.76 23.32
C ASN AA 49 -36.84 40.52 22.03
N PRO AA 50 -37.50 40.67 20.88
CA PRO AA 50 -36.86 40.47 19.58
C PRO AA 50 -36.08 41.70 19.10
N SER AA 51 -34.86 41.86 19.61
CA SER AA 51 -34.00 42.98 19.26
C SER AA 51 -34.65 44.33 19.57
N LEU AA 52 -34.67 44.69 20.85
CA LEU AA 52 -35.27 45.94 21.29
C LEU AA 52 -34.38 46.68 22.27
N ASP AA 53 -33.20 47.09 21.81
CA ASP AA 53 -32.25 47.83 22.64
C ASP AA 53 -32.76 49.24 22.89
N LEU AA 54 -32.07 49.98 23.75
CA LEU AA 54 -32.45 51.35 24.09
C LEU AA 54 -31.64 52.37 23.28
N ARG AA 55 -31.23 51.98 22.07
CA ARG AA 55 -30.46 52.87 21.21
C ARG AA 55 -31.24 54.10 20.79
N THR AA 56 -30.52 55.17 20.47
CA THR AA 56 -31.14 56.43 20.05
C THR AA 56 -31.81 56.33 18.68
N GLU AA 57 -31.90 55.11 18.16
CA GLU AA 57 -32.52 54.85 16.87
C GLU AA 57 -33.74 53.96 17.07
N THR AA 58 -33.91 53.47 18.30
CA THR AA 58 -35.03 52.61 18.67
C THR AA 58 -36.10 53.39 19.44
N LEU AA 59 -35.66 54.39 20.19
CA LEU AA 59 -36.54 55.23 20.99
C LEU AA 59 -37.20 56.31 20.13
N ALA AA 60 -36.48 56.74 19.09
CA ALA AA 60 -36.98 57.77 18.18
C ALA AA 60 -38.13 57.25 17.32
N LEU AA 61 -38.24 55.93 17.21
CA LEU AA 61 -39.29 55.29 16.42
C LEU AA 61 -40.54 54.99 17.24
N ALA AA 62 -40.54 55.40 18.51
CA ALA AA 62 -41.68 55.17 19.39
C ALA AA 62 -42.87 56.04 19.05
N THR AA 63 -43.98 55.86 19.77
CA THR AA 63 -45.19 56.62 19.54
C THR AA 63 -45.83 57.11 20.85
N PRO AA 64 -45.49 58.33 21.29
CA PRO AA 64 -44.57 59.31 20.68
C PRO AA 64 -43.10 58.98 20.97
N PRO AA 65 -42.19 59.61 20.20
CA PRO AA 65 -40.74 59.44 20.30
C PRO AA 65 -40.24 59.69 21.72
N ARG AA 66 -39.63 58.67 22.31
CA ARG AA 66 -39.10 58.76 23.67
C ARG AA 66 -37.58 58.99 23.65
N ASP AA 67 -37.12 59.77 22.67
CA ASP AA 67 -35.70 60.08 22.55
C ASP AA 67 -35.34 61.38 23.27
N ASN AA 68 -36.13 61.73 24.28
CA ASN AA 68 -35.90 62.94 25.07
C ASN AA 68 -35.74 62.60 26.54
N ILE AA 69 -35.76 63.63 27.40
CA ILE AA 69 -35.63 63.45 28.84
C ILE AA 69 -36.98 63.66 29.50
N GLU AA 70 -37.89 64.31 28.76
CA GLU AA 70 -39.23 64.59 29.25
C GLU AA 70 -40.24 63.58 28.71
N GLY AA 71 -39.85 62.87 27.66
CA GLY AA 71 -40.72 61.87 27.06
C GLY AA 71 -40.48 60.48 27.59
N LEU AA 72 -39.22 60.14 27.84
CA LEU AA 72 -38.84 58.83 28.35
C LEU AA 72 -39.21 58.66 29.84
N VAL AA 73 -39.18 59.77 30.57
CA VAL AA 73 -39.49 59.77 31.99
C VAL AA 73 -40.95 59.41 32.27
N ASP AA 74 -41.85 59.91 31.43
CA ASP AA 74 -43.29 59.64 31.56
C ASP AA 74 -43.61 58.20 31.18
N TYR AA 75 -42.82 57.63 30.28
CA TYR AA 75 -43.01 56.27 29.81
C TYR AA 75 -42.61 55.23 30.84
N MET AA 76 -41.74 55.62 31.79
CA MET AA 76 -41.29 54.71 32.84
C MET AA 76 -42.44 54.27 33.72
N LYS AA 77 -43.18 55.25 34.25
CA LYS AA 77 -44.32 54.97 35.10
C LYS AA 77 -45.47 54.42 34.26
N ASN AA 78 -45.70 55.06 33.12
CA ASN AA 78 -46.76 54.66 32.19
C ASN AA 78 -46.22 53.81 31.04
N PRO AA 79 -45.84 52.55 31.34
CA PRO AA 79 -45.29 51.54 30.43
C PRO AA 79 -46.18 51.27 29.22
N THR AA 80 -45.55 50.98 28.08
CA THR AA 80 -46.28 50.70 26.86
C THR AA 80 -45.87 49.35 26.25
N THR AA 81 -46.29 49.12 25.01
CA THR AA 81 -45.98 47.88 24.31
C THR AA 81 -45.68 48.12 22.82
N TYR AA 82 -44.57 48.80 22.55
CA TYR AA 82 -44.12 49.11 21.20
C TYR AA 82 -45.07 50.00 20.39
N ASP AA 83 -46.11 49.39 19.81
CA ASP AA 83 -47.09 50.12 19.00
C ASP AA 83 -47.85 51.17 19.82
N GLY AA 84 -47.84 50.99 21.13
CA GLY AA 84 -48.52 51.93 22.02
C GLY AA 84 -50.03 51.80 21.99
N GLU AA 85 -50.51 50.58 21.73
CA GLU AA 85 -51.94 50.31 21.67
C GLU AA 85 -52.39 49.47 22.87
N GLN AA 86 -51.66 48.40 23.14
CA GLN AA 86 -51.97 47.52 24.26
C GLN AA 86 -51.23 47.97 25.52
N GLU AA 87 -51.99 48.43 26.52
CA GLU AA 87 -51.41 48.90 27.77
C GLU AA 87 -50.76 47.77 28.55
N ILE AA 88 -49.43 47.80 28.65
CA ILE AA 88 -48.68 46.79 29.37
C ILE AA 88 -48.29 47.30 30.76
N ALA AA 89 -49.30 47.80 31.48
CA ALA AA 89 -49.10 48.34 32.82
C ALA AA 89 -49.02 47.26 33.90
N GLU AA 90 -49.23 46.00 33.50
CA GLU AA 90 -49.19 44.89 34.43
C GLU AA 90 -48.14 43.84 34.04
N VAL AA 91 -47.74 43.85 32.77
CA VAL AA 91 -46.75 42.91 32.26
C VAL AA 91 -45.34 43.33 32.66
N HIS AA 92 -44.99 44.58 32.38
CA HIS AA 92 -43.67 45.11 32.69
C HIS AA 92 -43.70 45.94 33.97
N PRO AA 93 -42.60 45.89 34.74
CA PRO AA 93 -42.48 46.64 36.00
C PRO AA 93 -42.37 48.14 35.75
N SER AA 94 -43.22 48.91 36.42
CA SER AA 94 -43.22 50.36 36.27
C SER AA 94 -43.37 51.06 37.62
N LEU AA 95 -43.13 52.36 37.64
CA LEU AA 95 -43.23 53.15 38.87
C LEU AA 95 -44.67 53.30 39.37
N ARG AA 96 -45.63 53.04 38.49
CA ARG AA 96 -47.05 53.13 38.86
C ARG AA 96 -47.53 51.84 39.51
N SER AA 97 -46.84 50.75 39.21
CA SER AA 97 -47.18 49.44 39.74
C SER AA 97 -46.25 49.03 40.88
N ALA AA 98 -46.46 49.62 42.06
CA ALA AA 98 -45.64 49.32 43.22
C ALA AA 98 -45.91 47.92 43.76
N ASP AA 99 -47.01 47.32 43.30
CA ASP AA 99 -47.39 45.97 43.71
C ASP AA 99 -46.42 44.94 43.13
N ILE AA 100 -46.11 45.07 41.86
CA ILE AA 100 -45.18 44.17 41.19
C ILE AA 100 -43.74 44.63 41.38
N PHE AA 101 -43.49 45.89 41.05
CA PHE AA 101 -42.16 46.48 41.18
C PHE AA 101 -41.93 47.07 42.57
N PRO AA 102 -41.51 46.22 43.52
CA PRO AA 102 -41.25 46.64 44.90
C PRO AA 102 -39.86 47.25 45.07
N LYS AA 103 -39.17 47.45 43.94
CA LYS AA 103 -37.83 48.02 43.95
C LYS AA 103 -37.87 49.54 43.86
N MET AA 104 -38.67 50.05 42.92
CA MET AA 104 -38.81 51.48 42.71
C MET AA 104 -39.90 52.09 43.59
N ARG AA 105 -40.25 51.41 44.68
CA ARG AA 105 -41.28 51.88 45.59
C ARG AA 105 -40.85 53.15 46.33
N ASN AA 106 -39.56 53.21 46.67
CA ASN AA 106 -39.01 54.36 47.37
C ASN AA 106 -38.65 55.49 46.40
N LEU AA 107 -38.26 55.11 45.19
CA LEU AA 107 -37.89 56.07 44.15
C LEU AA 107 -39.06 56.93 43.72
N THR AA 108 -38.80 58.21 43.48
CA THR AA 108 -39.85 59.14 43.06
C THR AA 108 -39.66 59.54 41.60
N GLU AA 109 -40.34 60.62 41.20
CA GLU AA 109 -40.24 61.11 39.82
C GLU AA 109 -38.87 61.74 39.56
N LYS AA 110 -38.01 61.72 40.56
CA LYS AA 110 -36.66 62.28 40.45
C LYS AA 110 -35.70 61.27 39.82
N ASP AA 111 -35.84 60.00 40.19
CA ASP AA 111 -35.00 58.94 39.67
C ASP AA 111 -35.46 58.43 38.30
N LEU AA 112 -36.60 58.94 37.84
CA LEU AA 112 -37.16 58.54 36.56
C LEU AA 112 -36.39 59.16 35.39
N VAL AA 113 -36.08 60.45 35.51
CA VAL AA 113 -35.35 61.17 34.48
C VAL AA 113 -33.86 60.85 34.52
N ALA AA 114 -33.44 60.07 35.51
CA ALA AA 114 -32.06 59.68 35.67
C ALA AA 114 -31.75 58.44 34.84
N ILE AA 115 -32.61 57.43 34.98
CA ILE AA 115 -32.45 56.18 34.24
C ILE AA 115 -32.74 56.37 32.75
N ALA AA 116 -33.40 57.48 32.43
CA ALA AA 116 -33.75 57.83 31.05
C ALA AA 116 -32.56 58.51 30.38
N GLY AA 117 -31.99 59.50 31.06
CA GLY AA 117 -30.85 60.21 30.52
C GLY AA 117 -29.59 59.36 30.53
N HIS AA 118 -29.64 58.25 31.26
CA HIS AA 118 -28.51 57.33 31.36
C HIS AA 118 -28.42 56.47 30.10
N ILE AA 119 -29.58 56.14 29.54
CA ILE AA 119 -29.65 55.32 28.34
C ILE AA 119 -29.22 56.10 27.09
N LEU AA 120 -29.70 57.35 27.00
CA LEU AA 120 -29.39 58.22 25.88
C LEU AA 120 -27.91 58.57 25.81
N VAL AA 121 -27.33 58.86 26.98
CA VAL AA 121 -25.92 59.22 27.09
C VAL AA 121 -25.02 58.02 26.82
N GLU AA 122 -25.50 56.83 27.13
CA GLU AA 122 -24.74 55.60 26.94
C GLU AA 122 -24.51 55.29 25.46
N PRO AA 123 -25.35 55.86 24.57
CA PRO AA 123 -25.25 55.67 23.13
C PRO AA 123 -24.17 56.53 22.47
N LYS AA 124 -23.71 57.54 23.19
CA LYS AA 124 -22.68 58.45 22.69
C LYS AA 124 -21.25 57.92 22.83
N ILE AA 125 -21.01 57.11 23.85
CA ILE AA 125 -19.69 56.54 24.10
C ILE AA 125 -19.50 55.22 23.35
N UNK BA 1 11.76 69.60 39.54
CA UNK BA 1 10.45 69.71 40.25
C UNK BA 1 9.89 68.36 40.65
N UNK BA 2 10.12 67.35 39.81
CA UNK BA 2 9.65 65.99 40.07
C UNK BA 2 10.59 65.24 41.01
N UNK BA 3 11.57 65.94 41.56
CA UNK BA 3 12.52 65.34 42.48
C UNK BA 3 11.99 65.35 43.92
N UNK BA 4 10.72 64.99 44.08
CA UNK BA 4 10.09 64.95 45.40
C UNK BA 4 10.35 63.61 46.07
N UNK BA 5 10.61 62.59 45.27
CA UNK BA 5 10.89 61.25 45.79
C UNK BA 5 12.32 60.83 45.48
N UNK BA 6 12.99 61.58 44.61
CA UNK BA 6 14.37 61.30 44.23
C UNK BA 6 15.35 61.90 45.22
N UNK BA 7 14.99 63.06 45.77
CA UNK BA 7 15.83 63.75 46.75
C UNK BA 7 15.52 63.27 48.16
N UNK BA 8 14.32 62.73 48.34
CA UNK BA 8 13.89 62.21 49.65
C UNK BA 8 14.51 60.85 49.93
N UNK BA 9 14.81 60.10 48.87
CA UNK BA 9 15.40 58.78 49.00
C UNK BA 9 16.93 58.87 49.09
N UNK BA 10 17.47 60.01 48.65
CA UNK BA 10 18.91 60.25 48.68
C UNK BA 10 19.34 60.87 50.01
N UNK BA 11 18.39 61.50 50.70
CA UNK BA 11 18.66 62.13 51.99
C UNK BA 11 18.39 61.18 53.14
N UNK BA 12 17.69 60.08 52.86
CA UNK BA 12 17.35 59.09 53.87
C UNK BA 12 18.32 57.91 53.84
N UNK BA 13 19.04 57.77 52.74
CA UNK BA 13 20.01 56.69 52.58
C UNK BA 13 21.43 57.18 52.81
N UNK BA 14 21.60 58.50 52.90
CA UNK BA 14 22.91 59.10 53.14
C UNK BA 14 23.06 59.59 54.57
N UNK BA 15 21.92 59.81 55.23
CA UNK BA 15 21.93 60.28 56.62
C UNK BA 15 21.91 59.11 57.59
N UNK BA 16 21.32 58.00 57.15
CA UNK BA 16 21.24 56.79 57.98
C UNK BA 16 22.48 55.91 57.81
N UNK BA 17 23.16 56.07 56.69
CA UNK BA 17 24.37 55.30 56.41
C UNK BA 17 25.60 55.98 56.99
N UNK BA 18 25.52 57.31 57.15
CA UNK BA 18 26.62 58.09 57.69
C UNK BA 18 26.63 58.06 59.22
N UNK BA 19 25.48 57.73 59.81
CA UNK BA 19 25.34 57.66 61.26
C UNK BA 19 25.67 56.26 61.78
N UNK BA 20 25.88 55.32 60.85
CA UNK BA 20 26.20 53.95 61.20
C UNK BA 20 27.63 53.58 60.85
N UNK BA 21 28.16 54.19 59.79
CA UNK BA 21 29.51 53.93 59.34
C UNK BA 21 30.56 54.68 60.17
N UNK BA 22 30.09 55.33 61.23
CA UNK BA 22 30.99 56.07 62.13
C UNK BA 22 31.72 55.13 63.09
N UNK BA 23 31.52 53.84 62.91
CA UNK BA 23 32.16 52.82 63.74
C UNK BA 23 32.07 51.43 63.11
N UNK BA 24 31.49 51.36 61.92
CA UNK BA 24 31.34 50.09 61.22
C UNK BA 24 32.04 50.11 59.85
N UNK BA 25 33.31 49.73 59.86
CA UNK BA 25 34.13 49.69 58.64
C UNK BA 25 34.23 51.03 57.93
#